data_6U8R
#
_entry.id   6U8R
#
_cell.length_a   1.00
_cell.length_b   1.00
_cell.length_c   1.00
_cell.angle_alpha   90.00
_cell.angle_beta   90.00
_cell.angle_gamma   90.00
#
_symmetry.space_group_name_H-M   'P 1'
#
loop_
_entity.id
_entity.type
_entity.pdbx_description
1 polymer "Inosine-5'-monophosphate dehydrogenase 2"
2 non-polymer 'INOSINIC ACID'
3 non-polymer NICOTINAMIDE-ADENINE-DINUCLEOTIDE
4 non-polymer "ADENOSINE-5'-TRIPHOSPHATE"
#
_entity_poly.entity_id   1
_entity_poly.type   'polypeptide(L)'
_entity_poly.pdbx_seq_one_letter_code
;SEFELMADYLISGGTSYVPDDGLTAQQLFNCGDGLTYNDFLILPGYIDFTADQVDLTSALTKKITLKTPLVSSPMDTVTE
AGMAIAMALTGGIGFIHHNCTPEFQANEVRKVKKYEQGFITDPVVLSPKDRVRDVFEAKARHGFCGIPITDTGRMGSRLV
GIISSRDIDFLKEEEHDCFLEEIMTKREDLVVAPAGITLKEANEILQRSKKGKLPIVNEDDELVAIIARTDLKKNRDYPL
ASKDAKKQLLCGAAIGTHEDDKYRLDLLAQAGVDVVVLDSSQGNSIFQINMIKYIKDKYPNLQVIGGNVVTAAQAKNLID
AGVDALRVGMGSGSICITQEVLACGRPQATAVYKVSEYARRFGVPVIADGGIQNVGHIAKALALGASTVMMGSLLAATTE
APGEYFFSDGIRLKKYRGMGSLDAMDKHLSSQNRYFSEADKIKVAQGVSGAVQDKGSIHKFVPYLIAGIQHSCQDIGAKS
LTQVRAMMYSGELKFEKRTSSAQVEGGVHSLHSYEKRLF
;
_entity_poly.pdbx_strand_id   A,B,C,D,E,F,G,H,M,N,O,P,I,J,K,L
#
loop_
_chem_comp.id
_chem_comp.type
_chem_comp.name
_chem_comp.formula
ATP non-polymer ADENOSINE-5'-TRIPHOSPHATE 'C10 H16 N5 O13 P3'
IMP non-polymer 'INOSINIC ACID' 'C10 H13 N4 O8 P'
NAD non-polymer NICOTINAMIDE-ADENINE-DINUCLEOTIDE 'C21 H27 N7 O14 P2'
#
# COMPACT_ATOMS: atom_id res chain seq x y z
N SER A 16 6.56 -61.72 14.54
CA SER A 16 5.42 -61.50 13.68
C SER A 16 5.87 -61.12 12.28
N TYR A 17 4.93 -60.71 11.43
CA TYR A 17 5.30 -60.49 10.03
C TYR A 17 5.94 -59.13 9.86
N VAL A 18 5.15 -58.07 10.07
CA VAL A 18 5.55 -56.66 9.97
C VAL A 18 6.16 -56.37 8.61
N PRO A 19 5.34 -56.16 7.57
CA PRO A 19 5.84 -56.05 6.20
C PRO A 19 6.82 -54.90 6.01
N ASP A 20 7.67 -55.04 5.00
CA ASP A 20 8.76 -54.11 4.79
C ASP A 20 8.33 -53.00 3.83
N ASP A 21 7.65 -52.04 4.41
CA ASP A 21 7.40 -50.76 3.74
C ASP A 21 8.26 -49.73 4.45
N GLY A 22 9.12 -49.07 3.69
CA GLY A 22 9.88 -47.94 4.19
C GLY A 22 11.37 -48.18 4.11
N LEU A 23 12.09 -47.12 4.42
CA LEU A 23 13.54 -47.16 4.45
C LEU A 23 13.97 -47.05 5.90
N THR A 24 14.90 -47.89 6.30
CA THR A 24 15.52 -47.70 7.60
C THR A 24 16.60 -46.66 7.49
N ALA A 25 17.11 -46.21 8.62
CA ALA A 25 17.89 -44.98 8.65
C ALA A 25 19.23 -45.16 7.98
N GLN A 26 19.93 -46.25 8.30
CA GLN A 26 21.21 -46.54 7.70
C GLN A 26 21.09 -46.72 6.19
N GLN A 27 19.95 -47.23 5.72
CA GLN A 27 19.70 -47.21 4.30
C GLN A 27 19.38 -45.82 3.79
N LEU A 28 18.89 -44.94 4.64
CA LEU A 28 18.44 -43.65 4.11
C LEU A 28 19.61 -42.72 3.88
N PHE A 29 20.48 -42.60 4.86
CA PHE A 29 21.44 -41.52 4.83
C PHE A 29 22.77 -41.88 4.18
N ASN A 30 22.94 -43.10 3.70
CA ASN A 30 24.14 -43.33 2.92
C ASN A 30 23.96 -42.96 1.45
N CYS A 31 22.78 -42.48 1.08
CA CYS A 31 22.55 -42.07 -0.30
C CYS A 31 23.29 -40.81 -0.67
N GLY A 32 23.86 -40.10 0.29
CA GLY A 32 24.66 -38.94 -0.04
C GLY A 32 23.88 -37.71 -0.42
N ASP A 33 22.56 -37.78 -0.44
CA ASP A 33 21.80 -36.59 -0.69
C ASP A 33 21.85 -35.70 0.53
N GLY A 34 21.79 -34.41 0.30
CA GLY A 34 21.85 -33.50 1.41
C GLY A 34 20.52 -33.43 2.11
N LEU A 35 20.21 -34.41 2.93
CA LEU A 35 18.93 -34.44 3.60
C LEU A 35 18.86 -33.34 4.64
N THR A 36 17.67 -32.77 4.82
CA THR A 36 17.46 -31.93 5.98
C THR A 36 16.12 -32.22 6.65
N TYR A 37 15.72 -31.39 7.59
CA TYR A 37 14.55 -31.70 8.42
C TYR A 37 13.26 -31.67 7.60
N ASN A 38 13.17 -30.78 6.63
CA ASN A 38 11.93 -30.75 5.88
C ASN A 38 11.90 -31.75 4.75
N ASP A 39 12.86 -32.65 4.70
CA ASP A 39 13.02 -33.43 3.49
C ASP A 39 12.62 -34.88 3.66
N PHE A 40 12.26 -35.29 4.87
CA PHE A 40 11.91 -36.68 5.09
C PHE A 40 10.94 -36.74 6.25
N LEU A 41 10.30 -37.88 6.41
CA LEU A 41 9.25 -38.06 7.40
C LEU A 41 9.51 -39.34 8.16
N ILE A 42 8.75 -39.54 9.22
CA ILE A 42 8.81 -40.76 10.00
C ILE A 42 7.49 -41.50 9.83
N LEU A 43 7.52 -42.57 9.14
CA LEU A 43 6.21 -43.18 8.93
C LEU A 43 5.90 -44.10 10.08
N PRO A 44 4.67 -44.14 10.55
CA PRO A 44 4.39 -44.65 11.89
C PRO A 44 4.43 -46.15 12.07
N GLY A 45 4.00 -46.57 13.24
CA GLY A 45 3.87 -47.97 13.55
C GLY A 45 2.75 -48.21 14.53
N TYR A 46 2.85 -49.31 15.27
CA TYR A 46 1.81 -49.74 16.19
C TYR A 46 1.86 -48.93 17.47
N ILE A 47 0.72 -48.47 17.93
CA ILE A 47 0.63 -47.69 19.16
C ILE A 47 -0.31 -48.44 20.10
N ASP A 48 0.02 -48.43 21.39
CA ASP A 48 -0.85 -49.08 22.37
C ASP A 48 -0.83 -48.33 23.70
N PHE A 49 -0.74 -47.01 23.66
CA PHE A 49 -0.67 -46.22 24.88
C PHE A 49 -1.24 -44.85 24.60
N THR A 50 -1.19 -43.98 25.59
CA THR A 50 -1.82 -42.67 25.46
C THR A 50 -0.75 -41.65 25.16
N ALA A 51 -1.17 -40.39 25.02
CA ALA A 51 -0.25 -39.35 24.62
C ALA A 51 0.71 -38.97 25.74
N ASP A 52 0.18 -38.68 26.91
CA ASP A 52 1.02 -38.18 28.00
C ASP A 52 1.67 -39.29 28.82
N GLN A 53 1.50 -40.55 28.43
CA GLN A 53 2.06 -41.61 29.24
C GLN A 53 3.55 -41.74 29.02
N VAL A 54 4.08 -41.20 27.94
CA VAL A 54 5.51 -41.33 27.65
C VAL A 54 6.31 -40.44 28.59
N ASP A 55 7.20 -41.06 29.35
CA ASP A 55 8.16 -40.34 30.18
C ASP A 55 9.26 -39.83 29.25
N LEU A 56 9.27 -38.52 29.05
CA LEU A 56 10.06 -37.90 28.01
C LEU A 56 11.40 -37.42 28.58
N THR A 57 12.08 -38.35 29.24
CA THR A 57 13.35 -38.05 29.88
C THR A 57 14.48 -38.24 28.89
N SER A 58 15.47 -37.37 28.96
CA SER A 58 16.57 -37.40 28.02
C SER A 58 17.83 -36.89 28.69
N ALA A 59 18.97 -37.40 28.22
CA ALA A 59 20.24 -37.07 28.82
C ALA A 59 20.91 -35.93 28.06
N LEU A 60 21.43 -34.97 28.81
CA LEU A 60 22.09 -33.81 28.24
C LEU A 60 23.57 -34.06 28.03
N THR A 61 24.23 -34.61 29.02
CA THR A 61 25.61 -35.03 28.84
C THR A 61 25.74 -36.43 29.40
N LYS A 62 26.97 -36.92 29.58
CA LYS A 62 27.20 -38.22 30.18
C LYS A 62 26.64 -38.35 31.59
N LYS A 63 26.48 -37.24 32.32
CA LYS A 63 26.28 -37.43 33.74
C LYS A 63 24.96 -36.85 34.23
N ILE A 64 24.52 -35.70 33.71
CA ILE A 64 23.30 -35.13 34.24
C ILE A 64 22.17 -35.28 33.23
N THR A 65 20.99 -35.65 33.72
CA THR A 65 19.85 -35.99 32.90
C THR A 65 18.78 -34.94 33.11
N LEU A 66 18.02 -34.66 32.08
CA LEU A 66 16.99 -33.66 32.15
C LEU A 66 15.61 -34.29 32.00
N LYS A 67 14.60 -33.49 32.27
CA LYS A 67 13.24 -33.99 32.16
C LYS A 67 12.59 -33.64 30.84
N THR A 68 13.15 -32.70 30.09
CA THR A 68 12.74 -32.47 28.72
C THR A 68 13.97 -32.08 27.91
N PRO A 69 14.06 -32.49 26.65
CA PRO A 69 15.26 -32.20 25.86
C PRO A 69 15.33 -30.80 25.31
N LEU A 70 14.43 -29.92 25.69
CA LEU A 70 14.42 -28.58 25.13
C LEU A 70 15.44 -27.73 25.85
N VAL A 71 16.51 -27.33 25.18
CA VAL A 71 17.50 -26.46 25.78
C VAL A 71 17.58 -25.18 24.97
N SER A 72 18.10 -24.12 25.57
CA SER A 72 18.20 -22.86 24.86
C SER A 72 19.59 -22.71 24.29
N SER A 73 19.77 -21.68 23.49
CA SER A 73 21.02 -21.48 22.79
C SER A 73 21.84 -20.40 23.46
N PRO A 74 23.12 -20.53 23.52
CA PRO A 74 23.93 -19.44 24.06
C PRO A 74 24.10 -18.29 23.09
N MET A 75 23.12 -17.41 22.95
CA MET A 75 23.40 -16.15 22.30
C MET A 75 22.94 -15.01 23.19
N ASP A 76 23.37 -13.81 22.82
CA ASP A 76 23.17 -12.65 23.67
C ASP A 76 21.72 -12.23 23.68
N THR A 77 21.04 -12.40 22.56
CA THR A 77 19.67 -11.94 22.41
C THR A 77 18.68 -13.08 22.51
N VAL A 78 19.10 -14.24 23.00
CA VAL A 78 18.10 -15.23 23.34
C VAL A 78 18.12 -15.55 24.81
N THR A 79 19.28 -15.62 25.43
CA THR A 79 19.34 -16.26 26.73
C THR A 79 20.19 -15.49 27.72
N GLU A 80 19.56 -15.09 28.81
CA GLU A 80 20.20 -14.58 30.00
C GLU A 80 19.40 -15.15 31.15
N ALA A 81 19.54 -14.59 32.34
CA ALA A 81 19.08 -15.18 33.60
C ALA A 81 17.61 -15.55 33.61
N GLY A 82 16.77 -14.76 32.94
CA GLY A 82 15.36 -15.08 32.90
C GLY A 82 15.08 -16.36 32.16
N MET A 83 15.72 -16.54 31.02
CA MET A 83 15.60 -17.78 30.26
C MET A 83 16.17 -18.96 30.99
N ALA A 84 17.30 -18.77 31.65
CA ALA A 84 17.90 -19.85 32.41
C ALA A 84 16.96 -20.30 33.51
N ILE A 85 16.41 -19.34 34.24
CA ILE A 85 15.36 -19.59 35.22
C ILE A 85 14.19 -20.34 34.62
N ALA A 86 13.66 -19.87 33.49
CA ALA A 86 12.44 -20.43 32.95
C ALA A 86 12.67 -21.84 32.43
N MET A 87 13.70 -22.05 31.64
CA MET A 87 13.82 -23.34 31.01
C MET A 87 14.38 -24.37 31.94
N ALA A 88 15.28 -23.99 32.84
CA ALA A 88 15.72 -24.92 33.86
C ALA A 88 14.56 -25.25 34.78
N LEU A 89 13.68 -24.28 34.98
CA LEU A 89 12.53 -24.41 35.82
C LEU A 89 11.48 -25.32 35.22
N THR A 90 11.37 -25.38 33.90
CA THR A 90 10.36 -26.24 33.31
C THR A 90 10.88 -27.61 32.92
N GLY A 91 12.17 -27.83 33.04
CA GLY A 91 12.70 -29.15 32.76
C GLY A 91 13.96 -29.11 31.93
N GLY A 92 14.08 -28.11 31.10
CA GLY A 92 15.22 -28.00 30.21
C GLY A 92 16.41 -27.40 30.90
N ILE A 93 17.20 -26.66 30.13
CA ILE A 93 18.38 -26.01 30.63
C ILE A 93 18.70 -24.87 29.68
N GLY A 94 19.36 -23.85 30.21
CA GLY A 94 19.83 -22.76 29.38
C GLY A 94 21.34 -22.76 29.37
N PHE A 95 21.89 -21.88 28.56
CA PHE A 95 23.29 -21.57 28.65
C PHE A 95 23.43 -20.07 28.54
N ILE A 96 24.42 -19.49 29.19
CA ILE A 96 24.53 -18.05 29.25
C ILE A 96 25.66 -17.61 28.34
N HIS A 97 25.38 -16.63 27.48
CA HIS A 97 26.29 -16.22 26.44
C HIS A 97 27.53 -15.56 27.03
N HIS A 98 28.63 -15.70 26.31
CA HIS A 98 29.90 -15.16 26.77
C HIS A 98 30.22 -13.83 26.10
N ASN A 99 29.20 -13.09 25.68
CA ASN A 99 29.41 -11.79 25.06
C ASN A 99 29.38 -10.66 26.07
N CYS A 100 29.91 -10.88 27.26
CA CYS A 100 29.91 -9.86 28.29
C CYS A 100 31.15 -10.02 29.16
N THR A 101 31.28 -9.10 30.12
CA THR A 101 32.33 -9.20 31.10
C THR A 101 32.08 -10.39 32.01
N PRO A 102 33.15 -10.99 32.56
CA PRO A 102 32.96 -12.16 33.42
C PRO A 102 32.18 -11.87 34.70
N GLU A 103 32.21 -10.64 35.19
CA GLU A 103 31.40 -10.29 36.34
C GLU A 103 29.92 -10.35 36.00
N PHE A 104 29.57 -9.94 34.78
CA PHE A 104 28.18 -9.94 34.36
C PHE A 104 27.64 -11.34 34.25
N GLN A 105 28.32 -12.20 33.51
CA GLN A 105 27.91 -13.60 33.38
C GLN A 105 27.98 -14.32 34.70
N ALA A 106 28.88 -13.90 35.58
CA ALA A 106 28.97 -14.50 36.91
C ALA A 106 27.77 -14.16 37.77
N ASN A 107 27.34 -12.91 37.81
CA ASN A 107 26.20 -12.67 38.67
C ASN A 107 24.90 -13.13 38.02
N GLU A 108 24.86 -13.21 36.69
CA GLU A 108 23.73 -13.91 36.09
C GLU A 108 23.68 -15.39 36.41
N VAL A 109 24.83 -16.08 36.46
CA VAL A 109 24.74 -17.52 36.73
C VAL A 109 24.50 -17.75 38.21
N ARG A 110 24.89 -16.81 39.07
CA ARG A 110 24.54 -17.07 40.45
C ARG A 110 23.12 -16.64 40.76
N LYS A 111 22.57 -15.65 40.05
CA LYS A 111 21.20 -15.26 40.36
C LYS A 111 20.20 -16.29 39.86
N VAL A 112 20.63 -17.16 38.95
CA VAL A 112 19.81 -18.33 38.66
C VAL A 112 20.16 -19.49 39.58
N LYS A 113 21.41 -19.60 40.05
CA LYS A 113 21.63 -20.59 41.09
C LYS A 113 21.31 -20.05 42.47
N LYS A 114 20.89 -18.81 42.56
CA LYS A 114 20.04 -18.41 43.67
C LYS A 114 18.61 -18.80 43.36
N TYR A 115 17.67 -18.23 44.08
CA TYR A 115 16.26 -18.18 43.70
C TYR A 115 15.54 -19.52 43.81
N GLU A 116 16.28 -20.63 44.01
CA GLU A 116 15.68 -21.93 44.34
C GLU A 116 16.50 -22.80 45.27
N GLN A 117 17.20 -22.25 46.25
CA GLN A 117 17.93 -23.07 47.20
C GLN A 117 16.98 -23.87 48.09
N GLY A 118 17.24 -25.16 48.23
CA GLY A 118 16.56 -25.94 49.23
C GLY A 118 17.08 -25.67 50.63
N PHE A 119 18.22 -26.25 50.98
CA PHE A 119 18.93 -25.80 52.16
C PHE A 119 19.77 -24.61 51.77
N ILE A 120 19.39 -23.41 52.14
CA ILE A 120 20.26 -22.31 51.77
C ILE A 120 21.40 -22.19 52.76
N THR A 121 22.59 -22.55 52.29
CA THR A 121 23.84 -22.35 53.01
C THR A 121 24.22 -20.91 52.72
N ASP A 122 25.09 -20.32 53.55
CA ASP A 122 25.65 -18.97 53.63
C ASP A 122 24.76 -17.82 53.12
N PRO A 123 23.62 -17.54 53.77
CA PRO A 123 22.95 -16.27 53.46
C PRO A 123 23.63 -15.13 54.18
N VAL A 124 23.08 -13.93 54.03
CA VAL A 124 23.51 -12.79 54.83
C VAL A 124 22.75 -12.87 56.14
N VAL A 125 23.35 -12.35 57.21
CA VAL A 125 22.79 -12.43 58.56
C VAL A 125 23.42 -11.32 59.38
N LEU A 126 22.66 -10.75 60.32
CA LEU A 126 23.12 -9.56 61.03
C LEU A 126 23.02 -9.75 62.55
N SER A 127 23.61 -8.79 63.26
CA SER A 127 23.59 -8.55 64.69
C SER A 127 22.57 -7.48 65.02
N PRO A 128 21.82 -7.62 66.13
CA PRO A 128 20.66 -6.72 66.33
C PRO A 128 21.03 -5.30 66.72
N LYS A 129 22.30 -5.01 66.99
CA LYS A 129 22.69 -3.71 67.50
C LYS A 129 23.00 -2.72 66.40
N ASP A 130 22.45 -2.93 65.20
CA ASP A 130 22.66 -2.04 64.07
C ASP A 130 21.30 -1.47 63.65
N ARG A 131 21.17 -0.86 62.47
CA ARG A 131 20.03 -0.02 62.14
C ARG A 131 18.97 -0.82 61.38
N VAL A 132 17.74 -0.30 61.40
CA VAL A 132 16.68 -0.87 60.56
C VAL A 132 16.93 -0.53 59.10
N ARG A 133 17.55 0.62 58.84
CA ARG A 133 17.92 0.97 57.47
C ARG A 133 19.02 0.08 56.91
N ASP A 134 19.66 -0.75 57.72
CA ASP A 134 20.58 -1.77 57.23
C ASP A 134 19.86 -2.91 56.52
N VAL A 135 18.66 -3.28 56.96
CA VAL A 135 17.95 -4.31 56.20
C VAL A 135 17.39 -3.69 54.93
N PHE A 136 17.19 -2.38 54.91
CA PHE A 136 16.84 -1.72 53.67
C PHE A 136 18.05 -1.60 52.76
N GLU A 137 19.24 -1.44 53.34
CA GLU A 137 20.49 -1.53 52.59
C GLU A 137 20.68 -2.90 51.97
N ALA A 138 20.28 -3.95 52.68
CA ALA A 138 20.29 -5.30 52.13
C ALA A 138 19.27 -5.44 51.00
N LYS A 139 18.04 -4.96 51.21
CA LYS A 139 16.97 -5.15 50.25
C LYS A 139 17.21 -4.32 48.98
N ALA A 140 17.95 -3.23 49.10
CA ALA A 140 18.32 -2.45 47.93
C ALA A 140 19.31 -3.17 47.02
N ARG A 141 20.01 -4.18 47.53
CA ARG A 141 20.96 -4.91 46.69
C ARG A 141 20.61 -6.38 46.60
N HIS A 142 20.24 -7.00 47.73
CA HIS A 142 20.02 -8.44 47.72
C HIS A 142 18.62 -8.81 47.20
N GLY A 143 17.70 -7.85 47.13
CA GLY A 143 16.38 -8.10 46.58
C GLY A 143 15.35 -8.62 47.55
N PHE A 144 15.78 -9.12 48.70
CA PHE A 144 14.91 -9.63 49.74
C PHE A 144 15.23 -8.89 51.03
N CYS A 145 14.36 -8.99 52.02
CA CYS A 145 14.70 -8.46 53.33
C CYS A 145 14.20 -9.28 54.51
N GLY A 146 13.65 -10.47 54.30
CA GLY A 146 13.32 -11.33 55.41
C GLY A 146 14.52 -12.15 55.83
N ILE A 147 15.12 -11.82 56.98
CA ILE A 147 16.46 -12.29 57.32
C ILE A 147 16.43 -12.78 58.76
N PRO A 148 17.27 -13.74 59.14
CA PRO A 148 17.48 -13.99 60.56
C PRO A 148 18.53 -13.07 61.15
N ILE A 149 18.51 -12.97 62.48
CA ILE A 149 19.41 -12.10 63.24
C ILE A 149 20.08 -12.94 64.31
N THR A 150 21.40 -13.08 64.22
CA THR A 150 22.15 -13.73 65.26
C THR A 150 22.83 -12.68 66.12
N ASP A 151 23.66 -13.11 67.07
CA ASP A 151 24.32 -12.21 67.99
C ASP A 151 25.46 -11.42 67.34
N THR A 152 26.19 -12.02 66.43
CA THR A 152 27.38 -11.41 65.85
C THR A 152 27.15 -10.85 64.46
N GLY A 153 26.43 -11.56 63.60
CA GLY A 153 26.30 -11.17 62.21
C GLY A 153 27.05 -12.14 61.34
N ARG A 154 27.69 -13.12 61.98
CA ARG A 154 28.38 -14.20 61.28
C ARG A 154 27.42 -15.37 61.12
N MET A 155 27.76 -16.26 60.20
CA MET A 155 26.85 -17.37 59.91
C MET A 155 26.88 -18.42 61.02
N GLY A 156 28.06 -18.87 61.39
CA GLY A 156 28.17 -19.79 62.49
C GLY A 156 28.10 -19.04 63.79
N SER A 157 26.91 -18.64 64.20
CA SER A 157 26.75 -17.79 65.37
C SER A 157 25.64 -18.33 66.24
N ARG A 158 25.36 -17.59 67.32
CA ARG A 158 24.30 -17.92 68.26
C ARG A 158 23.11 -17.04 67.97
N LEU A 159 21.94 -17.66 67.83
CA LEU A 159 20.78 -16.99 67.27
C LEU A 159 20.16 -16.02 68.28
N VAL A 160 19.61 -14.93 67.75
CA VAL A 160 18.82 -13.98 68.52
C VAL A 160 17.37 -13.96 68.08
N GLY A 161 17.13 -13.79 66.78
CA GLY A 161 15.76 -13.80 66.28
C GLY A 161 15.75 -13.76 64.77
N ILE A 162 14.54 -13.59 64.23
CA ILE A 162 14.39 -13.38 62.79
C ILE A 162 13.58 -12.11 62.59
N ILE A 163 13.78 -11.50 61.43
CA ILE A 163 12.98 -10.36 61.00
C ILE A 163 12.16 -10.86 59.81
N SER A 164 11.19 -10.05 59.39
CA SER A 164 10.43 -10.35 58.19
C SER A 164 10.60 -9.21 57.22
N SER A 165 9.92 -9.31 56.08
CA SER A 165 9.66 -8.16 55.24
C SER A 165 8.46 -7.38 55.73
N ARG A 166 7.76 -7.91 56.73
CA ARG A 166 6.44 -7.48 57.12
C ARG A 166 6.41 -6.79 58.46
N ASP A 167 7.28 -7.15 59.37
CA ASP A 167 7.33 -6.53 60.68
C ASP A 167 7.97 -5.14 60.65
N ILE A 168 8.76 -4.85 59.62
CA ILE A 168 9.47 -3.58 59.58
C ILE A 168 9.13 -2.80 58.32
N ASP A 169 7.95 -3.04 57.78
CA ASP A 169 7.62 -2.51 56.45
C ASP A 169 7.42 -1.00 56.45
N PHE A 170 6.42 -0.49 57.18
CA PHE A 170 6.06 0.91 57.04
C PHE A 170 6.18 1.72 58.32
N LEU A 171 7.04 1.31 59.25
CA LEU A 171 7.34 2.18 60.38
C LEU A 171 8.22 3.34 59.90
N LYS A 172 7.82 4.56 60.25
CA LYS A 172 8.56 5.74 59.83
C LYS A 172 9.88 5.90 60.57
N GLU A 173 9.90 5.63 61.87
CA GLU A 173 11.07 5.88 62.68
C GLU A 173 12.15 4.85 62.34
N GLU A 174 13.20 5.30 61.66
CA GLU A 174 14.22 4.39 61.16
C GLU A 174 15.12 3.89 62.29
N GLU A 175 15.64 4.79 63.10
CA GLU A 175 16.47 4.37 64.22
C GLU A 175 16.22 5.31 65.40
N HIS A 176 14.96 5.59 65.67
CA HIS A 176 14.56 6.24 66.91
C HIS A 176 14.37 5.13 67.95
N ASP A 177 15.49 4.71 68.55
CA ASP A 177 15.60 3.51 69.40
C ASP A 177 15.04 2.27 68.72
N CYS A 178 15.47 2.07 67.48
CA CYS A 178 15.03 0.93 66.66
C CYS A 178 16.17 -0.06 66.44
N PHE A 179 16.99 -0.27 67.47
CA PHE A 179 17.95 -1.34 67.43
C PHE A 179 17.20 -2.67 67.47
N LEU A 180 17.68 -3.65 66.70
CA LEU A 180 16.83 -4.76 66.30
C LEU A 180 16.62 -5.80 67.39
N GLU A 181 17.19 -5.59 68.58
CA GLU A 181 16.97 -6.52 69.67
C GLU A 181 15.68 -6.26 70.43
N GLU A 182 15.18 -5.02 70.44
CA GLU A 182 13.87 -4.75 71.04
C GLU A 182 12.77 -4.65 70.00
N ILE A 183 13.11 -4.58 68.72
CA ILE A 183 12.12 -4.67 67.65
C ILE A 183 12.49 -5.82 66.73
N MET A 184 11.85 -6.96 66.95
CA MET A 184 12.07 -8.22 66.24
C MET A 184 10.96 -9.16 66.70
N THR A 185 11.06 -10.42 66.33
CA THR A 185 10.31 -11.45 67.04
C THR A 185 11.25 -12.09 68.06
N LYS A 186 10.68 -12.57 69.17
CA LYS A 186 11.50 -13.15 70.21
C LYS A 186 12.02 -14.51 69.77
N ARG A 187 13.02 -15.00 70.50
CA ARG A 187 13.61 -16.29 70.14
C ARG A 187 12.70 -17.44 70.57
N GLU A 188 11.80 -17.18 71.50
CA GLU A 188 10.89 -18.21 72.01
C GLU A 188 9.87 -18.61 70.95
N ASP A 189 9.10 -17.64 70.46
CA ASP A 189 8.02 -17.93 69.53
C ASP A 189 8.52 -18.15 68.11
N LEU A 190 9.05 -19.34 67.84
CA LEU A 190 9.32 -19.74 66.47
C LEU A 190 8.78 -21.14 66.26
N VAL A 191 8.92 -21.60 65.02
CA VAL A 191 8.79 -23.01 64.68
C VAL A 191 10.11 -23.36 64.01
N VAL A 192 10.89 -24.26 64.61
CA VAL A 192 12.21 -24.60 64.10
C VAL A 192 12.33 -26.10 63.90
N ALA A 193 13.53 -26.55 63.57
CA ALA A 193 13.82 -27.96 63.33
C ALA A 193 15.27 -28.22 63.74
N PRO A 194 15.63 -29.44 64.12
CA PRO A 194 17.03 -29.72 64.45
C PRO A 194 17.92 -29.68 63.23
N ALA A 195 19.21 -29.52 63.48
CA ALA A 195 20.18 -29.52 62.39
C ALA A 195 20.54 -30.95 61.99
N GLY A 196 21.20 -31.08 60.84
CA GLY A 196 21.59 -32.39 60.35
C GLY A 196 20.45 -33.26 59.87
N ILE A 197 19.30 -32.67 59.60
CA ILE A 197 18.12 -33.41 59.20
C ILE A 197 17.89 -33.14 57.71
N THR A 198 17.19 -34.06 57.04
CA THR A 198 16.92 -33.83 55.63
C THR A 198 15.62 -33.06 55.46
N LEU A 199 15.34 -32.64 54.23
CA LEU A 199 14.41 -31.55 54.03
C LEU A 199 13.00 -31.98 53.67
N LYS A 200 12.73 -33.28 53.49
CA LYS A 200 11.36 -33.74 53.23
C LYS A 200 10.45 -33.46 54.42
N GLU A 201 10.85 -33.94 55.60
CA GLU A 201 10.14 -33.62 56.82
C GLU A 201 10.18 -32.14 57.15
N ALA A 202 11.22 -31.44 56.71
CA ALA A 202 11.21 -29.98 56.82
C ALA A 202 10.09 -29.39 55.97
N ASN A 203 9.81 -29.95 54.80
CA ASN A 203 8.74 -29.41 53.97
C ASN A 203 7.37 -29.68 54.57
N GLU A 204 7.17 -30.87 55.15
CA GLU A 204 5.86 -31.09 55.75
C GLU A 204 5.70 -30.31 57.06
N ILE A 205 6.78 -30.01 57.77
CA ILE A 205 6.57 -29.13 58.92
C ILE A 205 6.53 -27.67 58.48
N LEU A 206 6.94 -27.36 57.25
CA LEU A 206 6.58 -26.07 56.68
C LEU A 206 5.10 -25.94 56.43
N GLN A 207 4.50 -26.93 55.77
CA GLN A 207 3.08 -26.82 55.48
C GLN A 207 2.24 -26.95 56.74
N ARG A 208 2.77 -27.62 57.76
CA ARG A 208 2.16 -27.54 59.08
C ARG A 208 2.57 -26.30 59.87
N SER A 209 3.53 -25.52 59.37
CA SER A 209 4.05 -24.42 60.18
C SER A 209 3.26 -23.15 59.96
N LYS A 210 2.94 -22.85 58.70
CA LYS A 210 2.20 -21.66 58.26
C LYS A 210 2.93 -20.37 58.63
N LYS A 211 4.25 -20.42 58.78
CA LYS A 211 4.98 -19.21 59.18
C LYS A 211 5.78 -18.60 58.05
N GLY A 212 6.71 -19.35 57.46
CA GLY A 212 7.46 -18.86 56.32
C GLY A 212 8.95 -19.06 56.37
N LYS A 213 9.57 -19.18 57.53
CA LYS A 213 11.00 -19.49 57.59
C LYS A 213 11.22 -20.51 58.68
N LEU A 214 12.15 -21.41 58.45
CA LEU A 214 12.52 -22.37 59.49
C LEU A 214 14.02 -22.49 59.57
N PRO A 215 14.66 -21.79 60.49
CA PRO A 215 16.07 -22.03 60.76
C PRO A 215 16.26 -23.40 61.40
N ILE A 216 17.02 -24.25 60.73
CA ILE A 216 17.31 -25.58 61.26
C ILE A 216 18.59 -25.48 62.07
N VAL A 217 18.50 -25.81 63.35
CA VAL A 217 19.51 -25.49 64.35
C VAL A 217 19.53 -26.63 65.35
N ASN A 218 20.74 -27.10 65.69
CA ASN A 218 20.91 -28.16 66.68
C ASN A 218 20.74 -27.61 68.09
N GLU A 219 21.12 -28.38 69.10
CA GLU A 219 20.86 -27.99 70.48
C GLU A 219 21.85 -26.97 71.02
N ASP A 220 22.86 -26.59 70.22
CA ASP A 220 23.88 -25.65 70.66
C ASP A 220 23.51 -24.20 70.33
N ASP A 221 22.27 -23.96 69.89
CA ASP A 221 21.82 -22.70 69.28
C ASP A 221 22.74 -22.26 68.15
N GLU A 222 23.21 -23.22 67.36
CA GLU A 222 24.17 -22.95 66.30
C GLU A 222 23.44 -22.84 64.98
N LEU A 223 23.42 -21.64 64.41
CA LEU A 223 22.82 -21.43 63.11
C LEU A 223 23.69 -22.06 62.02
N VAL A 224 23.12 -22.98 61.27
CA VAL A 224 23.87 -23.62 60.19
C VAL A 224 23.15 -23.44 58.87
N ALA A 225 21.82 -23.27 58.92
CA ALA A 225 21.02 -23.19 57.70
C ALA A 225 19.65 -22.61 58.02
N ILE A 226 18.83 -22.51 56.98
CA ILE A 226 17.56 -21.82 56.96
C ILE A 226 16.86 -22.33 55.70
N ILE A 227 15.54 -22.37 55.73
CA ILE A 227 14.75 -22.71 54.56
C ILE A 227 13.81 -21.54 54.27
N ALA A 228 13.39 -21.41 53.03
CA ALA A 228 12.48 -20.36 52.62
C ALA A 228 11.09 -20.93 52.38
N ARG A 229 10.10 -20.04 52.28
CA ARG A 229 8.75 -20.46 51.99
C ARG A 229 8.47 -20.47 50.50
N THR A 230 8.92 -19.44 49.81
CA THR A 230 8.69 -19.34 48.38
C THR A 230 9.33 -20.46 47.59
N ASP A 231 10.39 -21.07 48.11
CA ASP A 231 11.09 -22.08 47.35
C ASP A 231 10.29 -23.37 47.26
N LEU A 232 9.55 -23.75 48.30
CA LEU A 232 8.73 -24.94 48.14
C LEU A 232 7.48 -24.65 47.32
N LYS A 233 7.00 -23.41 47.33
CA LYS A 233 5.89 -23.06 46.44
C LYS A 233 6.30 -23.12 44.98
N LYS A 234 7.52 -22.66 44.68
CA LYS A 234 8.07 -22.88 43.36
C LYS A 234 8.36 -24.34 43.11
N ASN A 235 8.64 -25.10 44.15
CA ASN A 235 8.90 -26.52 43.97
C ASN A 235 7.64 -27.30 43.71
N ARG A 236 6.48 -26.75 44.07
CA ARG A 236 5.24 -27.47 43.78
C ARG A 236 4.58 -27.01 42.50
N ASP A 237 4.66 -25.71 42.18
CA ASP A 237 4.00 -25.28 40.94
C ASP A 237 4.72 -25.74 39.70
N TYR A 238 5.98 -26.17 39.82
CA TYR A 238 6.83 -26.43 38.67
C TYR A 238 7.55 -27.74 38.90
N PRO A 239 6.85 -28.86 38.75
CA PRO A 239 7.53 -30.14 38.92
C PRO A 239 8.42 -30.42 37.73
N LEU A 240 9.18 -31.51 37.84
CA LEU A 240 10.18 -31.94 36.87
C LEU A 240 11.09 -30.79 36.44
N ALA A 241 11.78 -30.22 37.42
CA ALA A 241 12.38 -28.91 37.25
C ALA A 241 13.89 -28.93 37.23
N SER A 242 14.52 -30.04 36.83
CA SER A 242 15.94 -30.12 36.48
C SER A 242 16.91 -29.62 37.54
N LYS A 243 16.96 -30.28 38.69
CA LYS A 243 17.71 -29.77 39.82
C LYS A 243 18.86 -30.70 40.16
N ASP A 244 19.88 -30.13 40.78
CA ASP A 244 21.11 -30.86 41.07
C ASP A 244 21.11 -31.55 42.43
N ALA A 245 22.29 -31.98 42.88
CA ALA A 245 22.40 -32.65 44.17
C ALA A 245 22.08 -31.71 45.32
N LYS A 246 22.50 -30.44 45.20
CA LYS A 246 22.19 -29.46 46.23
C LYS A 246 20.86 -28.79 45.95
N LYS A 247 20.09 -29.35 45.00
CA LYS A 247 18.70 -29.02 44.74
C LYS A 247 18.46 -27.58 44.29
N GLN A 248 19.50 -26.87 43.87
CA GLN A 248 19.26 -25.65 43.12
C GLN A 248 19.04 -25.99 41.66
N LEU A 249 18.79 -24.96 40.85
CA LEU A 249 18.65 -25.19 39.43
C LEU A 249 19.99 -25.48 38.78
N LEU A 250 19.99 -26.48 37.91
CA LEU A 250 21.02 -26.62 36.89
C LEU A 250 21.15 -25.33 36.11
N CYS A 251 22.36 -24.93 35.77
CA CYS A 251 22.54 -23.85 34.81
C CYS A 251 23.83 -24.04 34.06
N GLY A 252 23.96 -23.35 32.96
CA GLY A 252 25.12 -23.50 32.10
C GLY A 252 25.51 -22.17 31.52
N ALA A 253 26.72 -22.14 30.96
CA ALA A 253 27.23 -20.94 30.34
C ALA A 253 28.34 -21.32 29.38
N ALA A 254 28.65 -20.42 28.47
CA ALA A 254 29.60 -20.77 27.43
C ALA A 254 30.90 -19.99 27.60
N ILE A 255 31.92 -20.43 26.86
CA ILE A 255 33.25 -19.85 26.97
C ILE A 255 33.54 -19.24 25.62
N GLY A 256 34.60 -18.46 25.51
CA GLY A 256 35.29 -18.27 24.26
C GLY A 256 36.33 -19.36 24.14
N THR A 257 37.47 -19.07 23.51
CA THR A 257 38.45 -20.12 23.32
C THR A 257 39.84 -19.58 23.65
N HIS A 258 39.98 -18.27 23.59
CA HIS A 258 41.27 -17.63 23.76
C HIS A 258 41.73 -17.72 25.21
N GLU A 259 43.01 -17.38 25.45
CA GLU A 259 43.69 -17.69 26.70
C GLU A 259 43.09 -16.94 27.88
N ASP A 260 42.54 -15.76 27.63
CA ASP A 260 41.91 -14.96 28.67
C ASP A 260 40.66 -15.60 29.22
N ASP A 261 40.05 -16.53 28.50
CA ASP A 261 38.77 -17.07 28.89
C ASP A 261 38.89 -18.11 30.00
N LYS A 262 40.11 -18.50 30.34
CA LYS A 262 40.33 -19.24 31.57
C LYS A 262 39.97 -18.42 32.79
N TYR A 263 40.23 -17.12 32.75
CA TYR A 263 39.74 -16.21 33.78
C TYR A 263 38.22 -16.15 33.81
N ARG A 264 37.56 -16.26 32.67
CA ARG A 264 36.11 -16.38 32.67
C ARG A 264 35.65 -17.69 33.28
N LEU A 265 36.38 -18.77 33.04
CA LEU A 265 35.99 -20.07 33.54
C LEU A 265 36.13 -20.14 35.05
N ASP A 266 37.16 -19.50 35.59
CA ASP A 266 37.36 -19.58 37.03
C ASP A 266 36.33 -18.78 37.80
N LEU A 267 35.78 -17.71 37.21
CA LEU A 267 34.71 -16.99 37.87
C LEU A 267 33.43 -17.82 37.91
N LEU A 268 33.22 -18.64 36.90
CA LEU A 268 32.12 -19.60 36.96
C LEU A 268 32.41 -20.69 37.97
N ALA A 269 33.68 -21.08 38.10
CA ALA A 269 34.04 -22.13 39.02
C ALA A 269 33.82 -21.70 40.47
N GLN A 270 34.18 -20.47 40.81
CA GLN A 270 33.79 -19.94 42.10
C GLN A 270 32.30 -19.61 42.16
N ALA A 271 31.65 -19.43 41.01
CA ALA A 271 30.22 -19.17 41.01
C ALA A 271 29.41 -20.45 41.21
N GLY A 272 29.88 -21.55 40.67
CA GLY A 272 29.27 -22.84 40.94
C GLY A 272 28.50 -23.49 39.80
N VAL A 273 28.84 -23.20 38.54
CA VAL A 273 28.14 -23.80 37.41
C VAL A 273 28.48 -25.29 37.34
N ASP A 274 27.62 -26.05 36.66
CA ASP A 274 27.85 -27.48 36.57
C ASP A 274 27.83 -28.05 35.16
N VAL A 275 27.56 -27.25 34.15
CA VAL A 275 27.82 -27.68 32.78
C VAL A 275 28.22 -26.47 31.96
N VAL A 276 29.06 -26.71 30.96
CA VAL A 276 29.68 -25.63 30.23
C VAL A 276 29.93 -26.09 28.80
N VAL A 277 29.69 -25.20 27.85
CA VAL A 277 29.79 -25.54 26.44
C VAL A 277 30.84 -24.64 25.82
N LEU A 278 31.71 -25.22 25.01
CA LEU A 278 32.71 -24.44 24.33
C LEU A 278 32.10 -23.97 23.03
N ASP A 279 31.70 -22.72 22.98
CA ASP A 279 31.02 -22.21 21.80
C ASP A 279 32.07 -21.86 20.78
N SER A 280 32.22 -22.70 19.77
CA SER A 280 33.02 -22.36 18.60
C SER A 280 32.29 -22.85 17.39
N SER A 281 32.47 -22.15 16.27
CA SER A 281 31.79 -22.53 15.04
C SER A 281 32.29 -23.86 14.55
N GLN A 282 33.56 -23.91 14.20
CA GLN A 282 34.20 -25.14 13.81
C GLN A 282 34.97 -25.60 15.03
N GLY A 283 34.58 -26.73 15.58
CA GLY A 283 35.06 -27.10 16.89
C GLY A 283 36.24 -28.03 16.90
N ASN A 284 36.79 -28.35 15.76
CA ASN A 284 37.92 -29.28 15.70
C ASN A 284 39.22 -28.50 15.77
N SER A 285 39.40 -27.70 16.80
CA SER A 285 40.60 -26.90 16.87
C SER A 285 41.60 -27.53 17.81
N ILE A 286 42.87 -27.22 17.55
CA ILE A 286 43.89 -27.48 18.55
C ILE A 286 43.61 -26.68 19.81
N PHE A 287 43.02 -25.49 19.67
CA PHE A 287 42.74 -24.64 20.82
C PHE A 287 41.69 -25.28 21.70
N GLN A 288 40.66 -25.87 21.10
CA GLN A 288 39.60 -26.42 21.91
C GLN A 288 40.03 -27.69 22.60
N ILE A 289 40.80 -28.55 21.92
CA ILE A 289 41.22 -29.77 22.58
C ILE A 289 42.25 -29.46 23.66
N ASN A 290 43.04 -28.40 23.46
CA ASN A 290 43.89 -27.95 24.55
C ASN A 290 43.06 -27.41 25.71
N MET A 291 41.92 -26.80 25.46
CA MET A 291 41.13 -26.35 26.60
C MET A 291 40.41 -27.51 27.28
N ILE A 292 40.05 -28.55 26.54
CA ILE A 292 39.51 -29.74 27.21
C ILE A 292 40.59 -30.37 28.09
N LYS A 293 41.83 -30.43 27.60
CA LYS A 293 42.93 -30.88 28.45
C LYS A 293 43.17 -29.93 29.62
N TYR A 294 42.83 -28.65 29.46
CA TYR A 294 42.90 -27.70 30.55
C TYR A 294 41.78 -27.88 31.56
N ILE A 295 40.63 -28.38 31.13
CA ILE A 295 39.47 -28.52 32.00
C ILE A 295 39.53 -29.81 32.79
N LYS A 296 39.81 -30.93 32.12
CA LYS A 296 39.58 -32.23 32.74
C LYS A 296 40.54 -32.53 33.88
N ASP A 297 41.73 -31.95 33.85
CA ASP A 297 42.64 -32.13 34.96
C ASP A 297 42.36 -31.19 36.12
N LYS A 298 41.80 -30.01 35.85
CA LYS A 298 41.58 -29.03 36.91
C LYS A 298 40.28 -29.29 37.67
N TYR A 299 39.17 -29.39 36.95
CA TYR A 299 37.86 -29.46 37.58
C TYR A 299 37.21 -30.77 37.19
N PRO A 300 37.51 -31.85 37.88
CA PRO A 300 37.19 -33.18 37.36
C PRO A 300 35.72 -33.55 37.42
N ASN A 301 34.99 -33.05 38.41
CA ASN A 301 33.56 -33.32 38.43
C ASN A 301 32.80 -32.51 37.41
N LEU A 302 33.38 -31.42 36.91
CA LEU A 302 32.73 -30.60 35.90
C LEU A 302 32.78 -31.29 34.55
N GLN A 303 31.68 -31.21 33.80
CA GLN A 303 31.60 -31.80 32.48
C GLN A 303 31.41 -30.72 31.43
N VAL A 304 31.92 -30.97 30.23
CA VAL A 304 32.08 -29.93 29.24
C VAL A 304 31.50 -30.42 27.91
N ILE A 305 30.92 -29.49 27.16
CA ILE A 305 30.23 -29.76 25.91
C ILE A 305 31.07 -29.16 24.80
N GLY A 306 31.40 -29.96 23.79
CA GLY A 306 32.25 -29.54 22.71
C GLY A 306 31.48 -29.42 21.40
N GLY A 307 31.97 -28.57 20.51
CA GLY A 307 31.32 -28.37 19.24
C GLY A 307 31.91 -27.18 18.53
N ASN A 308 31.43 -26.93 17.31
CA ASN A 308 30.32 -27.65 16.72
C ASN A 308 30.78 -28.60 15.66
N VAL A 309 30.71 -29.87 15.98
CA VAL A 309 31.16 -30.94 15.14
C VAL A 309 30.07 -31.30 14.15
N VAL A 310 30.43 -31.49 12.90
CA VAL A 310 29.40 -31.95 11.97
C VAL A 310 29.77 -33.24 11.26
N THR A 311 31.03 -33.63 11.25
CA THR A 311 31.31 -34.93 10.69
C THR A 311 31.83 -35.86 11.76
N ALA A 312 31.95 -37.13 11.42
CA ALA A 312 32.38 -38.09 12.40
C ALA A 312 33.85 -38.03 12.68
N ALA A 313 34.64 -37.35 11.85
CA ALA A 313 36.07 -37.29 12.10
C ALA A 313 36.39 -36.38 13.28
N GLN A 314 35.81 -35.20 13.29
CA GLN A 314 36.03 -34.32 14.42
C GLN A 314 35.26 -34.79 15.64
N ALA A 315 34.29 -35.66 15.45
CA ALA A 315 33.71 -36.36 16.59
C ALA A 315 34.75 -37.18 17.33
N LYS A 316 35.51 -38.02 16.62
CA LYS A 316 36.52 -38.79 17.32
C LYS A 316 37.68 -37.92 17.74
N ASN A 317 37.83 -36.77 17.10
CA ASN A 317 38.90 -35.91 17.56
C ASN A 317 38.51 -35.17 18.82
N LEU A 318 37.23 -35.14 19.17
CA LEU A 318 36.86 -34.61 20.47
C LEU A 318 36.62 -35.67 21.53
N ILE A 319 36.11 -36.85 21.17
CA ILE A 319 35.83 -37.86 22.19
C ILE A 319 37.09 -38.39 22.85
N ASP A 320 38.17 -38.56 22.08
CA ASP A 320 39.41 -39.04 22.69
C ASP A 320 40.03 -37.99 23.60
N ALA A 321 39.74 -36.71 23.33
CA ALA A 321 40.11 -35.66 24.26
C ALA A 321 39.34 -35.77 25.56
N GLY A 322 38.16 -36.37 25.53
CA GLY A 322 37.44 -36.64 26.75
C GLY A 322 36.32 -35.65 26.94
N VAL A 323 35.74 -35.21 25.84
CA VAL A 323 34.60 -34.31 25.88
C VAL A 323 33.40 -35.09 26.41
N ASP A 324 32.50 -34.39 27.08
CA ASP A 324 31.49 -35.14 27.81
C ASP A 324 30.17 -35.22 27.06
N ALA A 325 29.93 -34.28 26.12
CA ALA A 325 28.87 -34.42 25.13
C ALA A 325 29.15 -33.49 23.96
N LEU A 326 28.69 -33.86 22.79
CA LEU A 326 28.87 -33.07 21.58
C LEU A 326 27.66 -32.20 21.32
N ARG A 327 27.83 -31.26 20.40
CA ARG A 327 26.81 -30.28 20.09
C ARG A 327 26.97 -29.97 18.61
N VAL A 328 26.06 -30.46 17.78
CA VAL A 328 26.33 -30.56 16.36
C VAL A 328 25.58 -29.51 15.58
N GLY A 329 26.02 -29.33 14.35
CA GLY A 329 25.31 -28.48 13.43
C GLY A 329 25.93 -27.13 13.27
N MET A 330 26.57 -26.89 12.14
CA MET A 330 26.96 -25.56 11.77
C MET A 330 26.34 -25.22 10.43
N GLY A 331 26.28 -23.94 10.13
CA GLY A 331 25.81 -23.54 8.83
C GLY A 331 24.33 -23.59 8.65
N SER A 332 23.58 -23.90 9.69
CA SER A 332 22.18 -24.22 9.52
C SER A 332 21.33 -23.65 10.62
N GLY A 333 21.71 -22.50 11.15
CA GLY A 333 20.81 -21.86 12.06
C GLY A 333 19.90 -21.00 11.24
N SER A 334 19.01 -20.28 11.89
CA SER A 334 18.28 -19.29 11.15
C SER A 334 19.09 -18.03 10.92
N ILE A 335 20.28 -17.95 11.47
CA ILE A 335 21.09 -16.76 11.40
C ILE A 335 22.36 -17.02 10.60
N CYS A 336 22.69 -18.29 10.40
CA CYS A 336 23.89 -18.68 9.69
C CYS A 336 23.87 -18.21 8.26
N ILE A 337 24.85 -17.39 7.91
CA ILE A 337 25.28 -17.27 6.53
C ILE A 337 26.63 -17.92 6.33
N THR A 338 27.13 -18.65 7.33
CA THR A 338 28.43 -19.26 7.22
C THR A 338 28.42 -20.46 6.30
N GLN A 339 27.26 -20.94 5.91
CA GLN A 339 27.22 -21.86 4.80
C GLN A 339 27.24 -21.08 3.50
N GLU A 340 26.71 -19.87 3.53
CA GLU A 340 26.56 -19.08 2.33
C GLU A 340 27.72 -18.13 2.13
N VAL A 341 28.54 -17.89 3.15
CA VAL A 341 29.67 -16.99 3.06
C VAL A 341 30.98 -17.74 3.19
N LEU A 342 31.01 -18.76 4.02
CA LEU A 342 32.25 -19.48 4.24
C LEU A 342 32.31 -20.81 3.55
N ALA A 343 31.17 -21.33 3.09
CA ALA A 343 31.05 -22.56 2.33
C ALA A 343 31.62 -23.74 3.06
N CYS A 344 31.39 -23.80 4.35
CA CYS A 344 31.70 -24.97 5.15
C CYS A 344 30.43 -25.43 5.85
N GLY A 345 30.50 -26.60 6.44
CA GLY A 345 29.34 -27.17 7.12
C GLY A 345 28.86 -28.43 6.44
N ARG A 346 27.62 -28.81 6.78
CA ARG A 346 26.86 -29.81 6.04
C ARG A 346 25.41 -29.60 6.43
N PRO A 347 24.47 -30.24 5.75
CA PRO A 347 23.08 -30.06 6.17
C PRO A 347 22.83 -30.73 7.51
N GLN A 348 21.71 -30.35 8.13
CA GLN A 348 21.43 -30.79 9.49
C GLN A 348 21.21 -32.27 9.62
N ALA A 349 20.16 -32.78 9.02
CA ALA A 349 19.65 -34.09 9.40
C ALA A 349 20.58 -35.19 8.99
N THR A 350 21.50 -34.93 8.09
CA THR A 350 22.55 -35.90 7.98
C THR A 350 23.55 -35.76 9.11
N ALA A 351 23.80 -34.54 9.57
CA ALA A 351 24.84 -34.38 10.57
C ALA A 351 24.39 -34.89 11.92
N VAL A 352 23.17 -34.57 12.30
CA VAL A 352 22.60 -35.03 13.55
C VAL A 352 22.47 -36.53 13.57
N TYR A 353 22.34 -37.15 12.40
CA TYR A 353 22.43 -38.60 12.39
C TYR A 353 23.86 -39.07 12.52
N LYS A 354 24.75 -38.57 11.66
CA LYS A 354 26.02 -39.25 11.56
C LYS A 354 26.94 -38.98 12.72
N VAL A 355 26.88 -37.80 13.32
CA VAL A 355 27.69 -37.58 14.50
C VAL A 355 27.17 -38.38 15.66
N SER A 356 25.86 -38.60 15.72
CA SER A 356 25.33 -39.44 16.78
C SER A 356 25.65 -40.90 16.53
N GLU A 357 25.65 -41.33 15.28
CA GLU A 357 25.96 -42.71 14.98
C GLU A 357 27.43 -42.97 15.20
N TYR A 358 28.26 -41.94 15.18
CA TYR A 358 29.58 -42.13 15.74
C TYR A 358 29.57 -42.03 17.25
N ALA A 359 28.70 -41.22 17.81
CA ALA A 359 28.84 -40.87 19.21
C ALA A 359 28.31 -41.95 20.13
N ARG A 360 27.34 -42.74 19.67
CA ARG A 360 26.89 -43.75 20.61
C ARG A 360 27.80 -44.94 20.66
N ARG A 361 28.81 -45.00 19.79
CA ARG A 361 29.89 -45.95 20.00
C ARG A 361 30.66 -45.68 21.27
N PHE A 362 30.66 -44.45 21.73
CA PHE A 362 31.39 -44.13 22.93
C PHE A 362 30.49 -43.70 24.05
N GLY A 363 29.18 -43.73 23.85
CA GLY A 363 28.25 -43.35 24.88
C GLY A 363 28.28 -41.86 25.15
N VAL A 364 28.14 -41.08 24.10
CA VAL A 364 28.25 -39.63 24.20
C VAL A 364 26.98 -39.02 23.64
N PRO A 365 26.19 -38.33 24.45
CA PRO A 365 24.97 -37.70 23.93
C PRO A 365 25.32 -36.52 23.07
N VAL A 366 24.35 -36.09 22.28
CA VAL A 366 24.59 -35.17 21.19
C VAL A 366 23.44 -34.17 21.10
N ILE A 367 23.81 -32.90 21.00
CA ILE A 367 22.87 -31.80 20.99
C ILE A 367 22.77 -31.27 19.58
N ALA A 368 21.56 -31.11 19.06
CA ALA A 368 21.38 -30.63 17.71
C ALA A 368 21.12 -29.14 17.71
N ASP A 369 21.83 -28.42 16.86
CA ASP A 369 21.61 -26.98 16.70
C ASP A 369 20.80 -26.67 15.48
N GLY A 370 20.02 -25.62 15.59
CA GLY A 370 19.55 -24.88 14.45
C GLY A 370 18.50 -25.58 13.63
N GLY A 371 17.94 -24.86 12.68
CA GLY A 371 17.02 -25.44 11.75
C GLY A 371 15.62 -25.58 12.29
N ILE A 372 15.48 -25.53 13.60
CA ILE A 372 14.22 -25.82 14.25
C ILE A 372 13.29 -24.65 14.03
N GLN A 373 12.23 -24.86 13.29
CA GLN A 373 11.32 -23.76 13.04
C GLN A 373 9.88 -24.12 13.32
N ASN A 374 9.58 -25.40 13.51
CA ASN A 374 8.28 -25.81 14.00
C ASN A 374 8.48 -26.77 15.17
N VAL A 375 7.43 -27.49 15.57
CA VAL A 375 7.58 -28.58 16.52
C VAL A 375 8.19 -29.80 15.91
N GLY A 376 7.81 -30.15 14.68
CA GLY A 376 8.13 -31.45 14.13
C GLY A 376 9.59 -31.62 13.84
N HIS A 377 10.29 -30.51 13.67
CA HIS A 377 11.73 -30.60 13.54
C HIS A 377 12.38 -31.11 14.81
N ILE A 378 11.79 -30.83 15.97
CA ILE A 378 12.33 -31.37 17.20
C ILE A 378 12.22 -32.87 17.20
N ALA A 379 11.09 -33.39 16.73
CA ALA A 379 10.90 -34.82 16.69
C ALA A 379 11.82 -35.49 15.69
N LYS A 380 11.93 -34.90 14.50
CA LYS A 380 12.83 -35.48 13.51
C LYS A 380 14.28 -35.32 13.89
N ALA A 381 14.61 -34.34 14.73
CA ALA A 381 15.98 -34.29 15.20
C ALA A 381 16.24 -35.39 16.18
N LEU A 382 15.49 -35.43 17.28
CA LEU A 382 15.93 -36.27 18.37
C LEU A 382 15.57 -37.72 18.12
N ALA A 383 14.74 -38.00 17.13
CA ALA A 383 14.63 -39.37 16.69
C ALA A 383 15.76 -39.78 15.79
N LEU A 384 16.48 -38.84 15.19
CA LEU A 384 17.60 -39.26 14.35
C LEU A 384 18.88 -39.52 15.11
N GLY A 385 18.83 -39.60 16.43
CA GLY A 385 20.02 -39.91 17.18
C GLY A 385 20.42 -38.85 18.17
N ALA A 386 19.82 -37.68 18.12
CA ALA A 386 20.16 -36.68 19.11
C ALA A 386 19.54 -37.03 20.45
N SER A 387 19.90 -36.25 21.46
CA SER A 387 19.36 -36.46 22.79
C SER A 387 18.66 -35.22 23.31
N THR A 388 19.21 -34.06 23.03
CA THR A 388 18.56 -32.79 23.26
C THR A 388 18.69 -31.96 22.00
N VAL A 389 17.81 -31.00 21.83
CA VAL A 389 17.82 -30.17 20.65
C VAL A 389 17.74 -28.71 21.08
N MET A 390 18.57 -27.88 20.49
CA MET A 390 18.83 -26.55 21.01
C MET A 390 18.08 -25.54 20.18
N MET A 391 17.25 -24.75 20.84
CA MET A 391 16.40 -23.78 20.18
C MET A 391 17.13 -22.46 20.13
N GLY A 392 17.21 -21.87 18.95
CA GLY A 392 17.83 -20.57 18.90
C GLY A 392 16.92 -19.49 18.38
N SER A 393 16.01 -19.86 17.49
CA SER A 393 15.12 -18.86 16.91
C SER A 393 13.68 -19.15 17.29
N LEU A 394 13.41 -20.38 17.67
CA LEU A 394 12.08 -20.71 18.12
C LEU A 394 11.83 -20.13 19.49
N LEU A 395 12.89 -19.84 20.24
CA LEU A 395 12.77 -19.30 21.59
C LEU A 395 13.15 -17.85 21.70
N ALA A 396 13.50 -17.20 20.61
CA ALA A 396 13.67 -15.76 20.66
C ALA A 396 12.30 -15.12 20.69
N ALA A 397 12.30 -13.83 21.06
CA ALA A 397 11.10 -13.01 21.17
C ALA A 397 10.05 -13.64 22.08
N THR A 398 10.48 -13.99 23.27
CA THR A 398 9.55 -14.35 24.31
C THR A 398 9.55 -13.25 25.35
N THR A 399 8.72 -13.40 26.36
CA THR A 399 8.77 -12.44 27.46
C THR A 399 10.01 -12.65 28.29
N GLU A 400 10.55 -13.86 28.27
CA GLU A 400 11.72 -14.22 29.04
C GLU A 400 13.02 -13.88 28.32
N ALA A 401 12.94 -13.41 27.21
CA ALA A 401 14.10 -13.11 26.41
C ALA A 401 14.74 -11.80 26.83
N PRO A 402 16.03 -11.61 26.62
CA PRO A 402 16.63 -10.30 26.84
C PRO A 402 16.21 -9.30 25.78
N GLY A 403 16.64 -8.06 26.00
CA GLY A 403 16.15 -6.95 25.19
C GLY A 403 14.71 -6.62 25.49
N GLU A 404 14.18 -5.63 24.80
CA GLU A 404 12.76 -5.35 24.94
C GLU A 404 12.16 -5.11 23.56
N TYR A 405 10.85 -5.21 23.51
CA TYR A 405 10.09 -5.17 22.29
C TYR A 405 10.14 -3.79 21.67
N PHE A 406 9.76 -3.74 20.41
CA PHE A 406 9.49 -2.48 19.75
C PHE A 406 8.57 -2.80 18.59
N PHE A 407 7.51 -2.02 18.46
CA PHE A 407 6.55 -2.27 17.42
C PHE A 407 7.10 -1.74 16.12
N SER A 408 7.01 -2.55 15.09
CA SER A 408 7.35 -2.15 13.74
C SER A 408 6.26 -2.67 12.84
N ASP A 409 5.65 -1.76 12.08
CA ASP A 409 4.53 -2.02 11.18
C ASP A 409 3.31 -2.57 11.92
N GLY A 410 3.22 -2.36 13.22
CA GLY A 410 2.10 -2.86 13.98
C GLY A 410 2.19 -4.32 14.37
N ILE A 411 3.31 -4.99 14.11
CA ILE A 411 3.49 -6.37 14.54
C ILE A 411 4.58 -6.37 15.60
N ARG A 412 4.26 -6.91 16.76
CA ARG A 412 5.17 -6.84 17.90
C ARG A 412 6.33 -7.80 17.69
N LEU A 413 7.56 -7.28 17.80
CA LEU A 413 8.71 -8.10 17.49
C LEU A 413 9.88 -7.67 18.35
N LYS A 414 10.87 -8.56 18.45
CA LYS A 414 12.04 -8.37 19.29
C LYS A 414 13.27 -8.64 18.44
N LYS A 415 14.30 -7.82 18.58
CA LYS A 415 15.42 -7.98 17.67
C LYS A 415 16.29 -9.15 18.08
N TYR A 416 16.85 -9.80 17.09
CA TYR A 416 17.47 -11.11 17.22
C TYR A 416 18.61 -11.22 16.24
N ARG A 417 19.74 -11.72 16.70
CA ARG A 417 21.03 -11.41 16.12
C ARG A 417 22.06 -12.40 16.60
N GLY A 418 22.69 -13.09 15.67
CA GLY A 418 23.60 -14.15 16.02
C GLY A 418 24.93 -13.61 16.47
N MET A 419 25.76 -14.51 16.99
CA MET A 419 27.09 -14.17 17.42
C MET A 419 27.99 -13.74 16.29
N GLY A 420 27.90 -14.37 15.16
CA GLY A 420 28.81 -14.02 14.09
C GLY A 420 28.32 -12.93 13.19
N SER A 421 27.42 -12.06 13.65
CA SER A 421 27.09 -10.92 12.82
C SER A 421 28.22 -9.90 12.89
N LEU A 422 28.01 -8.78 12.22
CA LEU A 422 28.99 -7.72 12.37
C LEU A 422 28.84 -6.97 13.68
N ASP A 423 27.84 -7.32 14.47
CA ASP A 423 27.65 -6.75 15.80
C ASP A 423 28.18 -7.69 16.88
N ALA A 424 29.35 -8.26 16.63
CA ALA A 424 30.13 -8.86 17.71
C ALA A 424 30.36 -7.85 18.83
N MET A 425 31.09 -6.78 18.55
CA MET A 425 31.11 -5.60 19.40
C MET A 425 31.06 -4.32 18.58
N ILE A 442 37.38 -4.78 9.41
CA ILE A 442 38.42 -5.58 8.78
C ILE A 442 38.01 -7.03 8.87
N LYS A 443 36.79 -7.27 9.34
CA LYS A 443 36.42 -8.60 9.79
C LYS A 443 35.24 -9.11 9.00
N VAL A 444 35.14 -10.43 8.95
CA VAL A 444 34.16 -11.15 8.15
C VAL A 444 32.98 -11.40 9.07
N ALA A 445 31.82 -11.69 8.50
CA ALA A 445 30.63 -11.89 9.29
C ALA A 445 30.07 -13.26 8.98
N GLN A 446 29.79 -14.05 10.00
CA GLN A 446 29.09 -15.29 9.80
C GLN A 446 27.62 -15.20 10.16
N GLY A 447 27.11 -14.00 10.42
CA GLY A 447 25.77 -13.89 10.96
C GLY A 447 25.03 -12.69 10.40
N VAL A 448 23.80 -12.55 10.86
CA VAL A 448 22.92 -11.48 10.43
C VAL A 448 22.19 -10.98 11.67
N SER A 449 21.63 -9.79 11.57
CA SER A 449 20.88 -9.19 12.65
C SER A 449 19.49 -8.87 12.14
N GLY A 450 18.48 -9.35 12.82
CA GLY A 450 17.12 -9.15 12.38
C GLY A 450 16.20 -9.13 13.54
N ALA A 451 14.97 -9.57 13.30
CA ALA A 451 13.96 -9.62 14.34
C ALA A 451 12.91 -10.64 13.97
N VAL A 452 12.37 -11.29 14.97
CA VAL A 452 11.32 -12.28 14.80
C VAL A 452 10.14 -11.81 15.62
N GLN A 453 8.94 -12.19 15.22
CA GLN A 453 7.76 -11.69 15.90
C GLN A 453 7.57 -12.40 17.23
N ASP A 454 6.76 -11.78 18.08
CA ASP A 454 6.53 -12.21 19.44
C ASP A 454 5.83 -13.56 19.46
N LYS A 455 6.05 -14.31 20.54
CA LYS A 455 5.22 -15.47 20.79
C LYS A 455 4.91 -15.69 22.26
N GLY A 456 4.89 -14.65 23.07
CA GLY A 456 4.35 -14.80 24.41
C GLY A 456 5.35 -15.39 25.38
N SER A 457 4.84 -15.82 26.53
CA SER A 457 5.70 -16.33 27.58
C SER A 457 5.97 -17.80 27.38
N ILE A 458 7.09 -18.25 27.96
CA ILE A 458 7.53 -19.61 27.72
C ILE A 458 6.74 -20.60 28.54
N HIS A 459 6.27 -20.20 29.72
CA HIS A 459 5.47 -21.12 30.52
C HIS A 459 4.11 -21.39 29.92
N LYS A 460 3.74 -20.66 28.87
CA LYS A 460 2.69 -21.07 27.97
C LYS A 460 3.20 -21.46 26.60
N PHE A 461 4.50 -21.65 26.40
CA PHE A 461 5.00 -22.01 25.08
C PHE A 461 5.72 -23.35 25.07
N VAL A 462 6.68 -23.54 25.96
CA VAL A 462 7.32 -24.84 26.13
C VAL A 462 6.37 -25.95 26.59
N PRO A 463 5.24 -25.75 27.31
CA PRO A 463 4.38 -26.92 27.52
C PRO A 463 3.72 -27.39 26.25
N TYR A 464 3.48 -26.48 25.32
CA TYR A 464 3.07 -26.85 23.99
C TYR A 464 4.11 -27.69 23.26
N LEU A 465 5.39 -27.36 23.38
CA LEU A 465 6.41 -28.13 22.68
C LEU A 465 6.55 -29.51 23.28
N ILE A 466 6.47 -29.63 24.61
CA ILE A 466 6.44 -30.96 25.21
C ILE A 466 5.22 -31.75 24.79
N ALA A 467 4.04 -31.13 24.75
CA ALA A 467 2.86 -31.86 24.32
C ALA A 467 2.94 -32.26 22.86
N GLY A 468 3.54 -31.42 22.02
CA GLY A 468 3.71 -31.77 20.64
C GLY A 468 4.70 -32.88 20.40
N ILE A 469 5.83 -32.86 21.09
CA ILE A 469 6.79 -33.92 20.88
C ILE A 469 6.28 -35.23 21.46
N GLN A 470 5.41 -35.17 22.46
CA GLN A 470 4.91 -36.45 22.95
C GLN A 470 3.73 -36.95 22.14
N HIS A 471 2.95 -36.08 21.49
CA HIS A 471 2.05 -36.59 20.45
C HIS A 471 2.81 -37.20 19.29
N SER A 472 3.96 -36.63 18.96
CA SER A 472 4.76 -37.17 17.87
C SER A 472 5.30 -38.55 18.21
N CYS A 473 5.83 -38.71 19.42
CA CYS A 473 6.30 -40.02 19.84
C CYS A 473 5.15 -40.98 20.08
N GLN A 474 3.95 -40.44 20.32
CA GLN A 474 2.77 -41.28 20.40
C GLN A 474 2.44 -41.84 19.03
N ASP A 475 2.50 -41.01 17.99
CA ASP A 475 2.17 -41.50 16.65
C ASP A 475 3.29 -42.30 16.04
N ILE A 476 4.53 -42.06 16.44
CA ILE A 476 5.61 -42.95 16.03
C ILE A 476 5.42 -44.31 16.67
N GLY A 477 4.93 -44.34 17.89
CA GLY A 477 4.71 -45.61 18.54
C GLY A 477 5.89 -46.04 19.37
N ALA A 478 6.27 -45.18 20.30
CA ALA A 478 7.31 -45.51 21.27
C ALA A 478 7.01 -44.78 22.56
N LYS A 479 6.97 -45.51 23.66
CA LYS A 479 6.55 -44.93 24.92
C LYS A 479 7.69 -44.29 25.68
N SER A 480 8.86 -44.13 25.07
CA SER A 480 9.96 -43.39 25.68
C SER A 480 10.90 -42.95 24.57
N LEU A 481 11.46 -41.76 24.75
CA LEU A 481 12.43 -41.25 23.79
C LEU A 481 13.71 -42.05 23.74
N THR A 482 14.02 -42.83 24.74
CA THR A 482 15.12 -43.75 24.55
C THR A 482 14.71 -44.85 23.60
N GLN A 483 13.49 -45.36 23.73
CA GLN A 483 13.23 -46.49 22.86
C GLN A 483 12.83 -46.07 21.46
N VAL A 484 12.64 -44.78 21.19
CA VAL A 484 12.47 -44.39 19.79
C VAL A 484 13.82 -44.42 19.09
N ARG A 485 14.88 -44.08 19.80
CA ARG A 485 16.19 -44.28 19.22
C ARG A 485 16.56 -45.75 19.19
N ALA A 486 16.01 -46.54 20.12
CA ALA A 486 16.21 -47.98 20.02
C ALA A 486 15.51 -48.55 18.81
N MET A 487 14.31 -48.06 18.53
CA MET A 487 13.61 -48.46 17.32
C MET A 487 14.30 -47.95 16.07
N MET A 488 15.04 -46.85 16.17
CA MET A 488 15.74 -46.38 15.00
C MET A 488 16.99 -47.18 14.72
N TYR A 489 17.89 -47.28 15.69
CA TYR A 489 19.15 -47.95 15.40
C TYR A 489 19.00 -49.44 15.20
N SER A 490 17.98 -50.06 15.77
CA SER A 490 17.74 -51.46 15.45
C SER A 490 17.20 -51.59 14.05
N GLY A 491 16.11 -50.89 13.78
CA GLY A 491 15.58 -50.89 12.43
C GLY A 491 14.08 -51.02 12.39
N GLU A 492 13.43 -51.07 13.55
CA GLU A 492 12.00 -51.28 13.55
C GLU A 492 11.26 -50.04 13.06
N LEU A 493 11.69 -48.88 13.50
CA LEU A 493 11.18 -47.62 12.98
C LEU A 493 11.71 -47.45 11.57
N LYS A 494 10.97 -46.75 10.72
CA LYS A 494 11.41 -46.50 9.37
C LYS A 494 11.05 -45.08 8.96
N PHE A 495 11.83 -44.53 8.04
CA PHE A 495 11.70 -43.20 7.50
C PHE A 495 11.30 -43.34 6.04
N GLU A 496 10.96 -42.22 5.39
CA GLU A 496 11.07 -42.18 3.93
C GLU A 496 11.23 -40.76 3.44
N LYS A 497 11.86 -40.67 2.27
CA LYS A 497 12.26 -39.45 1.60
C LYS A 497 11.03 -38.61 1.27
N ARG A 498 11.25 -37.34 0.96
CA ARG A 498 10.24 -36.53 0.31
C ARG A 498 10.84 -35.83 -0.88
N THR A 499 10.02 -35.52 -1.86
CA THR A 499 10.50 -34.69 -2.95
C THR A 499 10.10 -33.26 -2.65
N SER A 500 10.41 -32.36 -3.59
CA SER A 500 9.91 -31.00 -3.45
C SER A 500 8.41 -30.97 -3.58
N SER A 501 7.88 -31.85 -4.41
CA SER A 501 6.47 -31.88 -4.70
C SER A 501 5.66 -32.30 -3.49
N ALA A 502 6.25 -33.04 -2.59
CA ALA A 502 5.53 -33.45 -1.40
C ALA A 502 5.61 -32.41 -0.30
N GLN A 503 6.74 -31.77 -0.15
CA GLN A 503 6.84 -30.75 0.88
C GLN A 503 6.12 -29.47 0.49
N VAL A 504 5.82 -29.29 -0.79
CA VAL A 504 4.74 -28.37 -1.15
C VAL A 504 3.42 -28.90 -0.65
N GLU A 505 3.18 -30.17 -0.77
CA GLU A 505 1.87 -30.75 -0.51
C GLU A 505 1.63 -31.00 0.97
N GLY A 506 2.68 -31.14 1.76
CA GLY A 506 2.47 -31.51 3.16
C GLY A 506 1.89 -30.41 4.00
N GLY A 507 2.13 -29.16 3.64
CA GLY A 507 1.65 -28.04 4.41
C GLY A 507 0.26 -27.61 3.98
N VAL A 508 -0.07 -26.37 4.27
CA VAL A 508 -1.33 -25.80 3.87
C VAL A 508 -1.27 -25.55 2.38
N HIS A 509 -2.25 -26.05 1.64
CA HIS A 509 -2.31 -25.73 0.22
C HIS A 509 -3.76 -25.64 -0.21
N SER A 510 -3.96 -24.95 -1.34
CA SER A 510 -5.25 -24.88 -2.03
C SER A 510 -6.34 -24.29 -1.16
N LEU A 511 -6.08 -23.13 -0.59
CA LEU A 511 -7.10 -22.40 0.15
C LEU A 511 -7.02 -20.95 -0.26
N HIS A 512 -8.08 -20.22 0.01
CA HIS A 512 -8.02 -18.80 -0.22
C HIS A 512 -7.21 -18.10 0.85
N SER A 513 -7.56 -18.34 2.11
CA SER A 513 -6.81 -17.77 3.23
C SER A 513 -7.06 -18.65 4.44
N TYR A 514 -6.14 -18.60 5.39
CA TYR A 514 -6.22 -19.56 6.46
C TYR A 514 -5.68 -18.98 7.75
N GLU A 515 -6.33 -19.33 8.84
CA GLU A 515 -5.94 -18.92 10.17
C GLU A 515 -5.12 -20.06 10.78
N LYS A 516 -3.88 -19.77 11.14
CA LYS A 516 -2.97 -20.79 11.64
C LYS A 516 -2.61 -20.48 13.08
N ARG A 517 -3.38 -21.03 14.01
CA ARG A 517 -3.10 -20.91 15.42
C ARG A 517 -2.64 -22.27 15.92
N LEU A 518 -1.52 -22.29 16.62
CA LEU A 518 -0.88 -23.55 16.96
C LEU A 518 -1.35 -24.12 18.29
N PHE A 519 -1.74 -23.28 19.24
CA PHE A 519 -2.28 -23.76 20.50
C PHE A 519 -3.21 -22.72 21.10
N SER B 16 45.97 -42.59 11.54
CA SER B 16 44.85 -42.50 12.47
C SER B 16 43.61 -43.15 11.88
N TYR B 17 42.49 -43.07 12.60
CA TYR B 17 41.28 -43.76 12.16
C TYR B 17 40.67 -43.03 10.99
N VAL B 18 40.27 -41.78 11.23
CA VAL B 18 39.71 -40.84 10.25
C VAL B 18 38.49 -41.45 9.57
N PRO B 19 37.32 -41.43 10.21
CA PRO B 19 36.11 -42.01 9.61
C PRO B 19 35.77 -41.34 8.30
N ASP B 20 35.41 -42.15 7.32
CA ASP B 20 35.24 -41.61 5.98
C ASP B 20 33.81 -41.16 5.72
N ASP B 21 33.30 -40.33 6.61
CA ASP B 21 32.00 -39.69 6.43
C ASP B 21 32.17 -38.63 5.36
N GLY B 22 31.50 -38.81 4.25
CA GLY B 22 31.43 -37.81 3.23
C GLY B 22 31.71 -38.41 1.89
N LEU B 23 31.71 -37.56 0.88
CA LEU B 23 31.97 -37.98 -0.48
C LEU B 23 33.18 -37.23 -0.99
N THR B 24 34.16 -37.93 -1.50
CA THR B 24 35.23 -37.25 -2.20
C THR B 24 34.75 -36.94 -3.61
N ALA B 25 35.49 -36.06 -4.29
CA ALA B 25 35.00 -35.47 -5.53
C ALA B 25 34.88 -36.51 -6.63
N GLN B 26 35.71 -37.54 -6.58
CA GLN B 26 35.60 -38.64 -7.52
C GLN B 26 34.38 -39.50 -7.30
N GLN B 27 33.69 -39.41 -6.17
CA GLN B 27 32.33 -39.90 -6.21
C GLN B 27 31.31 -38.80 -6.03
N LEU B 28 31.69 -37.56 -6.24
CA LEU B 28 30.68 -36.51 -6.30
C LEU B 28 30.31 -36.24 -7.74
N PHE B 29 31.28 -36.04 -8.60
CA PHE B 29 30.96 -35.51 -9.91
C PHE B 29 30.72 -36.56 -10.97
N ASN B 30 31.15 -37.80 -10.76
CA ASN B 30 30.77 -38.79 -11.75
C ASN B 30 29.40 -39.37 -11.49
N CYS B 31 28.66 -38.86 -10.52
CA CYS B 31 27.28 -39.24 -10.37
C CYS B 31 26.44 -38.74 -11.51
N GLY B 32 26.85 -37.65 -12.16
CA GLY B 32 26.17 -37.17 -13.32
C GLY B 32 25.16 -36.09 -13.05
N ASP B 33 24.80 -35.88 -11.80
CA ASP B 33 23.94 -34.78 -11.45
C ASP B 33 24.67 -33.48 -11.70
N GLY B 34 24.09 -32.62 -12.52
CA GLY B 34 24.81 -31.45 -12.97
C GLY B 34 24.78 -30.33 -11.96
N LEU B 35 25.57 -30.44 -10.92
CA LEU B 35 25.43 -29.56 -9.79
C LEU B 35 26.38 -28.38 -9.88
N THR B 36 25.94 -27.22 -9.40
CA THR B 36 26.64 -25.96 -9.50
C THR B 36 27.25 -25.59 -8.15
N TYR B 37 27.70 -24.34 -8.02
CA TYR B 37 28.36 -23.91 -6.79
C TYR B 37 27.47 -24.06 -5.57
N ASN B 38 26.30 -23.47 -5.60
CA ASN B 38 25.56 -23.42 -4.35
C ASN B 38 24.67 -24.60 -4.14
N ASP B 39 24.93 -25.78 -4.68
CA ASP B 39 24.23 -26.93 -4.13
C ASP B 39 25.13 -28.02 -3.60
N PHE B 40 26.39 -27.72 -3.33
CA PHE B 40 27.22 -28.65 -2.59
C PHE B 40 28.06 -27.80 -1.66
N LEU B 41 28.74 -28.43 -0.71
CA LEU B 41 29.60 -27.66 0.17
C LEU B 41 30.65 -28.57 0.77
N ILE B 42 31.61 -27.94 1.43
CA ILE B 42 32.82 -28.57 1.89
C ILE B 42 32.68 -28.89 3.35
N LEU B 43 32.89 -30.11 3.70
CA LEU B 43 32.71 -30.36 5.13
C LEU B 43 34.04 -30.29 5.84
N PRO B 44 34.11 -29.79 7.07
CA PRO B 44 35.38 -29.34 7.64
C PRO B 44 36.38 -30.42 7.99
N GLY B 45 37.53 -29.97 8.50
CA GLY B 45 38.64 -30.84 8.83
C GLY B 45 39.19 -30.61 10.22
N TYR B 46 40.47 -30.26 10.32
CA TYR B 46 41.13 -30.12 11.60
C TYR B 46 42.02 -28.89 11.61
N ILE B 47 41.99 -28.14 12.71
CA ILE B 47 42.70 -26.87 12.84
C ILE B 47 43.99 -27.12 13.61
N ASP B 48 45.09 -26.54 13.11
CA ASP B 48 46.25 -26.34 13.95
C ASP B 48 46.97 -25.05 13.62
N PHE B 49 46.24 -24.02 13.21
CA PHE B 49 46.83 -22.74 12.82
C PHE B 49 45.74 -21.68 12.86
N THR B 50 46.14 -20.43 12.68
CA THR B 50 45.19 -19.33 12.73
C THR B 50 44.94 -18.80 11.33
N ALA B 51 44.11 -17.75 11.25
CA ALA B 51 43.56 -17.32 9.97
C ALA B 51 44.60 -16.67 9.08
N ASP B 52 45.38 -15.73 9.61
CA ASP B 52 46.36 -15.08 8.76
C ASP B 52 47.64 -15.90 8.60
N GLN B 53 47.70 -17.08 9.19
CA GLN B 53 48.86 -17.93 9.04
C GLN B 53 48.82 -18.72 7.75
N VAL B 54 47.77 -18.53 6.94
CA VAL B 54 47.60 -19.23 5.68
C VAL B 54 48.60 -18.66 4.69
N ASP B 55 49.11 -19.51 3.78
CA ASP B 55 49.91 -19.03 2.66
C ASP B 55 49.01 -19.01 1.43
N LEU B 56 48.36 -17.88 1.24
CA LEU B 56 47.38 -17.77 0.18
C LEU B 56 48.01 -17.50 -1.19
N THR B 57 49.00 -18.27 -1.60
CA THR B 57 49.62 -18.01 -2.89
C THR B 57 48.76 -18.60 -3.99
N SER B 58 48.88 -18.07 -5.19
CA SER B 58 48.03 -18.50 -6.28
C SER B 58 48.87 -18.76 -7.52
N ALA B 59 48.25 -19.38 -8.51
CA ALA B 59 48.90 -19.66 -9.77
C ALA B 59 48.02 -19.23 -10.92
N LEU B 60 48.62 -18.65 -11.95
CA LEU B 60 47.85 -18.29 -13.11
C LEU B 60 48.31 -18.99 -14.38
N THR B 61 49.59 -18.88 -14.75
CA THR B 61 50.08 -19.73 -15.84
C THR B 61 51.24 -20.54 -15.36
N LYS B 62 51.94 -21.18 -16.29
CA LYS B 62 53.08 -22.00 -15.93
C LYS B 62 54.26 -21.19 -15.41
N LYS B 63 54.36 -19.90 -15.72
CA LYS B 63 55.54 -19.16 -15.28
C LYS B 63 55.25 -17.93 -14.46
N ILE B 64 54.03 -17.43 -14.38
CA ILE B 64 53.75 -16.30 -13.51
C ILE B 64 52.73 -16.71 -12.45
N THR B 65 52.96 -16.26 -11.22
CA THR B 65 52.11 -16.57 -10.09
C THR B 65 51.64 -15.27 -9.46
N LEU B 66 50.74 -15.38 -8.50
CA LEU B 66 50.20 -14.23 -7.81
C LEU B 66 50.17 -14.46 -6.32
N LYS B 67 49.94 -13.38 -5.60
CA LYS B 67 49.80 -13.45 -4.15
C LYS B 67 48.35 -13.59 -3.72
N THR B 68 47.39 -13.33 -4.60
CA THR B 68 46.01 -13.56 -4.23
C THR B 68 45.22 -14.07 -5.43
N PRO B 69 44.19 -14.90 -5.23
CA PRO B 69 43.51 -15.49 -6.37
C PRO B 69 42.33 -14.71 -6.91
N LEU B 70 42.21 -13.44 -6.61
CA LEU B 70 41.07 -12.70 -7.12
C LEU B 70 41.51 -11.94 -8.36
N VAL B 71 41.02 -12.32 -9.53
CA VAL B 71 41.38 -11.63 -10.77
C VAL B 71 40.10 -11.12 -11.39
N SER B 72 40.21 -10.12 -12.24
CA SER B 72 39.04 -9.43 -12.74
C SER B 72 38.73 -9.81 -14.17
N SER B 73 37.53 -9.55 -14.56
CA SER B 73 37.03 -10.14 -15.78
C SER B 73 36.94 -9.12 -16.88
N PRO B 74 37.47 -9.39 -18.06
CA PRO B 74 37.49 -8.38 -19.11
C PRO B 74 36.15 -8.05 -19.74
N MET B 75 35.31 -7.33 -19.02
CA MET B 75 34.17 -6.69 -19.63
C MET B 75 34.32 -5.19 -19.46
N ASP B 76 33.68 -4.43 -20.35
CA ASP B 76 33.92 -3.00 -20.44
C ASP B 76 33.40 -2.25 -19.24
N THR B 77 32.36 -2.74 -18.61
CA THR B 77 31.74 -1.99 -17.56
C THR B 77 32.18 -2.49 -16.21
N VAL B 78 33.24 -3.28 -16.16
CA VAL B 78 33.78 -3.64 -14.87
C VAL B 78 35.23 -3.22 -14.78
N THR B 79 36.04 -3.48 -15.81
CA THR B 79 37.45 -3.19 -15.74
C THR B 79 37.90 -2.24 -16.85
N GLU B 80 38.68 -1.25 -16.46
CA GLU B 80 39.45 -0.38 -17.32
C GLU B 80 40.72 -0.13 -16.53
N ALA B 81 41.47 0.91 -16.89
CA ALA B 81 42.75 1.18 -16.25
C ALA B 81 42.64 1.43 -14.76
N GLY B 82 41.59 2.12 -14.31
CA GLY B 82 41.43 2.41 -12.89
C GLY B 82 41.10 1.16 -12.11
N MET B 83 40.26 0.32 -12.69
CA MET B 83 39.97 -0.93 -12.02
C MET B 83 41.18 -1.85 -12.07
N ALA B 84 41.93 -1.79 -13.17
CA ALA B 84 43.15 -2.58 -13.26
C ALA B 84 44.20 -2.11 -12.28
N ILE B 85 44.36 -0.80 -12.14
CA ILE B 85 45.37 -0.29 -11.21
C ILE B 85 44.99 -0.62 -9.79
N ALA B 86 43.70 -0.58 -9.46
CA ALA B 86 43.27 -0.87 -8.10
C ALA B 86 43.42 -2.36 -7.79
N MET B 87 42.89 -3.20 -8.67
CA MET B 87 42.82 -4.60 -8.35
C MET B 87 44.19 -5.23 -8.48
N ALA B 88 45.01 -4.70 -9.38
CA ALA B 88 46.39 -5.15 -9.50
C ALA B 88 47.20 -4.70 -8.30
N LEU B 89 46.88 -3.52 -7.77
CA LEU B 89 47.53 -3.04 -6.57
C LEU B 89 47.20 -3.93 -5.39
N THR B 90 45.98 -4.46 -5.33
CA THR B 90 45.61 -5.30 -4.22
C THR B 90 46.17 -6.70 -4.32
N GLY B 91 46.72 -7.06 -5.46
CA GLY B 91 47.37 -8.34 -5.60
C GLY B 91 46.96 -9.10 -6.84
N GLY B 92 45.76 -8.85 -7.33
CA GLY B 92 45.24 -9.58 -8.46
C GLY B 92 45.89 -9.16 -9.76
N ILE B 93 45.38 -9.71 -10.86
CA ILE B 93 45.77 -9.32 -12.19
C ILE B 93 44.52 -8.99 -12.97
N GLY B 94 44.49 -7.81 -13.53
CA GLY B 94 43.29 -7.41 -14.22
C GLY B 94 43.51 -7.57 -15.70
N PHE B 95 42.46 -7.98 -16.38
CA PHE B 95 42.48 -8.01 -17.83
C PHE B 95 41.73 -6.79 -18.31
N ILE B 96 41.95 -6.41 -19.56
CA ILE B 96 41.37 -5.17 -20.06
C ILE B 96 40.37 -5.54 -21.15
N HIS B 97 39.34 -4.72 -21.30
CA HIS B 97 38.31 -5.08 -22.27
C HIS B 97 38.76 -4.70 -23.66
N HIS B 98 38.28 -5.44 -24.64
CA HIS B 98 38.79 -5.29 -25.99
C HIS B 98 37.77 -4.67 -26.93
N ASN B 99 36.64 -4.21 -26.42
CA ASN B 99 35.62 -3.67 -27.32
C ASN B 99 35.82 -2.21 -27.64
N CYS B 100 37.00 -1.86 -28.14
CA CYS B 100 37.28 -0.48 -28.47
C CYS B 100 38.34 -0.47 -29.57
N THR B 101 38.71 0.73 -30.02
CA THR B 101 39.85 0.90 -30.91
C THR B 101 41.11 0.49 -30.17
N PRO B 102 42.06 -0.12 -30.86
CA PRO B 102 43.28 -0.63 -30.21
C PRO B 102 44.07 0.41 -29.46
N GLU B 103 44.12 1.64 -29.97
CA GLU B 103 44.89 2.68 -29.32
C GLU B 103 44.24 3.13 -28.03
N PHE B 104 42.93 2.92 -27.90
CA PHE B 104 42.25 3.30 -26.67
C PHE B 104 42.71 2.46 -25.50
N GLN B 105 42.57 1.14 -25.58
CA GLN B 105 43.06 0.34 -24.45
C GLN B 105 44.57 0.24 -24.46
N ALA B 106 45.23 0.60 -25.57
CA ALA B 106 46.67 0.79 -25.51
C ALA B 106 47.02 1.94 -24.59
N ASN B 107 46.28 3.05 -24.67
CA ASN B 107 46.41 4.11 -23.69
C ASN B 107 46.02 3.65 -22.30
N GLU B 108 44.99 2.82 -22.16
CA GLU B 108 44.62 2.36 -20.82
C GLU B 108 45.65 1.41 -20.23
N VAL B 109 46.34 0.64 -21.06
CA VAL B 109 47.35 -0.22 -20.49
C VAL B 109 48.63 0.58 -20.25
N ARG B 110 48.87 1.63 -21.03
CA ARG B 110 49.95 2.56 -20.70
C ARG B 110 49.63 3.39 -19.47
N LYS B 111 48.36 3.54 -19.16
CA LYS B 111 47.92 4.31 -18.03
C LYS B 111 48.06 3.54 -16.74
N VAL B 112 48.23 2.21 -16.82
CA VAL B 112 48.26 1.35 -15.65
C VAL B 112 49.63 0.71 -15.47
N LYS B 113 50.40 0.57 -16.55
CA LYS B 113 51.64 -0.19 -16.48
C LYS B 113 52.70 0.53 -15.66
N LYS B 114 52.64 1.87 -15.58
CA LYS B 114 53.63 2.49 -14.71
C LYS B 114 53.16 2.68 -13.28
N TYR B 115 52.49 3.80 -13.03
CA TYR B 115 51.96 4.28 -11.74
C TYR B 115 52.93 4.38 -10.56
N GLU B 116 53.95 3.51 -10.53
CA GLU B 116 55.04 3.34 -9.59
C GLU B 116 54.68 3.71 -8.15
N GLN B 117 53.53 3.24 -7.65
CA GLN B 117 53.17 3.30 -6.24
C GLN B 117 53.12 4.70 -5.64
N GLY B 118 52.10 5.47 -5.98
CA GLY B 118 51.83 6.64 -5.16
C GLY B 118 52.25 7.97 -5.76
N PHE B 119 53.28 7.95 -6.61
CA PHE B 119 53.61 9.09 -7.45
C PHE B 119 52.40 9.27 -8.36
N ILE B 120 51.57 10.25 -8.05
CA ILE B 120 50.34 10.40 -8.81
C ILE B 120 50.66 10.91 -10.21
N THR B 121 50.09 10.26 -11.21
CA THR B 121 50.38 10.65 -12.58
C THR B 121 49.21 11.55 -12.99
N ASP B 122 49.09 11.84 -14.30
CA ASP B 122 48.26 12.78 -15.05
C ASP B 122 47.85 14.02 -14.23
N PRO B 123 48.81 14.84 -13.79
CA PRO B 123 48.42 16.03 -13.04
C PRO B 123 47.92 17.09 -13.98
N VAL B 124 47.43 18.19 -13.44
CA VAL B 124 47.06 19.33 -14.26
C VAL B 124 48.20 20.33 -14.20
N VAL B 125 48.65 20.77 -15.37
CA VAL B 125 49.81 21.65 -15.49
C VAL B 125 49.50 22.73 -16.50
N LEU B 126 50.04 23.93 -16.29
CA LEU B 126 49.65 25.09 -17.07
C LEU B 126 50.84 26.02 -17.25
N SER B 127 50.78 26.83 -18.31
CA SER B 127 51.88 27.68 -18.72
C SER B 127 51.89 28.99 -17.93
N PRO B 128 53.07 29.50 -17.59
CA PRO B 128 53.13 30.67 -16.70
C PRO B 128 52.70 31.98 -17.35
N LYS B 129 52.31 31.96 -18.62
CA LYS B 129 51.93 33.15 -19.35
C LYS B 129 50.40 33.23 -19.46
N ASP B 130 49.72 32.23 -18.90
CA ASP B 130 48.26 32.19 -18.90
C ASP B 130 47.76 32.72 -17.56
N ARG B 131 46.47 32.60 -17.27
CA ARG B 131 45.90 33.18 -16.07
C ARG B 131 44.96 32.18 -15.38
N VAL B 132 44.14 32.71 -14.48
CA VAL B 132 43.43 31.95 -13.45
C VAL B 132 42.28 31.06 -13.95
N ARG B 133 42.09 30.95 -15.26
CA ARG B 133 41.05 30.03 -15.75
C ARG B 133 41.31 28.59 -15.37
N ASP B 134 42.57 28.19 -15.19
CA ASP B 134 42.84 26.84 -14.75
C ASP B 134 42.44 26.63 -13.29
N VAL B 135 42.67 27.61 -12.41
CA VAL B 135 42.23 27.46 -11.03
C VAL B 135 40.73 27.63 -10.93
N PHE B 136 40.11 28.23 -11.94
CA PHE B 136 38.66 28.19 -12.03
C PHE B 136 38.17 26.81 -12.42
N GLU B 137 38.83 26.18 -13.39
CA GLU B 137 38.30 24.98 -14.02
C GLU B 137 38.64 23.73 -13.20
N ALA B 138 39.71 23.79 -12.40
CA ALA B 138 40.09 22.64 -11.59
C ALA B 138 39.13 22.42 -10.44
N LYS B 139 38.43 23.47 -10.00
CA LYS B 139 37.48 23.32 -8.91
C LYS B 139 36.28 22.49 -9.33
N ALA B 140 35.76 22.73 -10.54
CA ALA B 140 34.54 22.05 -10.96
C ALA B 140 34.79 20.64 -11.43
N ARG B 141 35.97 20.33 -11.96
CA ARG B 141 36.22 18.97 -12.44
C ARG B 141 36.81 18.09 -11.36
N HIS B 142 37.70 18.62 -10.53
CA HIS B 142 38.33 17.79 -9.52
C HIS B 142 37.95 18.23 -8.11
N GLY B 143 38.26 19.47 -7.77
CA GLY B 143 38.03 19.96 -6.43
C GLY B 143 39.28 20.32 -5.65
N PHE B 144 40.34 20.71 -6.36
CA PHE B 144 41.56 21.13 -5.67
C PHE B 144 42.18 22.30 -6.41
N CYS B 145 43.27 22.82 -5.85
CA CYS B 145 43.87 24.04 -6.36
C CYS B 145 45.39 24.05 -6.35
N GLY B 146 46.05 22.89 -6.27
CA GLY B 146 47.49 22.85 -6.29
C GLY B 146 48.07 22.45 -7.63
N ILE B 147 48.66 23.39 -8.36
CA ILE B 147 49.09 23.13 -9.73
C ILE B 147 50.55 23.54 -9.90
N PRO B 148 51.40 22.64 -10.41
CA PRO B 148 52.76 23.03 -10.76
C PRO B 148 52.83 23.70 -12.13
N ILE B 149 53.90 24.47 -12.34
CA ILE B 149 54.06 25.23 -13.56
C ILE B 149 55.38 24.83 -14.23
N THR B 150 55.29 24.46 -15.50
CA THR B 150 56.43 24.18 -16.35
C THR B 150 56.48 25.18 -17.50
N ASP B 151 57.55 25.10 -18.30
CA ASP B 151 57.71 25.96 -19.46
C ASP B 151 56.60 25.74 -20.48
N THR B 152 56.61 24.57 -21.08
CA THR B 152 55.86 24.31 -22.30
C THR B 152 54.39 24.05 -22.04
N GLY B 153 53.94 24.06 -20.80
CA GLY B 153 52.59 23.63 -20.51
C GLY B 153 52.38 22.14 -20.63
N ARG B 154 53.44 21.37 -20.80
CA ARG B 154 53.40 19.93 -20.96
C ARG B 154 53.60 19.27 -19.59
N MET B 155 53.63 17.94 -19.56
CA MET B 155 53.81 17.26 -18.30
C MET B 155 55.30 17.19 -17.98
N GLY B 156 56.06 16.55 -18.84
CA GLY B 156 57.48 16.33 -18.62
C GLY B 156 58.37 17.44 -19.12
N SER B 157 58.39 18.59 -18.44
CA SER B 157 59.15 19.72 -18.94
C SER B 157 60.06 20.36 -17.89
N ARG B 158 60.70 21.46 -18.28
CA ARG B 158 61.42 22.34 -17.35
C ARG B 158 60.41 23.14 -16.55
N LEU B 159 60.48 23.02 -15.22
CA LEU B 159 59.48 23.67 -14.39
C LEU B 159 59.73 25.15 -14.28
N VAL B 160 58.68 25.90 -13.96
CA VAL B 160 58.76 27.32 -13.67
C VAL B 160 58.45 27.61 -12.22
N GLY B 161 57.36 27.05 -11.71
CA GLY B 161 57.04 27.25 -10.31
C GLY B 161 55.86 26.40 -9.88
N ILE B 162 55.28 26.79 -8.76
CA ILE B 162 54.18 26.07 -8.13
C ILE B 162 53.07 27.03 -7.72
N ILE B 163 51.83 26.67 -8.04
CA ILE B 163 50.69 27.43 -7.62
C ILE B 163 49.93 26.61 -6.58
N SER B 164 49.42 27.28 -5.56
CA SER B 164 48.78 26.60 -4.45
C SER B 164 47.34 27.12 -4.34
N SER B 165 46.68 26.80 -3.23
CA SER B 165 45.35 27.33 -2.95
C SER B 165 45.43 28.60 -2.12
N ARG B 166 46.63 29.09 -1.87
CA ARG B 166 46.88 30.09 -0.86
C ARG B 166 47.42 31.38 -1.42
N ASP B 167 47.61 31.44 -2.74
CA ASP B 167 48.08 32.62 -3.45
C ASP B 167 46.96 33.25 -4.26
N ILE B 168 45.74 32.78 -4.10
CA ILE B 168 44.65 33.13 -5.01
C ILE B 168 43.45 33.64 -4.24
N ASP B 169 43.67 34.20 -3.05
CA ASP B 169 42.58 34.66 -2.20
C ASP B 169 42.37 36.15 -2.26
N PHE B 170 43.36 36.92 -2.66
CA PHE B 170 43.43 38.34 -2.33
C PHE B 170 43.62 39.22 -3.55
N LEU B 171 42.93 38.91 -4.65
CA LEU B 171 42.98 39.71 -5.87
C LEU B 171 41.62 39.67 -6.56
N LYS B 172 40.96 40.82 -6.61
CA LYS B 172 39.81 40.96 -7.50
C LYS B 172 40.18 41.72 -8.78
N GLU B 173 41.23 41.27 -9.46
CA GLU B 173 41.54 41.78 -10.80
C GLU B 173 42.11 40.69 -11.68
N GLU B 174 41.79 39.44 -11.36
CA GLU B 174 42.52 38.27 -11.85
C GLU B 174 42.15 37.86 -13.27
N GLU B 175 41.04 38.38 -13.81
CA GLU B 175 40.55 37.89 -15.08
C GLU B 175 41.25 38.51 -16.28
N HIS B 176 41.76 39.74 -16.15
CA HIS B 176 42.24 40.47 -17.32
C HIS B 176 43.74 40.18 -17.53
N ASP B 177 44.03 38.88 -17.67
CA ASP B 177 45.33 38.33 -18.05
C ASP B 177 46.44 38.78 -17.10
N CYS B 178 46.22 38.52 -15.82
CA CYS B 178 47.34 38.62 -14.90
C CYS B 178 48.32 37.49 -15.17
N PHE B 179 49.61 37.79 -15.06
CA PHE B 179 50.64 36.83 -15.38
C PHE B 179 51.15 36.23 -14.09
N LEU B 180 51.42 34.94 -14.11
CA LEU B 180 51.60 34.21 -12.86
C LEU B 180 53.04 34.24 -12.36
N GLU B 181 53.96 34.87 -13.09
CA GLU B 181 55.34 34.90 -12.65
C GLU B 181 55.53 35.80 -11.44
N GLU B 182 54.71 36.83 -11.28
CA GLU B 182 54.90 37.79 -10.19
C GLU B 182 54.03 37.46 -8.99
N ILE B 183 53.72 36.18 -8.79
CA ILE B 183 52.97 35.73 -7.62
C ILE B 183 53.82 34.74 -6.83
N MET B 184 54.23 33.66 -7.47
CA MET B 184 54.78 32.50 -6.80
C MET B 184 56.30 32.58 -6.76
N THR B 185 56.94 31.52 -6.26
CA THR B 185 58.39 31.41 -6.18
C THR B 185 58.89 30.44 -7.23
N LYS B 186 60.04 30.77 -7.82
CA LYS B 186 60.44 30.09 -9.03
C LYS B 186 61.14 28.76 -8.78
N ARG B 187 62.35 28.80 -8.22
CA ARG B 187 63.10 27.56 -8.11
C ARG B 187 63.90 27.48 -6.81
N GLU B 188 64.24 28.64 -6.25
CA GLU B 188 65.22 28.77 -5.17
C GLU B 188 64.81 28.07 -3.88
N ASP B 189 63.70 28.49 -3.29
CA ASP B 189 63.21 27.85 -2.07
C ASP B 189 62.38 26.60 -2.35
N LEU B 190 62.26 26.20 -3.62
CA LEU B 190 61.50 25.02 -3.98
C LEU B 190 62.20 23.77 -3.47
N VAL B 191 61.43 22.87 -2.87
CA VAL B 191 61.93 21.57 -2.49
C VAL B 191 61.58 20.60 -3.61
N VAL B 192 62.58 19.85 -4.07
CA VAL B 192 62.42 18.83 -5.12
C VAL B 192 63.31 17.66 -4.74
N ALA B 193 62.73 16.45 -4.74
CA ALA B 193 63.66 15.34 -4.60
C ALA B 193 64.09 14.83 -5.98
N PRO B 194 65.26 14.22 -6.10
CA PRO B 194 65.60 13.54 -7.36
C PRO B 194 64.79 12.26 -7.53
N ALA B 195 64.57 11.91 -8.79
CA ALA B 195 63.61 10.86 -9.13
C ALA B 195 64.21 9.47 -8.93
N GLY B 196 63.40 8.46 -9.23
CA GLY B 196 63.79 7.06 -9.16
C GLY B 196 64.13 6.63 -7.75
N ILE B 197 63.15 6.69 -6.86
CA ILE B 197 63.47 6.74 -5.44
C ILE B 197 62.27 6.28 -4.63
N THR B 198 62.53 5.84 -3.39
CA THR B 198 61.52 5.29 -2.50
C THR B 198 60.67 6.39 -1.91
N LEU B 199 59.71 5.98 -1.06
CA LEU B 199 58.70 6.93 -0.61
C LEU B 199 58.87 7.28 0.87
N LYS B 200 59.56 6.43 1.62
CA LYS B 200 59.80 6.80 3.02
C LYS B 200 60.83 7.91 3.13
N GLU B 201 61.80 7.97 2.22
CA GLU B 201 62.65 9.15 2.14
C GLU B 201 61.84 10.37 1.72
N ALA B 202 60.82 10.16 0.89
CA ALA B 202 59.98 11.24 0.43
C ALA B 202 59.12 11.81 1.54
N ASN B 203 58.53 10.97 2.39
CA ASN B 203 57.71 11.59 3.42
C ASN B 203 58.54 12.13 4.57
N GLU B 204 59.73 11.57 4.84
CA GLU B 204 60.55 12.21 5.86
C GLU B 204 61.12 13.54 5.36
N ILE B 205 61.46 13.64 4.08
CA ILE B 205 61.91 14.93 3.57
C ILE B 205 60.73 15.87 3.38
N LEU B 206 59.51 15.34 3.30
CA LEU B 206 58.36 16.21 3.21
C LEU B 206 58.05 16.82 4.57
N GLN B 207 58.16 16.02 5.63
CA GLN B 207 57.89 16.60 6.93
C GLN B 207 59.08 17.39 7.46
N ARG B 208 60.25 17.25 6.85
CA ARG B 208 61.25 18.28 7.13
C ARG B 208 61.20 19.38 6.09
N SER B 209 60.26 19.31 5.16
CA SER B 209 59.91 20.44 4.32
C SER B 209 58.65 21.17 4.76
N LYS B 210 57.71 20.45 5.37
CA LYS B 210 56.43 20.97 5.86
C LYS B 210 55.59 21.63 4.78
N LYS B 211 55.79 21.26 3.53
CA LYS B 211 55.16 21.97 2.44
C LYS B 211 54.17 21.04 1.72
N GLY B 212 53.23 21.64 0.98
CA GLY B 212 52.05 20.91 0.55
C GLY B 212 52.32 19.83 -0.48
N LYS B 213 53.06 20.16 -1.53
CA LYS B 213 53.29 19.22 -2.62
C LYS B 213 54.77 18.95 -2.76
N LEU B 214 55.10 18.02 -3.63
CA LEU B 214 56.51 17.78 -3.92
C LEU B 214 56.66 17.30 -5.35
N PRO B 215 56.81 18.21 -6.30
CA PRO B 215 57.22 17.81 -7.64
C PRO B 215 58.65 17.31 -7.60
N ILE B 216 58.88 16.14 -8.17
CA ILE B 216 60.23 15.58 -8.22
C ILE B 216 60.67 15.52 -9.68
N VAL B 217 61.95 15.79 -9.91
CA VAL B 217 62.51 15.83 -11.26
C VAL B 217 63.72 14.90 -11.33
N ASN B 218 64.29 14.80 -12.53
CA ASN B 218 65.49 14.03 -12.78
C ASN B 218 66.73 14.81 -12.38
N GLU B 219 67.87 14.40 -12.92
CA GLU B 219 69.10 15.15 -12.72
C GLU B 219 69.07 16.49 -13.44
N ASP B 220 68.36 16.60 -14.56
CA ASP B 220 68.48 17.76 -15.45
C ASP B 220 67.16 18.52 -15.47
N ASP B 221 66.50 18.56 -14.31
CA ASP B 221 65.36 19.42 -14.02
C ASP B 221 64.17 19.20 -14.95
N GLU B 222 64.03 17.99 -15.46
CA GLU B 222 62.88 17.63 -16.29
C GLU B 222 61.86 16.94 -15.39
N LEU B 223 60.64 17.47 -15.37
CA LEU B 223 59.61 16.99 -14.46
C LEU B 223 59.20 15.57 -14.82
N VAL B 224 59.07 14.74 -13.78
CA VAL B 224 58.60 13.38 -13.99
C VAL B 224 57.36 13.08 -13.15
N ALA B 225 57.32 13.54 -11.90
CA ALA B 225 56.19 13.15 -11.04
C ALA B 225 55.92 14.21 -9.99
N ILE B 226 54.98 13.89 -9.09
CA ILE B 226 54.36 14.84 -8.16
C ILE B 226 53.74 14.05 -7.02
N ILE B 227 53.89 14.57 -5.80
CA ILE B 227 53.39 13.94 -4.59
C ILE B 227 52.53 14.92 -3.80
N ALA B 228 51.35 14.47 -3.38
CA ALA B 228 50.51 15.21 -2.47
C ALA B 228 50.61 14.59 -1.09
N ARG B 229 50.78 15.44 -0.07
CA ARG B 229 50.91 14.95 1.29
C ARG B 229 49.57 14.48 1.86
N THR B 230 48.47 14.91 1.24
CA THR B 230 47.16 14.45 1.66
C THR B 230 47.00 12.96 1.47
N ASP B 231 47.23 12.47 0.26
CA ASP B 231 47.10 11.05 0.02
C ASP B 231 48.35 10.27 0.42
N LEU B 232 49.46 10.95 0.69
CA LEU B 232 50.60 10.24 1.24
C LEU B 232 50.35 9.81 2.68
N LYS B 233 49.50 10.54 3.40
CA LYS B 233 48.94 9.99 4.63
C LYS B 233 48.06 8.78 4.34
N LYS B 234 47.32 8.80 3.25
CA LYS B 234 46.44 7.70 2.93
C LYS B 234 47.14 6.51 2.29
N ASN B 235 48.39 6.68 1.87
CA ASN B 235 49.05 5.61 1.12
C ASN B 235 49.45 4.50 2.07
N ARG B 236 48.56 3.53 2.22
CA ARG B 236 48.83 2.37 3.05
C ARG B 236 49.89 1.50 2.41
N ASP B 237 50.50 0.66 3.22
CA ASP B 237 51.42 -0.33 2.71
C ASP B 237 50.62 -1.39 1.98
N TYR B 238 51.11 -1.82 0.81
CA TYR B 238 50.38 -2.71 -0.08
C TYR B 238 51.27 -3.92 -0.32
N PRO B 239 51.40 -4.82 0.66
CA PRO B 239 52.42 -5.88 0.59
C PRO B 239 52.15 -6.92 -0.47
N LEU B 240 50.94 -7.43 -0.51
CA LEU B 240 50.59 -8.45 -1.49
C LEU B 240 50.25 -7.71 -2.78
N ALA B 241 51.24 -7.47 -3.63
CA ALA B 241 51.05 -6.49 -4.67
C ALA B 241 51.21 -7.01 -6.09
N SER B 242 51.95 -8.11 -6.29
CA SER B 242 52.19 -8.74 -7.59
C SER B 242 52.78 -7.78 -8.62
N LYS B 243 54.00 -7.33 -8.40
CA LYS B 243 54.76 -6.56 -9.37
C LYS B 243 55.76 -7.48 -10.07
N ASP B 244 56.17 -7.11 -11.28
CA ASP B 244 56.96 -8.02 -12.10
C ASP B 244 58.47 -7.92 -11.85
N ALA B 245 59.26 -8.48 -12.77
CA ALA B 245 60.71 -8.43 -12.68
C ALA B 245 61.25 -7.02 -12.78
N LYS B 246 60.57 -6.15 -13.52
CA LYS B 246 61.00 -4.76 -13.60
C LYS B 246 60.28 -3.94 -12.54
N LYS B 247 59.71 -4.61 -11.54
CA LYS B 247 58.96 -4.01 -10.43
C LYS B 247 57.81 -3.14 -10.90
N GLN B 248 57.21 -3.51 -12.01
CA GLN B 248 55.97 -2.89 -12.44
C GLN B 248 54.82 -3.83 -12.12
N LEU B 249 53.74 -3.25 -11.61
CA LEU B 249 52.57 -4.04 -11.23
C LEU B 249 51.89 -4.57 -12.47
N LEU B 250 51.54 -5.86 -12.42
CA LEU B 250 51.16 -6.61 -13.61
C LEU B 250 49.80 -6.17 -14.15
N CYS B 251 49.68 -6.07 -15.46
CA CYS B 251 48.37 -5.80 -16.05
C CYS B 251 48.21 -6.55 -17.36
N GLY B 252 47.10 -7.28 -17.48
CA GLY B 252 46.85 -8.12 -18.63
C GLY B 252 45.72 -7.61 -19.48
N ALA B 253 45.41 -8.29 -20.58
CA ALA B 253 44.54 -7.68 -21.58
C ALA B 253 43.95 -8.73 -22.48
N ALA B 254 42.68 -8.53 -22.83
CA ALA B 254 41.99 -9.44 -23.71
C ALA B 254 42.06 -8.95 -25.15
N ILE B 255 41.91 -9.89 -26.08
CA ILE B 255 41.96 -9.60 -27.50
C ILE B 255 40.87 -10.40 -28.20
N GLY B 256 40.69 -10.13 -29.48
CA GLY B 256 39.65 -10.78 -30.24
C GLY B 256 40.14 -12.05 -30.91
N THR B 257 39.50 -12.47 -31.99
CA THR B 257 39.92 -13.70 -32.64
C THR B 257 40.01 -13.51 -34.14
N HIS B 258 39.27 -12.55 -34.67
CA HIS B 258 39.29 -12.29 -36.10
C HIS B 258 40.63 -11.71 -36.54
N GLU B 259 41.00 -11.98 -37.80
CA GLU B 259 42.37 -11.81 -38.31
C GLU B 259 42.82 -10.36 -38.28
N ASP B 260 41.88 -9.42 -38.27
CA ASP B 260 42.26 -8.02 -38.11
C ASP B 260 42.64 -7.67 -36.68
N ASP B 261 42.59 -8.60 -35.75
CA ASP B 261 43.05 -8.33 -34.40
C ASP B 261 44.50 -8.72 -34.19
N LYS B 262 45.18 -9.25 -35.22
CA LYS B 262 46.63 -9.34 -35.13
C LYS B 262 47.26 -7.97 -35.01
N TYR B 263 46.68 -6.98 -35.68
CA TYR B 263 47.04 -5.60 -35.46
C TYR B 263 46.68 -5.13 -34.07
N ARG B 264 45.61 -5.65 -33.50
CA ARG B 264 45.30 -5.34 -32.10
C ARG B 264 46.28 -5.98 -31.15
N LEU B 265 46.88 -7.09 -31.53
CA LEU B 265 47.77 -7.77 -30.61
C LEU B 265 49.16 -7.17 -30.67
N ASP B 266 49.56 -6.72 -31.86
CA ASP B 266 50.94 -6.32 -32.03
C ASP B 266 51.28 -5.04 -31.31
N LEU B 267 50.37 -4.07 -31.30
CA LEU B 267 50.74 -2.80 -30.69
C LEU B 267 50.75 -2.88 -29.18
N LEU B 268 49.97 -3.76 -28.57
CA LEU B 268 50.06 -3.83 -27.13
C LEU B 268 51.09 -4.86 -26.72
N ALA B 269 51.51 -5.73 -27.63
CA ALA B 269 52.75 -6.46 -27.40
C ALA B 269 53.91 -5.49 -27.39
N GLN B 270 53.91 -4.53 -28.31
CA GLN B 270 54.88 -3.44 -28.27
C GLN B 270 54.69 -2.56 -27.04
N ALA B 271 53.46 -2.45 -26.54
CA ALA B 271 53.27 -1.79 -25.26
C ALA B 271 53.77 -2.63 -24.10
N GLY B 272 53.94 -3.93 -24.29
CA GLY B 272 54.55 -4.77 -23.27
C GLY B 272 53.57 -5.32 -22.26
N VAL B 273 52.45 -5.84 -22.73
CA VAL B 273 51.50 -6.50 -21.85
C VAL B 273 52.08 -7.84 -21.40
N ASP B 274 51.82 -8.18 -20.15
CA ASP B 274 52.45 -9.33 -19.50
C ASP B 274 51.86 -10.67 -19.93
N VAL B 275 50.54 -10.84 -19.87
CA VAL B 275 49.84 -12.00 -20.40
C VAL B 275 48.58 -11.53 -21.09
N VAL B 276 48.06 -12.36 -21.99
CA VAL B 276 46.79 -12.07 -22.63
C VAL B 276 45.84 -13.24 -22.46
N VAL B 277 44.57 -12.93 -22.34
CA VAL B 277 43.49 -13.89 -22.37
C VAL B 277 42.77 -13.60 -23.66
N LEU B 278 42.09 -14.58 -24.22
CA LEU B 278 41.35 -14.27 -25.44
C LEU B 278 39.89 -14.60 -25.18
N ASP B 279 39.08 -13.56 -25.12
CA ASP B 279 37.66 -13.69 -24.85
C ASP B 279 37.00 -14.31 -26.05
N SER B 280 36.43 -15.50 -25.87
CA SER B 280 35.61 -16.10 -26.89
C SER B 280 34.33 -16.59 -26.24
N SER B 281 33.31 -16.76 -27.06
CA SER B 281 32.09 -17.39 -26.56
C SER B 281 32.31 -18.82 -26.18
N GLN B 282 33.14 -19.52 -26.96
CA GLN B 282 33.39 -20.93 -26.75
C GLN B 282 34.67 -21.26 -27.50
N GLY B 283 35.61 -21.89 -26.82
CA GLY B 283 36.97 -21.85 -27.29
C GLY B 283 37.57 -23.07 -27.91
N ASN B 284 36.81 -23.80 -28.71
CA ASN B 284 37.36 -24.91 -29.46
C ASN B 284 37.25 -24.63 -30.95
N SER B 285 37.55 -23.40 -31.32
CA SER B 285 37.49 -23.02 -32.73
C SER B 285 38.76 -23.48 -33.41
N ILE B 286 38.72 -23.49 -34.74
CA ILE B 286 39.98 -23.52 -35.45
C ILE B 286 40.69 -22.18 -35.28
N PHE B 287 39.93 -21.12 -34.99
CA PHE B 287 40.47 -19.78 -35.01
C PHE B 287 41.37 -19.52 -33.81
N GLN B 288 40.99 -20.03 -32.64
CA GLN B 288 41.82 -19.81 -31.46
C GLN B 288 43.11 -20.60 -31.54
N ILE B 289 43.05 -21.82 -32.09
CA ILE B 289 44.26 -22.58 -32.36
C ILE B 289 45.16 -21.85 -33.34
N ASN B 290 44.58 -21.29 -34.41
CA ASN B 290 45.37 -20.51 -35.35
C ASN B 290 45.99 -19.29 -34.70
N MET B 291 45.28 -18.66 -33.77
CA MET B 291 45.82 -17.45 -33.18
C MET B 291 46.90 -17.75 -32.15
N ILE B 292 46.78 -18.84 -31.39
CA ILE B 292 47.87 -19.13 -30.46
C ILE B 292 49.09 -19.64 -31.21
N LYS B 293 48.88 -20.27 -32.38
CA LYS B 293 50.04 -20.59 -33.19
C LYS B 293 50.65 -19.34 -33.81
N TYR B 294 49.84 -18.32 -34.07
CA TYR B 294 50.37 -17.03 -34.47
C TYR B 294 51.09 -16.32 -33.34
N ILE B 295 50.73 -16.62 -32.09
CA ILE B 295 51.36 -15.92 -30.98
C ILE B 295 52.68 -16.57 -30.60
N LYS B 296 52.69 -17.88 -30.38
CA LYS B 296 53.83 -18.48 -29.69
C LYS B 296 55.08 -18.59 -30.56
N ASP B 297 54.94 -18.47 -31.87
CA ASP B 297 56.13 -18.38 -32.69
C ASP B 297 56.71 -16.97 -32.72
N LYS B 298 55.92 -15.96 -32.37
CA LYS B 298 56.39 -14.58 -32.37
C LYS B 298 56.85 -14.11 -31.01
N TYR B 299 56.07 -14.34 -29.97
CA TYR B 299 56.21 -13.64 -28.70
C TYR B 299 56.36 -14.68 -27.60
N PRO B 300 57.56 -15.27 -27.47
CA PRO B 300 57.68 -16.46 -26.62
C PRO B 300 57.62 -16.17 -25.15
N ASN B 301 58.10 -15.03 -24.70
CA ASN B 301 57.94 -14.70 -23.30
C ASN B 301 56.51 -14.32 -22.95
N LEU B 302 55.74 -13.89 -23.94
CA LEU B 302 54.34 -13.58 -23.72
C LEU B 302 53.55 -14.88 -23.55
N GLN B 303 52.54 -14.84 -22.69
CA GLN B 303 51.77 -16.03 -22.33
C GLN B 303 50.28 -15.81 -22.53
N VAL B 304 49.59 -16.87 -22.92
CA VAL B 304 48.22 -16.77 -23.38
C VAL B 304 47.31 -17.58 -22.46
N ILE B 305 46.06 -17.15 -22.37
CA ILE B 305 45.05 -17.87 -21.61
C ILE B 305 44.02 -18.35 -22.61
N GLY B 306 43.71 -19.62 -22.57
CA GLY B 306 42.75 -20.19 -23.47
C GLY B 306 41.38 -20.14 -22.86
N GLY B 307 40.38 -20.17 -23.72
CA GLY B 307 39.03 -20.10 -23.22
C GLY B 307 38.08 -19.71 -24.33
N ASN B 308 36.79 -19.89 -24.05
CA ASN B 308 36.30 -20.54 -22.84
C ASN B 308 36.13 -22.02 -23.00
N VAL B 309 36.96 -22.75 -22.30
CA VAL B 309 36.84 -24.19 -22.21
C VAL B 309 35.68 -24.44 -21.29
N VAL B 310 34.93 -25.50 -21.56
CA VAL B 310 33.90 -25.87 -20.62
C VAL B 310 34.10 -27.31 -20.22
N THR B 311 34.62 -28.10 -21.14
CA THR B 311 34.79 -29.52 -20.87
C THR B 311 36.12 -30.02 -21.37
N ALA B 312 36.41 -31.26 -21.00
CA ALA B 312 37.76 -31.78 -21.12
C ALA B 312 38.14 -31.97 -22.58
N ALA B 313 37.16 -32.27 -23.41
CA ALA B 313 37.40 -32.54 -24.82
C ALA B 313 37.92 -31.34 -25.57
N GLN B 314 37.63 -30.12 -25.12
CA GLN B 314 38.36 -29.01 -25.68
C GLN B 314 39.46 -28.50 -24.78
N ALA B 315 39.58 -29.02 -23.57
CA ALA B 315 40.79 -28.71 -22.84
C ALA B 315 42.00 -29.34 -23.49
N LYS B 316 41.84 -30.55 -24.05
CA LYS B 316 42.94 -31.16 -24.77
C LYS B 316 43.33 -30.34 -25.98
N ASN B 317 42.34 -29.96 -26.80
CA ASN B 317 42.65 -29.27 -28.04
C ASN B 317 43.13 -27.85 -27.85
N LEU B 318 43.20 -27.36 -26.62
CA LEU B 318 43.94 -26.13 -26.38
C LEU B 318 45.30 -26.37 -25.75
N ILE B 319 45.40 -27.24 -24.73
CA ILE B 319 46.68 -27.29 -24.04
C ILE B 319 47.69 -28.13 -24.82
N ASP B 320 47.22 -29.10 -25.59
CA ASP B 320 48.16 -29.70 -26.51
C ASP B 320 48.26 -28.95 -27.81
N ALA B 321 47.51 -27.87 -27.97
CA ALA B 321 47.83 -26.89 -28.98
C ALA B 321 48.88 -25.91 -28.51
N GLY B 322 49.11 -25.82 -27.21
CA GLY B 322 50.22 -25.05 -26.71
C GLY B 322 49.83 -23.91 -25.81
N VAL B 323 48.55 -23.83 -25.45
CA VAL B 323 48.08 -22.70 -24.66
C VAL B 323 48.58 -22.85 -23.23
N ASP B 324 48.50 -21.78 -22.46
CA ASP B 324 49.18 -21.77 -21.19
C ASP B 324 48.24 -21.76 -19.99
N ALA B 325 47.02 -21.26 -20.12
CA ALA B 325 46.05 -21.40 -19.03
C ALA B 325 44.65 -21.39 -19.60
N LEU B 326 43.70 -21.85 -18.80
CA LEU B 326 42.33 -21.99 -19.27
C LEU B 326 41.40 -21.17 -18.41
N ARG B 327 40.45 -20.53 -19.07
CA ARG B 327 39.48 -19.66 -18.44
C ARG B 327 38.11 -20.27 -18.70
N VAL B 328 37.53 -20.94 -17.70
CA VAL B 328 36.50 -21.91 -18.01
C VAL B 328 35.10 -21.54 -17.53
N GLY B 329 34.12 -22.24 -18.06
CA GLY B 329 32.74 -22.05 -17.71
C GLY B 329 32.05 -21.10 -18.66
N MET B 330 31.08 -21.56 -19.43
CA MET B 330 30.25 -20.62 -20.16
C MET B 330 28.81 -20.85 -19.77
N GLY B 331 28.00 -19.83 -20.00
CA GLY B 331 26.62 -19.93 -19.64
C GLY B 331 26.34 -19.76 -18.18
N SER B 332 27.35 -19.47 -17.38
CA SER B 332 27.18 -19.34 -15.95
C SER B 332 27.30 -17.92 -15.47
N GLY B 333 27.32 -16.98 -16.38
CA GLY B 333 27.53 -15.61 -15.98
C GLY B 333 26.27 -14.99 -15.44
N SER B 334 26.48 -14.02 -14.55
CA SER B 334 25.36 -13.31 -13.97
C SER B 334 24.67 -12.41 -14.96
N ILE B 335 25.31 -12.12 -16.07
CA ILE B 335 24.74 -11.32 -17.14
C ILE B 335 24.37 -12.20 -18.32
N CYS B 336 24.77 -13.46 -18.27
CA CYS B 336 24.75 -14.33 -19.43
C CYS B 336 23.39 -14.96 -19.64
N ILE B 337 22.96 -15.05 -20.89
CA ILE B 337 21.80 -15.82 -21.25
C ILE B 337 22.07 -16.82 -22.35
N THR B 338 23.28 -17.34 -22.45
CA THR B 338 23.57 -18.34 -23.47
C THR B 338 22.77 -19.60 -23.28
N GLN B 339 22.75 -20.14 -22.07
CA GLN B 339 22.07 -21.40 -21.82
C GLN B 339 20.57 -21.29 -22.00
N GLU B 340 20.01 -20.11 -21.86
CA GLU B 340 18.62 -19.92 -22.15
C GLU B 340 18.38 -19.70 -23.63
N VAL B 341 19.43 -19.42 -24.40
CA VAL B 341 19.26 -19.06 -25.81
C VAL B 341 20.05 -19.98 -26.73
N LEU B 342 21.32 -20.21 -26.46
CA LEU B 342 22.12 -20.98 -27.39
C LEU B 342 22.13 -22.46 -27.09
N ALA B 343 21.53 -22.86 -25.99
CA ALA B 343 21.39 -24.26 -25.56
C ALA B 343 22.71 -24.97 -25.38
N CYS B 344 23.78 -24.24 -25.16
CA CYS B 344 25.05 -24.87 -24.93
C CYS B 344 25.51 -24.52 -23.52
N GLY B 345 26.73 -24.89 -23.17
CA GLY B 345 27.19 -24.62 -21.82
C GLY B 345 27.08 -25.84 -20.91
N ARG B 346 27.56 -25.71 -19.69
CA ARG B 346 27.31 -26.70 -18.67
C ARG B 346 27.34 -25.97 -17.34
N PRO B 347 26.75 -26.54 -16.29
CA PRO B 347 26.77 -25.87 -15.00
C PRO B 347 28.19 -25.74 -14.47
N GLN B 348 28.38 -24.71 -13.65
CA GLN B 348 29.71 -24.16 -13.45
C GLN B 348 30.60 -25.08 -12.64
N ALA B 349 30.09 -25.65 -11.56
CA ALA B 349 30.97 -26.38 -10.66
C ALA B 349 31.39 -27.70 -11.25
N THR B 350 30.55 -28.35 -12.05
CA THR B 350 31.07 -29.52 -12.72
C THR B 350 32.06 -29.15 -13.81
N ALA B 351 31.97 -27.94 -14.34
CA ALA B 351 32.95 -27.54 -15.33
C ALA B 351 34.30 -27.29 -14.72
N VAL B 352 34.36 -26.55 -13.62
CA VAL B 352 35.68 -26.29 -13.06
C VAL B 352 36.29 -27.50 -12.38
N TYR B 353 35.55 -28.59 -12.23
CA TYR B 353 36.19 -29.80 -11.77
C TYR B 353 36.62 -30.68 -12.92
N LYS B 354 35.76 -30.89 -13.90
CA LYS B 354 36.17 -31.76 -14.98
C LYS B 354 37.15 -31.10 -15.92
N VAL B 355 37.29 -29.78 -15.85
CA VAL B 355 38.42 -29.21 -16.56
C VAL B 355 39.68 -29.42 -15.77
N SER B 356 39.67 -29.06 -14.50
CA SER B 356 40.90 -29.02 -13.72
C SER B 356 41.44 -30.41 -13.44
N GLU B 357 40.61 -31.44 -13.45
CA GLU B 357 41.16 -32.76 -13.25
C GLU B 357 41.82 -33.25 -14.53
N TYR B 358 41.51 -32.61 -15.65
CA TYR B 358 42.26 -32.89 -16.84
C TYR B 358 43.44 -31.96 -16.99
N ALA B 359 43.31 -30.73 -16.53
CA ALA B 359 44.37 -29.75 -16.72
C ALA B 359 45.51 -30.00 -15.76
N ARG B 360 45.25 -30.70 -14.67
CA ARG B 360 46.29 -30.99 -13.70
C ARG B 360 47.27 -31.98 -14.31
N ARG B 361 46.79 -32.81 -15.23
CA ARG B 361 47.63 -33.81 -15.87
C ARG B 361 48.68 -33.20 -16.77
N PHE B 362 48.52 -31.94 -17.16
CA PHE B 362 49.56 -31.29 -17.93
C PHE B 362 50.02 -30.00 -17.28
N GLY B 363 49.79 -29.85 -15.98
CA GLY B 363 50.35 -28.79 -15.18
C GLY B 363 49.94 -27.40 -15.62
N VAL B 364 48.67 -27.23 -15.93
CA VAL B 364 48.17 -25.95 -16.39
C VAL B 364 47.02 -25.49 -15.51
N PRO B 365 47.12 -24.33 -14.89
CA PRO B 365 46.05 -23.86 -14.01
C PRO B 365 44.83 -23.46 -14.81
N VAL B 366 43.77 -23.18 -14.08
CA VAL B 366 42.45 -23.01 -14.66
C VAL B 366 41.72 -21.89 -13.95
N ILE B 367 41.15 -21.00 -14.75
CA ILE B 367 40.45 -19.83 -14.25
C ILE B 367 38.97 -20.14 -14.29
N ALA B 368 38.25 -19.78 -13.25
CA ALA B 368 36.81 -19.99 -13.22
C ALA B 368 36.10 -18.69 -13.55
N ASP B 369 35.01 -18.78 -14.30
CA ASP B 369 34.19 -17.61 -14.57
C ASP B 369 32.76 -17.85 -14.16
N GLY B 370 32.14 -16.81 -13.67
CA GLY B 370 30.69 -16.86 -13.70
C GLY B 370 30.10 -17.61 -12.54
N GLY B 371 28.91 -17.18 -12.14
CA GLY B 371 28.27 -17.80 -11.02
C GLY B 371 28.86 -17.42 -9.68
N ILE B 372 29.83 -16.52 -9.66
CA ILE B 372 30.41 -16.07 -8.42
C ILE B 372 29.54 -14.93 -7.93
N GLN B 373 28.96 -15.10 -6.76
CA GLN B 373 28.08 -14.11 -6.18
C GLN B 373 28.58 -13.58 -4.86
N ASN B 374 29.04 -14.47 -4.01
CA ASN B 374 29.56 -14.16 -2.69
C ASN B 374 30.96 -14.73 -2.57
N VAL B 375 31.54 -14.64 -1.38
CA VAL B 375 32.90 -15.13 -1.21
C VAL B 375 32.98 -16.63 -1.13
N GLY B 376 31.96 -17.29 -0.58
CA GLY B 376 32.00 -18.73 -0.43
C GLY B 376 31.92 -19.47 -1.75
N HIS B 377 31.33 -18.84 -2.76
CA HIS B 377 31.41 -19.42 -4.09
C HIS B 377 32.84 -19.53 -4.56
N ILE B 378 33.68 -18.53 -4.28
CA ILE B 378 35.04 -18.63 -4.80
C ILE B 378 35.83 -19.58 -3.93
N ALA B 379 35.42 -19.75 -2.68
CA ALA B 379 36.06 -20.73 -1.83
C ALA B 379 35.79 -22.13 -2.34
N LYS B 380 34.56 -22.41 -2.74
CA LYS B 380 34.31 -23.70 -3.36
C LYS B 380 34.93 -23.81 -4.73
N ALA B 381 35.04 -22.69 -5.46
CA ALA B 381 35.54 -22.75 -6.82
C ALA B 381 37.00 -23.14 -6.86
N LEU B 382 37.83 -22.41 -6.13
CA LEU B 382 39.22 -22.84 -6.12
C LEU B 382 39.39 -24.06 -5.24
N ALA B 383 38.44 -24.36 -4.37
CA ALA B 383 38.52 -25.61 -3.66
C ALA B 383 38.20 -26.80 -4.53
N LEU B 384 37.61 -26.60 -5.70
CA LEU B 384 37.37 -27.75 -6.56
C LEU B 384 38.52 -28.06 -7.48
N GLY B 385 39.54 -27.23 -7.52
CA GLY B 385 40.62 -27.53 -8.43
C GLY B 385 40.96 -26.37 -9.32
N ALA B 386 40.18 -25.31 -9.21
CA ALA B 386 40.56 -24.07 -9.85
C ALA B 386 41.74 -23.48 -9.09
N SER B 387 42.47 -22.62 -9.76
CA SER B 387 43.56 -21.92 -9.12
C SER B 387 43.19 -20.52 -8.72
N THR B 388 42.56 -19.79 -9.60
CA THR B 388 42.10 -18.44 -9.31
C THR B 388 40.89 -18.11 -10.16
N VAL B 389 40.05 -17.23 -9.66
CA VAL B 389 38.65 -17.15 -10.04
C VAL B 389 38.32 -15.73 -10.45
N MET B 390 37.68 -15.60 -11.61
CA MET B 390 37.62 -14.34 -12.32
C MET B 390 36.18 -13.85 -12.33
N MET B 391 35.92 -12.73 -11.68
CA MET B 391 34.56 -12.41 -11.27
C MET B 391 34.04 -11.14 -11.91
N GLY B 392 32.80 -11.20 -12.37
CA GLY B 392 32.25 -10.18 -13.22
C GLY B 392 31.17 -9.30 -12.63
N SER B 393 30.32 -9.84 -11.79
CA SER B 393 29.28 -8.98 -11.26
C SER B 393 29.71 -8.23 -10.02
N LEU B 394 30.21 -8.92 -9.01
CA LEU B 394 30.41 -8.28 -7.72
C LEU B 394 31.64 -7.39 -7.69
N LEU B 395 32.49 -7.48 -8.70
CA LEU B 395 33.53 -6.48 -8.86
C LEU B 395 33.08 -5.34 -9.73
N ALA B 396 31.90 -5.42 -10.31
CA ALA B 396 31.35 -4.25 -10.96
C ALA B 396 30.61 -3.42 -9.94
N ALA B 397 30.21 -2.22 -10.36
CA ALA B 397 29.56 -1.20 -9.54
C ALA B 397 30.38 -0.90 -8.30
N THR B 398 31.59 -0.41 -8.53
CA THR B 398 32.48 0.01 -7.48
C THR B 398 32.81 1.49 -7.66
N THR B 399 33.68 1.98 -6.78
CA THR B 399 34.32 3.26 -7.04
C THR B 399 35.18 3.17 -8.28
N GLU B 400 35.87 2.06 -8.45
CA GLU B 400 36.84 1.88 -9.50
C GLU B 400 36.23 1.30 -10.76
N ALA B 401 34.96 1.10 -10.77
CA ALA B 401 34.32 0.69 -11.99
C ALA B 401 34.15 1.88 -12.92
N PRO B 402 34.27 1.67 -14.22
CA PRO B 402 34.13 2.79 -15.15
C PRO B 402 32.70 3.29 -15.29
N GLY B 403 32.52 4.30 -16.14
CA GLY B 403 31.24 4.98 -16.16
C GLY B 403 31.09 5.81 -14.89
N GLU B 404 29.84 6.03 -14.49
CA GLU B 404 29.58 6.75 -13.26
C GLU B 404 28.26 6.28 -12.70
N TYR B 405 27.96 6.73 -11.49
CA TYR B 405 26.76 6.32 -10.80
C TYR B 405 25.55 7.05 -11.36
N PHE B 406 24.38 6.48 -11.10
CA PHE B 406 23.13 7.17 -11.29
C PHE B 406 22.12 6.52 -10.37
N PHE B 407 21.19 7.31 -9.88
CA PHE B 407 20.30 6.83 -8.85
C PHE B 407 19.03 6.26 -9.46
N SER B 408 18.46 5.31 -8.75
CA SER B 408 17.20 4.69 -9.13
C SER B 408 16.49 4.31 -7.86
N ASP B 409 15.34 4.94 -7.62
CA ASP B 409 14.49 4.71 -6.44
C ASP B 409 15.27 4.94 -5.14
N GLY B 410 16.22 5.86 -5.18
CA GLY B 410 17.05 6.07 -4.03
C GLY B 410 18.08 5.00 -3.79
N ILE B 411 18.51 4.29 -4.83
CA ILE B 411 19.59 3.33 -4.71
C ILE B 411 20.70 3.74 -5.66
N ARG B 412 21.91 3.88 -5.14
CA ARG B 412 23.04 4.26 -5.97
C ARG B 412 23.54 3.04 -6.71
N LEU B 413 23.62 3.12 -8.05
CA LEU B 413 23.94 1.95 -8.84
C LEU B 413 24.53 2.35 -10.20
N LYS B 414 25.43 1.50 -10.70
CA LYS B 414 26.02 1.67 -12.02
C LYS B 414 25.46 0.63 -12.95
N LYS B 415 25.48 0.92 -14.25
CA LYS B 415 25.09 -0.10 -15.19
C LYS B 415 26.15 -1.20 -15.28
N TYR B 416 25.70 -2.38 -15.66
CA TYR B 416 26.56 -3.54 -15.86
C TYR B 416 26.03 -4.33 -17.04
N ARG B 417 26.84 -4.46 -18.06
CA ARG B 417 26.38 -4.88 -19.37
C ARG B 417 27.30 -5.94 -19.90
N GLY B 418 26.73 -7.01 -20.42
CA GLY B 418 27.54 -8.12 -20.84
C GLY B 418 28.07 -7.91 -22.23
N MET B 419 29.06 -8.70 -22.63
CA MET B 419 29.64 -8.52 -23.94
C MET B 419 28.73 -8.99 -25.04
N GLY B 420 27.98 -10.05 -24.82
CA GLY B 420 27.12 -10.53 -25.87
C GLY B 420 25.81 -9.80 -26.03
N SER B 421 25.56 -8.79 -25.20
CA SER B 421 24.34 -8.03 -25.36
C SER B 421 24.44 -7.19 -26.63
N LEU B 422 23.28 -6.95 -27.22
CA LEU B 422 23.28 -6.14 -28.43
C LEU B 422 23.46 -4.67 -28.15
N ASP B 423 23.49 -4.27 -26.88
CA ASP B 423 23.93 -2.93 -26.54
C ASP B 423 25.44 -2.85 -26.39
N ALA B 424 26.18 -3.89 -26.76
CA ALA B 424 27.62 -3.80 -26.87
C ALA B 424 28.08 -3.62 -28.30
N MET B 425 27.16 -3.37 -29.23
CA MET B 425 27.51 -3.10 -30.62
C MET B 425 26.96 -1.76 -31.07
N ILE B 442 22.57 -10.50 -39.33
CA ILE B 442 21.66 -10.29 -38.21
C ILE B 442 22.33 -10.74 -36.92
N LYS B 443 22.37 -9.84 -35.96
CA LYS B 443 23.10 -10.03 -34.71
C LYS B 443 22.18 -10.62 -33.64
N VAL B 444 22.74 -11.57 -32.88
CA VAL B 444 21.98 -12.32 -31.89
C VAL B 444 22.44 -11.84 -30.53
N ALA B 445 21.67 -12.14 -29.49
CA ALA B 445 21.97 -11.67 -28.14
C ALA B 445 22.47 -12.84 -27.34
N GLN B 446 23.62 -12.68 -26.71
CA GLN B 446 24.07 -13.64 -25.70
C GLN B 446 24.33 -12.96 -24.38
N GLY B 447 23.66 -11.85 -24.11
CA GLY B 447 23.83 -11.16 -22.85
C GLY B 447 22.80 -10.07 -22.75
N VAL B 448 22.65 -9.52 -21.55
CA VAL B 448 21.71 -8.45 -21.34
C VAL B 448 22.44 -7.28 -20.71
N SER B 449 21.70 -6.25 -20.37
CA SER B 449 22.28 -5.07 -19.77
C SER B 449 21.51 -4.72 -18.51
N GLY B 450 22.21 -4.68 -17.40
CA GLY B 450 21.54 -4.45 -16.15
C GLY B 450 22.30 -3.48 -15.26
N ALA B 451 21.87 -3.37 -14.02
CA ALA B 451 22.53 -2.49 -13.09
C ALA B 451 22.75 -3.22 -11.79
N VAL B 452 23.79 -2.80 -11.07
CA VAL B 452 24.21 -3.49 -9.86
C VAL B 452 24.30 -2.46 -8.76
N GLN B 453 23.71 -2.79 -7.61
CA GLN B 453 23.83 -1.96 -6.42
C GLN B 453 25.28 -1.87 -5.98
N ASP B 454 25.72 -0.66 -5.67
CA ASP B 454 27.15 -0.37 -5.52
C ASP B 454 27.72 -0.95 -4.24
N LYS B 455 29.05 -1.05 -4.22
CA LYS B 455 29.76 -1.53 -3.03
C LYS B 455 30.96 -0.68 -2.70
N GLY B 456 31.01 0.56 -3.16
CA GLY B 456 32.01 1.50 -2.68
C GLY B 456 33.38 1.20 -3.23
N SER B 457 34.39 1.32 -2.39
CA SER B 457 35.75 1.10 -2.83
C SER B 457 36.02 -0.38 -3.01
N ILE B 458 37.20 -0.67 -3.51
CA ILE B 458 37.58 -2.04 -3.71
C ILE B 458 38.72 -2.33 -2.75
N HIS B 459 39.37 -1.28 -2.27
CA HIS B 459 40.52 -1.49 -1.42
C HIS B 459 40.14 -1.89 -0.02
N LYS B 460 38.89 -1.73 0.38
CA LYS B 460 38.41 -2.47 1.52
C LYS B 460 37.56 -3.65 1.13
N PHE B 461 37.17 -3.77 -0.14
CA PHE B 461 36.30 -4.86 -0.54
C PHE B 461 37.08 -6.15 -0.73
N VAL B 462 38.10 -6.15 -1.56
CA VAL B 462 38.87 -7.38 -1.73
C VAL B 462 39.67 -7.82 -0.50
N PRO B 463 40.03 -6.97 0.49
CA PRO B 463 40.46 -7.57 1.76
C PRO B 463 39.38 -8.37 2.44
N TYR B 464 38.11 -8.00 2.30
CA TYR B 464 37.03 -8.84 2.78
C TYR B 464 37.01 -10.20 2.10
N LEU B 465 37.29 -10.25 0.80
CA LEU B 465 37.28 -11.53 0.12
C LEU B 465 38.46 -12.38 0.53
N ILE B 466 39.64 -11.79 0.67
CA ILE B 466 40.77 -12.63 1.05
C ILE B 466 40.63 -13.07 2.49
N ALA B 467 40.02 -12.24 3.34
CA ALA B 467 39.75 -12.63 4.71
C ALA B 467 38.73 -13.74 4.76
N GLY B 468 37.73 -13.68 3.89
CA GLY B 468 36.77 -14.74 3.81
C GLY B 468 37.35 -16.04 3.38
N ILE B 469 38.19 -16.04 2.35
CA ILE B 469 38.67 -17.33 1.89
C ILE B 469 39.75 -17.86 2.81
N GLN B 470 40.39 -16.99 3.57
CA GLN B 470 41.33 -17.54 4.51
C GLN B 470 40.62 -18.09 5.72
N HIS B 471 39.45 -17.53 6.08
CA HIS B 471 38.62 -18.23 7.07
C HIS B 471 38.12 -19.56 6.52
N SER B 472 37.86 -19.62 5.21
CA SER B 472 37.37 -20.88 4.66
C SER B 472 38.46 -21.92 4.63
N CYS B 473 39.65 -21.55 4.21
CA CYS B 473 40.74 -22.51 4.18
C CYS B 473 41.23 -22.85 5.57
N GLN B 474 40.93 -21.98 6.53
CA GLN B 474 41.04 -22.40 7.92
C GLN B 474 40.07 -23.53 8.21
N ASP B 475 38.78 -23.29 8.00
CA ASP B 475 37.76 -24.26 8.40
C ASP B 475 37.84 -25.56 7.62
N ILE B 476 38.41 -25.52 6.42
CA ILE B 476 38.71 -26.76 5.73
C ILE B 476 39.86 -27.48 6.41
N GLY B 477 40.91 -26.75 6.76
CA GLY B 477 42.01 -27.39 7.42
C GLY B 477 43.26 -27.45 6.57
N ALA B 478 43.56 -26.36 5.88
CA ALA B 478 44.73 -26.34 5.03
C ALA B 478 45.45 -25.01 5.18
N LYS B 479 46.77 -25.08 5.31
CA LYS B 479 47.60 -23.89 5.46
C LYS B 479 47.81 -23.15 4.16
N SER B 480 47.31 -23.66 3.05
CA SER B 480 47.55 -23.06 1.73
C SER B 480 46.49 -23.56 0.77
N LEU B 481 46.26 -22.79 -0.28
CA LEU B 481 45.41 -23.23 -1.37
C LEU B 481 45.97 -24.46 -2.04
N THR B 482 47.29 -24.56 -2.08
CA THR B 482 47.95 -25.77 -2.56
C THR B 482 47.54 -26.95 -1.72
N GLN B 483 47.47 -26.77 -0.41
CA GLN B 483 47.07 -27.89 0.42
C GLN B 483 45.57 -28.16 0.28
N VAL B 484 44.78 -27.14 -0.08
CA VAL B 484 43.35 -27.37 -0.35
C VAL B 484 43.20 -28.29 -1.54
N ARG B 485 43.82 -27.94 -2.66
CA ARG B 485 43.69 -28.77 -3.84
C ARG B 485 44.36 -30.12 -3.67
N ALA B 486 45.42 -30.19 -2.87
CA ALA B 486 46.06 -31.48 -2.64
C ALA B 486 45.17 -32.38 -1.80
N MET B 487 44.56 -31.84 -0.75
CA MET B 487 43.63 -32.61 0.05
C MET B 487 42.41 -33.02 -0.74
N MET B 488 42.04 -32.25 -1.77
CA MET B 488 40.94 -32.70 -2.61
C MET B 488 41.36 -33.84 -3.51
N TYR B 489 42.42 -33.64 -4.28
CA TYR B 489 42.80 -34.64 -5.26
C TYR B 489 43.29 -35.92 -4.64
N SER B 490 43.79 -35.88 -3.42
CA SER B 490 44.19 -37.12 -2.78
C SER B 490 43.04 -37.84 -2.13
N GLY B 491 41.85 -37.26 -2.16
CA GLY B 491 40.71 -37.86 -1.53
C GLY B 491 40.62 -37.62 -0.05
N GLU B 492 41.44 -36.73 0.50
CA GLU B 492 41.36 -36.45 1.92
C GLU B 492 40.21 -35.51 2.23
N LEU B 493 40.23 -34.34 1.64
CA LEU B 493 39.14 -33.39 1.77
C LEU B 493 37.94 -33.90 1.00
N LYS B 494 36.78 -33.87 1.62
CA LYS B 494 35.61 -34.44 1.00
C LYS B 494 34.41 -33.51 1.15
N PHE B 495 33.44 -33.68 0.26
CA PHE B 495 32.35 -32.74 0.04
C PHE B 495 31.04 -33.38 0.44
N GLU B 496 29.95 -32.62 0.34
CA GLU B 496 28.64 -33.24 0.50
C GLU B 496 27.59 -32.44 -0.26
N LYS B 497 26.62 -33.16 -0.79
CA LYS B 497 25.55 -32.63 -1.62
C LYS B 497 24.59 -31.82 -0.75
N ARG B 498 23.72 -31.04 -1.39
CA ARG B 498 22.61 -30.36 -0.72
C ARG B 498 21.36 -30.58 -1.52
N THR B 499 20.25 -30.91 -0.88
CA THR B 499 19.02 -30.87 -1.64
C THR B 499 18.43 -29.47 -1.57
N SER B 500 17.33 -29.27 -2.29
CA SER B 500 16.74 -27.94 -2.37
C SER B 500 16.11 -27.54 -1.05
N SER B 501 15.61 -28.51 -0.32
CA SER B 501 15.15 -28.26 1.03
C SER B 501 16.29 -27.88 1.95
N ALA B 502 17.51 -28.30 1.66
CA ALA B 502 18.65 -27.78 2.38
C ALA B 502 19.26 -26.57 1.70
N GLN B 503 18.86 -26.28 0.46
CA GLN B 503 19.19 -24.96 -0.07
C GLN B 503 18.46 -23.88 0.67
N VAL B 504 17.23 -24.13 1.09
CA VAL B 504 16.48 -23.05 1.68
C VAL B 504 16.94 -22.75 3.10
N GLU B 505 17.46 -23.74 3.83
CA GLU B 505 17.71 -23.45 5.23
C GLU B 505 19.14 -23.05 5.48
N GLY B 506 20.01 -23.22 4.51
CA GLY B 506 21.35 -22.73 4.72
C GLY B 506 21.43 -21.24 4.77
N GLY B 507 20.53 -20.57 4.09
CA GLY B 507 20.51 -19.14 4.15
C GLY B 507 19.67 -18.67 5.32
N VAL B 508 19.06 -17.51 5.16
CA VAL B 508 18.38 -16.82 6.25
C VAL B 508 16.90 -17.14 6.16
N HIS B 509 16.31 -17.52 7.27
CA HIS B 509 14.92 -17.95 7.24
C HIS B 509 14.29 -17.72 8.60
N SER B 510 12.99 -17.97 8.67
CA SER B 510 12.21 -18.05 9.91
C SER B 510 12.23 -16.78 10.74
N LEU B 511 12.51 -15.64 10.14
CA LEU B 511 12.50 -14.39 10.88
C LEU B 511 11.91 -13.30 10.01
N HIS B 512 11.42 -12.25 10.67
CA HIS B 512 10.55 -11.30 10.01
C HIS B 512 11.30 -10.40 9.05
N SER B 513 12.35 -9.74 9.51
CA SER B 513 13.09 -8.84 8.63
C SER B 513 14.49 -8.67 9.19
N TYR B 514 15.48 -8.78 8.34
CA TYR B 514 16.87 -8.74 8.72
C TYR B 514 17.61 -7.71 7.89
N GLU B 515 18.84 -7.44 8.28
CA GLU B 515 19.74 -6.64 7.47
C GLU B 515 21.03 -7.42 7.29
N LYS B 516 21.26 -7.88 6.07
CA LYS B 516 22.42 -8.68 5.75
C LYS B 516 23.57 -7.74 5.43
N ARG B 517 24.44 -7.53 6.39
CA ARG B 517 25.65 -6.75 6.16
C ARG B 517 26.83 -7.69 6.22
N LEU B 518 27.60 -7.73 5.15
CA LEU B 518 28.60 -8.77 5.02
C LEU B 518 29.88 -8.46 5.77
N PHE B 519 30.19 -7.18 5.97
CA PHE B 519 31.38 -6.80 6.72
C PHE B 519 31.16 -5.44 7.37
N SER C 16 41.06 -39.85 -31.83
CA SER C 16 41.99 -39.28 -30.88
C SER C 16 41.63 -39.70 -29.46
N TYR C 17 41.99 -38.88 -28.47
CA TYR C 17 41.78 -39.29 -27.09
C TYR C 17 40.32 -39.11 -26.71
N VAL C 18 39.87 -37.85 -26.69
CA VAL C 18 38.46 -37.44 -26.64
C VAL C 18 37.80 -38.02 -25.39
N PRO C 19 38.01 -37.42 -24.22
CA PRO C 19 37.72 -38.09 -22.95
C PRO C 19 36.23 -38.28 -22.67
N ASP C 20 35.96 -38.92 -21.55
CA ASP C 20 34.63 -39.44 -21.19
C ASP C 20 33.77 -38.39 -20.48
N ASP C 21 33.62 -37.22 -21.07
CA ASP C 21 33.04 -36.11 -20.33
C ASP C 21 31.56 -35.99 -20.62
N GLY C 22 30.76 -36.45 -19.69
CA GLY C 22 29.34 -36.21 -19.80
C GLY C 22 28.63 -37.47 -20.22
N LEU C 23 27.38 -37.30 -20.60
CA LEU C 23 26.52 -38.42 -20.89
C LEU C 23 26.08 -38.38 -22.34
N THR C 24 26.03 -39.53 -22.98
CA THR C 24 25.34 -39.60 -24.25
C THR C 24 23.85 -39.80 -24.00
N ALA C 25 23.05 -39.64 -25.05
CA ALA C 25 21.62 -39.52 -24.84
C ALA C 25 21.00 -40.86 -24.46
N GLN C 26 21.46 -41.95 -25.06
CA GLN C 26 20.83 -43.24 -24.79
C GLN C 26 21.21 -43.76 -23.42
N GLN C 27 22.16 -43.11 -22.74
CA GLN C 27 22.27 -43.30 -21.30
C GLN C 27 21.79 -42.08 -20.54
N LEU C 28 21.41 -41.01 -21.21
CA LEU C 28 20.83 -39.92 -20.45
C LEU C 28 19.40 -40.29 -20.11
N PHE C 29 18.58 -40.45 -21.13
CA PHE C 29 17.17 -40.64 -20.89
C PHE C 29 16.83 -42.04 -20.42
N ASN C 30 17.78 -42.95 -20.40
CA ASN C 30 17.53 -44.25 -19.84
C ASN C 30 17.71 -44.26 -18.33
N CYS C 31 17.92 -43.11 -17.71
CA CYS C 31 18.03 -43.08 -16.26
C CYS C 31 16.68 -43.15 -15.59
N GLY C 32 15.62 -42.80 -16.31
CA GLY C 32 14.30 -42.85 -15.75
C GLY C 32 13.83 -41.55 -15.12
N ASP C 33 14.70 -40.55 -14.97
CA ASP C 33 14.21 -39.28 -14.48
C ASP C 33 13.35 -38.62 -15.54
N GLY C 34 12.35 -37.90 -15.09
CA GLY C 34 11.46 -37.27 -16.03
C GLY C 34 12.05 -35.99 -16.54
N LEU C 35 12.98 -36.08 -17.47
CA LEU C 35 13.65 -34.89 -17.97
C LEU C 35 12.70 -34.05 -18.78
N THR C 36 12.97 -32.76 -18.87
CA THR C 36 12.31 -31.87 -19.80
C THR C 36 13.34 -30.94 -20.42
N TYR C 37 12.87 -29.94 -21.17
CA TYR C 37 13.77 -29.07 -21.92
C TYR C 37 14.74 -28.29 -21.06
N ASN C 38 14.25 -27.39 -20.24
CA ASN C 38 15.18 -26.69 -19.38
C ASN C 38 15.56 -27.50 -18.15
N ASP C 39 16.05 -28.71 -18.39
CA ASP C 39 16.53 -29.60 -17.37
C ASP C 39 17.83 -30.25 -17.80
N PHE C 40 18.25 -30.05 -19.03
CA PHE C 40 19.55 -30.48 -19.48
C PHE C 40 20.03 -29.49 -20.50
N LEU C 41 21.28 -29.65 -20.92
CA LEU C 41 21.84 -28.83 -21.96
C LEU C 41 23.01 -29.56 -22.58
N ILE C 42 23.40 -29.13 -23.77
CA ILE C 42 24.28 -29.93 -24.61
C ILE C 42 25.66 -29.30 -24.63
N LEU C 43 26.62 -30.09 -24.72
CA LEU C 43 27.99 -29.68 -24.48
C LEU C 43 28.75 -29.52 -25.80
N PRO C 44 29.58 -28.51 -25.93
CA PRO C 44 30.14 -28.16 -27.24
C PRO C 44 31.20 -29.13 -27.72
N GLY C 45 31.77 -28.81 -28.86
CA GLY C 45 32.80 -29.63 -29.49
C GLY C 45 33.69 -28.81 -30.39
N TYR C 46 34.27 -29.45 -31.39
CA TYR C 46 35.26 -28.82 -32.24
C TYR C 46 34.60 -28.05 -33.37
N ILE C 47 35.27 -27.02 -33.86
CA ILE C 47 34.72 -26.09 -34.83
C ILE C 47 35.66 -25.98 -36.02
N ASP C 48 35.11 -26.08 -37.24
CA ASP C 48 35.91 -25.87 -38.44
C ASP C 48 35.24 -24.97 -39.48
N PHE C 49 34.38 -24.05 -39.05
CA PHE C 49 33.52 -23.36 -40.00
C PHE C 49 32.88 -22.16 -39.32
N THR C 50 32.27 -21.32 -40.13
CA THR C 50 31.62 -20.12 -39.65
C THR C 50 30.12 -20.35 -39.59
N ALA C 51 29.41 -19.36 -39.06
CA ALA C 51 28.00 -19.48 -38.73
C ALA C 51 27.11 -19.57 -39.95
N ASP C 52 27.44 -18.85 -41.01
CA ASP C 52 26.57 -18.81 -42.18
C ASP C 52 26.65 -20.09 -43.01
N GLN C 53 27.60 -20.97 -42.73
CA GLN C 53 27.78 -22.17 -43.52
C GLN C 53 26.93 -23.33 -43.03
N VAL C 54 25.88 -23.07 -42.28
CA VAL C 54 25.07 -24.12 -41.69
C VAL C 54 23.93 -24.45 -42.63
N ASP C 55 23.82 -25.73 -42.99
CA ASP C 55 22.79 -26.25 -43.86
C ASP C 55 21.71 -26.86 -42.98
N LEU C 56 20.78 -26.04 -42.51
CA LEU C 56 19.70 -26.60 -41.71
C LEU C 56 18.51 -26.98 -42.58
N THR C 57 18.82 -27.72 -43.64
CA THR C 57 17.80 -28.41 -44.44
C THR C 57 17.26 -29.56 -43.63
N SER C 58 15.98 -29.55 -43.34
CA SER C 58 15.37 -30.54 -42.49
C SER C 58 14.19 -31.20 -43.20
N ALA C 59 13.86 -32.39 -42.77
CA ALA C 59 12.78 -33.15 -43.38
C ALA C 59 11.51 -32.97 -42.59
N LEU C 60 10.37 -33.04 -43.26
CA LEU C 60 9.10 -32.96 -42.56
C LEU C 60 8.30 -34.25 -42.68
N THR C 61 8.08 -34.76 -43.88
CA THR C 61 7.52 -36.09 -44.06
C THR C 61 8.43 -36.88 -45.00
N LYS C 62 7.96 -38.03 -45.43
CA LYS C 62 8.84 -38.91 -46.17
C LYS C 62 8.98 -38.55 -47.65
N LYS C 63 8.39 -37.46 -48.11
CA LYS C 63 8.66 -37.05 -49.49
C LYS C 63 8.94 -35.57 -49.67
N ILE C 64 8.76 -34.71 -48.67
CA ILE C 64 8.97 -33.28 -48.86
C ILE C 64 9.91 -32.77 -47.78
N THR C 65 10.80 -31.86 -48.16
CA THR C 65 11.78 -31.29 -47.25
C THR C 65 11.55 -29.80 -47.13
N LEU C 66 12.26 -29.20 -46.19
CA LEU C 66 12.17 -27.78 -45.92
C LEU C 66 13.56 -27.21 -45.76
N LYS C 67 13.72 -25.96 -46.16
CA LYS C 67 15.01 -25.32 -45.95
C LYS C 67 15.22 -24.95 -44.50
N THR C 68 14.17 -24.82 -43.69
CA THR C 68 14.38 -24.55 -42.29
C THR C 68 13.35 -25.27 -41.42
N PRO C 69 13.75 -25.77 -40.25
CA PRO C 69 12.87 -26.63 -39.47
C PRO C 69 11.86 -25.91 -38.60
N LEU C 70 11.58 -24.65 -38.84
CA LEU C 70 10.47 -24.00 -38.17
C LEU C 70 9.20 -24.54 -38.80
N VAL C 71 8.12 -24.61 -38.03
CA VAL C 71 6.81 -25.01 -38.54
C VAL C 71 5.76 -24.54 -37.55
N SER C 72 4.64 -24.04 -38.06
CA SER C 72 3.60 -23.51 -37.19
C SER C 72 2.68 -24.60 -36.70
N SER C 73 1.68 -24.20 -35.93
CA SER C 73 0.83 -25.14 -35.22
C SER C 73 -0.61 -24.94 -35.60
N PRO C 74 -1.34 -25.96 -35.85
CA PRO C 74 -2.74 -25.80 -36.23
C PRO C 74 -3.65 -25.47 -35.06
N MET C 75 -3.52 -24.27 -34.52
CA MET C 75 -4.60 -23.74 -33.72
C MET C 75 -5.07 -22.43 -34.31
N ASP C 76 -6.30 -22.06 -33.95
CA ASP C 76 -7.01 -21.01 -34.66
C ASP C 76 -6.45 -19.64 -34.38
N THR C 77 -5.54 -19.53 -33.42
CA THR C 77 -5.10 -18.23 -32.99
C THR C 77 -3.70 -17.94 -33.49
N VAL C 78 -3.12 -18.83 -34.27
CA VAL C 78 -1.83 -18.48 -34.82
C VAL C 78 -1.81 -18.61 -36.34
N THR C 79 -2.34 -19.68 -36.91
CA THR C 79 -2.02 -19.97 -38.30
C THR C 79 -3.23 -19.94 -39.20
N GLU C 80 -3.19 -19.00 -40.13
CA GLU C 80 -4.15 -18.76 -41.19
C GLU C 80 -3.34 -18.26 -42.36
N ALA C 81 -3.97 -17.55 -43.29
CA ALA C 81 -3.33 -17.11 -44.53
C ALA C 81 -2.06 -16.32 -44.30
N GLY C 82 -2.12 -15.32 -43.41
CA GLY C 82 -0.98 -14.48 -43.14
C GLY C 82 0.18 -15.19 -42.50
N MET C 83 -0.07 -16.28 -41.79
CA MET C 83 1.03 -17.11 -41.34
C MET C 83 1.56 -18.05 -42.38
N ALA C 84 0.68 -18.65 -43.17
CA ALA C 84 1.16 -19.67 -44.08
C ALA C 84 1.96 -19.04 -45.20
N ILE C 85 1.53 -17.88 -45.68
CA ILE C 85 2.32 -17.06 -46.60
C ILE C 85 3.68 -16.79 -46.01
N ALA C 86 3.71 -16.38 -44.76
CA ALA C 86 4.93 -15.84 -44.18
C ALA C 86 5.91 -16.95 -43.87
N MET C 87 5.41 -18.09 -43.40
CA MET C 87 6.35 -19.11 -42.99
C MET C 87 6.74 -20.00 -44.15
N ALA C 88 5.84 -20.21 -45.11
CA ALA C 88 6.27 -20.85 -46.34
C ALA C 88 7.29 -19.98 -47.06
N LEU C 89 7.03 -18.68 -47.10
CA LEU C 89 7.92 -17.74 -47.73
C LEU C 89 9.25 -17.64 -47.00
N THR C 90 9.28 -17.89 -45.70
CA THR C 90 10.58 -17.95 -45.07
C THR C 90 11.11 -19.36 -44.91
N GLY C 91 10.30 -20.38 -45.17
CA GLY C 91 10.82 -21.73 -45.24
C GLY C 91 10.18 -22.73 -44.32
N GLY C 92 9.12 -22.38 -43.61
CA GLY C 92 8.43 -23.37 -42.82
C GLY C 92 7.16 -23.81 -43.52
N ILE C 93 6.26 -24.43 -42.79
CA ILE C 93 4.90 -24.67 -43.25
C ILE C 93 3.97 -24.21 -42.16
N GLY C 94 2.95 -23.46 -42.57
CA GLY C 94 1.81 -23.26 -41.72
C GLY C 94 0.81 -24.36 -42.01
N PHE C 95 0.26 -24.90 -40.93
CA PHE C 95 -0.84 -25.84 -41.04
C PHE C 95 -2.09 -25.03 -40.69
N ILE C 96 -2.97 -24.82 -41.67
CA ILE C 96 -4.18 -24.08 -41.41
C ILE C 96 -5.09 -24.89 -40.50
N HIS C 97 -5.56 -24.24 -39.44
CA HIS C 97 -6.35 -24.90 -38.42
C HIS C 97 -7.69 -25.35 -38.96
N HIS C 98 -8.39 -26.15 -38.17
CA HIS C 98 -9.68 -26.66 -38.60
C HIS C 98 -10.82 -26.22 -37.71
N ASN C 99 -10.60 -25.24 -36.86
CA ASN C 99 -11.69 -24.79 -36.00
C ASN C 99 -12.59 -23.78 -36.69
N CYS C 100 -13.15 -24.16 -37.83
CA CYS C 100 -14.04 -23.30 -38.59
C CYS C 100 -14.83 -24.17 -39.56
N THR C 101 -15.77 -23.55 -40.26
CA THR C 101 -16.54 -24.25 -41.28
C THR C 101 -15.63 -24.63 -42.44
N PRO C 102 -15.84 -25.79 -43.05
CA PRO C 102 -14.86 -26.30 -44.03
C PRO C 102 -14.72 -25.45 -45.27
N GLU C 103 -15.77 -24.72 -45.66
CA GLU C 103 -15.64 -23.84 -46.81
C GLU C 103 -14.74 -22.65 -46.47
N PHE C 104 -14.61 -22.30 -45.19
CA PHE C 104 -13.81 -21.15 -44.81
C PHE C 104 -12.32 -21.41 -45.01
N GLN C 105 -11.80 -22.51 -44.46
CA GLN C 105 -10.40 -22.79 -44.76
C GLN C 105 -10.26 -23.35 -46.16
N ALA C 106 -11.36 -23.81 -46.76
CA ALA C 106 -11.29 -24.33 -48.11
C ALA C 106 -11.02 -23.25 -49.13
N ASN C 107 -11.68 -22.09 -49.02
CA ASN C 107 -11.29 -21.01 -49.90
C ASN C 107 -10.15 -20.18 -49.32
N GLU C 108 -9.92 -20.29 -48.01
CA GLU C 108 -8.76 -19.63 -47.41
C GLU C 108 -7.47 -20.33 -47.82
N VAL C 109 -7.53 -21.60 -48.17
CA VAL C 109 -6.30 -22.24 -48.62
C VAL C 109 -6.03 -21.91 -50.07
N ARG C 110 -7.07 -21.65 -50.87
CA ARG C 110 -6.83 -21.08 -52.18
C ARG C 110 -6.34 -19.64 -52.10
N LYS C 111 -6.77 -18.91 -51.07
CA LYS C 111 -6.23 -17.60 -50.75
C LYS C 111 -4.74 -17.65 -50.46
N VAL C 112 -4.21 -18.78 -50.02
CA VAL C 112 -2.86 -18.78 -49.50
C VAL C 112 -1.95 -19.60 -50.40
N LYS C 113 -2.54 -20.43 -51.26
CA LYS C 113 -1.69 -21.33 -52.02
C LYS C 113 -1.06 -20.63 -53.21
N LYS C 114 -1.68 -19.57 -53.73
CA LYS C 114 -1.12 -18.97 -54.92
C LYS C 114 -0.03 -17.95 -54.61
N TYR C 115 -0.46 -16.75 -54.23
CA TYR C 115 0.31 -15.61 -53.75
C TYR C 115 1.40 -15.06 -54.66
N GLU C 116 2.00 -15.89 -55.52
CA GLU C 116 2.99 -15.61 -56.58
C GLU C 116 4.08 -14.59 -56.28
N GLN C 117 4.30 -14.21 -55.02
CA GLN C 117 5.33 -13.27 -54.55
C GLN C 117 5.22 -11.90 -55.22
N GLY C 118 4.24 -11.12 -54.82
CA GLY C 118 4.22 -9.72 -55.18
C GLY C 118 2.90 -9.28 -55.75
N PHE C 119 2.27 -10.16 -56.52
CA PHE C 119 0.92 -9.90 -57.00
C PHE C 119 0.01 -9.97 -55.79
N ILE C 120 -0.63 -8.86 -55.42
CA ILE C 120 -1.54 -8.94 -54.29
C ILE C 120 -2.80 -9.65 -54.72
N THR C 121 -3.19 -10.64 -53.94
CA THR C 121 -4.29 -11.51 -54.32
C THR C 121 -5.59 -10.85 -53.90
N ASP C 122 -6.72 -11.59 -54.04
CA ASP C 122 -8.12 -11.35 -53.68
C ASP C 122 -8.54 -9.87 -53.68
N PRO C 123 -8.33 -9.13 -54.78
CA PRO C 123 -8.54 -7.68 -54.69
C PRO C 123 -10.01 -7.34 -54.70
N VAL C 124 -10.39 -6.20 -54.13
CA VAL C 124 -11.77 -5.76 -54.20
C VAL C 124 -11.91 -4.88 -55.42
N VAL C 125 -12.95 -5.17 -56.21
CA VAL C 125 -13.21 -4.50 -57.48
C VAL C 125 -14.72 -4.32 -57.56
N LEU C 126 -15.19 -3.12 -57.89
CA LEU C 126 -16.62 -2.86 -58.00
C LEU C 126 -16.93 -2.24 -59.36
N SER C 127 -18.23 -2.11 -59.62
CA SER C 127 -18.71 -1.60 -60.89
C SER C 127 -18.73 -0.07 -60.86
N PRO C 128 -18.54 0.60 -62.00
CA PRO C 128 -18.45 2.06 -62.00
C PRO C 128 -19.78 2.77 -61.84
N LYS C 129 -20.89 2.03 -61.71
CA LYS C 129 -22.21 2.62 -61.53
C LYS C 129 -22.52 2.85 -60.07
N ASP C 130 -21.59 2.54 -59.18
CA ASP C 130 -21.89 2.42 -57.76
C ASP C 130 -21.82 3.78 -57.08
N ARG C 131 -21.80 3.72 -55.74
CA ARG C 131 -21.99 4.84 -54.84
C ARG C 131 -20.62 5.17 -54.22
N VAL C 132 -20.61 6.03 -53.20
CA VAL C 132 -19.38 6.52 -52.61
C VAL C 132 -19.18 5.96 -51.20
N ARG C 133 -20.26 5.89 -50.42
CA ARG C 133 -20.16 5.49 -49.02
C ARG C 133 -19.85 4.00 -48.92
N ASP C 134 -20.09 3.26 -50.01
CA ASP C 134 -19.68 1.85 -50.08
C ASP C 134 -18.16 1.70 -49.97
N VAL C 135 -17.40 2.49 -50.74
CA VAL C 135 -15.95 2.38 -50.63
C VAL C 135 -15.46 3.10 -49.40
N PHE C 136 -16.22 4.07 -48.87
CA PHE C 136 -15.86 4.65 -47.58
C PHE C 136 -16.01 3.64 -46.45
N GLU C 137 -16.96 2.72 -46.56
CA GLU C 137 -17.00 1.63 -45.58
C GLU C 137 -15.93 0.58 -45.91
N ALA C 138 -15.59 0.45 -47.19
CA ALA C 138 -14.60 -0.54 -47.60
C ALA C 138 -13.21 -0.20 -47.09
N LYS C 139 -12.88 1.09 -46.96
CA LYS C 139 -11.61 1.44 -46.34
C LYS C 139 -11.64 1.13 -44.85
N ALA C 140 -12.81 1.19 -44.23
CA ALA C 140 -12.96 0.75 -42.86
C ALA C 140 -13.11 -0.77 -42.78
N ARG C 141 -13.61 -1.40 -43.84
CA ARG C 141 -13.60 -2.85 -43.95
C ARG C 141 -12.17 -3.38 -44.01
N HIS C 142 -11.31 -2.68 -44.74
CA HIS C 142 -10.02 -3.23 -45.09
C HIS C 142 -8.85 -2.47 -44.49
N GLY C 143 -8.75 -1.18 -44.81
CA GLY C 143 -7.58 -0.39 -44.45
C GLY C 143 -7.00 0.41 -45.60
N PHE C 144 -7.37 0.05 -46.83
CA PHE C 144 -6.82 0.71 -48.01
C PHE C 144 -7.91 1.43 -48.79
N CYS C 145 -7.47 2.14 -49.84
CA CYS C 145 -8.38 2.93 -50.64
C CYS C 145 -8.18 2.85 -52.15
N GLY C 146 -7.19 2.12 -52.66
CA GLY C 146 -6.98 2.07 -54.11
C GLY C 146 -7.61 0.87 -54.78
N ILE C 147 -8.54 1.09 -55.71
CA ILE C 147 -9.34 0.01 -56.28
C ILE C 147 -9.43 0.15 -57.80
N PRO C 148 -9.13 -0.90 -58.57
CA PRO C 148 -9.43 -0.88 -60.00
C PRO C 148 -10.88 -1.23 -60.29
N ILE C 149 -11.38 -0.68 -61.39
CA ILE C 149 -12.79 -0.76 -61.77
C ILE C 149 -12.89 -1.38 -63.16
N THR C 150 -13.76 -2.37 -63.30
CA THR C 150 -13.99 -3.08 -64.54
C THR C 150 -15.47 -3.02 -64.91
N ASP C 151 -15.85 -3.84 -65.90
CA ASP C 151 -17.25 -3.95 -66.31
C ASP C 151 -18.14 -4.48 -65.19
N THR C 152 -17.91 -5.72 -64.75
CA THR C 152 -18.84 -6.41 -63.86
C THR C 152 -18.40 -6.39 -62.40
N GLY C 153 -17.34 -5.66 -62.07
CA GLY C 153 -16.78 -5.72 -60.74
C GLY C 153 -16.04 -7.00 -60.43
N ARG C 154 -15.63 -7.75 -61.46
CA ARG C 154 -14.89 -8.99 -61.26
C ARG C 154 -13.59 -8.92 -62.06
N MET C 155 -12.58 -9.65 -61.57
CA MET C 155 -11.30 -9.70 -62.28
C MET C 155 -11.47 -10.35 -63.65
N GLY C 156 -12.40 -11.27 -63.78
CA GLY C 156 -12.75 -11.79 -65.09
C GLY C 156 -13.71 -10.89 -65.85
N SER C 157 -13.28 -9.66 -66.13
CA SER C 157 -14.03 -8.76 -67.00
C SER C 157 -13.05 -7.80 -67.66
N ARG C 158 -13.57 -6.93 -68.52
CA ARG C 158 -12.76 -5.96 -69.24
C ARG C 158 -12.70 -4.66 -68.45
N LEU C 159 -11.52 -4.05 -68.39
CA LEU C 159 -11.27 -2.94 -67.48
C LEU C 159 -12.07 -1.71 -67.89
N VAL C 160 -12.50 -0.95 -66.88
CA VAL C 160 -13.05 0.39 -67.08
C VAL C 160 -12.08 1.46 -66.62
N GLY C 161 -11.63 1.38 -65.36
CA GLY C 161 -10.71 2.37 -64.85
C GLY C 161 -10.19 1.98 -63.49
N ILE C 162 -9.66 2.97 -62.78
CA ILE C 162 -9.13 2.79 -61.42
C ILE C 162 -9.47 4.03 -60.61
N ILE C 163 -9.72 3.85 -59.31
CA ILE C 163 -10.00 4.99 -58.48
C ILE C 163 -8.80 5.25 -57.59
N SER C 164 -8.84 6.34 -56.85
CA SER C 164 -7.74 6.75 -55.98
C SER C 164 -8.32 7.11 -54.62
N SER C 165 -7.44 7.25 -53.63
CA SER C 165 -7.83 7.97 -52.43
C SER C 165 -7.88 9.46 -52.69
N ARG C 166 -7.21 9.91 -53.74
CA ARG C 166 -7.03 11.31 -54.05
C ARG C 166 -8.13 11.86 -54.95
N ASP C 167 -9.15 11.04 -55.24
CA ASP C 167 -10.36 11.53 -55.88
C ASP C 167 -11.48 11.66 -54.87
N ILE C 168 -11.13 11.62 -53.59
CA ILE C 168 -12.10 11.55 -52.53
C ILE C 168 -11.93 12.76 -51.62
N ASP C 169 -10.75 13.37 -51.70
CA ASP C 169 -10.30 14.36 -50.73
C ASP C 169 -11.09 15.66 -50.79
N PHE C 170 -11.42 16.13 -51.99
CA PHE C 170 -11.91 17.49 -52.21
C PHE C 170 -13.27 17.43 -52.88
N LEU C 171 -14.32 17.17 -52.11
CA LEU C 171 -15.62 17.02 -52.76
C LEU C 171 -16.74 17.37 -51.79
N LYS C 172 -17.77 18.05 -52.29
CA LYS C 172 -18.86 18.60 -51.49
C LYS C 172 -20.13 17.74 -51.47
N GLU C 173 -20.32 16.84 -52.43
CA GLU C 173 -21.44 15.92 -52.44
C GLU C 173 -20.98 14.50 -52.11
N GLU C 174 -20.11 14.39 -51.11
CA GLU C 174 -19.29 13.22 -50.81
C GLU C 174 -20.09 11.98 -50.41
N GLU C 175 -21.41 12.07 -50.28
CA GLU C 175 -22.22 10.86 -50.22
C GLU C 175 -23.33 10.84 -51.27
N HIS C 176 -23.36 11.78 -52.21
CA HIS C 176 -24.53 11.94 -53.07
C HIS C 176 -24.41 11.18 -54.38
N ASP C 177 -23.60 10.11 -54.41
CA ASP C 177 -23.61 9.07 -55.44
C ASP C 177 -23.39 9.60 -56.86
N CYS C 178 -22.23 10.15 -57.15
CA CYS C 178 -21.86 10.38 -58.53
C CYS C 178 -21.28 9.10 -59.13
N PHE C 179 -21.51 8.94 -60.43
CA PHE C 179 -21.18 7.71 -61.14
C PHE C 179 -19.75 7.84 -61.63
N LEU C 180 -18.95 6.83 -61.34
CA LEU C 180 -17.51 6.95 -61.35
C LEU C 180 -16.90 6.95 -62.75
N GLU C 181 -17.73 6.84 -63.78
CA GLU C 181 -17.25 6.87 -65.17
C GLU C 181 -16.84 8.26 -65.64
N GLU C 182 -17.06 9.30 -64.85
CA GLU C 182 -16.68 10.66 -65.20
C GLU C 182 -15.89 11.29 -64.06
N ILE C 183 -15.42 10.47 -63.13
CA ILE C 183 -14.83 10.95 -61.88
C ILE C 183 -13.36 10.57 -61.80
N MET C 184 -13.01 9.37 -62.23
CA MET C 184 -11.66 8.86 -62.08
C MET C 184 -11.01 8.66 -63.44
N THR C 185 -9.83 8.07 -63.44
CA THR C 185 -9.07 7.82 -64.65
C THR C 185 -9.47 6.49 -65.27
N LYS C 186 -10.07 6.55 -66.45
CA LYS C 186 -10.54 5.37 -67.15
C LYS C 186 -9.43 4.73 -67.96
N ARG C 187 -8.97 5.43 -68.99
CA ARG C 187 -7.97 4.90 -69.91
C ARG C 187 -6.86 5.89 -70.25
N GLU C 188 -7.08 7.19 -70.12
CA GLU C 188 -6.28 8.23 -70.76
C GLU C 188 -4.84 8.29 -70.26
N ASP C 189 -4.67 8.55 -68.98
CA ASP C 189 -3.31 8.59 -68.44
C ASP C 189 -2.98 7.30 -67.71
N LEU C 190 -3.35 6.15 -68.28
CA LEU C 190 -3.25 4.89 -67.57
C LEU C 190 -2.10 4.07 -68.11
N VAL C 191 -1.40 3.39 -67.19
CA VAL C 191 -0.23 2.58 -67.57
C VAL C 191 -0.29 1.20 -66.93
N VAL C 192 -0.26 0.16 -67.77
CA VAL C 192 -0.44 -1.24 -67.36
C VAL C 192 0.64 -2.07 -68.06
N ALA C 193 1.29 -2.97 -67.31
CA ALA C 193 2.22 -3.94 -67.87
C ALA C 193 1.47 -5.07 -68.56
N PRO C 194 2.03 -5.70 -69.60
CA PRO C 194 1.31 -6.79 -70.26
C PRO C 194 1.38 -8.07 -69.45
N ALA C 195 0.58 -9.05 -69.89
CA ALA C 195 0.48 -10.31 -69.17
C ALA C 195 1.78 -11.11 -69.27
N GLY C 196 2.12 -11.78 -68.17
CA GLY C 196 3.34 -12.54 -68.10
C GLY C 196 4.54 -11.75 -67.64
N ILE C 197 4.38 -10.91 -66.62
CA ILE C 197 5.42 -10.00 -66.22
C ILE C 197 6.11 -10.60 -65.00
N THR C 198 7.39 -10.29 -64.83
CA THR C 198 8.06 -10.64 -63.59
C THR C 198 8.35 -9.34 -62.83
N LEU C 199 8.95 -9.45 -61.65
CA LEU C 199 8.97 -8.38 -60.67
C LEU C 199 9.94 -7.26 -61.00
N LYS C 200 11.10 -7.60 -61.57
CA LYS C 200 12.13 -6.59 -61.78
C LYS C 200 11.81 -5.68 -62.97
N GLU C 201 11.24 -6.19 -64.04
CA GLU C 201 10.81 -5.26 -65.08
C GLU C 201 9.53 -4.59 -64.66
N ALA C 202 8.77 -5.20 -63.73
CA ALA C 202 7.60 -4.53 -63.17
C ALA C 202 7.98 -3.30 -62.35
N ASN C 203 8.99 -3.39 -61.49
CA ASN C 203 9.30 -2.18 -60.76
C ASN C 203 10.19 -1.24 -61.59
N GLU C 204 10.78 -1.72 -62.70
CA GLU C 204 11.34 -0.79 -63.67
C GLU C 204 10.25 0.04 -64.34
N ILE C 205 9.18 -0.61 -64.83
CA ILE C 205 8.02 0.09 -65.37
C ILE C 205 7.37 0.97 -64.31
N LEU C 206 7.43 0.57 -63.05
CA LEU C 206 6.90 1.38 -61.99
C LEU C 206 7.74 2.64 -61.78
N GLN C 207 9.07 2.51 -61.75
CA GLN C 207 9.89 3.68 -61.46
C GLN C 207 9.98 4.63 -62.64
N ARG C 208 9.78 4.15 -63.86
CA ARG C 208 9.60 5.13 -64.94
C ARG C 208 8.16 5.63 -64.95
N SER C 209 7.26 4.90 -64.31
CA SER C 209 5.86 5.27 -64.29
C SER C 209 5.57 6.30 -63.21
N LYS C 210 6.31 6.23 -62.09
CA LYS C 210 6.25 7.22 -61.01
C LYS C 210 4.87 7.28 -60.38
N LYS C 211 4.12 6.19 -60.45
CA LYS C 211 2.70 6.25 -60.25
C LYS C 211 2.25 5.12 -59.33
N GLY C 212 1.05 5.27 -58.75
CA GLY C 212 0.66 4.60 -57.52
C GLY C 212 0.36 3.12 -57.58
N LYS C 213 0.01 2.55 -58.73
CA LYS C 213 -0.23 1.12 -58.80
C LYS C 213 0.39 0.58 -60.08
N LEU C 214 0.12 -0.70 -60.36
CA LEU C 214 0.53 -1.31 -61.60
C LEU C 214 -0.37 -2.51 -61.88
N PRO C 215 -1.32 -2.38 -62.79
CA PRO C 215 -2.08 -3.55 -63.22
C PRO C 215 -1.28 -4.39 -64.20
N ILE C 216 -1.83 -5.57 -64.48
CA ILE C 216 -1.29 -6.48 -65.49
C ILE C 216 -2.47 -7.13 -66.19
N VAL C 217 -2.51 -7.01 -67.53
CA VAL C 217 -3.69 -7.33 -68.30
C VAL C 217 -3.29 -8.21 -69.48
N ASN C 218 -4.24 -9.01 -69.94
CA ASN C 218 -4.13 -9.79 -71.17
C ASN C 218 -4.10 -8.85 -72.38
N GLU C 219 -3.60 -9.37 -73.50
CA GLU C 219 -3.80 -8.71 -74.79
C GLU C 219 -5.26 -8.70 -75.22
N ASP C 220 -6.07 -9.63 -74.68
CA ASP C 220 -7.50 -9.61 -74.86
C ASP C 220 -8.23 -8.87 -73.75
N ASP C 221 -7.49 -8.02 -73.03
CA ASP C 221 -8.02 -7.04 -72.07
C ASP C 221 -8.75 -7.72 -70.91
N GLU C 222 -8.13 -8.78 -70.39
CA GLU C 222 -8.60 -9.41 -69.15
C GLU C 222 -7.44 -9.36 -68.15
N LEU C 223 -7.61 -8.57 -67.10
CA LEU C 223 -6.53 -8.41 -66.14
C LEU C 223 -6.38 -9.64 -65.28
N VAL C 224 -5.15 -9.90 -64.85
CA VAL C 224 -4.82 -11.16 -64.21
C VAL C 224 -4.41 -10.94 -62.76
N ALA C 225 -3.72 -9.84 -62.49
CA ALA C 225 -3.31 -9.54 -61.13
C ALA C 225 -3.23 -8.03 -60.96
N ILE C 226 -2.71 -7.58 -59.82
CA ILE C 226 -2.65 -6.17 -59.49
C ILE C 226 -1.52 -5.98 -58.48
N ILE C 227 -0.80 -4.88 -58.60
CA ILE C 227 0.34 -4.58 -57.74
C ILE C 227 -0.04 -3.45 -56.83
N ALA C 228 0.38 -3.54 -55.57
CA ALA C 228 0.47 -2.39 -54.69
C ALA C 228 1.89 -1.88 -54.73
N ARG C 229 2.04 -0.57 -54.84
CA ARG C 229 3.36 0.02 -55.01
C ARG C 229 4.22 -0.14 -53.78
N THR C 230 3.64 0.04 -52.60
CA THR C 230 4.41 -0.11 -51.38
C THR C 230 4.75 -1.57 -51.10
N ASP C 231 4.10 -2.51 -51.77
CA ASP C 231 4.52 -3.89 -51.65
C ASP C 231 5.68 -4.23 -52.58
N LEU C 232 6.00 -3.35 -53.53
CA LEU C 232 7.28 -3.53 -54.20
C LEU C 232 8.41 -2.89 -53.44
N LYS C 233 8.13 -2.11 -52.42
CA LYS C 233 9.21 -1.66 -51.55
C LYS C 233 9.69 -2.76 -50.64
N LYS C 234 8.80 -3.64 -50.21
CA LYS C 234 9.10 -4.56 -49.12
C LYS C 234 9.64 -5.90 -49.60
N ASN C 235 9.66 -6.15 -50.90
CA ASN C 235 9.97 -7.48 -51.39
C ASN C 235 11.44 -7.81 -51.24
N ARG C 236 11.78 -8.55 -50.19
CA ARG C 236 13.14 -9.05 -50.09
C ARG C 236 13.32 -10.23 -51.02
N ASP C 237 14.56 -10.60 -51.29
CA ASP C 237 14.83 -11.85 -51.95
C ASP C 237 14.77 -12.92 -50.88
N TYR C 238 13.95 -13.93 -51.10
CA TYR C 238 13.79 -15.02 -50.12
C TYR C 238 14.41 -16.27 -50.71
N PRO C 239 15.71 -16.47 -50.53
CA PRO C 239 16.41 -17.48 -51.32
C PRO C 239 16.09 -18.89 -50.88
N LEU C 240 15.72 -19.07 -49.63
CA LEU C 240 15.25 -20.33 -49.13
C LEU C 240 13.78 -20.12 -48.82
N ALA C 241 12.92 -20.80 -49.55
CA ALA C 241 11.51 -20.46 -49.50
C ALA C 241 10.55 -21.60 -49.76
N SER C 242 11.03 -22.84 -49.86
CA SER C 242 10.24 -24.07 -49.72
C SER C 242 9.09 -24.16 -50.73
N LYS C 243 9.44 -24.26 -52.00
CA LYS C 243 8.45 -24.42 -53.06
C LYS C 243 8.48 -25.83 -53.63
N ASP C 244 7.36 -26.21 -54.23
CA ASP C 244 7.19 -27.55 -54.78
C ASP C 244 7.79 -27.68 -56.18
N ALA C 245 7.42 -28.76 -56.88
CA ALA C 245 7.85 -28.94 -58.25
C ALA C 245 7.21 -27.93 -59.20
N LYS C 246 6.04 -27.41 -58.85
CA LYS C 246 5.40 -26.39 -59.68
C LYS C 246 5.82 -24.99 -59.30
N LYS C 247 6.86 -24.88 -58.46
CA LYS C 247 7.35 -23.64 -57.89
C LYS C 247 6.23 -22.84 -57.22
N GLN C 248 5.36 -23.54 -56.51
CA GLN C 248 4.29 -22.92 -55.76
C GLN C 248 4.47 -23.28 -54.29
N LEU C 249 3.86 -22.49 -53.40
CA LEU C 249 4.17 -22.54 -51.98
C LEU C 249 3.74 -23.86 -51.34
N LEU C 250 4.55 -24.31 -50.38
CA LEU C 250 4.19 -25.45 -49.55
C LEU C 250 3.18 -25.01 -48.51
N CYS C 251 2.10 -25.75 -48.36
CA CYS C 251 1.01 -25.35 -47.50
C CYS C 251 0.26 -26.56 -46.98
N GLY C 252 -0.10 -26.52 -45.71
CA GLY C 252 -0.73 -27.65 -45.05
C GLY C 252 -1.93 -27.23 -44.23
N ALA C 253 -2.65 -28.22 -43.74
CA ALA C 253 -3.82 -27.98 -42.92
C ALA C 253 -4.02 -29.17 -41.99
N ALA C 254 -5.16 -29.21 -41.34
CA ALA C 254 -5.46 -30.28 -40.41
C ALA C 254 -6.92 -30.66 -40.53
N ILE C 255 -7.22 -31.90 -40.16
CA ILE C 255 -8.58 -32.37 -40.14
C ILE C 255 -8.91 -32.75 -38.71
N GLY C 256 -10.16 -33.10 -38.45
CA GLY C 256 -10.51 -33.73 -37.20
C GLY C 256 -10.44 -35.22 -37.36
N THR C 257 -11.23 -35.96 -36.61
CA THR C 257 -11.33 -37.39 -36.86
C THR C 257 -12.78 -37.87 -36.83
N HIS C 258 -13.69 -37.04 -36.32
CA HIS C 258 -15.11 -37.37 -36.39
C HIS C 258 -15.59 -37.41 -37.84
N GLU C 259 -16.42 -38.41 -38.14
CA GLU C 259 -16.77 -38.88 -39.48
C GLU C 259 -17.16 -37.83 -40.50
N ASP C 260 -17.77 -36.73 -40.05
CA ASP C 260 -18.27 -35.69 -40.94
C ASP C 260 -17.18 -34.85 -41.59
N ASP C 261 -15.91 -35.13 -41.33
CA ASP C 261 -14.83 -34.38 -41.95
C ASP C 261 -14.37 -34.97 -43.27
N LYS C 262 -15.03 -36.00 -43.78
CA LYS C 262 -14.65 -36.50 -45.09
C LYS C 262 -15.01 -35.49 -46.17
N TYR C 263 -16.13 -34.78 -45.98
CA TYR C 263 -16.42 -33.63 -46.80
C TYR C 263 -15.38 -32.52 -46.64
N ARG C 264 -14.82 -32.37 -45.44
CA ARG C 264 -13.76 -31.42 -45.21
C ARG C 264 -12.48 -31.78 -45.94
N LEU C 265 -12.11 -33.06 -45.95
CA LEU C 265 -10.85 -33.42 -46.59
C LEU C 265 -11.00 -33.46 -48.10
N ASP C 266 -12.18 -33.83 -48.60
CA ASP C 266 -12.37 -33.92 -50.04
C ASP C 266 -12.28 -32.58 -50.73
N LEU C 267 -12.62 -31.49 -50.04
CA LEU C 267 -12.44 -30.18 -50.67
C LEU C 267 -10.99 -29.75 -50.61
N LEU C 268 -10.29 -30.10 -49.53
CA LEU C 268 -8.88 -29.81 -49.39
C LEU C 268 -8.04 -30.54 -50.43
N ALA C 269 -8.49 -31.74 -50.82
CA ALA C 269 -7.79 -32.47 -51.86
C ALA C 269 -7.90 -31.76 -53.20
N GLN C 270 -9.09 -31.28 -53.53
CA GLN C 270 -9.30 -30.56 -54.78
C GLN C 270 -8.99 -29.08 -54.65
N ALA C 271 -8.58 -28.62 -53.48
CA ALA C 271 -8.01 -27.29 -53.35
C ALA C 271 -6.50 -27.29 -53.47
N GLY C 272 -5.86 -28.45 -53.31
CA GLY C 272 -4.45 -28.57 -53.58
C GLY C 272 -3.55 -28.48 -52.37
N VAL C 273 -3.98 -29.08 -51.26
CA VAL C 273 -3.15 -29.09 -50.06
C VAL C 273 -2.00 -30.08 -50.26
N ASP C 274 -0.92 -29.88 -49.52
CA ASP C 274 0.31 -30.63 -49.73
C ASP C 274 0.53 -31.74 -48.72
N VAL C 275 0.28 -31.47 -47.45
CA VAL C 275 0.42 -32.46 -46.40
C VAL C 275 -0.48 -32.06 -45.26
N VAL C 276 -1.08 -33.03 -44.59
CA VAL C 276 -2.17 -32.72 -43.69
C VAL C 276 -1.92 -33.38 -42.33
N VAL C 277 -2.65 -32.89 -41.33
CA VAL C 277 -2.40 -33.16 -39.92
C VAL C 277 -3.61 -33.85 -39.34
N LEU C 278 -3.39 -34.93 -38.63
CA LEU C 278 -4.48 -35.56 -37.90
C LEU C 278 -4.30 -35.20 -36.43
N ASP C 279 -4.71 -34.00 -36.04
CA ASP C 279 -4.47 -33.64 -34.64
C ASP C 279 -5.54 -34.23 -33.76
N SER C 280 -5.11 -34.85 -32.68
CA SER C 280 -6.03 -35.26 -31.65
C SER C 280 -5.24 -35.29 -30.35
N SER C 281 -5.99 -35.35 -29.24
CA SER C 281 -5.35 -35.31 -27.92
C SER C 281 -4.53 -36.55 -27.68
N GLN C 282 -4.88 -37.65 -28.33
CA GLN C 282 -4.13 -38.87 -28.19
C GLN C 282 -4.21 -39.57 -29.55
N GLY C 283 -3.06 -39.77 -30.16
CA GLY C 283 -3.04 -40.24 -31.52
C GLY C 283 -3.24 -41.70 -31.74
N ASN C 284 -3.43 -42.49 -30.69
CA ASN C 284 -3.48 -43.93 -30.85
C ASN C 284 -4.92 -44.44 -30.80
N SER C 285 -5.71 -44.07 -31.80
CA SER C 285 -7.10 -44.51 -31.82
C SER C 285 -7.35 -45.46 -32.97
N ILE C 286 -8.41 -46.25 -32.82
CA ILE C 286 -8.96 -46.94 -33.97
C ILE C 286 -9.51 -45.94 -34.97
N PHE C 287 -10.00 -44.80 -34.49
CA PHE C 287 -10.55 -43.79 -35.38
C PHE C 287 -9.48 -43.23 -36.28
N GLN C 288 -8.33 -42.91 -35.71
CA GLN C 288 -7.31 -42.28 -36.53
C GLN C 288 -6.63 -43.29 -37.44
N ILE C 289 -6.48 -44.55 -37.01
CA ILE C 289 -5.82 -45.49 -37.91
C ILE C 289 -6.76 -45.90 -39.03
N ASN C 290 -8.06 -45.99 -38.74
CA ASN C 290 -9.01 -46.20 -39.82
C ASN C 290 -9.09 -45.00 -40.75
N MET C 291 -8.88 -43.80 -40.23
CA MET C 291 -8.85 -42.65 -41.12
C MET C 291 -7.58 -42.61 -41.95
N ILE C 292 -6.45 -43.06 -41.41
CA ILE C 292 -5.23 -43.15 -42.20
C ILE C 292 -5.38 -44.17 -43.32
N LYS C 293 -6.01 -45.31 -43.01
CA LYS C 293 -6.38 -46.26 -44.06
C LYS C 293 -7.33 -45.65 -45.08
N TYR C 294 -8.28 -44.82 -44.65
CA TYR C 294 -9.20 -44.15 -45.55
C TYR C 294 -8.53 -43.14 -46.43
N ILE C 295 -7.51 -42.46 -45.94
CA ILE C 295 -6.81 -41.45 -46.71
C ILE C 295 -5.87 -42.08 -47.72
N LYS C 296 -5.10 -43.09 -47.29
CA LYS C 296 -3.95 -43.50 -48.09
C LYS C 296 -4.36 -44.20 -49.38
N ASP C 297 -5.37 -45.06 -49.34
CA ASP C 297 -5.84 -45.68 -50.56
C ASP C 297 -6.53 -44.69 -51.49
N LYS C 298 -7.16 -43.66 -50.92
CA LYS C 298 -7.79 -42.64 -51.76
C LYS C 298 -6.77 -41.69 -52.35
N TYR C 299 -5.77 -41.30 -51.58
CA TYR C 299 -4.82 -40.28 -52.03
C TYR C 299 -3.42 -40.81 -51.82
N PRO C 300 -2.81 -41.44 -52.83
CA PRO C 300 -1.49 -42.04 -52.62
C PRO C 300 -0.39 -41.01 -52.54
N ASN C 301 -0.46 -39.93 -53.33
CA ASN C 301 0.59 -38.94 -53.29
C ASN C 301 0.48 -38.02 -52.09
N LEU C 302 -0.73 -37.82 -51.58
CA LEU C 302 -0.92 -36.94 -50.43
C LEU C 302 -0.35 -37.60 -49.18
N GLN C 303 0.15 -36.79 -48.27
CA GLN C 303 0.79 -37.29 -47.07
C GLN C 303 0.12 -36.77 -45.81
N VAL C 304 0.22 -37.57 -44.75
CA VAL C 304 -0.43 -37.31 -43.48
C VAL C 304 0.61 -37.37 -42.39
N ILE C 305 0.35 -36.67 -41.29
CA ILE C 305 1.19 -36.78 -40.11
C ILE C 305 0.29 -37.23 -38.96
N GLY C 306 0.84 -38.03 -38.07
CA GLY C 306 0.02 -38.62 -37.03
C GLY C 306 0.33 -38.02 -35.69
N GLY C 307 -0.69 -37.71 -34.91
CA GLY C 307 -0.48 -37.08 -33.63
C GLY C 307 -1.68 -37.25 -32.72
N ASN C 308 -1.43 -37.24 -31.41
CA ASN C 308 -0.11 -37.05 -30.86
C ASN C 308 0.37 -38.27 -30.13
N VAL C 309 1.60 -38.65 -30.35
CA VAL C 309 2.19 -39.81 -29.71
C VAL C 309 3.26 -39.33 -28.74
N VAL C 310 3.38 -40.04 -27.63
CA VAL C 310 4.46 -39.73 -26.69
C VAL C 310 5.17 -41.00 -26.26
N THR C 311 4.64 -42.15 -26.61
CA THR C 311 5.36 -43.38 -26.31
C THR C 311 5.71 -44.08 -27.61
N ALA C 312 6.68 -44.97 -27.53
CA ALA C 312 7.05 -45.71 -28.71
C ALA C 312 5.99 -46.73 -29.11
N ALA C 313 5.13 -47.13 -28.18
CA ALA C 313 4.08 -48.07 -28.51
C ALA C 313 3.07 -47.47 -29.48
N GLN C 314 2.60 -46.27 -29.19
CA GLN C 314 1.68 -45.64 -30.13
C GLN C 314 2.40 -45.16 -31.37
N ALA C 315 3.71 -44.96 -31.29
CA ALA C 315 4.47 -44.75 -32.51
C ALA C 315 4.43 -45.96 -33.43
N LYS C 316 4.58 -47.17 -32.88
CA LYS C 316 4.54 -48.32 -33.75
C LYS C 316 3.13 -48.54 -34.24
N ASN C 317 2.15 -48.17 -33.44
CA ASN C 317 0.84 -48.52 -33.94
C ASN C 317 0.27 -47.41 -34.80
N LEU C 318 0.99 -46.32 -35.00
CA LEU C 318 0.65 -45.44 -36.11
C LEU C 318 1.47 -45.70 -37.37
N ILE C 319 2.76 -46.00 -37.27
CA ILE C 319 3.49 -46.14 -38.52
C ILE C 319 3.24 -47.51 -39.15
N ASP C 320 2.73 -48.47 -38.37
CA ASP C 320 2.28 -49.70 -38.99
C ASP C 320 1.00 -49.51 -39.75
N ALA C 321 0.23 -48.48 -39.39
CA ALA C 321 -0.82 -48.05 -40.28
C ALA C 321 -0.26 -47.42 -41.53
N GLY C 322 0.89 -46.76 -41.42
CA GLY C 322 1.54 -46.24 -42.60
C GLY C 322 1.63 -44.73 -42.62
N VAL C 323 1.51 -44.12 -41.44
CA VAL C 323 1.50 -42.66 -41.35
C VAL C 323 2.88 -42.13 -41.69
N ASP C 324 2.95 -40.88 -42.11
CA ASP C 324 4.16 -40.43 -42.76
C ASP C 324 4.99 -39.48 -41.95
N ALA C 325 4.50 -39.01 -40.80
CA ALA C 325 5.31 -38.30 -39.81
C ALA C 325 4.58 -38.31 -38.49
N LEU C 326 5.32 -38.11 -37.42
CA LEU C 326 4.75 -38.11 -36.09
C LEU C 326 4.82 -36.73 -35.47
N ARG C 327 3.84 -36.45 -34.62
CA ARG C 327 3.68 -35.15 -33.99
C ARG C 327 3.65 -35.38 -32.48
N VAL C 328 4.77 -35.15 -31.80
CA VAL C 328 4.86 -35.57 -30.41
C VAL C 328 4.53 -34.53 -29.38
N GLY C 329 4.35 -35.00 -28.16
CA GLY C 329 4.16 -34.10 -27.06
C GLY C 329 2.70 -33.93 -26.78
N MET C 330 2.27 -34.35 -25.60
CA MET C 330 0.98 -33.92 -25.15
C MET C 330 1.12 -33.50 -23.72
N GLY C 331 0.38 -32.49 -23.35
CA GLY C 331 0.46 -31.98 -22.01
C GLY C 331 1.67 -31.13 -21.75
N SER C 332 2.37 -30.71 -22.78
CA SER C 332 3.50 -29.84 -22.56
C SER C 332 3.34 -28.52 -23.23
N GLY C 333 2.13 -28.09 -23.47
CA GLY C 333 1.96 -26.81 -24.11
C GLY C 333 2.16 -25.68 -23.14
N SER C 334 1.85 -24.50 -23.62
CA SER C 334 1.59 -23.45 -22.67
C SER C 334 0.11 -23.24 -22.46
N ILE C 335 -0.72 -24.12 -22.99
CA ILE C 335 -2.16 -24.02 -22.89
C ILE C 335 -2.62 -25.41 -22.46
N CYS C 336 -1.67 -26.27 -22.17
CA CYS C 336 -2.00 -27.60 -21.71
C CYS C 336 -2.50 -27.55 -20.29
N ILE C 337 -3.59 -28.25 -20.03
CA ILE C 337 -4.05 -28.51 -18.67
C ILE C 337 -4.28 -30.01 -18.67
N THR C 338 -3.92 -30.68 -19.76
CA THR C 338 -4.19 -32.10 -19.85
C THR C 338 -3.32 -32.92 -18.91
N GLN C 339 -2.17 -32.41 -18.51
CA GLN C 339 -1.50 -33.08 -17.40
C GLN C 339 -2.18 -32.77 -16.09
N GLU C 340 -2.86 -31.65 -16.02
CA GLU C 340 -3.51 -31.31 -14.78
C GLU C 340 -4.89 -31.93 -14.68
N VAL C 341 -5.60 -32.15 -15.81
CA VAL C 341 -6.98 -32.63 -15.71
C VAL C 341 -7.19 -33.96 -16.42
N LEU C 342 -6.27 -34.35 -17.27
CA LEU C 342 -6.46 -35.71 -17.77
C LEU C 342 -5.49 -36.69 -17.15
N ALA C 343 -4.47 -36.21 -16.44
CA ALA C 343 -3.39 -36.99 -15.82
C ALA C 343 -2.54 -37.75 -16.82
N CYS C 344 -2.73 -37.53 -18.09
CA CYS C 344 -2.04 -38.24 -19.13
C CYS C 344 -0.83 -37.43 -19.55
N GLY C 345 -0.20 -37.81 -20.64
CA GLY C 345 0.92 -37.06 -21.14
C GLY C 345 2.21 -37.43 -20.44
N ARG C 346 3.29 -36.81 -20.90
CA ARG C 346 4.60 -37.04 -20.34
C ARG C 346 5.47 -35.86 -20.73
N PRO C 347 6.56 -35.61 -20.02
CA PRO C 347 7.41 -34.47 -20.34
C PRO C 347 8.02 -34.61 -21.70
N GLN C 348 8.30 -33.46 -22.31
CA GLN C 348 8.30 -33.44 -23.76
C GLN C 348 9.68 -33.70 -24.31
N ALA C 349 10.72 -33.37 -23.57
CA ALA C 349 12.06 -33.66 -24.04
C ALA C 349 12.34 -35.14 -23.95
N THR C 350 11.76 -35.81 -22.99
CA THR C 350 11.90 -37.24 -22.98
C THR C 350 10.81 -37.91 -23.78
N ALA C 351 9.95 -37.13 -24.40
CA ALA C 351 9.08 -37.66 -25.42
C ALA C 351 9.74 -37.68 -26.77
N VAL C 352 10.40 -36.58 -27.15
CA VAL C 352 10.96 -36.48 -28.47
C VAL C 352 12.07 -37.47 -28.68
N TYR C 353 12.84 -37.79 -27.64
CA TYR C 353 13.94 -38.72 -27.83
C TYR C 353 13.45 -40.12 -28.07
N LYS C 354 12.51 -40.58 -27.27
CA LYS C 354 12.10 -41.96 -27.44
C LYS C 354 11.21 -42.13 -28.66
N VAL C 355 10.44 -41.12 -29.02
CA VAL C 355 9.67 -41.29 -30.24
C VAL C 355 10.56 -41.16 -31.47
N SER C 356 11.58 -40.31 -31.42
CA SER C 356 12.43 -40.23 -32.60
C SER C 356 13.37 -41.41 -32.68
N GLU C 357 13.68 -42.05 -31.57
CA GLU C 357 14.57 -43.20 -31.67
C GLU C 357 13.79 -44.42 -32.11
N TYR C 358 12.50 -44.49 -31.79
CA TYR C 358 11.75 -45.54 -32.44
C TYR C 358 11.45 -45.22 -33.88
N ALA C 359 11.23 -43.95 -34.19
CA ALA C 359 10.81 -43.59 -35.53
C ALA C 359 11.95 -43.69 -36.52
N ARG C 360 13.18 -43.46 -36.08
CA ARG C 360 14.26 -43.52 -37.05
C ARG C 360 14.60 -44.94 -37.45
N ARG C 361 14.13 -45.94 -36.71
CA ARG C 361 14.30 -47.32 -37.13
C ARG C 361 13.52 -47.63 -38.39
N PHE C 362 12.47 -46.87 -38.64
CA PHE C 362 11.63 -47.10 -39.80
C PHE C 362 11.75 -45.99 -40.82
N GLY C 363 12.55 -44.97 -40.54
CA GLY C 363 12.76 -43.92 -41.50
C GLY C 363 11.56 -43.03 -41.64
N VAL C 364 11.12 -42.41 -40.54
CA VAL C 364 10.00 -41.49 -40.56
C VAL C 364 10.30 -40.32 -39.65
N PRO C 365 10.16 -39.09 -40.10
CA PRO C 365 10.51 -37.95 -39.27
C PRO C 365 9.48 -37.74 -38.19
N VAL C 366 9.89 -36.95 -37.20
CA VAL C 366 9.02 -36.60 -36.08
C VAL C 366 9.06 -35.09 -35.93
N ILE C 367 7.91 -34.50 -35.66
CA ILE C 367 7.88 -33.07 -35.46
C ILE C 367 7.52 -32.82 -34.01
N ALA C 368 8.25 -31.92 -33.38
CA ALA C 368 8.17 -31.77 -31.93
C ALA C 368 7.29 -30.59 -31.60
N ASP C 369 6.56 -30.70 -30.50
CA ASP C 369 5.51 -29.76 -30.23
C ASP C 369 5.46 -29.42 -28.75
N GLY C 370 5.21 -28.15 -28.48
CA GLY C 370 4.86 -27.71 -27.15
C GLY C 370 6.08 -27.36 -26.31
N GLY C 371 5.87 -26.43 -25.38
CA GLY C 371 6.89 -26.09 -24.42
C GLY C 371 7.98 -25.19 -24.91
N ILE C 372 7.91 -24.72 -26.15
CA ILE C 372 8.99 -23.89 -26.65
C ILE C 372 8.79 -22.46 -26.15
N GLN C 373 9.78 -21.94 -25.43
CA GLN C 373 9.68 -20.61 -24.86
C GLN C 373 10.77 -19.68 -25.35
N ASN C 374 11.73 -20.20 -26.09
CA ASN C 374 12.87 -19.43 -26.58
C ASN C 374 13.52 -20.22 -27.71
N VAL C 375 14.68 -19.80 -28.18
CA VAL C 375 15.33 -20.55 -29.24
C VAL C 375 16.25 -21.60 -28.70
N GLY C 376 16.48 -21.64 -27.40
CA GLY C 376 17.32 -22.68 -26.86
C GLY C 376 16.61 -24.00 -26.88
N HIS C 377 15.29 -23.92 -26.66
CA HIS C 377 14.47 -25.11 -26.72
C HIS C 377 14.42 -25.67 -28.11
N ILE C 378 14.71 -24.86 -29.12
CA ILE C 378 14.72 -25.37 -30.47
C ILE C 378 15.88 -26.32 -30.67
N ALA C 379 17.08 -25.89 -30.31
CA ALA C 379 18.24 -26.75 -30.50
C ALA C 379 18.20 -27.93 -29.54
N LYS C 380 17.68 -27.73 -28.34
CA LYS C 380 17.51 -28.85 -27.45
C LYS C 380 16.43 -29.80 -27.93
N ALA C 381 15.48 -29.32 -28.71
CA ALA C 381 14.51 -30.23 -29.27
C ALA C 381 15.13 -31.04 -30.37
N LEU C 382 15.61 -30.36 -31.40
CA LEU C 382 15.87 -31.07 -32.63
C LEU C 382 17.27 -31.65 -32.63
N ALA C 383 18.06 -31.33 -31.62
CA ALA C 383 19.24 -32.11 -31.38
C ALA C 383 18.93 -33.39 -30.61
N LEU C 384 17.70 -33.57 -30.14
CA LEU C 384 17.35 -34.83 -29.53
C LEU C 384 16.73 -35.80 -30.49
N GLY C 385 16.63 -35.48 -31.76
CA GLY C 385 16.06 -36.41 -32.71
C GLY C 385 14.87 -35.86 -33.44
N ALA C 386 14.35 -34.72 -33.04
CA ALA C 386 13.24 -34.12 -33.75
C ALA C 386 13.72 -33.64 -35.11
N SER C 387 12.84 -33.70 -36.08
CA SER C 387 13.17 -33.24 -37.41
C SER C 387 12.86 -31.77 -37.60
N THR C 388 11.62 -31.38 -37.38
CA THR C 388 11.24 -29.98 -37.27
C THR C 388 10.52 -29.80 -35.96
N VAL C 389 10.32 -28.56 -35.55
CA VAL C 389 9.74 -28.30 -34.24
C VAL C 389 8.65 -27.26 -34.37
N MET C 390 7.51 -27.51 -33.73
CA MET C 390 6.27 -26.82 -34.03
C MET C 390 5.99 -25.74 -32.99
N MET C 391 5.87 -24.50 -33.43
CA MET C 391 5.66 -23.38 -32.53
C MET C 391 4.19 -23.11 -32.34
N GLY C 392 3.76 -23.04 -31.09
CA GLY C 392 2.45 -22.53 -30.81
C GLY C 392 2.43 -21.17 -30.12
N SER C 393 3.20 -21.03 -29.05
CA SER C 393 3.11 -19.80 -28.30
C SER C 393 4.22 -18.85 -28.67
N LEU C 394 5.32 -19.36 -29.17
CA LEU C 394 6.40 -18.48 -29.54
C LEU C 394 6.05 -17.69 -30.79
N LEU C 395 5.27 -18.28 -31.68
CA LEU C 395 4.93 -17.61 -32.92
C LEU C 395 3.52 -17.09 -32.90
N ALA C 396 2.84 -17.22 -31.78
CA ALA C 396 1.59 -16.49 -31.57
C ALA C 396 1.92 -15.03 -31.36
N ALA C 397 0.89 -14.20 -31.52
CA ALA C 397 0.95 -12.76 -31.34
C ALA C 397 2.01 -12.11 -32.21
N THR C 398 1.80 -12.11 -33.52
CA THR C 398 2.60 -11.27 -34.39
C THR C 398 1.67 -10.32 -35.14
N THR C 399 2.21 -9.54 -36.07
CA THR C 399 1.39 -8.60 -36.82
C THR C 399 0.41 -9.32 -37.74
N GLU C 400 0.88 -10.39 -38.37
CA GLU C 400 0.11 -11.21 -39.28
C GLU C 400 -0.59 -12.36 -38.59
N ALA C 401 -0.44 -12.47 -37.29
CA ALA C 401 -1.26 -13.38 -36.53
C ALA C 401 -2.72 -12.93 -36.59
N PRO C 402 -3.66 -13.84 -36.49
CA PRO C 402 -5.07 -13.46 -36.64
C PRO C 402 -5.63 -12.66 -35.48
N GLY C 403 -6.89 -12.29 -35.58
CA GLY C 403 -7.52 -11.54 -34.50
C GLY C 403 -7.12 -10.08 -34.51
N GLU C 404 -7.28 -9.44 -33.36
CA GLU C 404 -7.20 -8.00 -33.26
C GLU C 404 -6.19 -7.67 -32.16
N TYR C 405 -5.65 -6.46 -32.20
CA TYR C 405 -4.83 -5.97 -31.11
C TYR C 405 -5.69 -5.27 -30.07
N PHE C 406 -5.28 -5.39 -28.82
CA PHE C 406 -5.92 -4.66 -27.74
C PHE C 406 -4.93 -4.52 -26.61
N PHE C 407 -5.17 -3.55 -25.76
CA PHE C 407 -4.26 -3.29 -24.66
C PHE C 407 -4.90 -3.74 -23.36
N SER C 408 -4.04 -4.10 -22.42
CA SER C 408 -4.48 -4.39 -21.06
C SER C 408 -3.33 -3.98 -20.15
N ASP C 409 -3.65 -3.09 -19.22
CA ASP C 409 -2.68 -2.24 -18.54
C ASP C 409 -1.74 -1.57 -19.55
N GLY C 410 -2.31 -1.12 -20.68
CA GLY C 410 -1.58 -0.38 -21.67
C GLY C 410 -0.47 -1.13 -22.35
N ILE C 411 -0.52 -2.45 -22.38
CA ILE C 411 0.52 -3.24 -23.02
C ILE C 411 -0.05 -3.90 -24.26
N ARG C 412 0.67 -3.83 -25.36
CA ARG C 412 0.20 -4.36 -26.62
C ARG C 412 0.27 -5.89 -26.61
N LEU C 413 -0.86 -6.52 -26.88
CA LEU C 413 -0.98 -7.98 -26.84
C LEU C 413 -2.25 -8.38 -27.57
N LYS C 414 -2.48 -9.68 -27.66
CA LYS C 414 -3.67 -10.20 -28.32
C LYS C 414 -4.01 -11.57 -27.78
N LYS C 415 -5.27 -11.98 -27.93
CA LYS C 415 -5.77 -13.22 -27.35
C LYS C 415 -5.12 -14.45 -27.93
N TYR C 416 -5.12 -15.53 -27.16
CA TYR C 416 -4.56 -16.81 -27.59
C TYR C 416 -5.11 -17.91 -26.70
N ARG C 417 -5.68 -18.91 -27.33
CA ARG C 417 -6.30 -20.04 -26.66
C ARG C 417 -6.11 -21.27 -27.53
N GLY C 418 -5.99 -22.42 -26.89
CA GLY C 418 -5.91 -23.68 -27.59
C GLY C 418 -7.29 -24.25 -27.81
N MET C 419 -7.33 -25.37 -28.50
CA MET C 419 -8.62 -25.99 -28.78
C MET C 419 -9.30 -26.53 -27.54
N GLY C 420 -8.56 -26.82 -26.49
CA GLY C 420 -9.15 -27.48 -25.36
C GLY C 420 -9.92 -26.58 -24.42
N SER C 421 -10.05 -25.31 -24.75
CA SER C 421 -10.84 -24.43 -23.92
C SER C 421 -12.31 -24.78 -24.01
N LEU C 422 -13.11 -24.20 -23.12
CA LEU C 422 -14.55 -24.24 -23.32
C LEU C 422 -15.01 -23.23 -24.36
N ASP C 423 -14.08 -22.50 -24.97
CA ASP C 423 -14.32 -21.70 -26.15
C ASP C 423 -14.02 -22.46 -27.42
N ALA C 424 -14.35 -23.75 -27.45
CA ALA C 424 -14.23 -24.55 -28.67
C ALA C 424 -15.13 -24.01 -29.78
N MET C 425 -16.42 -23.82 -29.49
CA MET C 425 -17.30 -23.01 -30.33
C MET C 425 -18.06 -22.02 -29.49
N ILE C 442 -21.92 -31.50 -22.20
CA ILE C 442 -21.21 -31.46 -20.92
C ILE C 442 -19.74 -31.59 -21.23
N LYS C 443 -19.07 -30.45 -21.36
CA LYS C 443 -17.75 -30.44 -21.95
C LYS C 443 -16.71 -30.44 -20.83
N VAL C 444 -15.53 -30.99 -21.08
CA VAL C 444 -14.43 -30.87 -20.15
C VAL C 444 -13.48 -29.83 -20.71
N ALA C 445 -12.67 -29.25 -19.86
CA ALA C 445 -11.74 -28.23 -20.29
C ALA C 445 -10.40 -28.91 -20.42
N GLN C 446 -9.72 -28.71 -21.54
CA GLN C 446 -8.35 -29.17 -21.69
C GLN C 446 -7.44 -28.06 -22.15
N GLY C 447 -7.88 -26.81 -22.01
CA GLY C 447 -7.13 -25.69 -22.55
C GLY C 447 -7.52 -24.43 -21.82
N VAL C 448 -6.73 -23.39 -22.06
CA VAL C 448 -6.92 -22.15 -21.34
C VAL C 448 -7.05 -21.06 -22.39
N SER C 449 -7.51 -19.89 -21.98
CA SER C 449 -7.62 -18.76 -22.89
C SER C 449 -6.92 -17.57 -22.28
N GLY C 450 -5.94 -17.04 -22.99
CA GLY C 450 -5.17 -15.95 -22.44
C GLY C 450 -4.58 -15.09 -23.52
N ALA C 451 -3.48 -14.42 -23.23
CA ALA C 451 -2.91 -13.48 -24.18
C ALA C 451 -1.41 -13.42 -23.99
N VAL C 452 -0.75 -12.80 -24.97
CA VAL C 452 0.70 -12.74 -25.01
C VAL C 452 1.09 -11.50 -25.80
N GLN C 453 2.08 -10.78 -25.30
CA GLN C 453 2.55 -9.57 -25.96
C GLN C 453 3.23 -9.91 -27.29
N ASP C 454 3.11 -9.00 -28.25
CA ASP C 454 3.50 -9.32 -29.61
C ASP C 454 5.00 -9.18 -29.79
N LYS C 455 5.48 -9.63 -30.95
CA LYS C 455 6.89 -9.62 -31.28
C LYS C 455 7.12 -9.21 -32.71
N GLY C 456 6.42 -8.18 -33.18
CA GLY C 456 6.64 -7.69 -34.54
C GLY C 456 6.03 -8.61 -35.58
N SER C 457 6.60 -8.61 -36.77
CA SER C 457 6.28 -9.60 -37.78
C SER C 457 7.26 -10.75 -37.72
N ILE C 458 6.85 -11.89 -38.28
CA ILE C 458 7.78 -13.01 -38.27
C ILE C 458 8.90 -12.78 -39.25
N HIS C 459 8.67 -11.96 -40.28
CA HIS C 459 9.72 -11.67 -41.25
C HIS C 459 10.91 -10.96 -40.61
N LYS C 460 10.73 -10.36 -39.44
CA LYS C 460 11.82 -9.96 -38.59
C LYS C 460 12.13 -10.99 -37.52
N PHE C 461 11.19 -11.86 -37.18
CA PHE C 461 11.32 -12.69 -35.99
C PHE C 461 11.96 -14.05 -36.27
N VAL C 462 11.42 -14.82 -37.20
CA VAL C 462 12.06 -16.08 -37.56
C VAL C 462 13.46 -15.97 -38.17
N PRO C 463 13.96 -14.84 -38.72
CA PRO C 463 15.40 -14.79 -38.91
C PRO C 463 16.17 -14.89 -37.63
N TYR C 464 15.67 -14.31 -36.54
CA TYR C 464 16.31 -14.51 -35.25
C TYR C 464 16.30 -15.96 -34.82
N LEU C 465 15.21 -16.68 -35.08
CA LEU C 465 15.16 -18.07 -34.68
C LEU C 465 16.12 -18.91 -35.53
N ILE C 466 16.20 -18.64 -36.83
CA ILE C 466 17.11 -19.43 -37.62
C ILE C 466 18.55 -19.05 -37.31
N ALA C 467 18.80 -17.79 -36.95
CA ALA C 467 20.14 -17.39 -36.55
C ALA C 467 20.54 -18.05 -35.25
N GLY C 468 19.60 -18.18 -34.32
CA GLY C 468 19.86 -18.91 -33.11
C GLY C 468 20.10 -20.38 -33.32
N ILE C 469 19.34 -21.00 -34.22
CA ILE C 469 19.56 -22.41 -34.51
C ILE C 469 20.93 -22.63 -35.11
N GLN C 470 21.32 -21.82 -36.10
CA GLN C 470 22.62 -22.07 -36.69
C GLN C 470 23.74 -21.66 -35.76
N HIS C 471 23.50 -20.72 -34.85
CA HIS C 471 24.54 -20.42 -33.88
C HIS C 471 24.71 -21.53 -32.87
N SER C 472 23.64 -22.20 -32.48
CA SER C 472 23.79 -23.33 -31.59
C SER C 472 24.49 -24.48 -32.29
N CYS C 473 24.08 -24.77 -33.51
CA CYS C 473 24.67 -25.88 -34.24
C CYS C 473 26.10 -25.57 -34.62
N GLN C 474 26.42 -24.30 -34.81
CA GLN C 474 27.78 -23.83 -34.85
C GLN C 474 28.50 -24.11 -33.56
N ASP C 475 27.83 -23.89 -32.45
CA ASP C 475 28.55 -23.84 -31.20
C ASP C 475 28.71 -25.21 -30.58
N ILE C 476 28.11 -26.24 -31.16
CA ILE C 476 28.34 -27.58 -30.63
C ILE C 476 29.26 -28.37 -31.52
N GLY C 477 29.28 -28.08 -32.81
CA GLY C 477 30.25 -28.74 -33.66
C GLY C 477 29.68 -29.52 -34.82
N ALA C 478 28.54 -29.11 -35.34
CA ALA C 478 27.98 -29.76 -36.52
C ALA C 478 27.76 -28.73 -37.60
N LYS C 479 28.14 -29.05 -38.83
CA LYS C 479 27.85 -28.13 -39.92
C LYS C 479 26.37 -28.11 -40.22
N SER C 480 25.74 -29.26 -40.24
CA SER C 480 24.35 -29.37 -40.61
C SER C 480 23.58 -30.24 -39.63
N LEU C 481 22.26 -30.09 -39.65
CA LEU C 481 21.41 -30.75 -38.66
C LEU C 481 21.40 -32.25 -38.83
N THR C 482 21.67 -32.73 -40.04
CA THR C 482 21.79 -34.17 -40.20
C THR C 482 22.97 -34.71 -39.41
N GLN C 483 24.05 -33.97 -39.28
CA GLN C 483 25.07 -34.55 -38.42
C GLN C 483 24.98 -34.09 -36.99
N VAL C 484 24.12 -33.14 -36.62
CA VAL C 484 23.90 -32.99 -35.19
C VAL C 484 23.11 -34.19 -34.69
N ARG C 485 22.18 -34.69 -35.50
CA ARG C 485 21.52 -35.91 -35.05
C ARG C 485 22.43 -37.11 -35.23
N ALA C 486 23.36 -37.08 -36.18
CA ALA C 486 24.28 -38.19 -36.28
C ALA C 486 25.25 -38.23 -35.12
N MET C 487 25.72 -37.07 -34.67
CA MET C 487 26.58 -37.08 -33.50
C MET C 487 25.81 -37.35 -32.23
N MET C 488 24.50 -37.12 -32.24
CA MET C 488 23.72 -37.55 -31.09
C MET C 488 23.54 -39.05 -31.06
N TYR C 489 23.09 -39.65 -32.14
CA TYR C 489 22.80 -41.07 -32.08
C TYR C 489 24.07 -41.89 -32.07
N SER C 490 25.11 -41.43 -32.74
CA SER C 490 26.37 -42.17 -32.68
C SER C 490 27.09 -41.96 -31.37
N GLY C 491 26.72 -40.93 -30.63
CA GLY C 491 27.12 -40.82 -29.25
C GLY C 491 28.26 -39.88 -28.98
N GLU C 492 28.71 -39.10 -29.96
CA GLU C 492 29.84 -38.24 -29.66
C GLU C 492 29.41 -36.86 -29.19
N LEU C 493 28.25 -36.38 -29.59
CA LEU C 493 27.69 -35.17 -29.01
C LEU C 493 27.13 -35.53 -27.65
N LYS C 494 27.64 -34.92 -26.61
CA LYS C 494 27.35 -35.38 -25.27
C LYS C 494 26.55 -34.33 -24.52
N PHE C 495 25.62 -34.80 -23.71
CA PHE C 495 24.72 -33.97 -22.94
C PHE C 495 25.22 -33.88 -21.51
N GLU C 496 24.55 -33.09 -20.68
CA GLU C 496 24.70 -33.29 -19.25
C GLU C 496 23.45 -32.79 -18.57
N LYS C 497 23.06 -33.51 -17.51
CA LYS C 497 21.97 -33.17 -16.62
C LYS C 497 22.19 -31.79 -16.02
N ARG C 498 21.11 -31.17 -15.58
CA ARG C 498 21.19 -29.89 -14.90
C ARG C 498 20.20 -29.92 -13.75
N THR C 499 20.57 -29.33 -12.62
CA THR C 499 19.72 -29.44 -11.44
C THR C 499 18.87 -28.18 -11.29
N SER C 500 18.21 -28.08 -10.15
CA SER C 500 17.28 -26.98 -9.93
C SER C 500 18.01 -25.67 -9.71
N SER C 501 18.89 -25.64 -8.71
CA SER C 501 19.66 -24.44 -8.46
C SER C 501 20.65 -24.15 -9.57
N ALA C 502 21.10 -25.16 -10.29
CA ALA C 502 21.85 -24.90 -11.50
C ALA C 502 21.00 -24.25 -12.57
N GLN C 503 19.71 -24.51 -12.58
CA GLN C 503 18.88 -23.86 -13.57
C GLN C 503 18.58 -22.43 -13.18
N VAL C 504 18.45 -22.15 -11.88
CA VAL C 504 18.20 -20.76 -11.51
C VAL C 504 19.50 -19.97 -11.58
N GLU C 505 20.63 -20.64 -11.50
CA GLU C 505 21.91 -20.02 -11.76
C GLU C 505 22.18 -19.85 -13.24
N GLY C 506 21.60 -20.68 -14.09
CA GLY C 506 21.87 -20.59 -15.50
C GLY C 506 21.24 -19.42 -16.19
N GLY C 507 20.18 -18.86 -15.65
CA GLY C 507 19.55 -17.73 -16.29
C GLY C 507 20.25 -16.45 -15.90
N VAL C 508 19.49 -15.45 -15.48
CA VAL C 508 20.08 -14.21 -15.00
C VAL C 508 19.93 -14.20 -13.50
N HIS C 509 20.85 -13.51 -12.83
CA HIS C 509 20.84 -13.44 -11.37
C HIS C 509 21.77 -12.33 -10.93
N SER C 510 21.68 -12.01 -9.64
CA SER C 510 22.69 -11.26 -8.92
C SER C 510 22.85 -9.85 -9.44
N LEU C 511 21.77 -9.28 -9.94
CA LEU C 511 21.78 -7.89 -10.31
C LEU C 511 20.43 -7.28 -9.99
N HIS C 512 20.39 -5.96 -9.97
CA HIS C 512 19.21 -5.25 -9.52
C HIS C 512 18.07 -5.32 -10.53
N SER C 513 18.28 -4.78 -11.72
CA SER C 513 17.22 -4.73 -12.70
C SER C 513 17.87 -4.68 -14.07
N TYR C 514 17.13 -5.16 -15.08
CA TYR C 514 17.71 -5.27 -16.40
C TYR C 514 16.62 -5.19 -17.44
N GLU C 515 17.05 -5.20 -18.69
CA GLU C 515 16.16 -5.34 -19.83
C GLU C 515 16.69 -6.44 -20.73
N LYS C 516 15.79 -7.24 -21.26
CA LYS C 516 16.16 -8.42 -22.02
C LYS C 516 15.70 -8.25 -23.45
N ARG C 517 16.59 -7.78 -24.30
CA ARG C 517 16.29 -7.61 -25.71
C ARG C 517 17.03 -8.69 -26.47
N LEU C 518 16.38 -9.26 -27.49
CA LEU C 518 16.84 -10.52 -28.07
C LEU C 518 17.28 -10.39 -29.52
N PHE C 519 16.36 -10.00 -30.39
CA PHE C 519 16.59 -10.01 -31.83
C PHE C 519 17.48 -8.86 -32.23
N SER D 16 1.09 -57.72 -29.24
CA SER D 16 2.12 -58.12 -30.19
C SER D 16 3.50 -57.64 -29.76
N TYR D 17 4.06 -56.65 -30.47
CA TYR D 17 5.40 -56.20 -30.17
C TYR D 17 5.41 -55.42 -28.87
N VAL D 18 4.75 -54.27 -28.87
CA VAL D 18 4.50 -53.40 -27.71
C VAL D 18 5.80 -53.05 -27.00
N PRO D 19 6.57 -52.09 -27.51
CA PRO D 19 7.88 -51.77 -26.92
C PRO D 19 7.77 -51.34 -25.47
N ASP D 20 8.81 -51.63 -24.72
CA ASP D 20 8.78 -51.50 -23.26
C ASP D 20 9.09 -50.09 -22.80
N ASP D 21 8.41 -49.11 -23.35
CA ASP D 21 8.73 -47.73 -23.04
C ASP D 21 8.04 -47.33 -21.75
N GLY D 22 8.80 -46.79 -20.82
CA GLY D 22 8.29 -46.29 -19.56
C GLY D 22 8.72 -47.16 -18.41
N LEU D 23 8.13 -46.88 -17.25
CA LEU D 23 8.38 -47.62 -16.02
C LEU D 23 7.07 -48.21 -15.55
N THR D 24 7.09 -49.48 -15.14
CA THR D 24 5.89 -50.04 -14.55
C THR D 24 5.85 -49.64 -13.09
N ALA D 25 4.77 -49.99 -12.40
CA ALA D 25 4.44 -49.33 -11.15
C ALA D 25 5.38 -49.74 -10.03
N GLN D 26 5.65 -51.04 -9.89
CA GLN D 26 6.49 -51.44 -8.78
C GLN D 26 7.94 -51.07 -8.98
N GLN D 27 8.35 -50.79 -10.21
CA GLN D 27 9.65 -50.20 -10.39
C GLN D 27 9.57 -48.70 -10.50
N LEU D 28 8.44 -48.11 -10.13
CA LEU D 28 8.42 -46.69 -9.85
C LEU D 28 8.55 -46.49 -8.36
N PHE D 29 7.72 -47.18 -7.60
CA PHE D 29 7.65 -46.83 -6.19
C PHE D 29 8.68 -47.55 -5.34
N ASN D 30 9.32 -48.59 -5.85
CA ASN D 30 10.44 -49.17 -5.11
C ASN D 30 11.76 -48.54 -5.47
N CYS D 31 11.75 -47.34 -6.03
CA CYS D 31 12.96 -46.54 -6.08
C CYS D 31 13.22 -45.82 -4.78
N GLY D 32 12.35 -45.98 -3.78
CA GLY D 32 12.55 -45.39 -2.49
C GLY D 32 12.25 -43.90 -2.41
N ASP D 33 12.17 -43.23 -3.55
CA ASP D 33 11.96 -41.80 -3.55
C ASP D 33 10.51 -41.48 -3.22
N GLY D 34 10.31 -40.44 -2.45
CA GLY D 34 9.01 -40.18 -1.90
C GLY D 34 8.06 -39.44 -2.80
N LEU D 35 7.45 -40.10 -3.77
CA LEU D 35 6.59 -39.40 -4.70
C LEU D 35 5.25 -39.06 -4.07
N THR D 36 4.69 -37.95 -4.53
CA THR D 36 3.30 -37.61 -4.25
C THR D 36 2.58 -37.42 -5.58
N TYR D 37 1.34 -36.94 -5.53
CA TYR D 37 0.48 -36.89 -6.71
C TYR D 37 1.06 -36.04 -7.82
N ASN D 38 1.69 -34.95 -7.46
CA ASN D 38 1.88 -33.91 -8.43
C ASN D 38 3.17 -34.14 -9.20
N ASP D 39 3.69 -35.36 -9.20
CA ASP D 39 5.05 -35.54 -9.67
C ASP D 39 5.25 -36.74 -10.59
N PHE D 40 4.21 -37.52 -10.87
CA PHE D 40 4.33 -38.59 -11.85
C PHE D 40 3.11 -38.52 -12.74
N LEU D 41 3.17 -39.21 -13.88
CA LEU D 41 2.05 -39.20 -14.81
C LEU D 41 1.74 -40.63 -15.22
N ILE D 42 0.64 -40.81 -15.92
CA ILE D 42 0.31 -42.09 -16.53
C ILE D 42 0.40 -41.93 -18.03
N LEU D 43 0.92 -42.90 -18.67
CA LEU D 43 1.19 -42.68 -20.09
C LEU D 43 0.09 -43.30 -20.90
N PRO D 44 -0.29 -42.71 -22.02
CA PRO D 44 -1.45 -43.21 -22.76
C PRO D 44 -1.15 -44.54 -23.43
N GLY D 45 -2.22 -45.19 -23.84
CA GLY D 45 -2.09 -46.54 -24.37
C GLY D 45 -2.72 -46.66 -25.74
N TYR D 46 -3.73 -47.51 -25.84
CA TYR D 46 -4.38 -47.77 -27.10
C TYR D 46 -5.87 -47.56 -26.96
N ILE D 47 -6.47 -46.89 -27.94
CA ILE D 47 -7.89 -46.62 -27.93
C ILE D 47 -8.54 -47.62 -28.87
N ASP D 48 -9.63 -48.23 -28.43
CA ASP D 48 -10.47 -48.91 -29.39
C ASP D 48 -11.94 -48.74 -29.07
N PHE D 49 -12.31 -47.65 -28.40
CA PHE D 49 -13.70 -47.42 -28.01
C PHE D 49 -13.85 -45.94 -27.68
N THR D 50 -15.09 -45.52 -27.51
CA THR D 50 -15.39 -44.11 -27.35
C THR D 50 -15.19 -43.68 -25.91
N ALA D 51 -15.65 -42.48 -25.58
CA ALA D 51 -15.40 -41.92 -24.26
C ALA D 51 -16.42 -42.34 -23.22
N ASP D 52 -17.69 -42.24 -23.53
CA ASP D 52 -18.71 -42.44 -22.52
C ASP D 52 -19.04 -43.90 -22.27
N GLN D 53 -18.58 -44.80 -23.11
CA GLN D 53 -18.89 -46.22 -22.94
C GLN D 53 -17.98 -46.88 -21.93
N VAL D 54 -18.02 -46.41 -20.70
CA VAL D 54 -17.01 -46.71 -19.69
C VAL D 54 -17.69 -47.24 -18.43
N ASP D 55 -17.18 -48.35 -17.90
CA ASP D 55 -17.77 -49.00 -16.74
C ASP D 55 -17.09 -48.37 -15.53
N LEU D 56 -17.74 -47.37 -14.98
CA LEU D 56 -17.13 -46.54 -13.94
C LEU D 56 -17.58 -47.00 -12.55
N THR D 57 -17.58 -48.32 -12.40
CA THR D 57 -18.06 -48.98 -11.18
C THR D 57 -16.89 -49.24 -10.25
N SER D 58 -17.01 -48.86 -8.99
CA SER D 58 -15.94 -49.09 -8.03
C SER D 58 -16.47 -49.51 -6.68
N ALA D 59 -15.73 -50.38 -6.01
CA ALA D 59 -16.11 -50.90 -4.71
C ALA D 59 -15.84 -49.86 -3.65
N LEU D 60 -16.48 -50.04 -2.49
CA LEU D 60 -16.19 -49.19 -1.35
C LEU D 60 -15.75 -50.00 -0.15
N THR D 61 -16.43 -51.11 0.10
CA THR D 61 -16.02 -52.04 1.13
C THR D 61 -15.89 -53.41 0.49
N LYS D 62 -15.72 -54.47 1.27
CA LYS D 62 -15.66 -55.78 0.66
C LYS D 62 -17.00 -56.26 0.15
N LYS D 63 -18.11 -55.61 0.49
CA LYS D 63 -19.38 -56.17 0.07
C LYS D 63 -20.30 -55.17 -0.62
N ILE D 64 -20.32 -53.92 -0.18
CA ILE D 64 -21.24 -52.97 -0.81
C ILE D 64 -20.49 -52.17 -1.86
N THR D 65 -21.14 -51.96 -3.00
CA THR D 65 -20.49 -51.43 -4.19
C THR D 65 -21.18 -50.16 -4.61
N LEU D 66 -20.41 -49.23 -5.12
CA LEU D 66 -20.91 -47.98 -5.66
C LEU D 66 -20.66 -47.99 -7.16
N LYS D 67 -21.15 -46.96 -7.84
CA LYS D 67 -20.82 -46.91 -9.25
C LYS D 67 -20.38 -45.54 -9.72
N THR D 68 -20.00 -44.65 -8.82
CA THR D 68 -18.99 -43.64 -9.09
C THR D 68 -18.01 -43.68 -7.93
N PRO D 69 -16.72 -43.41 -8.18
CA PRO D 69 -15.73 -43.47 -7.11
C PRO D 69 -15.63 -42.24 -6.24
N LEU D 70 -16.61 -41.37 -6.20
CA LEU D 70 -16.43 -40.12 -5.49
C LEU D 70 -17.16 -40.20 -4.16
N VAL D 71 -16.42 -40.23 -3.06
CA VAL D 71 -17.05 -40.13 -1.76
C VAL D 71 -16.46 -38.93 -1.07
N SER D 72 -17.09 -38.51 0.00
CA SER D 72 -16.67 -37.30 0.67
C SER D 72 -16.33 -37.55 2.12
N SER D 73 -15.80 -36.52 2.76
CA SER D 73 -15.01 -36.71 3.95
C SER D 73 -15.79 -36.29 5.17
N PRO D 74 -15.74 -37.00 6.24
CA PRO D 74 -16.36 -36.50 7.46
C PRO D 74 -15.60 -35.34 8.05
N MET D 75 -16.08 -34.14 7.83
CA MET D 75 -15.68 -32.98 8.60
C MET D 75 -16.94 -32.23 9.02
N ASP D 76 -16.80 -31.40 10.04
CA ASP D 76 -17.97 -30.68 10.53
C ASP D 76 -18.33 -29.51 9.63
N THR D 77 -17.51 -29.24 8.64
CA THR D 77 -17.79 -28.17 7.72
C THR D 77 -18.09 -28.62 6.31
N VAL D 78 -17.90 -29.88 5.98
CA VAL D 78 -18.12 -30.23 4.58
C VAL D 78 -19.31 -31.18 4.46
N THR D 79 -19.44 -32.16 5.33
CA THR D 79 -20.47 -33.16 5.09
C THR D 79 -21.37 -33.34 6.29
N GLU D 80 -22.64 -33.11 6.05
CA GLU D 80 -23.73 -33.50 6.92
C GLU D 80 -24.81 -33.89 5.93
N ALA D 81 -26.07 -33.97 6.36
CA ALA D 81 -27.17 -34.55 5.59
C ALA D 81 -27.27 -34.06 4.15
N GLY D 82 -27.00 -32.77 3.93
CA GLY D 82 -27.06 -32.21 2.59
C GLY D 82 -26.07 -32.81 1.63
N MET D 83 -24.85 -33.08 2.08
CA MET D 83 -23.91 -33.78 1.23
C MET D 83 -24.23 -35.24 1.10
N ALA D 84 -24.80 -35.84 2.13
CA ALA D 84 -25.08 -37.26 2.06
C ALA D 84 -26.13 -37.57 1.03
N ILE D 85 -27.24 -36.81 1.04
CA ILE D 85 -28.26 -37.00 0.01
C ILE D 85 -27.71 -36.65 -1.35
N ALA D 86 -26.80 -35.68 -1.42
CA ALA D 86 -26.29 -35.22 -2.71
C ALA D 86 -25.44 -36.28 -3.37
N MET D 87 -24.41 -36.75 -2.70
CA MET D 87 -23.52 -37.68 -3.36
C MET D 87 -24.09 -39.08 -3.40
N ALA D 88 -24.99 -39.43 -2.49
CA ALA D 88 -25.72 -40.67 -2.69
C ALA D 88 -26.62 -40.55 -3.90
N LEU D 89 -27.14 -39.36 -4.13
CA LEU D 89 -28.04 -39.14 -5.22
C LEU D 89 -27.31 -39.12 -6.55
N THR D 90 -26.04 -38.75 -6.55
CA THR D 90 -25.29 -38.67 -7.80
C THR D 90 -24.26 -39.76 -7.96
N GLY D 91 -24.40 -40.87 -7.24
CA GLY D 91 -23.53 -42.00 -7.51
C GLY D 91 -22.65 -42.41 -6.36
N GLY D 92 -22.07 -41.46 -5.65
CA GLY D 92 -21.18 -41.76 -4.55
C GLY D 92 -21.95 -42.08 -3.29
N ILE D 93 -21.27 -41.96 -2.15
CA ILE D 93 -21.93 -41.90 -0.86
C ILE D 93 -21.31 -40.74 -0.09
N GLY D 94 -21.79 -40.52 1.11
CA GLY D 94 -21.20 -39.54 1.98
C GLY D 94 -21.06 -40.13 3.36
N PHE D 95 -20.31 -39.45 4.20
CA PHE D 95 -20.27 -39.77 5.61
C PHE D 95 -20.77 -38.57 6.38
N ILE D 96 -21.08 -38.77 7.66
CA ILE D 96 -21.56 -37.68 8.50
C ILE D 96 -20.67 -37.58 9.72
N HIS D 97 -20.16 -36.38 9.97
CA HIS D 97 -19.06 -36.16 10.88
C HIS D 97 -19.45 -36.43 12.31
N HIS D 98 -18.45 -36.80 13.11
CA HIS D 98 -18.69 -37.16 14.48
C HIS D 98 -18.42 -36.00 15.42
N ASN D 99 -18.21 -34.79 14.90
CA ASN D 99 -17.93 -33.68 15.79
C ASN D 99 -19.23 -33.01 16.20
N CYS D 100 -20.09 -33.75 16.90
CA CYS D 100 -21.41 -33.27 17.28
C CYS D 100 -21.97 -34.20 18.35
N THR D 101 -23.13 -33.85 18.86
CA THR D 101 -23.85 -34.70 19.79
C THR D 101 -24.39 -35.92 19.03
N PRO D 102 -24.52 -37.07 19.72
CA PRO D 102 -24.94 -38.28 18.99
C PRO D 102 -26.36 -38.24 18.47
N GLU D 103 -27.27 -37.58 19.19
CA GLU D 103 -28.65 -37.46 18.72
C GLU D 103 -28.72 -36.62 17.46
N PHE D 104 -27.82 -35.64 17.33
CA PHE D 104 -27.72 -34.86 16.12
C PHE D 104 -27.36 -35.75 14.94
N GLN D 105 -26.34 -36.58 15.08
CA GLN D 105 -25.90 -37.42 13.98
C GLN D 105 -26.93 -38.48 13.64
N ALA D 106 -27.67 -38.96 14.65
CA ALA D 106 -28.79 -39.85 14.38
C ALA D 106 -29.89 -39.14 13.61
N ASN D 107 -30.17 -37.89 13.95
CA ASN D 107 -31.14 -37.11 13.19
C ASN D 107 -30.69 -36.87 11.75
N GLU D 108 -29.41 -36.58 11.55
CA GLU D 108 -28.93 -36.35 10.19
C GLU D 108 -28.87 -37.63 9.37
N VAL D 109 -28.66 -38.79 9.99
CA VAL D 109 -28.71 -39.98 9.16
C VAL D 109 -30.15 -40.39 8.89
N ARG D 110 -31.08 -40.10 9.81
CA ARG D 110 -32.48 -40.34 9.52
C ARG D 110 -32.98 -39.43 8.43
N LYS D 111 -32.48 -38.22 8.38
CA LYS D 111 -32.85 -37.27 7.34
C LYS D 111 -32.41 -37.73 5.96
N VAL D 112 -31.42 -38.61 5.88
CA VAL D 112 -30.88 -39.05 4.62
C VAL D 112 -31.43 -40.39 4.18
N LYS D 113 -31.42 -41.38 5.07
CA LYS D 113 -31.64 -42.75 4.62
C LYS D 113 -33.10 -42.97 4.23
N LYS D 114 -34.00 -42.13 4.70
CA LYS D 114 -35.32 -42.28 4.11
C LYS D 114 -35.41 -41.55 2.78
N TYR D 115 -35.65 -40.25 2.80
CA TYR D 115 -35.64 -39.28 1.69
C TYR D 115 -36.55 -39.58 0.47
N GLU D 116 -36.84 -40.85 0.21
CA GLU D 116 -37.75 -41.43 -0.77
C GLU D 116 -37.81 -40.74 -2.14
N GLN D 117 -36.74 -40.07 -2.57
CA GLN D 117 -36.57 -39.44 -3.88
C GLN D 117 -37.74 -38.51 -4.25
N GLY D 118 -37.93 -37.44 -3.51
CA GLY D 118 -38.94 -36.49 -3.92
C GLY D 118 -39.91 -36.08 -2.84
N PHE D 119 -40.24 -37.02 -1.95
CA PHE D 119 -41.08 -36.71 -0.80
C PHE D 119 -40.31 -35.76 0.10
N ILE D 120 -40.89 -34.62 0.43
CA ILE D 120 -40.18 -33.72 1.33
C ILE D 120 -40.24 -34.28 2.75
N THR D 121 -39.16 -34.92 3.16
CA THR D 121 -39.19 -35.78 4.33
C THR D 121 -38.77 -35.00 5.56
N ASP D 122 -39.08 -35.58 6.72
CA ASP D 122 -39.17 -35.02 8.06
C ASP D 122 -39.67 -33.58 8.03
N PRO D 123 -40.92 -33.33 7.66
CA PRO D 123 -41.42 -31.96 7.67
C PRO D 123 -41.68 -31.53 9.09
N VAL D 124 -41.71 -30.23 9.29
CA VAL D 124 -42.18 -29.73 10.58
C VAL D 124 -43.69 -29.78 10.57
N VAL D 125 -44.28 -29.76 11.76
CA VAL D 125 -45.72 -29.72 11.97
C VAL D 125 -45.94 -29.20 13.38
N LEU D 126 -47.11 -28.62 13.64
CA LEU D 126 -47.35 -27.99 14.93
C LEU D 126 -48.62 -28.55 15.56
N SER D 127 -48.90 -28.07 16.77
CA SER D 127 -50.02 -28.52 17.56
C SER D 127 -51.27 -27.76 17.14
N PRO D 128 -52.48 -28.34 17.31
CA PRO D 128 -53.69 -27.64 16.85
C PRO D 128 -54.06 -26.44 17.69
N LYS D 129 -53.43 -26.24 18.84
CA LYS D 129 -53.81 -25.15 19.73
C LYS D 129 -52.93 -23.91 19.59
N ASP D 130 -51.62 -24.06 19.39
CA ASP D 130 -50.79 -22.85 19.32
C ASP D 130 -50.98 -22.15 17.98
N ARG D 131 -50.79 -20.84 17.99
CA ARG D 131 -51.42 -19.98 17.02
C ARG D 131 -50.32 -19.28 16.19
N VAL D 132 -50.74 -18.30 15.39
CA VAL D 132 -50.09 -17.85 14.16
C VAL D 132 -48.73 -17.21 14.42
N ARG D 133 -48.44 -16.85 15.68
CA ARG D 133 -47.11 -16.40 16.07
C ARG D 133 -46.05 -17.43 15.75
N ASP D 134 -46.36 -18.70 15.97
CA ASP D 134 -45.40 -19.74 15.64
C ASP D 134 -45.33 -20.02 14.15
N VAL D 135 -46.35 -19.71 13.36
CA VAL D 135 -46.18 -19.96 11.93
C VAL D 135 -45.45 -18.80 11.27
N PHE D 136 -45.58 -17.59 11.80
CA PHE D 136 -44.66 -16.53 11.41
C PHE D 136 -43.24 -16.83 11.87
N GLU D 137 -43.11 -17.50 13.02
CA GLU D 137 -41.81 -18.01 13.44
C GLU D 137 -41.29 -19.06 12.48
N ALA D 138 -42.18 -19.89 11.93
CA ALA D 138 -41.77 -20.91 10.99
C ALA D 138 -41.32 -20.32 9.67
N LYS D 139 -41.99 -19.25 9.21
CA LYS D 139 -41.48 -18.50 8.08
C LYS D 139 -40.17 -17.80 8.44
N ALA D 140 -40.02 -17.42 9.70
CA ALA D 140 -38.74 -16.93 10.17
C ALA D 140 -37.73 -18.05 10.41
N ARG D 141 -38.20 -19.26 10.72
CA ARG D 141 -37.25 -20.34 10.95
C ARG D 141 -36.74 -20.92 9.64
N HIS D 142 -37.63 -21.48 8.83
CA HIS D 142 -37.22 -22.12 7.60
C HIS D 142 -37.37 -21.14 6.48
N GLY D 143 -38.56 -20.63 6.19
CA GLY D 143 -38.72 -19.72 5.07
C GLY D 143 -39.82 -20.19 4.16
N PHE D 144 -40.44 -21.32 4.48
CA PHE D 144 -41.49 -21.86 3.65
C PHE D 144 -42.85 -21.39 4.19
N CYS D 145 -43.91 -21.79 3.51
CA CYS D 145 -45.24 -21.31 3.85
C CYS D 145 -46.31 -22.39 3.93
N GLY D 146 -46.13 -23.55 3.29
CA GLY D 146 -47.16 -24.57 3.30
C GLY D 146 -46.93 -25.63 4.35
N ILE D 147 -47.76 -25.66 5.37
CA ILE D 147 -47.47 -26.41 6.59
C ILE D 147 -48.67 -27.20 7.08
N PRO D 148 -48.53 -28.51 7.26
CA PRO D 148 -49.65 -29.31 7.76
C PRO D 148 -49.87 -29.11 9.25
N ILE D 149 -50.93 -29.74 9.74
CA ILE D 149 -51.34 -29.66 11.14
C ILE D 149 -51.86 -31.02 11.58
N THR D 150 -51.55 -31.41 12.82
CA THR D 150 -51.87 -32.74 13.34
C THR D 150 -52.34 -32.67 14.80
N ASP D 151 -52.65 -33.84 15.36
CA ASP D 151 -53.12 -33.97 16.74
C ASP D 151 -52.06 -33.64 17.79
N THR D 152 -50.95 -34.38 17.81
CA THR D 152 -50.03 -34.22 18.92
C THR D 152 -48.95 -33.19 18.66
N GLY D 153 -48.96 -32.55 17.50
CA GLY D 153 -47.93 -31.57 17.19
C GLY D 153 -46.65 -32.14 16.64
N ARG D 154 -46.49 -33.46 16.60
CA ARG D 154 -45.32 -34.07 16.01
C ARG D 154 -45.74 -35.00 14.88
N MET D 155 -44.76 -35.69 14.32
CA MET D 155 -44.91 -36.30 13.00
C MET D 155 -45.81 -37.52 13.03
N GLY D 156 -45.49 -38.50 13.87
CA GLY D 156 -46.25 -39.74 13.90
C GLY D 156 -47.53 -39.61 14.68
N SER D 157 -48.50 -38.89 14.12
CA SER D 157 -49.77 -38.64 14.78
C SER D 157 -50.87 -38.65 13.74
N ARG D 158 -52.08 -38.35 14.17
CA ARG D 158 -53.22 -38.39 13.28
C ARG D 158 -53.45 -37.01 12.68
N LEU D 159 -53.87 -36.99 11.43
CA LEU D 159 -54.08 -35.77 10.67
C LEU D 159 -55.29 -35.00 11.21
N VAL D 160 -55.27 -33.67 11.04
CA VAL D 160 -56.50 -32.90 11.21
C VAL D 160 -56.82 -32.10 9.95
N GLY D 161 -55.80 -31.51 9.32
CA GLY D 161 -56.02 -30.84 8.05
C GLY D 161 -54.75 -30.18 7.55
N ILE D 162 -54.95 -29.05 6.87
CA ILE D 162 -53.87 -28.26 6.27
C ILE D 162 -54.18 -26.78 6.47
N ILE D 163 -53.18 -26.01 6.86
CA ILE D 163 -53.23 -24.56 6.76
C ILE D 163 -52.11 -24.14 5.84
N SER D 164 -52.16 -22.91 5.35
CA SER D 164 -51.25 -22.55 4.28
C SER D 164 -50.86 -21.09 4.42
N SER D 165 -50.18 -20.57 3.41
CA SER D 165 -49.92 -19.14 3.31
C SER D 165 -51.22 -18.38 3.09
N ARG D 166 -52.16 -18.98 2.38
CA ARG D 166 -53.31 -18.25 1.89
C ARG D 166 -54.42 -18.16 2.93
N ASP D 167 -54.13 -18.52 4.17
CA ASP D 167 -55.14 -18.55 5.21
C ASP D 167 -54.76 -17.78 6.45
N ILE D 168 -53.53 -17.29 6.55
CA ILE D 168 -52.97 -16.84 7.82
C ILE D 168 -52.67 -15.35 7.75
N ASP D 169 -53.28 -14.68 6.80
CA ASP D 169 -52.67 -13.45 6.34
C ASP D 169 -53.14 -12.19 7.08
N PHE D 170 -54.40 -12.09 7.43
CA PHE D 170 -55.05 -10.78 7.39
C PHE D 170 -55.63 -10.26 8.68
N LEU D 171 -56.14 -11.10 9.58
CA LEU D 171 -56.78 -10.58 10.78
C LEU D 171 -55.72 -10.06 11.74
N LYS D 172 -56.03 -8.98 12.45
CA LYS D 172 -55.00 -8.25 13.19
C LYS D 172 -55.06 -8.45 14.70
N GLU D 173 -55.66 -9.55 15.15
CA GLU D 173 -55.49 -10.05 16.50
C GLU D 173 -55.15 -11.51 16.43
N GLU D 174 -54.33 -11.86 15.44
CA GLU D 174 -54.20 -13.22 14.95
C GLU D 174 -53.38 -14.13 15.87
N GLU D 175 -52.64 -13.57 16.81
CA GLU D 175 -51.78 -14.42 17.63
C GLU D 175 -52.40 -14.81 18.97
N HIS D 176 -53.71 -14.69 19.13
CA HIS D 176 -54.24 -14.68 20.49
C HIS D 176 -54.62 -16.05 21.05
N ASP D 177 -53.74 -17.05 20.85
CA ASP D 177 -53.75 -18.41 21.39
C ASP D 177 -55.14 -19.05 21.47
N CYS D 178 -55.82 -19.19 20.34
CA CYS D 178 -57.19 -19.68 20.34
C CYS D 178 -57.28 -20.96 19.53
N PHE D 179 -58.52 -21.32 19.21
CA PHE D 179 -58.88 -22.59 18.59
C PHE D 179 -58.70 -22.45 17.08
N LEU D 180 -57.68 -23.13 16.53
CA LEU D 180 -57.31 -22.92 15.14
C LEU D 180 -58.18 -23.70 14.16
N GLU D 181 -59.10 -24.52 14.64
CA GLU D 181 -59.96 -25.29 13.72
C GLU D 181 -61.05 -24.43 13.09
N GLU D 182 -61.14 -23.16 13.47
CA GLU D 182 -62.02 -22.21 12.81
C GLU D 182 -61.37 -21.66 11.55
N ILE D 183 -60.12 -22.06 11.30
CA ILE D 183 -59.32 -21.51 10.21
C ILE D 183 -59.28 -22.51 9.06
N MET D 184 -58.90 -23.74 9.35
CA MET D 184 -58.90 -24.85 8.41
C MET D 184 -60.20 -25.64 8.53
N THR D 185 -60.31 -26.73 7.76
CA THR D 185 -61.44 -27.65 7.89
C THR D 185 -60.96 -29.10 7.82
N LYS D 186 -61.86 -30.02 8.16
CA LYS D 186 -61.48 -31.35 8.62
C LYS D 186 -61.09 -32.31 7.49
N ARG D 187 -62.07 -32.79 6.73
CA ARG D 187 -61.85 -33.77 5.67
C ARG D 187 -62.62 -33.46 4.42
N GLU D 188 -63.31 -32.34 4.37
CA GLU D 188 -64.31 -32.03 3.37
C GLU D 188 -63.69 -31.89 2.00
N ASP D 189 -62.58 -31.16 1.93
CA ASP D 189 -61.85 -30.93 0.69
C ASP D 189 -60.44 -31.50 0.73
N LEU D 190 -60.17 -32.45 1.61
CA LEU D 190 -58.82 -32.95 1.84
C LEU D 190 -58.53 -34.10 0.89
N VAL D 191 -57.55 -33.91 0.02
CA VAL D 191 -57.14 -34.92 -0.94
C VAL D 191 -55.94 -35.66 -0.38
N VAL D 192 -55.97 -36.98 -0.50
CA VAL D 192 -55.03 -37.87 0.18
C VAL D 192 -54.66 -39.03 -0.72
N ALA D 193 -53.36 -39.25 -0.92
CA ALA D 193 -52.89 -40.47 -1.53
C ALA D 193 -52.72 -41.55 -0.48
N PRO D 194 -53.00 -42.82 -0.84
CA PRO D 194 -52.68 -43.92 0.06
C PRO D 194 -51.17 -44.08 0.18
N ALA D 195 -50.75 -44.55 1.36
CA ALA D 195 -49.34 -44.54 1.71
C ALA D 195 -48.56 -45.57 0.91
N GLY D 196 -47.26 -45.35 0.86
CA GLY D 196 -46.36 -46.24 0.14
C GLY D 196 -46.57 -46.24 -1.36
N ILE D 197 -47.00 -45.12 -1.92
CA ILE D 197 -47.27 -45.04 -3.33
C ILE D 197 -46.15 -44.23 -3.98
N THR D 198 -45.87 -44.53 -5.25
CA THR D 198 -44.80 -43.85 -5.94
C THR D 198 -45.30 -42.50 -6.46
N LEU D 199 -44.40 -41.79 -7.14
CA LEU D 199 -44.63 -40.37 -7.39
C LEU D 199 -45.62 -40.13 -8.52
N LYS D 200 -45.63 -40.96 -9.55
CA LYS D 200 -46.51 -40.75 -10.69
C LYS D 200 -47.99 -40.93 -10.33
N GLU D 201 -48.30 -41.76 -9.35
CA GLU D 201 -49.69 -41.88 -8.93
C GLU D 201 -50.13 -40.64 -8.14
N ALA D 202 -49.25 -40.08 -7.32
CA ALA D 202 -49.56 -38.81 -6.67
C ALA D 202 -49.66 -37.68 -7.69
N ASN D 203 -48.88 -37.78 -8.76
CA ASN D 203 -49.02 -36.87 -9.88
C ASN D 203 -50.41 -36.97 -10.49
N GLU D 204 -50.92 -38.19 -10.64
CA GLU D 204 -52.30 -38.37 -11.08
C GLU D 204 -53.29 -37.85 -10.04
N ILE D 205 -52.93 -37.91 -8.77
CA ILE D 205 -53.82 -37.39 -7.73
C ILE D 205 -53.97 -35.89 -7.87
N LEU D 206 -52.87 -35.17 -8.10
CA LEU D 206 -53.05 -33.72 -8.26
C LEU D 206 -53.50 -33.37 -9.68
N GLN D 207 -53.42 -34.32 -10.62
CA GLN D 207 -54.19 -34.19 -11.85
C GLN D 207 -55.67 -34.15 -11.57
N ARG D 208 -56.16 -35.04 -10.70
CA ARG D 208 -57.56 -35.02 -10.33
C ARG D 208 -57.88 -33.88 -9.38
N SER D 209 -56.86 -33.30 -8.75
CA SER D 209 -57.05 -32.38 -7.65
C SER D 209 -56.79 -30.93 -8.02
N LYS D 210 -55.66 -30.66 -8.70
CA LYS D 210 -55.21 -29.31 -9.06
C LYS D 210 -55.08 -28.41 -7.82
N LYS D 211 -54.55 -28.98 -6.73
CA LYS D 211 -54.47 -28.27 -5.47
C LYS D 211 -53.04 -28.28 -4.95
N GLY D 212 -52.81 -27.61 -3.81
CA GLY D 212 -51.47 -27.17 -3.55
C GLY D 212 -50.51 -28.08 -2.81
N LYS D 213 -50.91 -28.83 -1.79
CA LYS D 213 -49.98 -29.71 -1.11
C LYS D 213 -50.73 -30.99 -0.80
N LEU D 214 -50.06 -32.12 -0.98
CA LEU D 214 -50.75 -33.40 -0.99
C LEU D 214 -50.14 -34.28 0.09
N PRO D 215 -50.83 -34.45 1.21
CA PRO D 215 -50.35 -35.35 2.24
C PRO D 215 -50.50 -36.79 1.79
N ILE D 216 -49.55 -37.61 2.20
CA ILE D 216 -49.59 -39.04 1.90
C ILE D 216 -49.76 -39.77 3.22
N VAL D 217 -50.86 -40.53 3.35
CA VAL D 217 -51.37 -40.92 4.65
C VAL D 217 -51.52 -42.43 4.72
N ASN D 218 -51.15 -42.99 5.88
CA ASN D 218 -51.43 -44.38 6.22
C ASN D 218 -52.92 -44.63 6.25
N GLU D 219 -53.31 -45.90 6.03
CA GLU D 219 -54.72 -46.27 5.96
C GLU D 219 -55.45 -46.14 7.29
N ASP D 220 -54.72 -46.00 8.40
CA ASP D 220 -55.33 -45.73 9.70
C ASP D 220 -55.22 -44.26 10.07
N ASP D 221 -55.22 -43.39 9.05
CA ASP D 221 -55.18 -41.94 9.15
C ASP D 221 -53.90 -41.45 9.85
N GLU D 222 -52.78 -42.15 9.66
CA GLU D 222 -51.51 -41.68 10.19
C GLU D 222 -50.78 -40.94 9.08
N LEU D 223 -50.49 -39.67 9.31
CA LEU D 223 -49.74 -38.90 8.34
C LEU D 223 -48.26 -39.26 8.42
N VAL D 224 -47.72 -39.72 7.30
CA VAL D 224 -46.34 -40.21 7.28
C VAL D 224 -45.45 -39.32 6.42
N ALA D 225 -46.00 -38.73 5.36
CA ALA D 225 -45.17 -37.96 4.45
C ALA D 225 -46.01 -36.87 3.81
N ILE D 226 -45.39 -36.12 2.90
CA ILE D 226 -45.99 -34.95 2.28
C ILE D 226 -45.21 -34.70 1.00
N ILE D 227 -45.92 -34.29 -0.04
CA ILE D 227 -45.28 -33.97 -1.30
C ILE D 227 -45.42 -32.48 -1.51
N ALA D 228 -44.51 -31.92 -2.29
CA ALA D 228 -44.49 -30.50 -2.60
C ALA D 228 -44.58 -30.37 -4.11
N ARG D 229 -45.67 -29.80 -4.60
CA ARG D 229 -45.91 -29.85 -6.03
C ARG D 229 -45.00 -28.91 -6.80
N THR D 230 -44.34 -27.97 -6.14
CA THR D 230 -43.49 -27.02 -6.85
C THR D 230 -42.22 -27.68 -7.35
N ASP D 231 -41.75 -28.70 -6.65
CA ASP D 231 -40.47 -29.27 -7.04
C ASP D 231 -40.62 -30.48 -7.92
N LEU D 232 -41.83 -30.95 -8.20
CA LEU D 232 -41.96 -32.07 -9.14
C LEU D 232 -41.71 -31.65 -10.57
N LYS D 233 -41.74 -30.36 -10.88
CA LYS D 233 -41.19 -29.91 -12.14
C LYS D 233 -39.68 -30.10 -12.17
N LYS D 234 -39.03 -30.02 -11.01
CA LYS D 234 -37.58 -30.08 -10.92
C LYS D 234 -37.11 -31.33 -10.19
N ASN D 235 -37.86 -32.42 -10.28
CA ASN D 235 -37.36 -33.72 -9.85
C ASN D 235 -36.85 -34.47 -11.08
N ARG D 236 -35.61 -34.19 -11.42
CA ARG D 236 -34.97 -34.86 -12.54
C ARG D 236 -34.69 -36.31 -12.19
N ASP D 237 -34.58 -37.12 -13.23
CA ASP D 237 -34.35 -38.55 -13.05
C ASP D 237 -32.85 -38.74 -12.82
N TYR D 238 -32.53 -39.51 -11.80
CA TYR D 238 -31.15 -39.65 -11.35
C TYR D 238 -30.76 -41.11 -11.45
N PRO D 239 -30.21 -41.54 -12.59
CA PRO D 239 -30.03 -42.97 -12.85
C PRO D 239 -29.03 -43.66 -11.94
N LEU D 240 -27.79 -43.20 -11.94
CA LEU D 240 -26.80 -43.80 -11.07
C LEU D 240 -26.95 -43.20 -9.67
N ALA D 241 -27.59 -43.92 -8.77
CA ALA D 241 -28.13 -43.29 -7.58
C ALA D 241 -27.82 -44.02 -6.29
N SER D 242 -26.90 -44.98 -6.30
CA SER D 242 -26.40 -45.68 -5.11
C SER D 242 -27.51 -46.33 -4.29
N LYS D 243 -28.19 -47.31 -4.85
CA LYS D 243 -29.37 -47.90 -4.25
C LYS D 243 -28.98 -49.09 -3.40
N ASP D 244 -29.51 -49.17 -2.18
CA ASP D 244 -29.16 -50.27 -1.29
C ASP D 244 -30.04 -51.49 -1.50
N ALA D 245 -30.01 -52.42 -0.54
CA ALA D 245 -30.84 -53.61 -0.58
C ALA D 245 -32.32 -53.30 -0.48
N LYS D 246 -32.71 -52.20 0.16
CA LYS D 246 -34.12 -51.83 0.26
C LYS D 246 -34.46 -50.64 -0.62
N LYS D 247 -33.67 -50.43 -1.68
CA LYS D 247 -33.86 -49.39 -2.68
C LYS D 247 -33.89 -47.99 -2.10
N GLN D 248 -33.05 -47.71 -1.12
CA GLN D 248 -32.81 -46.35 -0.66
C GLN D 248 -31.33 -46.00 -0.84
N LEU D 249 -31.00 -44.78 -0.41
CA LEU D 249 -29.66 -44.26 -0.59
C LEU D 249 -28.71 -44.93 0.38
N LEU D 250 -27.54 -45.33 -0.10
CA LEU D 250 -26.49 -45.73 0.81
C LEU D 250 -25.98 -44.48 1.51
N CYS D 251 -25.77 -44.57 2.81
CA CYS D 251 -25.31 -43.39 3.54
C CYS D 251 -24.66 -43.77 4.84
N GLY D 252 -23.36 -43.53 4.93
CA GLY D 252 -22.62 -43.91 6.11
C GLY D 252 -22.38 -42.77 7.06
N ALA D 253 -21.74 -43.05 8.18
CA ALA D 253 -21.49 -42.03 9.17
C ALA D 253 -20.21 -42.37 9.90
N ALA D 254 -19.71 -41.40 10.65
CA ALA D 254 -18.40 -41.52 11.27
C ALA D 254 -18.52 -41.49 12.79
N ILE D 255 -17.63 -42.21 13.44
CA ILE D 255 -17.52 -42.19 14.89
C ILE D 255 -16.05 -42.09 15.26
N GLY D 256 -15.79 -41.60 16.46
CA GLY D 256 -14.43 -41.43 16.91
C GLY D 256 -13.84 -42.73 17.42
N THR D 257 -12.95 -42.64 18.43
CA THR D 257 -12.42 -43.85 19.03
C THR D 257 -12.35 -43.79 20.55
N HIS D 258 -12.58 -42.64 21.18
CA HIS D 258 -12.68 -42.61 22.63
C HIS D 258 -13.94 -43.33 23.06
N GLU D 259 -13.85 -44.06 24.18
CA GLU D 259 -14.70 -45.22 24.46
C GLU D 259 -16.20 -44.91 24.49
N ASP D 260 -16.57 -43.68 24.76
CA ASP D 260 -17.98 -43.34 24.94
C ASP D 260 -18.77 -43.27 23.65
N ASP D 261 -18.16 -43.56 22.51
CA ASP D 261 -18.84 -43.52 21.23
C ASP D 261 -19.58 -44.80 20.89
N LYS D 262 -19.56 -45.82 21.77
CA LYS D 262 -20.46 -46.94 21.56
C LYS D 262 -21.91 -46.49 21.69
N TYR D 263 -22.16 -45.52 22.56
CA TYR D 263 -23.42 -44.82 22.57
C TYR D 263 -23.61 -43.97 21.31
N ARG D 264 -22.55 -43.59 20.61
CA ARG D 264 -22.76 -42.97 19.32
C ARG D 264 -23.07 -43.99 18.23
N LEU D 265 -22.61 -45.22 18.39
CA LEU D 265 -22.75 -46.20 17.33
C LEU D 265 -24.08 -46.94 17.39
N ASP D 266 -24.56 -47.24 18.59
CA ASP D 266 -25.81 -47.98 18.69
C ASP D 266 -26.99 -47.14 18.27
N LEU D 267 -26.90 -45.81 18.39
CA LEU D 267 -27.92 -44.93 17.84
C LEU D 267 -27.94 -45.00 16.33
N LEU D 268 -26.76 -45.13 15.73
CA LEU D 268 -26.69 -45.34 14.28
C LEU D 268 -27.26 -46.71 13.90
N ALA D 269 -27.05 -47.70 14.75
CA ALA D 269 -27.59 -49.03 14.48
C ALA D 269 -29.11 -49.05 14.59
N GLN D 270 -29.66 -48.30 15.54
CA GLN D 270 -31.09 -48.09 15.58
C GLN D 270 -31.58 -47.28 14.40
N ALA D 271 -30.75 -46.38 13.88
CA ALA D 271 -31.09 -45.69 12.65
C ALA D 271 -30.66 -46.45 11.42
N GLY D 272 -29.96 -47.56 11.59
CA GLY D 272 -29.72 -48.47 10.48
C GLY D 272 -28.68 -48.03 9.47
N VAL D 273 -27.51 -47.59 9.94
CA VAL D 273 -26.47 -47.15 9.02
C VAL D 273 -25.86 -48.37 8.33
N ASP D 274 -25.32 -48.14 7.15
CA ASP D 274 -24.77 -49.19 6.30
C ASP D 274 -23.28 -49.40 6.49
N VAL D 275 -22.49 -48.34 6.46
CA VAL D 275 -21.05 -48.44 6.68
C VAL D 275 -20.68 -47.40 7.71
N VAL D 276 -19.55 -47.61 8.36
CA VAL D 276 -19.09 -46.68 9.38
C VAL D 276 -17.59 -46.55 9.34
N VAL D 277 -17.13 -45.30 9.35
CA VAL D 277 -15.72 -44.98 9.24
C VAL D 277 -15.27 -44.41 10.57
N LEU D 278 -14.04 -44.70 10.96
CA LEU D 278 -13.57 -44.29 12.26
C LEU D 278 -12.23 -43.60 12.10
N ASP D 279 -12.27 -42.28 12.00
CA ASP D 279 -11.10 -41.53 11.58
C ASP D 279 -10.24 -41.13 12.78
N SER D 280 -9.14 -41.83 12.93
CA SER D 280 -8.09 -41.38 13.82
C SER D 280 -6.97 -40.80 12.98
N SER D 281 -6.08 -40.08 13.64
CA SER D 281 -4.84 -39.69 12.99
C SER D 281 -4.00 -40.91 12.69
N GLN D 282 -4.10 -41.93 13.53
CA GLN D 282 -3.22 -43.07 13.47
C GLN D 282 -4.09 -44.29 13.56
N GLY D 283 -4.07 -45.11 12.53
CA GLY D 283 -5.08 -46.14 12.50
C GLY D 283 -4.64 -47.46 13.06
N ASN D 284 -3.60 -47.46 13.87
CA ASN D 284 -3.10 -48.72 14.38
C ASN D 284 -3.24 -48.78 15.88
N SER D 285 -4.21 -48.06 16.41
CA SER D 285 -4.29 -47.95 17.85
C SER D 285 -4.84 -49.23 18.44
N ILE D 286 -4.56 -49.41 19.72
CA ILE D 286 -5.24 -50.47 20.45
C ILE D 286 -6.72 -50.13 20.58
N PHE D 287 -7.08 -48.85 20.58
CA PHE D 287 -8.48 -48.47 20.73
C PHE D 287 -9.27 -48.81 19.48
N GLN D 288 -8.67 -48.59 18.32
CA GLN D 288 -9.38 -48.85 17.09
C GLN D 288 -9.52 -50.33 16.83
N ILE D 289 -8.48 -51.10 17.12
CA ILE D 289 -8.60 -52.54 16.89
C ILE D 289 -9.53 -53.16 17.94
N ASN D 290 -9.57 -52.60 19.15
CA ASN D 290 -10.55 -53.07 20.12
C ASN D 290 -11.97 -52.77 19.70
N MET D 291 -12.24 -51.61 19.13
CA MET D 291 -13.64 -51.41 18.78
C MET D 291 -14.00 -52.03 17.43
N ILE D 292 -13.04 -52.34 16.57
CA ILE D 292 -13.37 -53.21 15.43
C ILE D 292 -13.76 -54.60 15.91
N LYS D 293 -13.05 -55.14 16.92
CA LYS D 293 -13.48 -56.42 17.47
C LYS D 293 -14.81 -56.29 18.21
N TYR D 294 -15.07 -55.13 18.81
CA TYR D 294 -16.36 -54.86 19.41
C TYR D 294 -17.47 -54.77 18.38
N ILE D 295 -17.18 -54.33 17.17
CA ILE D 295 -18.20 -54.22 16.15
C ILE D 295 -18.50 -55.56 15.50
N LYS D 296 -17.48 -56.30 15.06
CA LYS D 296 -17.74 -57.40 14.15
C LYS D 296 -18.42 -58.60 14.82
N ASP D 297 -18.46 -58.66 16.14
CA ASP D 297 -19.30 -59.67 16.75
C ASP D 297 -20.71 -59.20 17.02
N LYS D 298 -20.95 -57.90 17.08
CA LYS D 298 -22.29 -57.40 17.37
C LYS D 298 -23.12 -57.13 16.13
N TYR D 299 -22.55 -56.53 15.10
CA TYR D 299 -23.33 -56.08 13.96
C TYR D 299 -22.71 -56.66 12.70
N PRO D 300 -23.02 -57.91 12.37
CA PRO D 300 -22.33 -58.56 11.25
C PRO D 300 -22.71 -58.03 9.89
N ASN D 301 -23.85 -57.35 9.76
CA ASN D 301 -24.20 -56.78 8.47
C ASN D 301 -23.87 -55.29 8.38
N LEU D 302 -23.42 -54.69 9.47
CA LEU D 302 -22.82 -53.37 9.43
C LEU D 302 -21.33 -53.52 9.20
N GLN D 303 -20.78 -52.71 8.30
CA GLN D 303 -19.41 -52.90 7.87
C GLN D 303 -18.56 -51.67 8.18
N VAL D 304 -17.26 -51.89 8.32
CA VAL D 304 -16.36 -50.88 8.82
C VAL D 304 -15.34 -50.50 7.75
N ILE D 305 -15.00 -49.23 7.74
CA ILE D 305 -13.94 -48.68 6.90
C ILE D 305 -12.98 -47.98 7.83
N GLY D 306 -11.77 -48.50 7.92
CA GLY D 306 -10.83 -48.11 8.94
C GLY D 306 -9.70 -47.25 8.41
N GLY D 307 -9.00 -46.60 9.32
CA GLY D 307 -7.96 -45.67 8.95
C GLY D 307 -7.46 -44.91 10.14
N ASN D 308 -6.42 -44.08 9.98
CA ASN D 308 -5.76 -43.91 8.71
C ASN D 308 -4.54 -44.75 8.70
N VAL D 309 -4.25 -45.28 7.56
CA VAL D 309 -3.16 -46.22 7.40
C VAL D 309 -2.31 -45.75 6.24
N VAL D 310 -1.00 -45.70 6.44
CA VAL D 310 -0.12 -45.26 5.38
C VAL D 310 0.97 -46.27 5.13
N THR D 311 1.10 -47.24 6.00
CA THR D 311 2.12 -48.25 5.80
C THR D 311 1.45 -49.55 5.41
N ALA D 312 2.25 -50.46 4.90
CA ALA D 312 1.76 -51.81 4.83
C ALA D 312 1.68 -52.46 6.19
N ALA D 313 2.40 -51.93 7.19
CA ALA D 313 2.38 -52.53 8.51
C ALA D 313 1.01 -52.39 9.15
N GLN D 314 0.50 -51.16 9.26
CA GLN D 314 -0.80 -51.11 9.89
C GLN D 314 -1.92 -51.50 8.96
N ALA D 315 -1.67 -51.59 7.66
CA ALA D 315 -2.59 -52.32 6.82
C ALA D 315 -2.71 -53.78 7.21
N LYS D 316 -1.59 -54.45 7.48
CA LYS D 316 -1.69 -55.82 7.95
C LYS D 316 -2.37 -55.88 9.29
N ASN D 317 -2.05 -54.95 10.18
CA ASN D 317 -2.59 -55.07 11.51
C ASN D 317 -4.03 -54.60 11.60
N LEU D 318 -4.59 -54.03 10.53
CA LEU D 318 -6.02 -53.83 10.50
C LEU D 318 -6.78 -54.90 9.72
N ILE D 319 -6.23 -55.41 8.62
CA ILE D 319 -6.98 -56.38 7.84
C ILE D 319 -7.18 -57.69 8.61
N ASP D 320 -6.16 -58.16 9.32
CA ASP D 320 -6.35 -59.41 10.05
C ASP D 320 -7.24 -59.21 11.26
N ALA D 321 -7.28 -57.98 11.77
CA ALA D 321 -8.29 -57.61 12.74
C ALA D 321 -9.68 -57.71 12.18
N GLY D 322 -9.84 -57.49 10.88
CA GLY D 322 -11.14 -57.71 10.30
C GLY D 322 -11.79 -56.42 9.89
N VAL D 323 -11.00 -55.41 9.60
CA VAL D 323 -11.55 -54.21 8.99
C VAL D 323 -12.00 -54.59 7.58
N ASP D 324 -12.99 -53.87 7.07
CA ASP D 324 -13.50 -54.27 5.78
C ASP D 324 -13.01 -53.40 4.64
N ALA D 325 -12.52 -52.18 4.92
CA ALA D 325 -11.82 -51.39 3.91
C ALA D 325 -10.93 -50.39 4.63
N LEU D 326 -9.94 -49.86 3.91
CA LEU D 326 -8.97 -48.94 4.49
C LEU D 326 -9.09 -47.54 3.90
N ARG D 327 -8.74 -46.55 4.71
CA ARG D 327 -8.89 -45.14 4.36
C ARG D 327 -7.53 -44.47 4.59
N VAL D 328 -6.82 -44.20 3.51
CA VAL D 328 -5.37 -44.09 3.51
C VAL D 328 -4.93 -42.64 3.35
N GLY D 329 -3.94 -42.25 4.14
CA GLY D 329 -3.21 -41.06 3.83
C GLY D 329 -3.33 -40.07 4.94
N MET D 330 -2.31 -39.95 5.76
CA MET D 330 -2.32 -38.95 6.81
C MET D 330 -1.35 -37.88 6.42
N GLY D 331 -1.61 -36.68 6.90
CA GLY D 331 -0.71 -35.60 6.66
C GLY D 331 -0.69 -35.09 5.25
N SER D 332 -1.71 -35.38 4.48
CA SER D 332 -1.72 -34.92 3.11
C SER D 332 -2.98 -34.19 2.75
N GLY D 333 -3.64 -33.56 3.69
CA GLY D 333 -4.85 -32.84 3.38
C GLY D 333 -4.55 -31.51 2.77
N SER D 334 -5.60 -30.73 2.58
CA SER D 334 -5.37 -29.32 2.31
C SER D 334 -5.03 -28.61 3.60
N ILE D 335 -5.74 -28.95 4.66
CA ILE D 335 -5.58 -28.25 5.93
C ILE D 335 -4.78 -29.08 6.91
N CYS D 336 -4.06 -30.06 6.41
CA CYS D 336 -3.20 -30.86 7.26
C CYS D 336 -1.97 -30.06 7.65
N ILE D 337 -1.53 -30.20 8.89
CA ILE D 337 -0.22 -29.75 9.29
C ILE D 337 0.54 -30.79 10.11
N THR D 338 0.11 -32.04 10.09
CA THR D 338 0.76 -33.02 10.96
C THR D 338 2.16 -33.37 10.46
N GLN D 339 2.41 -33.21 9.17
CA GLN D 339 3.78 -33.35 8.72
C GLN D 339 4.63 -32.18 9.15
N GLU D 340 4.01 -31.03 9.34
CA GLU D 340 4.71 -29.89 9.89
C GLU D 340 4.82 -29.99 11.39
N VAL D 341 3.83 -30.57 12.05
CA VAL D 341 3.73 -30.55 13.50
C VAL D 341 4.19 -31.85 14.13
N LEU D 342 3.65 -32.98 13.71
CA LEU D 342 3.97 -34.21 14.39
C LEU D 342 5.07 -35.00 13.72
N ALA D 343 5.52 -34.58 12.54
CA ALA D 343 6.58 -35.20 11.76
C ALA D 343 6.32 -36.65 11.41
N CYS D 344 5.08 -37.06 11.43
CA CYS D 344 4.68 -38.39 11.02
C CYS D 344 4.19 -38.33 9.59
N GLY D 345 3.51 -39.37 9.16
CA GLY D 345 2.87 -39.35 7.88
C GLY D 345 3.82 -39.72 6.76
N ARG D 346 3.31 -39.72 5.54
CA ARG D 346 4.13 -39.99 4.38
C ARG D 346 3.47 -39.35 3.17
N PRO D 347 4.18 -39.19 2.06
CA PRO D 347 3.55 -38.64 0.86
C PRO D 347 2.48 -39.59 0.34
N GLN D 348 1.51 -39.03 -0.36
CA GLN D 348 0.23 -39.71 -0.42
C GLN D 348 0.17 -40.68 -1.57
N ALA D 349 0.81 -40.35 -2.69
CA ALA D 349 0.74 -41.25 -3.83
C ALA D 349 1.56 -42.50 -3.61
N THR D 350 2.66 -42.39 -2.90
CA THR D 350 3.34 -43.59 -2.47
C THR D 350 2.52 -44.35 -1.47
N ALA D 351 1.70 -43.65 -0.69
CA ALA D 351 0.88 -44.31 0.31
C ALA D 351 -0.20 -45.16 -0.32
N VAL D 352 -0.93 -44.64 -1.31
CA VAL D 352 -2.01 -45.43 -1.87
C VAL D 352 -1.49 -46.62 -2.62
N TYR D 353 -0.33 -46.51 -3.26
CA TYR D 353 0.18 -47.68 -3.93
C TYR D 353 0.67 -48.71 -2.94
N LYS D 354 1.44 -48.28 -1.94
CA LYS D 354 1.97 -49.31 -1.09
C LYS D 354 1.01 -49.77 -0.04
N VAL D 355 -0.21 -49.24 0.02
CA VAL D 355 -1.24 -49.86 0.81
C VAL D 355 -2.22 -50.64 -0.05
N SER D 356 -2.40 -50.27 -1.32
CA SER D 356 -3.33 -51.05 -2.13
C SER D 356 -2.66 -52.31 -2.62
N GLU D 357 -1.37 -52.26 -2.90
CA GLU D 357 -0.64 -53.46 -3.28
C GLU D 357 -0.56 -54.41 -2.11
N TYR D 358 -0.69 -53.92 -0.89
CA TYR D 358 -0.86 -54.87 0.19
C TYR D 358 -2.30 -55.30 0.34
N ALA D 359 -3.25 -54.39 0.22
CA ALA D 359 -4.61 -54.70 0.62
C ALA D 359 -5.28 -55.61 -0.37
N ARG D 360 -4.83 -55.63 -1.62
CA ARG D 360 -5.50 -56.56 -2.50
C ARG D 360 -5.02 -57.98 -2.30
N ARG D 361 -3.96 -58.19 -1.52
CA ARG D 361 -3.56 -59.55 -1.19
C ARG D 361 -4.60 -60.25 -0.33
N PHE D 362 -5.40 -59.47 0.39
CA PHE D 362 -6.51 -60.01 1.14
C PHE D 362 -7.84 -59.65 0.53
N GLY D 363 -7.85 -58.99 -0.62
CA GLY D 363 -9.08 -58.67 -1.29
C GLY D 363 -9.88 -57.67 -0.51
N VAL D 364 -9.26 -56.53 -0.18
CA VAL D 364 -9.88 -55.49 0.63
C VAL D 364 -9.70 -54.18 -0.11
N PRO D 365 -10.75 -53.41 -0.35
CA PRO D 365 -10.60 -52.15 -1.03
C PRO D 365 -9.94 -51.15 -0.13
N VAL D 366 -9.39 -50.11 -0.75
CA VAL D 366 -8.78 -49.04 0.00
C VAL D 366 -9.18 -47.72 -0.64
N ILE D 367 -9.55 -46.75 0.19
CA ILE D 367 -10.13 -45.52 -0.33
C ILE D 367 -9.17 -44.38 -0.02
N ALA D 368 -8.84 -43.62 -1.05
CA ALA D 368 -7.75 -42.66 -0.97
C ALA D 368 -8.23 -41.37 -0.38
N ASP D 369 -7.41 -40.76 0.45
CA ASP D 369 -7.77 -39.56 1.15
C ASP D 369 -6.69 -38.50 0.95
N GLY D 370 -7.12 -37.25 0.91
CA GLY D 370 -6.19 -36.15 1.00
C GLY D 370 -5.46 -35.82 -0.27
N GLY D 371 -5.19 -34.53 -0.45
CA GLY D 371 -4.31 -34.07 -1.50
C GLY D 371 -4.98 -33.72 -2.79
N ILE D 372 -6.23 -34.10 -2.98
CA ILE D 372 -6.85 -33.96 -4.29
C ILE D 372 -7.32 -32.52 -4.46
N GLN D 373 -6.89 -31.89 -5.55
CA GLN D 373 -7.39 -30.55 -5.84
C GLN D 373 -8.08 -30.44 -7.19
N ASN D 374 -7.99 -31.45 -8.04
CA ASN D 374 -8.44 -31.38 -9.41
C ASN D 374 -8.57 -32.79 -9.94
N VAL D 375 -9.17 -32.95 -11.11
CA VAL D 375 -9.68 -34.25 -11.51
C VAL D 375 -8.53 -35.15 -11.94
N GLY D 376 -7.40 -34.55 -12.28
CA GLY D 376 -6.26 -35.35 -12.71
C GLY D 376 -5.69 -36.18 -11.59
N HIS D 377 -5.69 -35.64 -10.39
CA HIS D 377 -5.27 -36.40 -9.24
C HIS D 377 -6.22 -37.54 -8.94
N ILE D 378 -7.50 -37.42 -9.31
CA ILE D 378 -8.42 -38.52 -9.08
C ILE D 378 -8.06 -39.71 -9.95
N ALA D 379 -7.70 -39.45 -11.20
CA ALA D 379 -7.27 -40.56 -12.04
C ALA D 379 -5.93 -41.10 -11.62
N LYS D 380 -5.04 -40.24 -11.14
CA LYS D 380 -3.77 -40.77 -10.64
C LYS D 380 -3.96 -41.55 -9.36
N ALA D 381 -4.99 -41.23 -8.59
CA ALA D 381 -5.26 -42.02 -7.41
C ALA D 381 -5.84 -43.37 -7.77
N LEU D 382 -6.80 -43.38 -8.68
CA LEU D 382 -7.44 -44.64 -9.04
C LEU D 382 -6.49 -45.53 -9.80
N ALA D 383 -5.61 -44.95 -10.59
CA ALA D 383 -4.67 -45.77 -11.32
C ALA D 383 -3.60 -46.36 -10.44
N LEU D 384 -3.32 -45.77 -9.29
CA LEU D 384 -2.35 -46.42 -8.44
C LEU D 384 -2.94 -47.56 -7.63
N GLY D 385 -4.23 -47.80 -7.73
CA GLY D 385 -4.73 -48.98 -7.06
C GLY D 385 -5.71 -48.62 -5.98
N ALA D 386 -5.94 -47.34 -5.77
CA ALA D 386 -7.02 -46.93 -4.89
C ALA D 386 -8.33 -47.22 -5.57
N SER D 387 -9.35 -47.44 -4.77
CA SER D 387 -10.64 -47.86 -5.30
C SER D 387 -11.65 -46.74 -5.41
N THR D 388 -11.81 -45.93 -4.38
CA THR D 388 -12.54 -44.67 -4.46
C THR D 388 -11.70 -43.59 -3.80
N VAL D 389 -11.97 -42.34 -4.13
CA VAL D 389 -11.23 -41.23 -3.54
C VAL D 389 -12.17 -40.47 -2.63
N MET D 390 -11.63 -39.98 -1.53
CA MET D 390 -12.44 -39.29 -0.55
C MET D 390 -11.93 -37.87 -0.43
N MET D 391 -12.78 -36.91 -0.70
CA MET D 391 -12.37 -35.57 -1.02
C MET D 391 -12.91 -34.62 0.03
N GLY D 392 -12.07 -33.76 0.57
CA GLY D 392 -12.61 -32.83 1.52
C GLY D 392 -12.53 -31.36 1.10
N SER D 393 -11.43 -30.94 0.51
CA SER D 393 -11.32 -29.52 0.19
C SER D 393 -11.99 -29.23 -1.13
N LEU D 394 -11.99 -30.19 -2.02
CA LEU D 394 -12.48 -29.90 -3.35
C LEU D 394 -13.98 -29.83 -3.37
N LEU D 395 -14.63 -30.47 -2.42
CA LEU D 395 -16.07 -30.57 -2.37
C LEU D 395 -16.71 -29.65 -1.38
N ALA D 396 -15.93 -28.93 -0.59
CA ALA D 396 -16.52 -27.93 0.27
C ALA D 396 -16.81 -26.70 -0.54
N ALA D 397 -17.48 -25.75 0.11
CA ALA D 397 -17.94 -24.51 -0.49
C ALA D 397 -18.78 -24.77 -1.73
N THR D 398 -19.93 -25.37 -1.50
CA THR D 398 -20.97 -25.44 -2.51
C THR D 398 -22.09 -24.51 -2.10
N THR D 399 -23.16 -24.50 -2.88
CA THR D 399 -24.37 -23.85 -2.43
C THR D 399 -25.00 -24.65 -1.29
N GLU D 400 -24.77 -25.96 -1.29
CA GLU D 400 -25.43 -26.87 -0.35
C GLU D 400 -24.50 -27.41 0.73
N ALA D 401 -23.27 -26.97 0.79
CA ALA D 401 -22.37 -27.31 1.88
C ALA D 401 -22.84 -26.69 3.20
N PRO D 402 -22.58 -27.29 4.34
CA PRO D 402 -23.08 -26.76 5.61
C PRO D 402 -22.43 -25.45 6.01
N GLY D 403 -22.93 -24.88 7.09
CA GLY D 403 -22.63 -23.50 7.41
C GLY D 403 -23.38 -22.62 6.44
N GLU D 404 -22.84 -21.46 6.12
CA GLU D 404 -23.45 -20.56 5.14
C GLU D 404 -22.36 -19.63 4.63
N TYR D 405 -22.59 -19.07 3.45
CA TYR D 405 -21.68 -18.18 2.74
C TYR D 405 -21.32 -16.95 3.55
N PHE D 406 -20.27 -16.29 3.09
CA PHE D 406 -20.01 -14.91 3.44
C PHE D 406 -19.09 -14.33 2.39
N PHE D 407 -19.22 -13.04 2.17
CA PHE D 407 -18.33 -12.40 1.22
C PHE D 407 -17.07 -11.96 1.94
N SER D 408 -15.97 -11.95 1.21
CA SER D 408 -14.74 -11.34 1.70
C SER D 408 -13.99 -10.81 0.50
N ASP D 409 -13.85 -9.48 0.44
CA ASP D 409 -13.01 -8.81 -0.54
C ASP D 409 -13.50 -9.06 -1.96
N GLY D 410 -14.81 -9.29 -2.10
CA GLY D 410 -15.42 -9.42 -3.40
C GLY D 410 -15.50 -10.82 -3.95
N ILE D 411 -14.99 -11.82 -3.25
CA ILE D 411 -15.00 -13.17 -3.77
C ILE D 411 -15.82 -14.01 -2.81
N ARG D 412 -16.80 -14.71 -3.35
CA ARG D 412 -17.74 -15.45 -2.53
C ARG D 412 -17.15 -16.77 -2.05
N LEU D 413 -17.16 -17.00 -0.74
CA LEU D 413 -16.47 -18.16 -0.19
C LEU D 413 -17.07 -18.51 1.16
N LYS D 414 -16.61 -19.62 1.74
CA LYS D 414 -17.12 -20.04 3.03
C LYS D 414 -16.11 -20.92 3.76
N LYS D 415 -16.37 -21.14 5.05
CA LYS D 415 -15.35 -21.65 5.95
C LYS D 415 -15.15 -23.15 5.78
N TYR D 416 -13.92 -23.58 6.00
CA TYR D 416 -13.52 -24.98 5.84
C TYR D 416 -12.48 -25.32 6.88
N ARG D 417 -12.92 -25.92 7.96
CA ARG D 417 -12.05 -26.27 9.07
C ARG D 417 -11.79 -27.77 9.05
N GLY D 418 -10.66 -28.19 9.60
CA GLY D 418 -10.41 -29.58 9.88
C GLY D 418 -10.46 -29.87 11.36
N MET D 419 -10.72 -31.13 11.70
CA MET D 419 -10.90 -31.45 13.11
C MET D 419 -9.62 -31.38 13.90
N GLY D 420 -8.48 -31.43 13.25
CA GLY D 420 -7.29 -31.13 14.00
C GLY D 420 -7.07 -29.66 14.24
N SER D 421 -7.86 -28.78 13.63
CA SER D 421 -7.76 -27.38 14.00
C SER D 421 -8.41 -27.17 15.35
N LEU D 422 -7.79 -26.32 16.15
CA LEU D 422 -8.28 -26.11 17.50
C LEU D 422 -9.56 -25.30 17.53
N ASP D 423 -9.93 -24.66 16.42
CA ASP D 423 -11.26 -24.09 16.36
C ASP D 423 -12.36 -25.15 16.24
N ALA D 424 -12.01 -26.39 15.89
CA ALA D 424 -13.00 -27.44 15.90
C ALA D 424 -13.18 -28.06 17.26
N MET D 425 -12.30 -27.76 18.21
CA MET D 425 -12.41 -28.34 19.54
C MET D 425 -12.54 -27.26 20.60
N ILE D 442 -4.02 -29.25 27.64
CA ILE D 442 -3.71 -28.17 26.72
C ILE D 442 -3.30 -28.74 25.39
N LYS D 443 -4.07 -28.37 24.37
CA LYS D 443 -4.15 -29.14 23.14
C LYS D 443 -3.05 -28.73 22.18
N VAL D 444 -2.72 -29.65 21.28
CA VAL D 444 -1.86 -29.35 20.16
C VAL D 444 -2.77 -29.31 18.95
N ALA D 445 -2.48 -28.43 18.00
CA ALA D 445 -3.36 -28.26 16.87
C ALA D 445 -2.71 -28.96 15.70
N GLN D 446 -3.46 -29.81 15.04
CA GLN D 446 -2.95 -30.48 13.85
C GLN D 446 -3.83 -30.23 12.65
N GLY D 447 -4.44 -29.06 12.57
CA GLY D 447 -5.16 -28.64 11.39
C GLY D 447 -5.30 -27.14 11.43
N VAL D 448 -5.75 -26.56 10.33
CA VAL D 448 -6.00 -25.13 10.27
C VAL D 448 -7.38 -24.91 9.71
N SER D 449 -7.98 -23.79 10.10
CA SER D 449 -9.31 -23.42 9.64
C SER D 449 -9.15 -22.39 8.55
N GLY D 450 -9.84 -22.58 7.44
CA GLY D 450 -9.67 -21.64 6.35
C GLY D 450 -10.91 -21.41 5.53
N ALA D 451 -10.71 -20.98 4.30
CA ALA D 451 -11.82 -20.66 3.42
C ALA D 451 -11.43 -20.99 2.00
N VAL D 452 -12.44 -21.20 1.16
CA VAL D 452 -12.22 -21.67 -0.20
C VAL D 452 -13.38 -21.17 -1.05
N GLN D 453 -13.08 -20.79 -2.30
CA GLN D 453 -14.07 -20.18 -3.17
C GLN D 453 -15.23 -21.12 -3.47
N ASP D 454 -16.36 -20.51 -3.84
CA ASP D 454 -17.55 -21.22 -4.22
C ASP D 454 -17.29 -22.11 -5.43
N LYS D 455 -17.97 -23.25 -5.45
CA LYS D 455 -17.90 -24.14 -6.58
C LYS D 455 -19.29 -24.40 -7.10
N GLY D 456 -20.21 -23.47 -6.88
CA GLY D 456 -21.55 -23.63 -7.41
C GLY D 456 -22.33 -24.71 -6.69
N SER D 457 -23.06 -25.51 -7.44
CA SER D 457 -23.77 -26.64 -6.85
C SER D 457 -23.12 -27.95 -7.28
N ILE D 458 -23.30 -28.96 -6.43
CA ILE D 458 -22.62 -30.22 -6.66
C ILE D 458 -23.21 -30.94 -7.86
N HIS D 459 -24.46 -30.67 -8.18
CA HIS D 459 -25.06 -31.37 -9.30
C HIS D 459 -24.63 -30.84 -10.58
N LYS D 460 -24.05 -29.65 -10.57
CA LYS D 460 -23.31 -29.17 -11.71
C LYS D 460 -21.85 -29.58 -11.67
N PHE D 461 -21.41 -30.30 -10.63
CA PHE D 461 -19.98 -30.39 -10.38
C PHE D 461 -19.44 -31.81 -10.37
N VAL D 462 -20.02 -32.70 -9.59
CA VAL D 462 -19.65 -34.11 -9.75
C VAL D 462 -19.99 -34.71 -11.11
N PRO D 463 -20.92 -34.19 -11.94
CA PRO D 463 -20.85 -34.61 -13.34
C PRO D 463 -19.59 -34.20 -14.05
N TYR D 464 -19.03 -33.03 -13.75
CA TYR D 464 -17.73 -32.67 -14.30
C TYR D 464 -16.64 -33.60 -13.84
N LEU D 465 -16.66 -34.00 -12.59
CA LEU D 465 -15.61 -34.88 -12.10
C LEU D 465 -15.75 -36.27 -12.69
N ILE D 466 -16.97 -36.75 -12.88
CA ILE D 466 -17.06 -38.08 -13.48
C ILE D 466 -16.73 -38.00 -14.95
N ALA D 467 -17.04 -36.89 -15.60
CA ALA D 467 -16.67 -36.74 -17.00
C ALA D 467 -15.16 -36.68 -17.17
N GLY D 468 -14.48 -36.03 -16.25
CA GLY D 468 -13.04 -36.07 -16.28
C GLY D 468 -12.46 -37.41 -16.00
N ILE D 469 -13.00 -38.14 -15.04
CA ILE D 469 -12.44 -39.45 -14.72
C ILE D 469 -12.69 -40.42 -15.85
N GLN D 470 -13.79 -40.24 -16.60
CA GLN D 470 -13.92 -41.13 -17.75
C GLN D 470 -13.14 -40.66 -18.94
N HIS D 471 -12.90 -39.36 -19.12
CA HIS D 471 -11.98 -38.97 -20.18
C HIS D 471 -10.58 -39.49 -19.93
N SER D 472 -10.12 -39.48 -18.69
CA SER D 472 -8.79 -40.01 -18.41
C SER D 472 -8.75 -41.51 -18.59
N CYS D 473 -9.77 -42.21 -18.13
CA CYS D 473 -9.75 -43.66 -18.28
C CYS D 473 -9.96 -44.05 -19.73
N GLN D 474 -10.64 -43.22 -20.51
CA GLN D 474 -10.61 -43.39 -21.95
C GLN D 474 -9.22 -43.15 -22.45
N ASP D 475 -8.55 -42.15 -21.93
CA ASP D 475 -7.34 -41.71 -22.60
C ASP D 475 -6.15 -42.57 -22.25
N ILE D 476 -6.25 -43.36 -21.19
CA ILE D 476 -5.20 -44.29 -20.87
C ILE D 476 -5.34 -45.57 -21.67
N GLY D 477 -6.56 -45.95 -22.04
CA GLY D 477 -6.74 -47.17 -22.80
C GLY D 477 -7.45 -48.24 -22.02
N ALA D 478 -8.28 -47.85 -21.07
CA ALA D 478 -8.96 -48.84 -20.24
C ALA D 478 -10.47 -48.62 -20.27
N LYS D 479 -11.21 -49.72 -20.34
CA LYS D 479 -12.65 -49.59 -20.38
C LYS D 479 -13.23 -49.33 -19.00
N SER D 480 -12.61 -49.85 -17.97
CA SER D 480 -13.14 -49.76 -16.62
C SER D 480 -12.00 -49.54 -15.64
N LEU D 481 -12.37 -49.00 -14.48
CA LEU D 481 -11.40 -48.81 -13.41
C LEU D 481 -10.86 -50.13 -12.90
N THR D 482 -11.69 -51.15 -12.92
CA THR D 482 -11.22 -52.51 -12.69
C THR D 482 -10.15 -52.86 -13.70
N GLN D 483 -10.36 -52.48 -14.95
CA GLN D 483 -9.38 -52.83 -15.96
C GLN D 483 -8.14 -51.97 -15.83
N VAL D 484 -8.23 -50.75 -15.32
CA VAL D 484 -7.01 -49.97 -15.22
C VAL D 484 -6.18 -50.45 -14.03
N ARG D 485 -6.83 -50.95 -12.98
CA ARG D 485 -6.07 -51.62 -11.94
C ARG D 485 -5.49 -52.93 -12.44
N ALA D 486 -6.22 -53.66 -13.28
CA ALA D 486 -5.71 -54.91 -13.80
C ALA D 486 -4.50 -54.68 -14.69
N MET D 487 -4.57 -53.64 -15.51
CA MET D 487 -3.44 -53.28 -16.35
C MET D 487 -2.27 -52.79 -15.52
N MET D 488 -2.55 -52.18 -14.37
CA MET D 488 -1.43 -51.71 -13.57
C MET D 488 -0.72 -52.85 -12.88
N TYR D 489 -1.44 -53.72 -12.17
CA TYR D 489 -0.75 -54.80 -11.50
C TYR D 489 -0.21 -55.84 -12.46
N SER D 490 -0.76 -55.91 -13.67
CA SER D 490 -0.10 -56.71 -14.67
C SER D 490 1.13 -56.01 -15.20
N GLY D 491 1.06 -54.70 -15.39
CA GLY D 491 2.21 -53.99 -15.86
C GLY D 491 2.01 -53.36 -17.22
N GLU D 492 0.78 -53.31 -17.71
CA GLU D 492 0.60 -52.88 -19.08
C GLU D 492 0.61 -51.36 -19.22
N LEU D 493 -0.01 -50.62 -18.29
CA LEU D 493 0.17 -49.17 -18.32
C LEU D 493 1.47 -48.88 -17.63
N LYS D 494 2.23 -47.94 -18.17
CA LYS D 494 3.53 -47.66 -17.62
C LYS D 494 3.65 -46.17 -17.32
N PHE D 495 3.99 -45.85 -16.08
CA PHE D 495 4.07 -44.49 -15.61
C PHE D 495 5.40 -43.92 -16.06
N GLU D 496 5.63 -42.63 -15.81
CA GLU D 496 6.99 -42.18 -15.66
C GLU D 496 7.02 -40.93 -14.79
N LYS D 497 8.20 -40.71 -14.22
CA LYS D 497 8.47 -39.65 -13.27
C LYS D 497 8.32 -38.30 -13.96
N ARG D 498 8.06 -37.26 -13.18
CA ARG D 498 8.33 -35.91 -13.66
C ARG D 498 9.37 -35.28 -12.76
N THR D 499 10.04 -34.27 -13.26
CA THR D 499 11.03 -33.61 -12.44
C THR D 499 10.42 -32.34 -11.86
N SER D 500 11.20 -31.67 -11.02
CA SER D 500 10.71 -30.46 -10.38
C SER D 500 10.61 -29.32 -11.36
N SER D 501 11.32 -29.39 -12.46
CA SER D 501 11.16 -28.40 -13.51
C SER D 501 10.24 -28.87 -14.62
N ALA D 502 9.46 -29.91 -14.38
CA ALA D 502 8.46 -30.33 -15.35
C ALA D 502 7.07 -29.84 -15.01
N GLN D 503 6.77 -29.63 -13.73
CA GLN D 503 5.48 -29.08 -13.36
C GLN D 503 5.34 -27.64 -13.79
N VAL D 504 6.44 -26.96 -14.11
CA VAL D 504 6.33 -25.59 -14.56
C VAL D 504 5.72 -25.51 -15.94
N GLU D 505 5.87 -26.55 -16.77
CA GLU D 505 5.17 -26.54 -18.04
C GLU D 505 4.04 -27.55 -18.09
N GLY D 506 3.90 -28.39 -17.07
CA GLY D 506 2.66 -29.08 -16.94
C GLY D 506 1.49 -28.18 -16.64
N GLY D 507 1.75 -27.03 -16.03
CA GLY D 507 0.68 -26.10 -15.77
C GLY D 507 0.56 -25.12 -16.90
N VAL D 508 0.30 -23.88 -16.57
CA VAL D 508 0.09 -22.82 -17.56
C VAL D 508 1.23 -21.84 -17.41
N HIS D 509 1.90 -21.54 -18.51
CA HIS D 509 3.12 -20.77 -18.42
C HIS D 509 3.30 -19.97 -19.71
N SER D 510 4.37 -19.18 -19.72
CA SER D 510 4.81 -18.39 -20.86
C SER D 510 3.73 -17.46 -21.38
N LEU D 511 2.88 -16.95 -20.50
CA LEU D 511 1.83 -16.05 -20.91
C LEU D 511 1.89 -14.78 -20.08
N HIS D 512 1.46 -13.68 -20.69
CA HIS D 512 1.33 -12.44 -19.95
C HIS D 512 0.22 -12.55 -18.92
N SER D 513 -0.92 -13.07 -19.33
CA SER D 513 -2.01 -13.37 -18.41
C SER D 513 -2.89 -14.41 -19.07
N TYR D 514 -3.60 -15.17 -18.25
CA TYR D 514 -4.53 -16.15 -18.76
C TYR D 514 -5.76 -16.11 -17.89
N GLU D 515 -6.82 -16.74 -18.38
CA GLU D 515 -8.05 -16.86 -17.62
C GLU D 515 -8.50 -18.30 -17.70
N LYS D 516 -8.46 -18.99 -16.57
CA LYS D 516 -8.60 -20.43 -16.50
C LYS D 516 -10.02 -20.77 -16.10
N ARG D 517 -10.73 -21.46 -16.98
CA ARG D 517 -12.07 -21.94 -16.69
C ARG D 517 -12.08 -23.45 -16.80
N LEU D 518 -12.93 -24.10 -16.01
CA LEU D 518 -13.02 -25.55 -16.02
C LEU D 518 -14.36 -26.07 -16.53
N PHE D 519 -15.46 -25.58 -15.97
CA PHE D 519 -16.76 -26.07 -16.35
C PHE D 519 -17.74 -24.90 -16.45
N SER E 16 -46.67 32.09 28.75
CA SER E 16 -46.42 32.36 27.35
C SER E 16 -45.28 33.34 27.18
N TYR E 17 -44.20 33.14 27.92
CA TYR E 17 -43.08 34.06 27.82
C TYR E 17 -42.30 33.74 26.56
N VAL E 18 -41.70 32.55 26.52
CA VAL E 18 -40.90 32.02 25.42
C VAL E 18 -39.77 32.98 25.07
N PRO E 19 -38.67 32.96 25.81
CA PRO E 19 -37.61 33.96 25.63
C PRO E 19 -37.01 33.95 24.23
N ASP E 20 -36.69 35.14 23.74
CA ASP E 20 -36.20 35.31 22.37
C ASP E 20 -34.74 34.90 22.34
N ASP E 21 -34.51 33.66 21.94
CA ASP E 21 -33.16 33.16 21.75
C ASP E 21 -33.06 32.55 20.36
N GLY E 22 -32.18 33.09 19.53
CA GLY E 22 -31.93 32.56 18.22
C GLY E 22 -32.46 33.48 17.14
N LEU E 23 -32.36 33.01 15.92
CA LEU E 23 -32.75 33.76 14.75
C LEU E 23 -33.94 33.10 14.10
N THR E 24 -34.93 33.90 13.75
CA THR E 24 -36.00 33.44 12.88
C THR E 24 -35.50 33.50 11.45
N ALA E 25 -36.30 32.97 10.54
CA ALA E 25 -35.76 32.56 9.25
C ALA E 25 -35.44 33.74 8.35
N GLN E 26 -36.39 34.68 8.19
CA GLN E 26 -36.11 35.80 7.31
C GLN E 26 -35.10 36.74 7.93
N GLN E 27 -34.92 36.69 9.25
CA GLN E 27 -33.74 37.32 9.82
C GLN E 27 -32.49 36.59 9.45
N LEU E 28 -32.55 35.28 9.22
CA LEU E 28 -31.33 34.54 8.93
C LEU E 28 -30.91 34.74 7.50
N PHE E 29 -31.84 34.68 6.58
CA PHE E 29 -31.44 34.56 5.18
C PHE E 29 -31.45 35.87 4.42
N ASN E 30 -31.67 37.00 5.07
CA ASN E 30 -31.39 38.26 4.39
C ASN E 30 -29.98 38.75 4.65
N CYS E 31 -29.19 37.98 5.38
CA CYS E 31 -27.81 38.37 5.63
C CYS E 31 -26.93 38.25 4.41
N GLY E 32 -27.41 37.67 3.33
CA GLY E 32 -26.70 37.72 2.08
C GLY E 32 -25.59 36.72 1.92
N ASP E 33 -25.04 36.21 3.02
CA ASP E 33 -24.05 35.15 2.90
C ASP E 33 -24.71 33.89 2.41
N GLY E 34 -23.97 33.13 1.63
CA GLY E 34 -24.53 32.00 0.93
C GLY E 34 -24.65 30.80 1.82
N LEU E 35 -25.71 30.73 2.61
CA LEU E 35 -25.90 29.60 3.50
C LEU E 35 -26.12 28.34 2.71
N THR E 36 -25.67 27.22 3.26
CA THR E 36 -26.06 25.92 2.70
C THR E 36 -26.61 25.01 3.78
N TYR E 37 -26.76 23.72 3.49
CA TYR E 37 -27.34 22.81 4.47
C TYR E 37 -26.42 22.62 5.66
N ASN E 38 -25.14 22.52 5.44
CA ASN E 38 -24.28 22.14 6.55
C ASN E 38 -23.89 23.27 7.43
N ASP E 39 -24.45 24.46 7.35
CA ASP E 39 -23.99 25.46 8.29
C ASP E 39 -25.09 26.24 8.97
N PHE E 40 -26.27 25.66 9.14
CA PHE E 40 -27.21 26.22 10.08
C PHE E 40 -27.98 25.06 10.67
N LEU E 41 -28.56 25.28 11.83
CA LEU E 41 -29.22 24.23 12.58
C LEU E 41 -30.63 24.67 12.91
N ILE E 42 -31.43 23.73 13.37
CA ILE E 42 -32.76 24.04 13.84
C ILE E 42 -32.79 23.83 15.34
N LEU E 43 -32.83 24.92 16.08
CA LEU E 43 -32.66 24.61 17.49
C LEU E 43 -34.03 24.40 18.12
N PRO E 44 -34.17 23.45 19.05
CA PRO E 44 -35.47 22.83 19.29
C PRO E 44 -36.41 23.70 20.09
N GLY E 45 -37.52 23.09 20.44
CA GLY E 45 -38.55 23.74 21.25
C GLY E 45 -39.27 22.72 22.09
N TYR E 46 -40.54 22.98 22.33
CA TYR E 46 -41.34 22.16 23.22
C TYR E 46 -41.80 20.90 22.52
N ILE E 47 -41.77 19.80 23.24
CA ILE E 47 -42.21 18.51 22.74
C ILE E 47 -43.24 17.90 23.69
N ASP E 48 -44.38 17.50 23.14
CA ASP E 48 -45.40 16.83 23.94
C ASP E 48 -46.02 15.64 23.22
N PHE E 49 -45.24 14.85 22.50
CA PHE E 49 -45.77 13.74 21.72
C PHE E 49 -44.66 12.74 21.46
N THR E 50 -44.96 11.71 20.69
CA THR E 50 -44.01 10.63 20.49
C THR E 50 -43.40 10.75 19.11
N ALA E 51 -42.54 9.81 18.78
CA ALA E 51 -41.81 9.89 17.51
C ALA E 51 -42.71 9.58 16.33
N ASP E 52 -43.39 8.44 16.36
CA ASP E 52 -44.14 8.01 15.19
C ASP E 52 -45.54 8.60 15.11
N GLN E 53 -45.91 9.48 16.03
CA GLN E 53 -47.27 9.99 16.02
C GLN E 53 -47.47 11.08 14.98
N VAL E 54 -46.40 11.68 14.47
CA VAL E 54 -46.52 12.77 13.51
C VAL E 54 -46.95 12.24 12.15
N ASP E 55 -48.05 12.75 11.65
CA ASP E 55 -48.58 12.41 10.33
C ASP E 55 -47.76 13.16 9.29
N LEU E 56 -46.86 12.44 8.64
CA LEU E 56 -45.85 13.03 7.80
C LEU E 56 -46.33 13.09 6.34
N THR E 57 -47.48 13.71 6.18
CA THR E 57 -48.06 13.86 4.85
C THR E 57 -47.64 15.18 4.24
N SER E 58 -47.38 15.16 2.93
CA SER E 58 -46.87 16.32 2.25
C SER E 58 -47.32 16.32 0.80
N ALA E 59 -47.44 17.52 0.25
CA ALA E 59 -47.95 17.69 -1.11
C ALA E 59 -46.82 17.77 -2.12
N LEU E 60 -47.06 17.17 -3.28
CA LEU E 60 -46.07 17.18 -4.35
C LEU E 60 -46.35 18.27 -5.36
N THR E 61 -47.56 18.35 -5.86
CA THR E 61 -48.00 19.56 -6.56
C THR E 61 -49.29 20.01 -5.94
N LYS E 62 -50.01 20.92 -6.60
CA LYS E 62 -51.21 21.52 -6.03
C LYS E 62 -52.32 20.52 -5.73
N LYS E 63 -52.32 19.36 -6.35
CA LYS E 63 -53.50 18.54 -6.16
C LYS E 63 -53.20 17.14 -5.64
N ILE E 64 -52.08 16.53 -6.04
CA ILE E 64 -51.85 15.16 -5.58
C ILE E 64 -50.89 15.18 -4.40
N THR E 65 -51.24 14.44 -3.37
CA THR E 65 -50.55 14.45 -2.10
C THR E 65 -49.88 13.10 -1.89
N LEU E 66 -48.82 13.10 -1.11
CA LEU E 66 -48.07 11.87 -0.87
C LEU E 66 -48.03 11.57 0.63
N LYS E 67 -47.74 10.32 0.93
CA LYS E 67 -47.67 9.94 2.34
C LYS E 67 -46.27 10.11 2.89
N THR E 68 -45.28 10.38 2.04
CA THR E 68 -43.96 10.74 2.50
C THR E 68 -43.36 11.68 1.45
N PRO E 69 -42.53 12.65 1.83
CA PRO E 69 -42.03 13.61 0.86
C PRO E 69 -40.85 13.13 0.07
N LEU E 70 -40.49 11.88 0.16
CA LEU E 70 -39.23 11.44 -0.39
C LEU E 70 -39.43 10.97 -1.82
N VAL E 71 -38.83 11.67 -2.76
CA VAL E 71 -39.09 11.49 -4.17
C VAL E 71 -37.77 11.26 -4.91
N SER E 72 -37.79 10.33 -5.85
CA SER E 72 -36.61 10.03 -6.65
C SER E 72 -36.37 11.12 -7.67
N SER E 73 -35.17 11.11 -8.21
CA SER E 73 -34.77 12.15 -9.15
C SER E 73 -34.73 11.57 -10.56
N PRO E 74 -35.07 12.30 -11.56
CA PRO E 74 -35.03 11.74 -12.91
C PRO E 74 -33.65 11.70 -13.51
N MET E 75 -32.85 10.70 -13.18
CA MET E 75 -31.68 10.45 -14.00
C MET E 75 -31.70 8.99 -14.45
N ASP E 76 -30.87 8.70 -15.44
CA ASP E 76 -30.82 7.38 -16.02
C ASP E 76 -30.24 6.38 -15.06
N THR E 77 -29.37 6.85 -14.18
CA THR E 77 -28.59 5.96 -13.34
C THR E 77 -29.20 5.88 -11.96
N VAL E 78 -30.37 6.47 -11.77
CA VAL E 78 -31.04 6.30 -10.48
C VAL E 78 -32.43 5.73 -10.61
N THR E 79 -33.07 5.82 -11.77
CA THR E 79 -34.45 5.39 -11.83
C THR E 79 -34.82 4.70 -13.12
N GLU E 80 -35.37 3.49 -12.98
CA GLU E 80 -36.43 3.03 -13.87
C GLU E 80 -37.49 2.37 -13.02
N ALA E 81 -38.26 1.50 -13.66
CA ALA E 81 -39.50 0.95 -13.15
C ALA E 81 -39.38 0.34 -11.77
N GLY E 82 -38.23 -0.25 -11.45
CA GLY E 82 -38.06 -0.80 -10.12
C GLY E 82 -38.09 0.26 -9.05
N MET E 83 -37.41 1.37 -9.28
CA MET E 83 -37.42 2.48 -8.34
C MET E 83 -38.77 3.13 -8.22
N ALA E 84 -39.46 3.29 -9.34
CA ALA E 84 -40.77 3.91 -9.31
C ALA E 84 -41.75 3.03 -8.55
N ILE E 85 -41.67 1.71 -8.78
CA ILE E 85 -42.40 0.73 -8.00
C ILE E 85 -42.08 0.85 -6.52
N ALA E 86 -40.81 0.94 -6.18
CA ALA E 86 -40.40 0.93 -4.78
C ALA E 86 -40.88 2.17 -4.04
N MET E 87 -40.58 3.35 -4.57
CA MET E 87 -40.93 4.55 -3.83
C MET E 87 -42.41 4.86 -3.89
N ALA E 88 -43.06 4.58 -5.02
CA ALA E 88 -44.49 4.78 -5.07
C ALA E 88 -45.18 3.81 -4.13
N LEU E 89 -44.62 2.62 -3.99
CA LEU E 89 -45.17 1.62 -3.13
C LEU E 89 -44.89 1.88 -1.66
N THR E 90 -43.87 2.67 -1.33
CA THR E 90 -43.63 2.99 0.06
C THR E 90 -44.17 4.35 0.45
N GLY E 91 -44.69 5.12 -0.49
CA GLY E 91 -45.28 6.41 -0.21
C GLY E 91 -44.75 7.53 -1.06
N GLY E 92 -43.52 7.41 -1.55
CA GLY E 92 -42.94 8.46 -2.33
C GLY E 92 -43.43 8.42 -3.75
N ILE E 93 -42.59 8.91 -4.64
CA ILE E 93 -42.88 8.90 -6.06
C ILE E 93 -41.54 8.98 -6.77
N GLY E 94 -41.47 8.36 -7.94
CA GLY E 94 -40.28 8.48 -8.75
C GLY E 94 -40.62 9.30 -9.97
N PHE E 95 -39.61 9.52 -10.79
CA PHE E 95 -39.84 10.01 -12.13
C PHE E 95 -38.91 9.23 -13.03
N ILE E 96 -39.30 9.01 -14.27
CA ILE E 96 -38.49 8.20 -15.16
C ILE E 96 -37.83 9.09 -16.19
N HIS E 97 -36.53 8.89 -16.37
CA HIS E 97 -35.67 9.76 -17.14
C HIS E 97 -36.02 9.72 -18.62
N HIS E 98 -35.69 10.80 -19.31
CA HIS E 98 -35.98 10.92 -20.73
C HIS E 98 -34.76 10.67 -21.59
N ASN E 99 -33.80 9.88 -21.10
CA ASN E 99 -32.61 9.61 -21.88
C ASN E 99 -32.78 8.31 -22.64
N CYS E 100 -33.97 8.09 -23.20
CA CYS E 100 -34.22 6.88 -23.95
C CYS E 100 -35.25 7.15 -25.03
N THR E 101 -35.52 6.14 -25.84
CA THR E 101 -36.57 6.20 -26.84
C THR E 101 -37.92 6.26 -26.15
N PRO E 102 -38.92 6.87 -26.78
CA PRO E 102 -40.24 6.98 -26.14
C PRO E 102 -40.94 5.65 -25.92
N GLU E 103 -40.64 4.62 -26.72
CA GLU E 103 -41.19 3.30 -26.44
C GLU E 103 -40.62 2.75 -25.15
N PHE E 104 -39.33 3.00 -24.89
CA PHE E 104 -38.71 2.48 -23.69
C PHE E 104 -39.27 3.15 -22.44
N GLN E 105 -39.36 4.46 -22.42
CA GLN E 105 -39.96 5.14 -21.29
C GLN E 105 -41.44 4.84 -21.19
N ALA E 106 -42.09 4.57 -22.32
CA ALA E 106 -43.50 4.25 -22.29
C ALA E 106 -43.78 2.90 -21.67
N ASN E 107 -43.03 1.86 -22.05
CA ASN E 107 -43.36 0.60 -21.43
C ASN E 107 -42.79 0.50 -20.03
N GLU E 108 -41.72 1.25 -19.71
CA GLU E 108 -41.38 1.40 -18.29
C GLU E 108 -42.48 2.09 -17.51
N VAL E 109 -43.10 3.14 -18.04
CA VAL E 109 -44.08 3.84 -17.22
C VAL E 109 -45.38 3.04 -17.17
N ARG E 110 -45.62 2.17 -18.14
CA ARG E 110 -46.82 1.37 -17.97
C ARG E 110 -46.57 0.13 -17.14
N LYS E 111 -45.34 -0.41 -17.11
CA LYS E 111 -45.12 -1.61 -16.30
C LYS E 111 -45.09 -1.27 -14.82
N VAL E 112 -44.86 -0.01 -14.49
CA VAL E 112 -45.11 0.48 -13.15
C VAL E 112 -46.54 0.96 -13.02
N LYS E 113 -47.15 1.41 -14.10
CA LYS E 113 -48.55 1.78 -14.02
C LYS E 113 -49.42 0.54 -14.04
N LYS E 114 -48.87 -0.58 -14.49
CA LYS E 114 -49.41 -1.90 -14.19
C LYS E 114 -49.00 -2.31 -12.79
N TYR E 115 -49.08 -3.62 -12.52
CA TYR E 115 -48.48 -4.27 -11.34
C TYR E 115 -49.24 -3.95 -10.05
N GLU E 116 -50.16 -2.99 -10.06
CA GLU E 116 -51.09 -2.74 -8.97
C GLU E 116 -52.49 -2.33 -9.38
N GLN E 117 -53.05 -2.88 -10.45
CA GLN E 117 -54.42 -2.57 -10.84
C GLN E 117 -55.43 -2.95 -9.76
N GLY E 118 -56.41 -2.07 -9.55
CA GLY E 118 -57.58 -2.42 -8.77
C GLY E 118 -58.55 -3.28 -9.57
N PHE E 119 -59.26 -2.66 -10.51
CA PHE E 119 -60.03 -3.40 -11.49
C PHE E 119 -59.22 -3.45 -12.77
N ILE E 120 -58.89 -4.65 -13.21
CA ILE E 120 -58.18 -4.77 -14.48
C ILE E 120 -59.21 -4.62 -15.58
N THR E 121 -59.36 -3.40 -16.10
CA THR E 121 -60.45 -3.09 -17.03
C THR E 121 -59.91 -3.20 -18.46
N ASP E 122 -58.72 -3.75 -18.57
CA ASP E 122 -58.16 -4.12 -19.86
C ASP E 122 -57.20 -5.30 -19.79
N PRO E 123 -57.63 -6.50 -19.39
CA PRO E 123 -56.71 -7.63 -19.41
C PRO E 123 -56.63 -8.20 -20.81
N VAL E 124 -55.86 -9.27 -20.98
CA VAL E 124 -55.92 -10.10 -22.17
C VAL E 124 -56.83 -11.27 -21.83
N VAL E 125 -57.59 -11.73 -22.82
CA VAL E 125 -58.59 -12.79 -22.59
C VAL E 125 -58.74 -13.57 -23.89
N LEU E 126 -58.93 -14.87 -23.79
CA LEU E 126 -58.87 -15.73 -24.96
C LEU E 126 -60.16 -16.53 -25.11
N SER E 127 -60.29 -17.17 -26.28
CA SER E 127 -61.34 -18.10 -26.68
C SER E 127 -60.82 -19.52 -26.56
N PRO E 128 -61.62 -20.46 -26.04
CA PRO E 128 -61.07 -21.75 -25.63
C PRO E 128 -60.69 -22.69 -26.76
N LYS E 129 -60.91 -22.31 -28.02
CA LYS E 129 -60.44 -23.08 -29.17
C LYS E 129 -59.01 -22.76 -29.57
N ASP E 130 -58.23 -22.09 -28.73
CA ASP E 130 -56.82 -21.93 -29.04
C ASP E 130 -56.01 -23.03 -28.38
N ARG E 131 -54.69 -22.89 -28.32
CA ARG E 131 -53.81 -23.91 -27.79
C ARG E 131 -53.31 -23.48 -26.41
N VAL E 132 -52.64 -24.40 -25.72
CA VAL E 132 -52.05 -24.11 -24.42
C VAL E 132 -50.85 -23.20 -24.57
N ARG E 133 -50.02 -23.39 -25.60
CA ARG E 133 -48.88 -22.50 -25.76
C ARG E 133 -49.27 -21.12 -26.22
N ASP E 134 -50.52 -20.91 -26.60
CA ASP E 134 -51.02 -19.55 -26.85
C ASP E 134 -51.11 -18.73 -25.57
N VAL E 135 -51.31 -19.37 -24.42
CA VAL E 135 -51.21 -18.59 -23.18
C VAL E 135 -49.75 -18.48 -22.77
N PHE E 136 -48.91 -19.38 -23.27
CA PHE E 136 -47.48 -19.26 -23.02
C PHE E 136 -46.90 -18.12 -23.83
N GLU E 137 -47.54 -17.79 -24.95
CA GLU E 137 -47.22 -16.59 -25.71
C GLU E 137 -47.45 -15.34 -24.88
N ALA E 138 -48.51 -15.30 -24.10
CA ALA E 138 -48.75 -14.16 -23.22
C ALA E 138 -47.81 -14.18 -22.03
N LYS E 139 -47.54 -15.37 -21.49
CA LYS E 139 -46.68 -15.49 -20.32
C LYS E 139 -45.24 -15.12 -20.64
N ALA E 140 -44.81 -15.35 -21.89
CA ALA E 140 -43.49 -14.92 -22.31
C ALA E 140 -43.41 -13.41 -22.49
N ARG E 141 -44.53 -12.73 -22.71
CA ARG E 141 -44.51 -11.30 -22.95
C ARG E 141 -45.24 -10.48 -21.91
N HIS E 142 -46.48 -10.81 -21.56
CA HIS E 142 -47.21 -10.04 -20.58
C HIS E 142 -46.76 -10.33 -19.15
N GLY E 143 -45.98 -11.38 -18.94
CA GLY E 143 -45.40 -11.67 -17.66
C GLY E 143 -46.22 -12.57 -16.77
N PHE E 144 -47.51 -12.70 -17.04
CA PHE E 144 -48.40 -13.52 -16.23
C PHE E 144 -49.14 -14.50 -17.15
N CYS E 145 -49.80 -15.47 -16.55
CA CYS E 145 -50.63 -16.36 -17.35
C CYS E 145 -51.91 -16.82 -16.68
N GLY E 146 -52.24 -16.34 -15.48
CA GLY E 146 -53.51 -16.70 -14.88
C GLY E 146 -54.61 -15.85 -15.48
N ILE E 147 -55.46 -16.44 -16.31
CA ILE E 147 -56.24 -15.68 -17.26
C ILE E 147 -57.69 -16.16 -17.23
N PRO E 148 -58.66 -15.29 -17.51
CA PRO E 148 -60.01 -15.78 -17.81
C PRO E 148 -60.16 -16.12 -19.28
N ILE E 149 -61.24 -16.83 -19.58
CA ILE E 149 -61.57 -17.27 -20.94
C ILE E 149 -63.01 -16.91 -21.23
N THR E 150 -63.23 -16.17 -22.31
CA THR E 150 -64.57 -15.92 -22.80
C THR E 150 -64.80 -16.72 -24.08
N ASP E 151 -65.98 -16.55 -24.67
CA ASP E 151 -66.36 -17.29 -25.87
C ASP E 151 -65.66 -16.79 -27.13
N THR E 152 -65.42 -15.49 -27.22
CA THR E 152 -64.88 -14.88 -28.43
C THR E 152 -63.39 -14.58 -28.33
N GLY E 153 -62.97 -14.02 -27.20
CA GLY E 153 -61.60 -13.55 -27.07
C GLY E 153 -61.59 -12.05 -26.85
N ARG E 154 -62.75 -11.42 -27.06
CA ARG E 154 -62.92 -10.02 -26.76
C ARG E 154 -63.24 -9.89 -25.28
N MET E 155 -63.01 -8.69 -24.73
CA MET E 155 -63.13 -8.55 -23.29
C MET E 155 -64.59 -8.42 -22.87
N GLY E 156 -65.35 -7.58 -23.55
CA GLY E 156 -66.76 -7.50 -23.29
C GLY E 156 -67.47 -8.61 -24.02
N SER E 157 -67.39 -9.82 -23.48
CA SER E 157 -67.93 -10.99 -24.15
C SER E 157 -68.74 -11.80 -23.14
N ARG E 158 -69.15 -12.98 -23.57
CA ARG E 158 -69.88 -13.91 -22.73
C ARG E 158 -68.87 -14.91 -22.20
N LEU E 159 -68.66 -14.91 -20.89
CA LEU E 159 -67.53 -15.62 -20.31
C LEU E 159 -67.84 -17.11 -20.19
N VAL E 160 -66.79 -17.92 -20.36
CA VAL E 160 -66.88 -19.37 -20.25
C VAL E 160 -66.22 -19.88 -18.97
N GLY E 161 -65.01 -19.41 -18.67
CA GLY E 161 -64.37 -19.82 -17.44
C GLY E 161 -63.03 -19.14 -17.26
N ILE E 162 -62.27 -19.66 -16.29
CA ILE E 162 -60.92 -19.17 -16.01
C ILE E 162 -59.97 -20.34 -16.03
N ILE E 163 -58.72 -20.07 -16.35
CA ILE E 163 -57.64 -21.02 -16.10
C ILE E 163 -56.65 -20.33 -15.18
N SER E 164 -55.59 -21.04 -14.83
CA SER E 164 -54.55 -20.47 -14.01
C SER E 164 -53.23 -21.14 -14.31
N SER E 165 -52.17 -20.65 -13.69
CA SER E 165 -50.82 -21.16 -13.90
C SER E 165 -50.65 -22.57 -13.37
N ARG E 166 -51.46 -22.97 -12.40
CA ARG E 166 -51.36 -24.28 -11.77
C ARG E 166 -52.32 -25.27 -12.39
N ASP E 167 -53.06 -24.85 -13.40
CA ASP E 167 -53.84 -25.79 -14.20
C ASP E 167 -53.00 -26.38 -15.30
N ILE E 168 -52.01 -25.65 -15.78
CA ILE E 168 -51.14 -26.13 -16.85
C ILE E 168 -49.73 -26.12 -16.27
N ASP E 169 -49.63 -26.56 -15.02
CA ASP E 169 -48.36 -26.52 -14.31
C ASP E 169 -47.41 -27.61 -14.79
N PHE E 170 -47.90 -28.84 -14.89
CA PHE E 170 -47.00 -29.99 -15.04
C PHE E 170 -47.33 -30.84 -16.27
N LEU E 171 -48.03 -30.27 -17.26
CA LEU E 171 -48.43 -31.08 -18.39
C LEU E 171 -47.40 -31.01 -19.51
N LYS E 172 -47.20 -32.15 -20.19
CA LYS E 172 -46.30 -32.25 -21.32
C LYS E 172 -46.85 -31.54 -22.54
N GLU E 173 -48.17 -31.45 -22.65
CA GLU E 173 -48.84 -30.99 -23.86
C GLU E 173 -48.77 -29.47 -24.01
N GLU E 174 -47.93 -28.97 -24.91
CA GLU E 174 -47.80 -27.51 -25.07
C GLU E 174 -48.76 -26.96 -26.11
N GLU E 175 -48.85 -27.59 -27.27
CA GLU E 175 -49.97 -27.31 -28.17
C GLU E 175 -50.53 -28.67 -28.59
N HIS E 176 -50.21 -29.69 -27.78
CA HIS E 176 -50.42 -31.09 -28.13
C HIS E 176 -51.85 -31.43 -27.73
N ASP E 177 -52.77 -31.35 -28.70
CA ASP E 177 -54.21 -31.54 -28.51
C ASP E 177 -54.75 -30.63 -27.42
N CYS E 178 -54.31 -29.37 -27.48
CA CYS E 178 -54.43 -28.44 -26.36
C CYS E 178 -55.57 -27.46 -26.52
N PHE E 179 -56.71 -27.91 -27.06
CA PHE E 179 -57.90 -27.09 -26.99
C PHE E 179 -58.36 -27.02 -25.55
N LEU E 180 -58.71 -25.81 -25.10
CA LEU E 180 -58.79 -25.53 -23.68
C LEU E 180 -60.07 -26.04 -23.03
N GLU E 181 -60.97 -26.67 -23.79
CA GLU E 181 -62.26 -27.05 -23.25
C GLU E 181 -62.19 -28.26 -22.32
N GLU E 182 -61.37 -29.26 -22.64
CA GLU E 182 -61.32 -30.43 -21.78
C GLU E 182 -60.49 -30.23 -20.52
N ILE E 183 -59.60 -29.23 -20.50
CA ILE E 183 -58.87 -28.91 -19.28
C ILE E 183 -59.02 -27.41 -18.99
N MET E 184 -59.81 -27.10 -17.97
CA MET E 184 -60.31 -25.76 -17.70
C MET E 184 -61.00 -25.84 -16.35
N THR E 185 -61.63 -24.75 -15.88
CA THR E 185 -62.73 -24.87 -14.94
C THR E 185 -64.02 -24.56 -15.71
N LYS E 186 -65.14 -25.02 -15.19
CA LYS E 186 -66.42 -24.70 -15.81
C LYS E 186 -66.88 -23.31 -15.36
N ARG E 187 -68.05 -22.90 -15.84
CA ARG E 187 -68.54 -21.57 -15.49
C ARG E 187 -69.16 -21.56 -14.09
N GLU E 188 -69.69 -22.69 -13.64
CA GLU E 188 -70.45 -22.68 -12.39
C GLU E 188 -69.55 -22.65 -11.17
N ASP E 189 -68.43 -23.37 -11.21
CA ASP E 189 -67.58 -23.60 -10.05
C ASP E 189 -66.59 -22.45 -9.89
N LEU E 190 -67.12 -21.26 -9.59
CA LEU E 190 -66.30 -20.13 -9.24
C LEU E 190 -66.89 -19.44 -8.03
N VAL E 191 -66.21 -18.40 -7.59
CA VAL E 191 -66.77 -17.40 -6.71
C VAL E 191 -66.69 -16.11 -7.51
N VAL E 192 -67.81 -15.42 -7.68
CA VAL E 192 -67.84 -14.17 -8.44
C VAL E 192 -68.50 -13.07 -7.61
N ALA E 193 -68.71 -11.91 -8.23
CA ALA E 193 -69.36 -10.78 -7.62
C ALA E 193 -70.10 -10.04 -8.72
N PRO E 194 -71.22 -9.38 -8.42
CA PRO E 194 -71.93 -8.63 -9.45
C PRO E 194 -71.14 -7.40 -9.89
N ALA E 195 -71.51 -6.87 -11.06
CA ALA E 195 -70.86 -5.68 -11.55
C ALA E 195 -71.37 -4.44 -10.80
N GLY E 196 -70.69 -3.31 -11.02
CA GLY E 196 -71.06 -2.07 -10.37
C GLY E 196 -70.80 -2.04 -8.89
N ILE E 197 -69.91 -2.89 -8.40
CA ILE E 197 -69.60 -2.99 -6.98
C ILE E 197 -68.19 -2.46 -6.78
N THR E 198 -67.89 -1.97 -5.56
CA THR E 198 -66.60 -1.37 -5.35
C THR E 198 -65.65 -2.34 -4.65
N LEU E 199 -64.42 -1.88 -4.43
CA LEU E 199 -63.34 -2.78 -4.09
C LEU E 199 -63.33 -3.22 -2.64
N LYS E 200 -64.07 -2.56 -1.75
CA LYS E 200 -64.02 -2.89 -0.33
C LYS E 200 -64.65 -4.26 -0.07
N GLU E 201 -65.94 -4.36 -0.33
CA GLU E 201 -66.65 -5.63 -0.18
C GLU E 201 -66.18 -6.68 -1.17
N ALA E 202 -65.66 -6.26 -2.33
CA ALA E 202 -65.01 -7.20 -3.22
C ALA E 202 -63.77 -7.80 -2.58
N ASN E 203 -63.02 -6.99 -1.85
CA ASN E 203 -61.84 -7.53 -1.18
C ASN E 203 -62.23 -8.38 0.01
N GLU E 204 -63.36 -8.10 0.65
CA GLU E 204 -63.77 -9.00 1.75
C GLU E 204 -64.32 -10.32 1.23
N ILE E 205 -64.94 -10.34 0.05
CA ILE E 205 -65.30 -11.65 -0.47
C ILE E 205 -64.07 -12.35 -1.04
N LEU E 206 -63.03 -11.58 -1.38
CA LEU E 206 -61.73 -12.20 -1.60
C LEU E 206 -61.12 -12.77 -0.31
N GLN E 207 -61.37 -12.11 0.82
CA GLN E 207 -60.91 -12.63 2.11
C GLN E 207 -61.49 -14.00 2.37
N ARG E 208 -62.82 -14.12 2.34
CA ARG E 208 -63.34 -15.45 2.64
C ARG E 208 -63.47 -16.33 1.38
N SER E 209 -62.94 -15.89 0.24
CA SER E 209 -63.00 -16.69 -0.98
C SER E 209 -61.88 -17.71 -1.06
N LYS E 210 -60.65 -17.28 -0.79
CA LYS E 210 -59.43 -18.10 -0.85
C LYS E 210 -59.17 -18.67 -2.23
N LYS E 211 -59.53 -17.95 -3.30
CA LYS E 211 -59.39 -18.57 -4.60
C LYS E 211 -58.20 -18.07 -5.42
N GLY E 212 -58.12 -16.79 -5.72
CA GLY E 212 -56.95 -16.32 -6.44
C GLY E 212 -57.20 -15.40 -7.61
N LYS E 213 -58.37 -15.47 -8.23
CA LYS E 213 -58.86 -14.45 -9.15
C LYS E 213 -60.33 -14.30 -8.83
N LEU E 214 -60.95 -13.25 -9.35
CA LEU E 214 -62.39 -13.04 -9.17
C LEU E 214 -62.92 -12.10 -10.23
N PRO E 215 -63.46 -12.64 -11.32
CA PRO E 215 -64.14 -11.78 -12.29
C PRO E 215 -65.44 -11.24 -11.70
N ILE E 216 -65.63 -9.94 -11.82
CA ILE E 216 -66.87 -9.30 -11.41
C ILE E 216 -67.69 -9.08 -12.67
N VAL E 217 -68.87 -9.67 -12.71
CA VAL E 217 -69.69 -9.78 -13.91
C VAL E 217 -71.13 -9.48 -13.52
N ASN E 218 -71.84 -8.75 -14.39
CA ASN E 218 -73.25 -8.46 -14.22
C ASN E 218 -74.11 -9.71 -14.47
N GLU E 219 -75.42 -9.54 -14.46
CA GLU E 219 -76.32 -10.68 -14.43
C GLU E 219 -76.55 -11.33 -15.79
N ASP E 220 -76.09 -10.73 -16.87
CA ASP E 220 -76.27 -11.31 -18.20
C ASP E 220 -74.95 -11.81 -18.79
N ASP E 221 -73.99 -12.14 -17.92
CA ASP E 221 -72.69 -12.75 -18.27
C ASP E 221 -71.86 -11.86 -19.20
N GLU E 222 -71.74 -10.58 -18.88
CA GLU E 222 -70.80 -9.71 -19.58
C GLU E 222 -69.61 -9.43 -18.68
N LEU E 223 -68.43 -9.89 -19.11
CA LEU E 223 -67.20 -9.59 -18.41
C LEU E 223 -66.87 -8.11 -18.50
N VAL E 224 -66.74 -7.45 -17.35
CA VAL E 224 -66.48 -6.02 -17.35
C VAL E 224 -65.18 -5.72 -16.60
N ALA E 225 -64.81 -6.56 -15.63
CA ALA E 225 -63.55 -6.37 -14.91
C ALA E 225 -63.14 -7.66 -14.22
N ILE E 226 -61.95 -7.62 -13.62
CA ILE E 226 -61.33 -8.76 -12.98
C ILE E 226 -60.37 -8.22 -11.92
N ILE E 227 -60.40 -8.80 -10.73
CA ILE E 227 -59.54 -8.41 -9.64
C ILE E 227 -58.58 -9.57 -9.35
N ALA E 228 -57.32 -9.23 -9.13
CA ALA E 228 -56.31 -10.25 -8.89
C ALA E 228 -56.13 -10.49 -7.41
N ARG E 229 -55.28 -11.47 -7.08
CA ARG E 229 -55.00 -11.76 -5.68
C ARG E 229 -53.81 -10.99 -5.16
N THR E 230 -52.70 -11.00 -5.89
CA THR E 230 -51.44 -10.43 -5.45
C THR E 230 -51.53 -8.94 -5.16
N ASP E 231 -52.47 -8.26 -5.81
CA ASP E 231 -52.64 -6.84 -5.60
C ASP E 231 -53.14 -6.54 -4.19
N LEU E 232 -53.98 -7.38 -3.62
CA LEU E 232 -54.42 -7.07 -2.28
C LEU E 232 -53.35 -7.45 -1.25
N LYS E 233 -52.54 -8.48 -1.51
CA LYS E 233 -51.52 -8.80 -0.53
C LYS E 233 -50.39 -7.76 -0.55
N LYS E 234 -50.11 -7.17 -1.71
CA LYS E 234 -49.21 -6.03 -1.64
C LYS E 234 -49.94 -4.79 -1.16
N ASN E 235 -51.26 -4.76 -1.26
CA ASN E 235 -52.00 -3.66 -0.69
C ASN E 235 -52.03 -3.72 0.83
N ARG E 236 -51.75 -4.87 1.43
CA ARG E 236 -51.58 -4.91 2.87
C ARG E 236 -50.12 -4.81 3.28
N ASP E 237 -49.19 -5.39 2.51
CA ASP E 237 -47.80 -5.35 2.94
C ASP E 237 -47.15 -3.99 2.77
N TYR E 238 -47.81 -3.03 2.12
CA TYR E 238 -47.27 -1.69 1.98
C TYR E 238 -48.41 -0.71 2.12
N PRO E 239 -48.79 -0.37 3.34
CA PRO E 239 -49.74 0.73 3.52
C PRO E 239 -49.08 2.05 3.19
N LEU E 240 -49.91 3.09 3.17
CA LEU E 240 -49.54 4.47 2.81
C LEU E 240 -48.76 4.52 1.51
N ALA E 241 -49.38 3.98 0.46
CA ALA E 241 -48.62 3.62 -0.73
C ALA E 241 -48.98 4.43 -1.96
N SER E 242 -49.39 5.69 -1.81
CA SER E 242 -49.42 6.71 -2.86
C SER E 242 -50.14 6.31 -4.14
N LYS E 243 -51.45 6.09 -4.06
CA LYS E 243 -52.19 5.58 -5.20
C LYS E 243 -53.19 6.61 -5.69
N ASP E 244 -53.54 6.51 -6.96
CA ASP E 244 -54.37 7.52 -7.61
C ASP E 244 -55.86 7.31 -7.38
N ALA E 245 -56.69 7.95 -8.20
CA ALA E 245 -58.12 7.72 -8.15
C ALA E 245 -58.47 6.30 -8.56
N LYS E 246 -57.72 5.74 -9.51
CA LYS E 246 -58.03 4.42 -10.03
C LYS E 246 -57.33 3.34 -9.22
N LYS E 247 -56.75 3.73 -8.09
CA LYS E 247 -56.19 2.88 -7.05
C LYS E 247 -54.97 2.07 -7.50
N GLN E 248 -54.34 2.42 -8.61
CA GLN E 248 -52.96 1.99 -8.81
C GLN E 248 -52.03 3.11 -8.39
N LEU E 249 -50.76 2.77 -8.21
CA LEU E 249 -49.81 3.75 -7.70
C LEU E 249 -49.40 4.74 -8.79
N LEU E 250 -49.24 6.00 -8.37
CA LEU E 250 -48.77 7.08 -9.22
C LEU E 250 -47.40 6.75 -9.79
N CYS E 251 -47.11 7.28 -10.97
CA CYS E 251 -45.75 7.33 -11.46
C CYS E 251 -45.57 8.59 -12.26
N GLY E 252 -44.33 8.95 -12.50
CA GLY E 252 -44.02 10.20 -13.15
C GLY E 252 -42.86 10.07 -14.10
N ALA E 253 -42.55 11.17 -14.79
CA ALA E 253 -41.61 11.10 -15.88
C ALA E 253 -41.01 12.47 -16.16
N ALA E 254 -40.11 12.50 -17.12
CA ALA E 254 -39.51 13.76 -17.53
C ALA E 254 -39.69 14.00 -19.01
N ILE E 255 -39.49 15.25 -19.42
CA ILE E 255 -39.60 15.64 -20.81
C ILE E 255 -38.22 16.19 -21.14
N GLY E 256 -37.96 16.51 -22.40
CA GLY E 256 -36.96 17.49 -22.74
C GLY E 256 -37.71 18.79 -22.92
N THR E 257 -37.30 19.63 -23.86
CA THR E 257 -38.07 20.85 -24.08
C THR E 257 -38.17 21.07 -25.59
N HIS E 258 -37.38 20.33 -26.33
CA HIS E 258 -37.28 20.51 -27.78
C HIS E 258 -38.55 20.05 -28.47
N GLU E 259 -38.64 20.33 -29.77
CA GLU E 259 -39.86 20.20 -30.57
C GLU E 259 -40.33 18.76 -30.64
N ASP E 260 -39.38 17.82 -30.70
CA ASP E 260 -39.69 16.41 -30.79
C ASP E 260 -40.29 15.85 -29.51
N ASP E 261 -40.13 16.53 -28.40
CA ASP E 261 -40.53 15.99 -27.12
C ASP E 261 -42.03 16.10 -26.90
N LYS E 262 -42.72 16.89 -27.72
CA LYS E 262 -44.18 16.89 -27.68
C LYS E 262 -44.73 15.57 -28.22
N TYR E 263 -43.97 14.90 -29.08
CA TYR E 263 -44.27 13.52 -29.42
C TYR E 263 -44.05 12.59 -28.25
N ARG E 264 -43.03 12.81 -27.42
CA ARG E 264 -42.80 12.01 -26.25
C ARG E 264 -43.89 12.17 -25.22
N LEU E 265 -44.44 13.37 -25.10
CA LEU E 265 -45.46 13.63 -24.11
C LEU E 265 -46.73 12.86 -24.44
N ASP E 266 -47.05 12.74 -25.72
CA ASP E 266 -48.33 12.16 -26.09
C ASP E 266 -48.32 10.65 -25.88
N LEU E 267 -47.15 10.02 -25.98
CA LEU E 267 -47.05 8.59 -25.69
C LEU E 267 -47.29 8.30 -24.23
N LEU E 268 -46.85 9.20 -23.36
CA LEU E 268 -47.18 9.11 -21.95
C LEU E 268 -48.65 9.38 -21.72
N ALA E 269 -49.22 10.26 -22.55
CA ALA E 269 -50.64 10.55 -22.44
C ALA E 269 -51.50 9.33 -22.77
N GLN E 270 -51.07 8.53 -23.75
CA GLN E 270 -51.73 7.24 -23.89
C GLN E 270 -51.30 6.25 -22.83
N ALA E 271 -50.13 6.44 -22.23
CA ALA E 271 -49.66 5.50 -21.22
C ALA E 271 -50.32 5.71 -19.87
N GLY E 272 -50.87 6.90 -19.61
CA GLY E 272 -51.61 7.14 -18.39
C GLY E 272 -50.83 7.71 -17.23
N VAL E 273 -49.74 8.42 -17.47
CA VAL E 273 -49.01 9.11 -16.40
C VAL E 273 -49.85 10.28 -15.90
N ASP E 274 -49.50 10.80 -14.73
CA ASP E 274 -50.29 11.89 -14.17
C ASP E 274 -49.50 13.11 -13.71
N VAL E 275 -48.20 12.98 -13.46
CA VAL E 275 -47.38 14.12 -13.09
C VAL E 275 -46.08 14.02 -13.87
N VAL E 276 -45.68 15.11 -14.52
CA VAL E 276 -44.49 15.07 -15.34
C VAL E 276 -43.68 16.33 -15.07
N VAL E 277 -42.36 16.18 -15.16
CA VAL E 277 -41.43 17.20 -14.71
C VAL E 277 -40.63 17.67 -15.90
N LEU E 278 -40.55 18.96 -16.07
CA LEU E 278 -39.80 19.53 -17.18
C LEU E 278 -38.35 19.66 -16.75
N ASP E 279 -37.53 18.71 -17.15
CA ASP E 279 -36.14 18.71 -16.75
C ASP E 279 -35.40 19.68 -17.64
N SER E 280 -34.97 20.79 -17.06
CA SER E 280 -34.05 21.70 -17.72
C SER E 280 -33.12 22.21 -16.65
N SER E 281 -31.88 22.53 -17.03
CA SER E 281 -30.91 23.00 -16.04
C SER E 281 -31.36 24.33 -15.49
N GLN E 282 -31.46 25.32 -16.36
CA GLN E 282 -31.96 26.64 -16.00
C GLN E 282 -33.34 26.71 -16.63
N GLY E 283 -34.35 26.89 -15.81
CA GLY E 283 -35.69 26.66 -16.27
C GLY E 283 -36.45 27.85 -16.76
N ASN E 284 -35.85 29.03 -16.73
CA ASN E 284 -36.57 30.23 -17.12
C ASN E 284 -36.42 30.48 -18.62
N SER E 285 -36.77 29.49 -19.43
CA SER E 285 -36.61 29.66 -20.86
C SER E 285 -37.94 30.07 -21.47
N ILE E 286 -37.83 30.76 -22.60
CA ILE E 286 -39.00 30.96 -23.44
C ILE E 286 -39.50 29.61 -23.94
N PHE E 287 -38.61 28.64 -24.12
CA PHE E 287 -38.99 27.32 -24.57
C PHE E 287 -39.85 26.63 -23.53
N GLN E 288 -39.51 26.77 -22.26
CA GLN E 288 -40.23 26.04 -21.24
C GLN E 288 -41.59 26.67 -20.99
N ILE E 289 -41.68 28.00 -21.01
CA ILE E 289 -42.98 28.60 -20.78
C ILE E 289 -43.89 28.39 -21.98
N ASN E 290 -43.31 28.38 -23.19
CA ASN E 290 -44.12 28.04 -24.37
C ASN E 290 -44.57 26.59 -24.31
N MET E 291 -43.76 25.71 -23.75
CA MET E 291 -44.18 24.32 -23.76
C MET E 291 -45.14 24.04 -22.60
N ILE E 292 -45.09 24.85 -21.55
CA ILE E 292 -46.13 24.77 -20.53
C ILE E 292 -47.45 25.29 -21.10
N LYS E 293 -47.40 26.34 -21.91
CA LYS E 293 -48.59 26.76 -22.65
C LYS E 293 -49.07 25.68 -23.60
N TYR E 294 -48.17 24.89 -24.17
CA TYR E 294 -48.55 23.73 -24.96
C TYR E 294 -49.21 22.65 -24.12
N ILE E 295 -48.85 22.55 -22.84
CA ILE E 295 -49.40 21.52 -21.98
C ILE E 295 -50.78 21.89 -21.48
N LYS E 296 -50.95 23.11 -20.95
CA LYS E 296 -52.10 23.41 -20.13
C LYS E 296 -53.41 23.53 -20.91
N ASP E 297 -53.34 23.68 -22.23
CA ASP E 297 -54.56 23.65 -23.03
C ASP E 297 -54.88 22.27 -23.56
N LYS E 298 -53.90 21.38 -23.67
CA LYS E 298 -54.13 20.07 -24.27
C LYS E 298 -54.56 19.04 -23.24
N TYR E 299 -53.93 19.03 -22.08
CA TYR E 299 -54.25 18.02 -21.08
C TYR E 299 -54.52 18.72 -19.76
N PRO E 300 -55.75 19.13 -19.50
CA PRO E 300 -56.02 19.99 -18.36
C PRO E 300 -55.93 19.29 -17.01
N ASN E 301 -56.25 18.01 -16.94
CA ASN E 301 -56.09 17.30 -15.69
C ASN E 301 -54.64 16.92 -15.42
N LEU E 302 -53.78 16.97 -16.43
CA LEU E 302 -52.38 16.61 -16.24
C LEU E 302 -51.65 17.70 -15.50
N GLN E 303 -50.82 17.31 -14.53
CA GLN E 303 -50.16 18.29 -13.68
C GLN E 303 -48.64 18.24 -13.87
N VAL E 304 -48.04 19.42 -13.92
CA VAL E 304 -46.73 19.59 -14.52
C VAL E 304 -45.80 20.32 -13.56
N ILE E 305 -44.53 19.92 -13.55
CA ILE E 305 -43.53 20.42 -12.62
C ILE E 305 -42.48 21.17 -13.42
N GLY E 306 -42.29 22.44 -13.10
CA GLY E 306 -41.33 23.27 -13.79
C GLY E 306 -40.08 23.47 -12.95
N GLY E 307 -38.98 23.74 -13.63
CA GLY E 307 -37.71 23.95 -12.97
C GLY E 307 -36.63 24.13 -14.00
N ASN E 308 -35.43 24.48 -13.54
CA ASN E 308 -35.08 24.51 -12.13
C ASN E 308 -34.80 25.91 -11.69
N VAL E 309 -35.73 26.43 -10.92
CA VAL E 309 -35.74 27.80 -10.55
C VAL E 309 -34.94 27.98 -9.27
N VAL E 310 -34.08 28.99 -9.23
CA VAL E 310 -33.41 29.24 -7.95
C VAL E 310 -33.64 30.63 -7.41
N THR E 311 -34.11 31.55 -8.20
CA THR E 311 -34.45 32.83 -7.61
C THR E 311 -35.93 33.09 -7.76
N ALA E 312 -36.41 34.11 -7.09
CA ALA E 312 -37.83 34.37 -7.09
C ALA E 312 -38.32 34.92 -8.42
N ALA E 313 -37.44 35.52 -9.22
CA ALA E 313 -37.89 36.12 -10.47
C ALA E 313 -38.30 35.06 -11.48
N GLN E 314 -37.51 34.03 -11.62
CA GLN E 314 -37.91 32.96 -12.51
C GLN E 314 -39.01 32.11 -11.91
N ALA E 315 -39.16 32.15 -10.60
CA ALA E 315 -40.37 31.59 -10.02
C ALA E 315 -41.58 32.37 -10.44
N LYS E 316 -41.48 33.69 -10.58
CA LYS E 316 -42.62 34.43 -11.11
C LYS E 316 -42.87 34.07 -12.55
N ASN E 317 -41.80 34.00 -13.36
CA ASN E 317 -42.01 33.68 -14.77
C ASN E 317 -42.42 32.23 -15.01
N LEU E 318 -42.41 31.38 -14.00
CA LEU E 318 -43.10 30.12 -14.18
C LEU E 318 -44.49 30.07 -13.58
N ILE E 319 -44.75 30.70 -12.43
CA ILE E 319 -46.08 30.58 -11.81
C ILE E 319 -47.17 31.27 -12.63
N ASP E 320 -46.89 32.44 -13.20
CA ASP E 320 -47.92 33.09 -14.01
C ASP E 320 -48.15 32.33 -15.32
N ALA E 321 -47.16 31.55 -15.76
CA ALA E 321 -47.34 30.63 -16.87
C ALA E 321 -48.18 29.42 -16.49
N GLY E 322 -48.55 29.28 -15.23
CA GLY E 322 -49.52 28.28 -14.86
C GLY E 322 -48.85 26.98 -14.51
N VAL E 323 -47.62 27.05 -14.04
CA VAL E 323 -46.90 25.87 -13.61
C VAL E 323 -47.55 25.35 -12.35
N ASP E 324 -47.39 24.06 -12.08
CA ASP E 324 -48.23 23.50 -11.04
C ASP E 324 -47.44 23.17 -9.79
N ALA E 325 -46.13 22.96 -9.90
CA ALA E 325 -45.21 23.00 -8.77
C ALA E 325 -43.79 23.20 -9.28
N LEU E 326 -42.96 23.83 -8.46
CA LEU E 326 -41.58 24.12 -8.81
C LEU E 326 -40.65 23.04 -8.30
N ARG E 327 -39.39 23.18 -8.69
CA ARG E 327 -38.37 22.20 -8.37
C ARG E 327 -37.05 22.93 -8.43
N VAL E 328 -36.38 23.10 -7.29
CA VAL E 328 -35.32 24.08 -7.18
C VAL E 328 -33.96 23.41 -7.08
N GLY E 329 -32.94 24.21 -7.37
CA GLY E 329 -31.59 23.74 -7.19
C GLY E 329 -30.78 23.58 -8.45
N MET E 330 -29.79 24.44 -8.63
CA MET E 330 -28.78 24.19 -9.63
C MET E 330 -27.42 24.46 -9.04
N GLY E 331 -26.46 23.62 -9.40
CA GLY E 331 -25.13 23.73 -8.90
C GLY E 331 -24.87 22.92 -7.67
N SER E 332 -25.89 22.34 -7.07
CA SER E 332 -25.72 21.68 -5.80
C SER E 332 -25.88 20.20 -5.90
N GLY E 333 -25.72 19.66 -7.08
CA GLY E 333 -25.76 18.24 -7.25
C GLY E 333 -24.53 17.64 -6.64
N SER E 334 -24.64 16.37 -6.30
CA SER E 334 -23.44 15.62 -5.96
C SER E 334 -22.53 15.46 -7.14
N ILE E 335 -23.10 15.37 -8.33
CA ILE E 335 -22.33 15.15 -9.53
C ILE E 335 -22.31 16.38 -10.41
N CYS E 336 -23.00 17.43 -10.01
CA CYS E 336 -23.04 18.66 -10.76
C CYS E 336 -21.71 19.36 -10.71
N ILE E 337 -21.31 19.97 -11.82
CA ILE E 337 -20.24 20.94 -11.81
C ILE E 337 -20.63 22.25 -12.48
N THR E 338 -21.92 22.52 -12.65
CA THR E 338 -22.31 23.70 -13.40
C THR E 338 -22.08 24.95 -12.57
N GLN E 339 -21.96 24.82 -11.26
CA GLN E 339 -21.51 25.94 -10.46
C GLN E 339 -20.02 26.13 -10.64
N GLU E 340 -19.31 25.06 -10.96
CA GLU E 340 -17.87 25.15 -11.05
C GLU E 340 -17.42 25.36 -12.49
N VAL E 341 -18.31 25.18 -13.45
CA VAL E 341 -17.98 25.31 -14.86
C VAL E 341 -18.75 26.43 -15.53
N LEU E 342 -20.02 26.56 -15.20
CA LEU E 342 -20.80 27.60 -15.84
C LEU E 342 -20.97 28.84 -15.00
N ALA E 343 -20.61 28.77 -13.72
CA ALA E 343 -20.65 29.89 -12.79
C ALA E 343 -22.03 30.50 -12.66
N CYS E 344 -23.04 29.66 -12.74
CA CYS E 344 -24.38 30.07 -12.40
C CYS E 344 -24.89 29.21 -11.25
N GLY E 345 -26.05 29.55 -10.74
CA GLY E 345 -26.61 28.84 -9.61
C GLY E 345 -26.83 29.77 -8.43
N ARG E 346 -27.03 29.18 -7.27
CA ARG E 346 -26.89 29.85 -5.98
C ARG E 346 -26.73 28.73 -4.97
N PRO E 347 -26.31 29.05 -3.74
CA PRO E 347 -26.25 28.00 -2.74
C PRO E 347 -27.65 27.51 -2.42
N GLN E 348 -27.74 26.24 -2.07
CA GLN E 348 -29.02 25.58 -2.31
C GLN E 348 -29.98 25.78 -1.16
N ALA E 349 -29.48 25.86 0.06
CA ALA E 349 -30.39 26.09 1.15
C ALA E 349 -30.93 27.49 1.15
N THR E 350 -30.17 28.44 0.67
CA THR E 350 -30.73 29.75 0.50
C THR E 350 -31.74 29.74 -0.61
N ALA E 351 -31.55 28.88 -1.59
CA ALA E 351 -32.47 28.81 -2.72
C ALA E 351 -33.82 28.26 -2.31
N VAL E 352 -33.84 27.18 -1.51
CA VAL E 352 -35.11 26.56 -1.19
C VAL E 352 -35.97 27.49 -0.38
N TYR E 353 -35.36 28.31 0.48
CA TYR E 353 -36.14 29.24 1.28
C TYR E 353 -36.70 30.35 0.43
N LYS E 354 -35.87 30.96 -0.42
CA LYS E 354 -36.39 32.12 -1.11
C LYS E 354 -37.34 31.74 -2.21
N VAL E 355 -37.15 30.60 -2.86
CA VAL E 355 -38.13 30.20 -3.85
C VAL E 355 -39.43 29.79 -3.17
N SER E 356 -39.35 29.10 -2.03
CA SER E 356 -40.60 28.70 -1.42
C SER E 356 -41.30 29.87 -0.73
N GLU E 357 -40.56 30.87 -0.30
CA GLU E 357 -41.25 32.00 0.30
C GLU E 357 -41.78 32.92 -0.78
N TYR E 358 -41.29 32.77 -2.01
CA TYR E 358 -42.07 33.32 -3.09
C TYR E 358 -43.24 32.45 -3.47
N ALA E 359 -43.11 31.14 -3.34
CA ALA E 359 -44.07 30.26 -3.96
C ALA E 359 -45.31 30.09 -3.11
N ARG E 360 -45.19 30.28 -1.81
CA ARG E 360 -46.40 30.09 -1.02
C ARG E 360 -47.34 31.27 -1.10
N ARG E 361 -46.95 32.37 -1.75
CA ARG E 361 -47.92 33.39 -2.08
C ARG E 361 -48.93 32.89 -3.10
N PHE E 362 -48.56 31.91 -3.90
CA PHE E 362 -49.43 31.41 -4.92
C PHE E 362 -49.89 30.00 -4.65
N GLY E 363 -49.51 29.42 -3.52
CA GLY E 363 -49.91 28.07 -3.20
C GLY E 363 -49.26 27.06 -4.09
N VAL E 364 -47.94 27.14 -4.20
CA VAL E 364 -47.19 26.26 -5.10
C VAL E 364 -46.13 25.55 -4.29
N PRO E 365 -46.21 24.24 -4.15
CA PRO E 365 -45.17 23.52 -3.42
C PRO E 365 -43.90 23.47 -4.24
N VAL E 366 -42.77 23.32 -3.55
CA VAL E 366 -41.49 23.28 -4.21
C VAL E 366 -40.79 21.98 -3.86
N ILE E 367 -39.87 21.60 -4.74
CA ILE E 367 -39.12 20.37 -4.61
C ILE E 367 -37.65 20.73 -4.54
N ALA E 368 -36.95 20.27 -3.53
CA ALA E 368 -35.56 20.65 -3.32
C ALA E 368 -34.66 19.59 -3.92
N ASP E 369 -33.65 20.02 -4.67
CA ASP E 369 -32.71 19.07 -5.24
C ASP E 369 -31.33 19.20 -4.63
N GLY E 370 -30.66 18.06 -4.56
CA GLY E 370 -29.23 18.01 -4.44
C GLY E 370 -28.69 18.36 -3.09
N GLY E 371 -27.47 17.92 -2.82
CA GLY E 371 -26.83 18.29 -1.59
C GLY E 371 -27.20 17.37 -0.45
N ILE E 372 -28.35 16.73 -0.55
CA ILE E 372 -28.82 15.81 0.46
C ILE E 372 -27.89 14.61 0.46
N GLN E 373 -27.19 14.43 1.56
CA GLN E 373 -26.21 13.38 1.67
C GLN E 373 -26.21 12.72 3.04
N ASN E 374 -27.05 13.17 3.95
CA ASN E 374 -27.38 12.42 5.14
C ASN E 374 -28.89 12.45 5.31
N VAL E 375 -29.40 12.13 6.49
CA VAL E 375 -30.81 12.33 6.77
C VAL E 375 -31.14 13.77 7.06
N GLY E 376 -30.31 14.45 7.84
CA GLY E 376 -30.66 15.74 8.41
C GLY E 376 -30.80 16.82 7.39
N HIS E 377 -30.16 16.63 6.24
CA HIS E 377 -30.39 17.56 5.14
C HIS E 377 -31.82 17.53 4.66
N ILE E 378 -32.50 16.38 4.75
CA ILE E 378 -33.90 16.34 4.35
C ILE E 378 -34.72 17.19 5.28
N ALA E 379 -34.41 17.12 6.57
CA ALA E 379 -35.14 17.91 7.55
C ALA E 379 -34.87 19.39 7.38
N LYS E 380 -33.62 19.77 7.16
CA LYS E 380 -33.32 21.17 6.99
C LYS E 380 -33.85 21.68 5.65
N ALA E 381 -34.03 20.81 4.69
CA ALA E 381 -34.67 21.23 3.46
C ALA E 381 -36.13 21.54 3.71
N LEU E 382 -36.88 20.53 4.11
CA LEU E 382 -38.32 20.70 4.06
C LEU E 382 -38.82 21.49 5.24
N ALA E 383 -37.98 21.76 6.21
CA ALA E 383 -38.31 22.78 7.18
C ALA E 383 -38.11 24.16 6.63
N LEU E 384 -37.24 24.35 5.64
CA LEU E 384 -37.05 25.70 5.14
C LEU E 384 -38.09 26.15 4.16
N GLY E 385 -39.10 25.34 3.88
CA GLY E 385 -40.16 25.82 3.03
C GLY E 385 -40.49 24.84 1.94
N ALA E 386 -39.65 23.83 1.79
CA ALA E 386 -39.92 22.85 0.78
C ALA E 386 -41.07 21.95 1.19
N SER E 387 -41.51 21.13 0.24
CA SER E 387 -42.57 20.19 0.51
C SER E 387 -42.15 18.77 0.24
N THR E 388 -41.31 18.56 -0.74
CA THR E 388 -40.72 17.27 -1.03
C THR E 388 -39.24 17.47 -1.29
N VAL E 389 -38.46 16.45 -0.99
CA VAL E 389 -37.02 16.53 -1.07
C VAL E 389 -36.57 15.49 -2.06
N MET E 390 -35.92 15.91 -3.13
CA MET E 390 -35.69 14.99 -4.23
C MET E 390 -34.22 14.61 -4.23
N MET E 391 -33.97 13.32 -4.21
CA MET E 391 -32.72 12.77 -3.77
C MET E 391 -32.05 12.07 -4.94
N GLY E 392 -30.85 12.50 -5.29
CA GLY E 392 -30.24 11.92 -6.45
C GLY E 392 -29.13 10.96 -6.14
N SER E 393 -28.17 11.37 -5.33
CA SER E 393 -27.06 10.49 -5.03
C SER E 393 -27.36 9.57 -3.87
N LEU E 394 -28.26 9.97 -2.99
CA LEU E 394 -28.48 9.17 -1.81
C LEU E 394 -29.28 7.92 -2.13
N LEU E 395 -29.98 7.93 -3.26
CA LEU E 395 -30.68 6.74 -3.70
C LEU E 395 -29.99 6.00 -4.80
N ALA E 396 -28.83 6.42 -5.24
CA ALA E 396 -28.09 5.61 -6.19
C ALA E 396 -27.49 4.44 -5.45
N ALA E 397 -27.13 3.41 -6.23
CA ALA E 397 -26.56 2.16 -5.75
C ALA E 397 -27.44 1.51 -4.68
N THR E 398 -28.65 1.20 -5.10
CA THR E 398 -29.51 0.34 -4.31
C THR E 398 -29.69 -0.95 -5.08
N THR E 399 -30.41 -1.89 -4.49
CA THR E 399 -30.75 -3.07 -5.26
C THR E 399 -31.79 -2.76 -6.32
N GLU E 400 -32.61 -1.74 -6.08
CA GLU E 400 -33.63 -1.32 -7.01
C GLU E 400 -33.09 -0.40 -8.08
N ALA E 401 -31.81 -0.08 -8.05
CA ALA E 401 -31.27 0.90 -8.95
C ALA E 401 -31.10 0.33 -10.36
N PRO E 402 -31.05 1.19 -11.35
CA PRO E 402 -30.60 0.77 -12.68
C PRO E 402 -29.11 0.48 -12.70
N GLY E 403 -28.67 -0.03 -13.84
CA GLY E 403 -27.31 -0.51 -13.97
C GLY E 403 -27.13 -1.79 -13.18
N GLU E 404 -25.90 -2.21 -12.96
CA GLU E 404 -25.69 -3.38 -12.14
C GLU E 404 -24.32 -3.24 -11.50
N TYR E 405 -24.18 -3.89 -10.34
CA TYR E 405 -23.01 -3.80 -9.48
C TYR E 405 -21.75 -4.25 -10.18
N PHE E 406 -20.64 -3.72 -9.71
CA PHE E 406 -19.35 -4.25 -10.07
C PHE E 406 -18.40 -3.93 -8.95
N PHE E 407 -17.60 -4.89 -8.57
CA PHE E 407 -16.69 -4.71 -7.46
C PHE E 407 -15.48 -3.97 -7.95
N SER E 408 -14.98 -3.08 -7.12
CA SER E 408 -13.76 -2.34 -7.39
C SER E 408 -13.10 -2.09 -6.06
N ASP E 409 -11.83 -2.45 -5.96
CA ASP E 409 -11.01 -2.39 -4.75
C ASP E 409 -11.60 -3.22 -3.59
N GLY E 410 -12.46 -4.18 -3.89
CA GLY E 410 -13.09 -4.95 -2.86
C GLY E 410 -14.24 -4.28 -2.15
N ILE E 411 -14.65 -3.10 -2.59
CA ILE E 411 -15.81 -2.42 -2.02
C ILE E 411 -16.89 -2.39 -3.08
N ARG E 412 -18.06 -2.91 -2.75
CA ARG E 412 -19.12 -3.09 -3.73
C ARG E 412 -19.73 -1.74 -4.08
N LEU E 413 -19.79 -1.44 -5.37
CA LEU E 413 -20.23 -0.12 -5.78
C LEU E 413 -20.93 -0.21 -7.12
N LYS E 414 -21.67 0.83 -7.43
CA LYS E 414 -22.48 0.91 -8.63
C LYS E 414 -22.24 2.27 -9.26
N LYS E 415 -22.08 2.32 -10.58
CA LYS E 415 -21.72 3.59 -11.19
C LYS E 415 -22.91 4.51 -11.23
N TYR E 416 -22.62 5.81 -11.29
CA TYR E 416 -23.60 6.86 -11.08
C TYR E 416 -23.12 8.11 -11.81
N ARG E 417 -24.02 8.71 -12.57
CA ARG E 417 -23.63 9.58 -13.66
C ARG E 417 -24.75 10.56 -13.94
N GLY E 418 -24.40 11.82 -14.13
CA GLY E 418 -25.39 12.86 -14.30
C GLY E 418 -25.79 13.08 -15.74
N MET E 419 -26.89 13.81 -15.90
CA MET E 419 -27.38 14.16 -17.22
C MET E 419 -26.43 15.05 -17.96
N GLY E 420 -25.77 15.96 -17.26
CA GLY E 420 -24.88 16.87 -17.93
C GLY E 420 -23.47 16.35 -17.99
N SER E 421 -23.29 15.04 -17.90
CA SER E 421 -22.00 14.46 -18.18
C SER E 421 -21.69 14.57 -19.67
N LEU E 422 -20.47 14.20 -20.02
CA LEU E 422 -20.24 14.07 -21.44
C LEU E 422 -20.75 12.74 -21.98
N ASP E 423 -21.35 11.91 -21.13
CA ASP E 423 -22.03 10.71 -21.55
C ASP E 423 -23.52 10.91 -21.69
N ALA E 424 -23.93 12.02 -22.31
CA ALA E 424 -25.30 12.14 -22.81
C ALA E 424 -25.60 11.01 -23.79
N MET E 425 -24.95 11.01 -24.96
CA MET E 425 -24.90 9.81 -25.79
C MET E 425 -23.47 9.56 -26.24
N ILE E 442 -18.65 20.05 -30.58
CA ILE E 442 -18.17 20.27 -29.22
C ILE E 442 -19.35 20.31 -28.28
N LYS E 443 -19.18 19.84 -27.06
CA LYS E 443 -20.19 20.03 -26.05
C LYS E 443 -19.51 20.21 -24.70
N VAL E 444 -20.17 20.98 -23.84
CA VAL E 444 -19.62 21.27 -22.52
C VAL E 444 -20.23 20.25 -21.61
N ALA E 445 -19.71 20.17 -20.39
CA ALA E 445 -20.19 19.16 -19.47
C ALA E 445 -20.65 19.86 -18.22
N GLN E 446 -21.87 19.59 -17.81
CA GLN E 446 -22.29 20.05 -16.51
C GLN E 446 -22.24 18.95 -15.48
N GLY E 447 -21.65 17.79 -15.80
CA GLY E 447 -21.74 16.65 -14.92
C GLY E 447 -20.50 15.80 -14.98
N VAL E 448 -20.48 14.82 -14.10
CA VAL E 448 -19.38 13.90 -13.94
C VAL E 448 -19.98 12.50 -13.78
N SER E 449 -19.20 11.49 -14.12
CA SER E 449 -19.63 10.11 -13.96
C SER E 449 -18.74 9.46 -12.92
N GLY E 450 -19.35 8.81 -11.96
CA GLY E 450 -18.61 8.21 -10.87
C GLY E 450 -19.32 7.03 -10.33
N ALA E 451 -19.11 6.75 -9.05
CA ALA E 451 -19.75 5.61 -8.40
C ALA E 451 -19.79 5.85 -6.90
N VAL E 452 -20.73 5.18 -6.24
CA VAL E 452 -20.97 5.36 -4.82
C VAL E 452 -21.16 3.97 -4.23
N GLN E 453 -20.97 3.83 -2.91
CA GLN E 453 -21.05 2.52 -2.28
C GLN E 453 -22.46 1.96 -2.35
N ASP E 454 -22.53 0.64 -2.39
CA ASP E 454 -23.78 -0.08 -2.25
C ASP E 454 -24.38 0.18 -0.88
N LYS E 455 -25.71 0.24 -0.84
CA LYS E 455 -26.38 0.44 0.44
C LYS E 455 -27.71 -0.28 0.53
N GLY E 456 -27.88 -1.42 -0.11
CA GLY E 456 -28.98 -2.30 0.19
C GLY E 456 -30.26 -1.99 -0.53
N SER E 457 -31.37 -2.47 0.00
CA SER E 457 -32.65 -2.29 -0.66
C SER E 457 -33.40 -1.12 -0.07
N ILE E 458 -34.24 -0.51 -0.90
CA ILE E 458 -34.95 0.69 -0.48
C ILE E 458 -36.05 0.36 0.50
N HIS E 459 -36.70 -0.80 0.36
CA HIS E 459 -37.69 -1.19 1.35
C HIS E 459 -37.07 -1.50 2.69
N LYS E 460 -35.76 -1.63 2.74
CA LYS E 460 -35.02 -1.60 3.97
C LYS E 460 -34.48 -0.22 4.30
N PHE E 461 -34.36 0.68 3.32
CA PHE E 461 -33.62 1.93 3.53
C PHE E 461 -34.51 3.16 3.75
N VAL E 462 -35.48 3.39 2.87
CA VAL E 462 -36.43 4.48 3.09
C VAL E 462 -37.27 4.33 4.37
N PRO E 463 -37.48 3.15 4.99
CA PRO E 463 -38.00 3.19 6.36
C PRO E 463 -37.07 3.86 7.34
N TYR E 464 -35.77 3.79 7.13
CA TYR E 464 -34.86 4.56 7.97
C TYR E 464 -34.99 6.04 7.76
N LEU E 465 -35.18 6.50 6.52
CA LEU E 465 -35.25 7.93 6.27
C LEU E 465 -36.53 8.51 6.82
N ILE E 466 -37.65 7.79 6.70
CA ILE E 466 -38.86 8.33 7.27
C ILE E 466 -38.82 8.31 8.79
N ALA E 467 -38.17 7.31 9.38
CA ALA E 467 -38.08 7.30 10.83
C ALA E 467 -37.14 8.37 11.35
N GLY E 468 -36.07 8.64 10.63
CA GLY E 468 -35.20 9.72 11.01
C GLY E 468 -35.81 11.08 10.85
N ILE E 469 -36.57 11.31 9.79
CA ILE E 469 -37.18 12.60 9.62
C ILE E 469 -38.30 12.81 10.64
N GLN E 470 -38.96 11.73 11.08
CA GLN E 470 -39.93 11.98 12.14
C GLN E 470 -39.28 12.09 13.51
N HIS E 471 -38.10 11.49 13.72
CA HIS E 471 -37.36 11.83 14.94
C HIS E 471 -36.96 13.28 14.94
N SER E 472 -36.58 13.81 13.78
CA SER E 472 -36.19 15.20 13.70
C SER E 472 -37.35 16.12 13.97
N CYS E 473 -38.51 15.83 13.38
CA CYS E 473 -39.68 16.67 13.64
C CYS E 473 -40.20 16.48 15.05
N GLN E 474 -39.94 15.32 15.64
CA GLN E 474 -40.26 15.11 17.04
C GLN E 474 -39.36 15.95 17.92
N ASP E 475 -38.13 16.17 17.48
CA ASP E 475 -37.20 16.88 18.32
C ASP E 475 -37.26 18.37 18.08
N ILE E 476 -37.77 18.80 16.93
CA ILE E 476 -38.08 20.20 16.70
C ILE E 476 -39.35 20.49 17.46
N GLY E 477 -40.24 19.51 17.52
CA GLY E 477 -41.46 19.70 18.24
C GLY E 477 -42.59 20.24 17.41
N ALA E 478 -43.00 19.48 16.40
CA ALA E 478 -44.20 19.81 15.65
C ALA E 478 -44.96 18.55 15.30
N LYS E 479 -46.29 18.63 15.36
CA LYS E 479 -47.14 17.48 15.11
C LYS E 479 -47.19 17.05 13.66
N SER E 480 -46.73 17.89 12.74
CA SER E 480 -46.79 17.57 11.32
C SER E 480 -45.80 18.49 10.61
N LEU E 481 -45.37 18.05 9.43
CA LEU E 481 -44.51 18.87 8.59
C LEU E 481 -45.17 20.17 8.19
N THR E 482 -46.49 20.18 8.05
CA THR E 482 -47.15 21.44 7.81
C THR E 482 -47.06 22.34 9.03
N GLN E 483 -47.09 21.77 10.23
CA GLN E 483 -46.83 22.61 11.38
C GLN E 483 -45.38 23.07 11.45
N VAL E 484 -44.44 22.36 10.83
CA VAL E 484 -43.06 22.81 10.83
C VAL E 484 -42.95 24.09 10.04
N ARG E 485 -43.49 24.09 8.84
CA ARG E 485 -43.48 25.30 8.04
C ARG E 485 -44.38 26.37 8.63
N ALA E 486 -45.40 25.98 9.38
CA ALA E 486 -46.20 26.98 10.10
C ALA E 486 -45.38 27.67 11.15
N MET E 487 -44.67 26.90 11.97
CA MET E 487 -43.78 27.45 12.98
C MET E 487 -42.62 28.21 12.37
N MET E 488 -42.26 27.90 11.13
CA MET E 488 -41.18 28.65 10.52
C MET E 488 -41.66 29.97 9.97
N TYR E 489 -42.66 29.98 9.11
CA TYR E 489 -43.08 31.25 8.53
C TYR E 489 -43.76 32.15 9.54
N SER E 490 -44.36 31.59 10.58
CA SER E 490 -44.86 32.45 11.65
C SER E 490 -43.70 33.03 12.42
N GLY E 491 -42.84 32.18 12.95
CA GLY E 491 -41.65 32.65 13.58
C GLY E 491 -41.29 31.93 14.87
N GLU E 492 -42.09 30.95 15.27
CA GLU E 492 -41.83 30.34 16.56
C GLU E 492 -40.64 29.41 16.50
N LEU E 493 -40.54 28.60 15.45
CA LEU E 493 -39.36 27.80 15.18
C LEU E 493 -38.23 28.77 14.86
N LYS E 494 -37.05 28.50 15.36
CA LYS E 494 -35.93 29.38 15.12
C LYS E 494 -34.69 28.58 14.78
N PHE E 495 -33.78 29.20 14.07
CA PHE E 495 -32.58 28.58 13.55
C PHE E 495 -31.38 29.20 14.25
N GLU E 496 -30.19 28.67 14.00
CA GLU E 496 -29.00 29.47 14.25
C GLU E 496 -27.90 29.05 13.31
N LYS E 497 -27.10 30.02 12.90
CA LYS E 497 -25.95 29.91 12.03
C LYS E 497 -24.94 28.93 12.62
N ARG E 498 -24.05 28.41 11.78
CA ARG E 498 -22.87 27.74 12.27
C ARG E 498 -21.65 28.37 11.64
N THR E 499 -20.62 28.59 12.42
CA THR E 499 -19.37 29.03 11.85
C THR E 499 -18.65 27.81 11.31
N SER E 500 -17.51 28.03 10.67
CA SER E 500 -16.74 26.91 10.12
C SER E 500 -16.17 26.04 11.20
N SER E 501 -15.99 26.58 12.39
CA SER E 501 -15.38 25.83 13.46
C SER E 501 -16.34 24.85 14.09
N ALA E 502 -17.62 25.15 14.09
CA ALA E 502 -18.58 24.22 14.66
C ALA E 502 -18.96 23.14 13.67
N GLN E 503 -18.83 23.43 12.40
CA GLN E 503 -19.06 22.44 11.36
C GLN E 503 -18.11 21.27 11.46
N VAL E 504 -16.89 21.51 11.91
CA VAL E 504 -16.01 20.45 12.38
C VAL E 504 -16.57 19.80 13.63
N GLU E 505 -17.12 20.57 14.54
CA GLU E 505 -17.40 20.12 15.88
C GLU E 505 -18.62 19.23 15.96
N GLY E 506 -19.58 19.40 15.05
CA GLY E 506 -20.80 18.65 15.15
C GLY E 506 -20.66 17.18 14.83
N GLY E 507 -19.76 16.83 13.94
CA GLY E 507 -19.58 15.46 13.53
C GLY E 507 -18.70 14.68 14.50
N VAL E 508 -18.13 13.61 14.02
CA VAL E 508 -17.26 12.77 14.81
C VAL E 508 -15.94 13.50 14.94
N HIS E 509 -15.44 13.66 16.15
CA HIS E 509 -14.11 14.24 16.32
C HIS E 509 -13.43 13.60 17.51
N SER E 510 -12.11 13.69 17.51
CA SER E 510 -11.25 13.31 18.62
C SER E 510 -11.42 11.84 19.00
N LEU E 511 -11.27 10.98 18.01
CA LEU E 511 -11.26 9.56 18.26
C LEU E 511 -10.13 8.95 17.47
N HIS E 512 -9.72 7.76 17.86
CA HIS E 512 -8.74 7.05 17.05
C HIS E 512 -9.39 6.49 15.80
N SER E 513 -10.44 5.70 15.96
CA SER E 513 -11.19 5.20 14.83
C SER E 513 -12.61 4.93 15.31
N TYR E 514 -13.52 4.79 14.37
CA TYR E 514 -14.91 4.74 14.77
C TYR E 514 -15.72 3.98 13.74
N GLU E 515 -16.70 3.26 14.24
CA GLU E 515 -17.61 2.48 13.43
C GLU E 515 -18.90 3.27 13.28
N LYS E 516 -19.24 3.63 12.04
CA LYS E 516 -20.41 4.46 11.77
C LYS E 516 -21.45 3.62 11.03
N ARG E 517 -22.38 3.06 11.79
CA ARG E 517 -23.51 2.34 11.24
C ARG E 517 -24.77 3.14 11.55
N LEU E 518 -25.59 3.38 10.54
CA LEU E 518 -26.71 4.29 10.67
C LEU E 518 -27.98 3.58 11.11
N PHE E 519 -28.24 2.39 10.58
CA PHE E 519 -29.44 1.66 10.99
C PHE E 519 -29.15 0.17 11.01
N SER F 16 -42.23 45.14 -15.21
CA SER F 16 -42.72 43.96 -14.51
C SER F 16 -42.32 44.02 -13.04
N TYR F 17 -42.67 42.98 -12.28
CA TYR F 17 -42.43 42.98 -10.84
C TYR F 17 -40.95 42.83 -10.56
N VAL F 18 -40.37 41.70 -10.99
CA VAL F 18 -38.94 41.38 -10.93
C VAL F 18 -38.42 41.50 -9.50
N PRO F 19 -38.63 40.49 -8.65
CA PRO F 19 -38.27 40.59 -7.23
C PRO F 19 -36.78 40.80 -7.02
N ASP F 20 -36.44 41.37 -5.87
CA ASP F 20 -35.10 41.88 -5.65
C ASP F 20 -34.25 40.82 -4.95
N ASP F 21 -34.52 39.56 -5.22
CA ASP F 21 -33.77 38.45 -4.65
C ASP F 21 -32.36 38.49 -5.17
N GLY F 22 -31.43 38.93 -4.34
CA GLY F 22 -30.03 38.85 -4.69
C GLY F 22 -29.27 40.08 -4.29
N LEU F 23 -27.97 40.05 -4.50
CA LEU F 23 -27.11 41.18 -4.18
C LEU F 23 -26.63 41.76 -5.49
N THR F 24 -26.85 43.05 -5.70
CA THR F 24 -26.24 43.68 -6.86
C THR F 24 -24.79 43.98 -6.53
N ALA F 25 -24.00 44.23 -7.56
CA ALA F 25 -22.54 44.25 -7.40
C ALA F 25 -22.09 45.42 -6.55
N GLN F 26 -22.77 46.55 -6.69
CA GLN F 26 -22.51 47.70 -5.83
C GLN F 26 -22.83 47.44 -4.37
N GLN F 27 -23.69 46.47 -4.06
CA GLN F 27 -23.84 46.11 -2.67
C GLN F 27 -23.20 44.78 -2.35
N LEU F 28 -22.38 44.26 -3.25
CA LEU F 28 -21.58 43.10 -2.93
C LEU F 28 -20.20 43.48 -2.43
N PHE F 29 -19.47 44.28 -3.18
CA PHE F 29 -18.08 44.50 -2.88
C PHE F 29 -17.83 45.65 -1.94
N ASN F 30 -18.84 46.43 -1.59
CA ASN F 30 -18.59 47.42 -0.56
C ASN F 30 -18.74 46.86 0.84
N CYS F 31 -19.03 45.56 0.98
CA CYS F 31 -19.02 44.96 2.30
C CYS F 31 -17.62 44.82 2.86
N GLY F 32 -16.60 44.86 2.00
CA GLY F 32 -15.24 44.81 2.45
C GLY F 32 -14.70 43.43 2.64
N ASP F 33 -15.53 42.41 2.54
CA ASP F 33 -15.06 41.05 2.56
C ASP F 33 -14.20 40.83 1.33
N GLY F 34 -13.13 40.07 1.48
CA GLY F 34 -12.17 39.97 0.39
C GLY F 34 -12.47 38.86 -0.57
N LEU F 35 -13.45 39.06 -1.44
CA LEU F 35 -13.94 37.98 -2.27
C LEU F 35 -12.99 37.68 -3.41
N THR F 36 -12.87 36.42 -3.76
CA THR F 36 -12.16 35.98 -4.94
C THR F 36 -13.14 35.44 -5.95
N TYR F 37 -12.65 34.76 -6.98
CA TYR F 37 -13.56 34.18 -7.96
C TYR F 37 -14.46 33.14 -7.33
N ASN F 38 -13.91 32.07 -6.80
CA ASN F 38 -14.78 31.00 -6.37
C ASN F 38 -15.32 31.18 -4.97
N ASP F 39 -15.64 32.40 -4.53
CA ASP F 39 -16.55 32.51 -3.41
C ASP F 39 -17.74 33.41 -3.70
N PHE F 40 -18.10 33.60 -4.96
CA PHE F 40 -19.37 34.21 -5.29
C PHE F 40 -19.80 33.61 -6.61
N LEU F 41 -21.04 33.84 -6.99
CA LEU F 41 -21.51 33.35 -8.28
C LEU F 41 -22.73 34.13 -8.71
N ILE F 42 -23.13 33.88 -9.93
CA ILE F 42 -24.10 34.68 -10.66
C ILE F 42 -25.43 33.97 -10.66
N LEU F 43 -26.46 34.65 -10.29
CA LEU F 43 -27.71 33.91 -10.30
C LEU F 43 -28.50 34.23 -11.54
N PRO F 44 -29.24 33.29 -12.13
CA PRO F 44 -29.64 33.44 -13.53
C PRO F 44 -30.77 34.43 -13.74
N GLY F 45 -31.16 34.54 -15.00
CA GLY F 45 -32.18 35.49 -15.42
C GLY F 45 -33.28 34.91 -16.28
N TYR F 46 -33.47 35.44 -17.48
CA TYR F 46 -34.57 35.06 -18.34
C TYR F 46 -34.05 34.81 -19.75
N ILE F 47 -34.57 33.77 -20.40
CA ILE F 47 -33.98 33.30 -21.65
C ILE F 47 -34.95 33.52 -22.79
N ASP F 48 -34.44 34.07 -23.89
CA ASP F 48 -35.21 34.10 -25.12
C ASP F 48 -34.34 33.89 -26.34
N PHE F 49 -33.28 33.08 -26.23
CA PHE F 49 -32.37 32.84 -27.33
C PHE F 49 -31.60 31.54 -27.03
N THR F 50 -30.72 31.17 -27.93
CA THR F 50 -29.95 29.94 -27.80
C THR F 50 -28.47 30.27 -27.69
N ALA F 51 -27.64 29.22 -27.64
CA ALA F 51 -26.24 29.36 -27.25
C ALA F 51 -25.41 30.06 -28.31
N ASP F 52 -25.49 29.62 -29.56
CA ASP F 52 -24.68 30.25 -30.58
C ASP F 52 -25.29 31.56 -31.08
N GLN F 53 -26.47 31.93 -30.58
CA GLN F 53 -27.07 33.19 -30.99
C GLN F 53 -26.46 34.37 -30.25
N VAL F 54 -25.51 34.13 -29.36
CA VAL F 54 -24.84 35.19 -28.61
C VAL F 54 -23.99 36.01 -29.57
N ASP F 55 -23.89 37.32 -29.30
CA ASP F 55 -22.95 38.18 -30.01
C ASP F 55 -21.72 38.25 -29.12
N LEU F 56 -20.91 37.20 -29.20
CA LEU F 56 -19.76 37.07 -28.32
C LEU F 56 -18.62 37.95 -28.83
N THR F 57 -18.77 39.26 -28.71
CA THR F 57 -17.69 40.15 -29.11
C THR F 57 -16.96 40.65 -27.89
N SER F 58 -15.75 41.16 -28.08
CA SER F 58 -14.92 41.56 -26.96
C SER F 58 -14.24 42.89 -27.28
N ALA F 59 -13.59 43.45 -26.28
CA ALA F 59 -12.90 44.72 -26.43
C ALA F 59 -11.56 44.66 -25.72
N LEU F 60 -10.53 45.22 -26.33
CA LEU F 60 -9.24 45.22 -25.67
C LEU F 60 -8.73 46.63 -25.38
N THR F 61 -8.61 47.48 -26.38
CA THR F 61 -8.32 48.89 -26.11
C THR F 61 -9.36 49.78 -26.77
N LYS F 62 -9.12 51.09 -26.74
CA LYS F 62 -10.11 52.03 -27.25
C LYS F 62 -10.33 51.93 -28.75
N LYS F 63 -9.36 51.45 -29.52
CA LYS F 63 -9.53 51.45 -30.97
C LYS F 63 -9.44 50.09 -31.63
N ILE F 64 -8.88 49.08 -30.99
CA ILE F 64 -8.91 47.74 -31.55
C ILE F 64 -9.75 46.85 -30.65
N THR F 65 -10.58 46.03 -31.29
CA THR F 65 -11.45 45.09 -30.61
C THR F 65 -11.14 43.70 -31.10
N LEU F 66 -11.80 42.73 -30.50
CA LEU F 66 -11.67 41.33 -30.88
C LEU F 66 -13.03 40.67 -30.94
N LYS F 67 -13.03 39.42 -31.36
CA LYS F 67 -14.20 38.59 -31.16
C LYS F 67 -14.18 37.93 -29.79
N THR F 68 -13.23 37.06 -29.56
CA THR F 68 -13.24 36.26 -28.35
C THR F 68 -12.39 36.92 -27.28
N PRO F 69 -12.79 36.85 -26.01
CA PRO F 69 -12.05 37.56 -24.97
C PRO F 69 -10.87 36.79 -24.44
N LEU F 70 -10.65 35.59 -24.92
CA LEU F 70 -9.56 34.80 -24.36
C LEU F 70 -8.27 35.24 -25.01
N VAL F 71 -7.40 35.88 -24.25
CA VAL F 71 -6.11 36.35 -24.75
C VAL F 71 -5.04 35.67 -23.92
N SER F 72 -3.81 35.68 -24.39
CA SER F 72 -2.79 34.88 -23.72
C SER F 72 -1.95 35.74 -22.80
N SER F 73 -1.09 35.09 -22.09
CA SER F 73 -0.36 35.73 -21.01
C SER F 73 1.13 35.72 -21.29
N PRO F 74 1.81 36.84 -21.34
CA PRO F 74 3.23 36.80 -21.73
C PRO F 74 4.16 36.21 -20.70
N MET F 75 4.47 34.93 -20.87
CA MET F 75 5.51 34.26 -20.11
C MET F 75 6.21 33.28 -21.04
N ASP F 76 7.46 32.95 -20.69
CA ASP F 76 8.31 32.18 -21.58
C ASP F 76 7.86 30.77 -21.78
N THR F 77 7.09 30.23 -20.87
CA THR F 77 6.71 28.84 -20.98
C THR F 77 5.27 28.69 -21.37
N VAL F 78 4.63 29.74 -21.85
CA VAL F 78 3.29 29.56 -22.36
C VAL F 78 3.20 30.08 -23.79
N THR F 79 3.78 31.24 -24.08
CA THR F 79 3.55 31.88 -25.35
C THR F 79 4.83 32.21 -26.10
N GLU F 80 4.84 31.79 -27.36
CA GLU F 80 5.81 32.18 -28.37
C GLU F 80 5.03 32.26 -29.66
N ALA F 81 5.70 32.19 -30.80
CA ALA F 81 5.06 32.37 -32.08
C ALA F 81 4.00 31.33 -32.39
N GLY F 82 4.21 30.08 -31.98
CA GLY F 82 3.25 29.03 -32.26
C GLY F 82 1.98 29.25 -31.48
N MET F 83 2.15 29.63 -30.22
CA MET F 83 1.04 30.11 -29.44
C MET F 83 0.43 31.35 -30.05
N ALA F 84 1.27 32.23 -30.57
CA ALA F 84 0.77 33.48 -31.12
C ALA F 84 0.04 33.26 -32.43
N ILE F 85 0.48 32.33 -33.27
CA ILE F 85 -0.35 32.04 -34.45
C ILE F 85 -1.62 31.37 -34.01
N ALA F 86 -1.56 30.43 -33.07
CA ALA F 86 -2.69 29.56 -32.81
C ALA F 86 -3.81 30.30 -32.12
N MET F 87 -3.48 31.01 -31.04
CA MET F 87 -4.51 31.55 -30.22
C MET F 87 -5.13 32.78 -30.87
N ALA F 88 -4.32 33.57 -31.58
CA ALA F 88 -4.86 34.70 -32.32
C ALA F 88 -5.62 34.23 -33.54
N LEU F 89 -5.25 33.05 -34.05
CA LEU F 89 -6.00 32.44 -35.12
C LEU F 89 -7.38 32.03 -34.65
N THR F 90 -7.49 31.59 -33.41
CA THR F 90 -8.78 31.15 -32.90
C THR F 90 -9.69 32.28 -32.49
N GLY F 91 -9.16 33.49 -32.40
CA GLY F 91 -9.98 34.61 -31.97
C GLY F 91 -9.26 35.57 -31.06
N GLY F 92 -8.29 35.08 -30.31
CA GLY F 92 -7.64 35.88 -29.29
C GLY F 92 -6.59 36.82 -29.81
N ILE F 93 -5.73 37.27 -28.92
CA ILE F 93 -4.55 38.06 -29.25
C ILE F 93 -3.45 37.66 -28.27
N GLY F 94 -2.32 37.30 -28.83
CA GLY F 94 -1.29 36.77 -27.97
C GLY F 94 -0.27 37.83 -27.69
N PHE F 95 0.33 37.74 -26.52
CA PHE F 95 1.52 38.52 -26.26
C PHE F 95 2.67 37.53 -26.21
N ILE F 96 3.89 38.02 -26.32
CA ILE F 96 5.04 37.14 -26.30
C ILE F 96 6.08 37.71 -25.36
N HIS F 97 6.74 36.82 -24.63
CA HIS F 97 7.55 37.17 -23.47
C HIS F 97 8.77 37.99 -23.86
N HIS F 98 9.24 38.77 -22.91
CA HIS F 98 10.30 39.71 -23.16
C HIS F 98 11.62 39.30 -22.52
N ASN F 99 11.74 38.06 -22.07
CA ASN F 99 12.94 37.68 -21.33
C ASN F 99 14.01 37.09 -22.22
N CYS F 100 14.12 37.57 -23.44
CA CYS F 100 15.13 37.07 -24.35
C CYS F 100 15.83 38.25 -24.98
N THR F 101 16.82 37.98 -25.83
CA THR F 101 17.45 39.00 -26.64
C THR F 101 16.40 39.56 -27.60
N PRO F 102 16.44 40.87 -27.86
CA PRO F 102 15.37 41.52 -28.62
C PRO F 102 15.17 40.97 -30.01
N GLU F 103 16.24 40.54 -30.68
CA GLU F 103 16.14 40.00 -32.02
C GLU F 103 15.46 38.65 -32.05
N PHE F 104 15.51 37.93 -30.93
CA PHE F 104 14.85 36.62 -30.87
C PHE F 104 13.34 36.76 -30.96
N GLN F 105 12.73 37.52 -30.07
CA GLN F 105 11.29 37.68 -30.18
C GLN F 105 10.93 38.63 -31.31
N ALA F 106 11.89 39.40 -31.81
CA ALA F 106 11.65 40.10 -33.06
C ALA F 106 11.46 39.13 -34.21
N ASN F 107 12.24 38.05 -34.24
CA ASN F 107 11.97 37.00 -35.20
C ASN F 107 10.65 36.29 -34.91
N GLU F 108 10.31 36.08 -33.64
CA GLU F 108 9.05 35.41 -33.32
C GLU F 108 7.85 36.26 -33.71
N VAL F 109 7.95 37.57 -33.57
CA VAL F 109 6.86 38.39 -34.05
C VAL F 109 6.92 38.48 -35.56
N ARG F 110 8.11 38.36 -36.17
CA ARG F 110 8.20 38.16 -37.60
C ARG F 110 7.76 36.77 -38.01
N LYS F 111 7.70 35.83 -37.06
CA LYS F 111 7.27 34.48 -37.39
C LYS F 111 5.76 34.35 -37.34
N VAL F 112 5.06 35.30 -36.72
CA VAL F 112 3.62 35.25 -36.58
C VAL F 112 2.92 36.24 -37.50
N LYS F 113 3.59 37.35 -37.84
CA LYS F 113 2.91 38.50 -38.41
C LYS F 113 2.36 38.21 -39.81
N LYS F 114 2.98 37.28 -40.53
CA LYS F 114 2.38 36.98 -41.81
C LYS F 114 1.54 35.70 -41.79
N TYR F 115 2.14 34.50 -41.71
CA TYR F 115 1.51 33.19 -41.64
C TYR F 115 0.57 32.83 -42.80
N GLU F 116 0.16 33.82 -43.59
CA GLU F 116 -0.80 33.83 -44.70
C GLU F 116 -2.18 33.27 -44.39
N GLN F 117 -2.41 32.76 -43.18
CA GLN F 117 -3.53 31.88 -42.85
C GLN F 117 -3.62 30.77 -43.88
N GLY F 118 -2.79 29.75 -43.76
CA GLY F 118 -2.97 28.56 -44.57
C GLY F 118 -1.76 28.02 -45.30
N PHE F 119 -0.92 28.88 -45.87
CA PHE F 119 0.29 28.41 -46.53
C PHE F 119 1.28 28.08 -45.41
N ILE F 120 1.66 26.81 -45.27
CA ILE F 120 2.63 26.49 -44.23
C ILE F 120 3.99 26.97 -44.66
N THR F 121 4.64 27.74 -43.80
CA THR F 121 5.85 28.42 -44.24
C THR F 121 7.09 27.65 -43.82
N ASP F 122 8.25 28.31 -43.90
CA ASP F 122 9.65 27.96 -43.61
C ASP F 122 9.98 26.48 -43.81
N PRO F 123 9.91 25.98 -45.05
CA PRO F 123 10.20 24.57 -45.29
C PRO F 123 11.70 24.30 -45.26
N VAL F 124 12.07 23.11 -45.68
CA VAL F 124 13.45 22.79 -45.97
C VAL F 124 13.62 22.76 -47.49
N VAL F 125 14.67 23.42 -47.97
CA VAL F 125 14.92 23.56 -49.40
C VAL F 125 16.41 23.32 -49.63
N LEU F 126 16.74 22.75 -50.78
CA LEU F 126 18.05 22.15 -50.97
C LEU F 126 18.58 22.48 -52.36
N SER F 127 19.91 22.39 -52.52
CA SER F 127 20.59 22.77 -53.75
C SER F 127 20.52 21.66 -54.79
N PRO F 128 20.38 22.02 -56.07
CA PRO F 128 20.14 20.99 -57.10
C PRO F 128 21.36 20.17 -57.47
N LYS F 129 22.53 20.44 -56.91
CA LYS F 129 23.69 19.59 -57.08
C LYS F 129 24.13 19.07 -55.71
N ASP F 130 23.14 18.75 -54.87
CA ASP F 130 23.42 18.06 -53.62
C ASP F 130 23.16 16.57 -53.87
N ARG F 131 23.01 15.78 -52.80
CA ARG F 131 22.74 14.36 -52.92
C ARG F 131 21.57 14.00 -52.02
N VAL F 132 20.89 12.91 -52.37
CA VAL F 132 19.65 12.52 -51.72
C VAL F 132 19.82 11.86 -50.37
N ARG F 133 21.05 11.81 -49.84
CA ARG F 133 21.23 11.40 -48.45
C ARG F 133 20.45 12.30 -47.49
N ASP F 134 20.45 13.61 -47.73
CA ASP F 134 19.86 14.49 -46.73
C ASP F 134 18.35 14.50 -46.86
N VAL F 135 17.82 14.21 -48.06
CA VAL F 135 16.39 14.05 -48.17
C VAL F 135 15.95 12.72 -47.60
N PHE F 136 16.84 11.73 -47.53
CA PHE F 136 16.50 10.58 -46.72
C PHE F 136 16.53 10.91 -45.23
N GLU F 137 17.47 11.75 -44.79
CA GLU F 137 17.47 12.26 -43.43
C GLU F 137 16.23 13.08 -43.08
N ALA F 138 15.64 13.78 -44.05
CA ALA F 138 14.60 14.76 -43.76
C ALA F 138 13.33 14.13 -43.20
N LYS F 139 12.92 12.98 -43.73
CA LYS F 139 11.82 12.25 -43.10
C LYS F 139 12.29 11.60 -41.81
N ALA F 140 13.56 11.18 -41.77
CA ALA F 140 14.13 10.58 -40.58
C ALA F 140 14.24 11.58 -39.43
N ARG F 141 14.35 12.87 -39.72
CA ARG F 141 14.34 13.87 -38.66
C ARG F 141 12.95 14.47 -38.45
N HIS F 142 12.17 14.62 -39.52
CA HIS F 142 10.89 15.31 -39.37
C HIS F 142 9.72 14.37 -39.62
N GLY F 143 9.68 13.74 -40.79
CA GLY F 143 8.60 12.83 -41.11
C GLY F 143 7.92 13.06 -42.44
N PHE F 144 8.58 13.78 -43.35
CA PHE F 144 7.99 14.03 -44.66
C PHE F 144 9.08 14.04 -45.70
N CYS F 145 8.67 14.07 -46.96
CA CYS F 145 9.59 14.01 -48.06
C CYS F 145 9.31 15.02 -49.16
N GLY F 146 8.36 15.93 -48.96
CA GLY F 146 8.09 16.94 -49.96
C GLY F 146 9.01 18.13 -49.85
N ILE F 147 9.99 18.20 -50.73
CA ILE F 147 10.96 19.29 -50.69
C ILE F 147 11.10 19.91 -52.08
N PRO F 148 10.84 21.19 -52.22
CA PRO F 148 11.12 21.88 -53.48
C PRO F 148 12.61 22.22 -53.57
N ILE F 149 13.07 22.39 -54.80
CA ILE F 149 14.47 22.68 -55.07
C ILE F 149 14.56 24.01 -55.81
N THR F 150 15.41 24.90 -55.30
CA THR F 150 15.68 26.18 -55.92
C THR F 150 17.14 26.26 -56.33
N ASP F 151 17.49 27.35 -57.02
CA ASP F 151 18.86 27.60 -57.46
C ASP F 151 19.83 27.69 -56.31
N THR F 152 19.61 28.67 -55.43
CA THR F 152 20.52 28.94 -54.35
C THR F 152 20.43 27.94 -53.21
N GLY F 153 19.50 26.99 -53.26
CA GLY F 153 19.25 26.17 -52.10
C GLY F 153 18.60 26.91 -50.96
N ARG F 154 18.07 28.11 -51.20
CA ARG F 154 17.53 28.97 -50.19
C ARG F 154 16.03 29.12 -50.39
N MET F 155 15.41 29.94 -49.56
CA MET F 155 13.96 30.02 -49.48
C MET F 155 13.35 30.78 -50.66
N GLY F 156 13.66 32.06 -50.78
CA GLY F 156 13.08 32.89 -51.82
C GLY F 156 13.87 32.96 -53.11
N SER F 157 13.88 31.89 -53.91
CA SER F 157 14.75 31.84 -55.07
C SER F 157 14.00 31.33 -56.29
N ARG F 158 14.70 31.30 -57.42
CA ARG F 158 14.25 30.63 -58.63
C ARG F 158 14.29 29.13 -58.44
N LEU F 159 13.17 28.46 -58.68
CA LEU F 159 13.09 27.03 -58.38
C LEU F 159 13.83 26.21 -59.43
N VAL F 160 14.14 24.97 -59.07
CA VAL F 160 14.68 23.98 -59.98
C VAL F 160 13.73 22.79 -60.12
N GLY F 161 13.25 22.26 -59.00
CA GLY F 161 12.30 21.18 -59.08
C GLY F 161 11.73 20.80 -57.72
N ILE F 162 11.13 19.60 -57.68
CA ILE F 162 10.36 19.13 -56.53
C ILE F 162 10.69 17.68 -56.21
N ILE F 163 10.90 17.39 -54.93
CA ILE F 163 11.28 16.06 -54.48
C ILE F 163 10.12 15.48 -53.67
N SER F 164 9.93 14.18 -53.79
CA SER F 164 8.87 13.48 -53.08
C SER F 164 9.41 12.26 -52.36
N SER F 165 8.51 11.39 -51.89
CA SER F 165 8.91 10.11 -51.32
C SER F 165 8.95 9.01 -52.38
N ARG F 166 8.86 9.39 -53.65
CA ARG F 166 8.60 8.43 -54.71
C ARG F 166 9.75 8.30 -55.68
N ASP F 167 10.86 8.96 -55.41
CA ASP F 167 12.06 8.91 -56.23
C ASP F 167 13.22 8.23 -55.50
N ILE F 168 12.96 7.78 -54.28
CA ILE F 168 14.02 7.41 -53.36
C ILE F 168 13.84 5.98 -52.87
N ASP F 169 13.22 5.14 -53.69
CA ASP F 169 12.87 3.79 -53.27
C ASP F 169 13.72 2.70 -53.87
N PHE F 170 14.42 2.96 -54.98
CA PHE F 170 14.82 1.90 -55.90
C PHE F 170 16.31 1.98 -56.24
N LEU F 171 17.13 2.51 -55.33
CA LEU F 171 18.52 2.79 -55.66
C LEU F 171 19.37 2.69 -54.39
N LYS F 172 20.43 1.88 -54.45
CA LYS F 172 21.32 1.69 -53.31
C LYS F 172 22.75 2.03 -53.71
N GLU F 173 22.91 3.20 -54.35
CA GLU F 173 24.22 3.81 -54.52
C GLU F 173 24.10 5.33 -54.41
N GLU F 174 23.12 5.79 -53.62
CA GLU F 174 22.73 7.19 -53.59
C GLU F 174 23.73 8.06 -52.84
N GLU F 175 24.64 7.46 -52.08
CA GLU F 175 25.62 8.23 -51.34
C GLU F 175 26.76 8.73 -52.22
N HIS F 176 27.11 7.96 -53.27
CA HIS F 176 28.32 8.21 -54.04
C HIS F 176 27.95 8.83 -55.39
N ASP F 177 28.04 10.15 -55.46
CA ASP F 177 28.02 10.95 -56.68
C ASP F 177 26.72 10.78 -57.48
N CYS F 178 25.62 11.15 -56.84
CA CYS F 178 24.36 11.29 -57.55
C CYS F 178 24.05 12.78 -57.69
N PHE F 179 23.40 13.13 -58.80
CA PHE F 179 23.06 14.51 -59.06
C PHE F 179 21.56 14.58 -59.34
N LEU F 180 20.97 15.73 -59.03
CA LEU F 180 19.54 15.77 -58.74
C LEU F 180 18.69 16.18 -59.93
N GLU F 181 19.29 16.34 -61.11
CA GLU F 181 18.53 16.87 -62.23
C GLU F 181 17.68 15.80 -62.89
N GLU F 182 18.23 14.60 -63.04
CA GLU F 182 17.56 13.51 -63.77
C GLU F 182 16.76 12.61 -62.85
N ILE F 183 16.25 13.15 -61.75
CA ILE F 183 15.58 12.32 -60.76
C ILE F 183 14.19 12.91 -60.53
N MET F 184 14.08 14.22 -60.57
CA MET F 184 12.83 14.92 -60.36
C MET F 184 12.31 15.47 -61.67
N THR F 185 11.22 16.24 -61.60
CA THR F 185 10.60 16.87 -62.76
C THR F 185 10.96 18.35 -62.76
N LYS F 186 11.32 18.86 -63.94
CA LYS F 186 12.03 20.13 -63.94
C LYS F 186 11.10 21.32 -63.80
N ARG F 187 10.37 21.65 -64.86
CA ARG F 187 9.50 22.81 -64.76
C ARG F 187 8.16 22.58 -65.45
N GLU F 188 8.19 21.87 -66.58
CA GLU F 188 7.09 21.78 -67.53
C GLU F 188 5.85 21.12 -66.95
N ASP F 189 5.98 19.86 -66.53
CA ASP F 189 4.90 19.18 -65.82
C ASP F 189 4.72 19.68 -64.40
N LEU F 190 5.71 20.37 -63.84
CA LEU F 190 5.58 20.95 -62.52
C LEU F 190 4.58 22.10 -62.55
N VAL F 191 3.59 22.03 -61.66
CA VAL F 191 2.45 22.95 -61.71
C VAL F 191 2.57 23.94 -60.55
N VAL F 192 2.27 25.20 -60.83
CA VAL F 192 2.39 26.31 -59.89
C VAL F 192 1.21 27.26 -60.11
N ALA F 193 0.54 27.63 -59.03
CA ALA F 193 -0.41 28.74 -59.02
C ALA F 193 0.31 30.04 -58.69
N PRO F 194 -0.13 31.16 -59.26
CA PRO F 194 0.51 32.45 -58.94
C PRO F 194 0.17 32.92 -57.53
N ALA F 195 1.11 33.68 -56.96
CA ALA F 195 1.07 34.01 -55.55
C ALA F 195 0.01 35.06 -55.26
N GLY F 196 -0.21 35.31 -53.97
CA GLY F 196 -1.12 36.32 -53.50
C GLY F 196 -2.57 36.01 -53.82
N ILE F 197 -2.99 34.77 -53.57
CA ILE F 197 -4.27 34.30 -54.04
C ILE F 197 -4.99 33.60 -52.88
N THR F 198 -6.31 33.51 -53.01
CA THR F 198 -7.13 32.80 -52.05
C THR F 198 -6.84 31.30 -52.15
N LEU F 199 -7.06 30.61 -51.03
CA LEU F 199 -6.77 29.18 -51.01
C LEU F 199 -7.98 28.37 -51.41
N LYS F 200 -9.18 28.96 -51.36
CA LYS F 200 -10.34 28.17 -51.71
C LYS F 200 -10.43 27.93 -53.20
N GLU F 201 -9.74 28.74 -54.02
CA GLU F 201 -9.56 28.36 -55.41
C GLU F 201 -8.41 27.38 -55.54
N ALA F 202 -7.44 27.47 -54.62
CA ALA F 202 -6.29 26.57 -54.64
C ALA F 202 -6.72 25.15 -54.36
N ASN F 203 -7.81 24.98 -53.61
CA ASN F 203 -8.44 23.69 -53.41
C ASN F 203 -8.82 23.01 -54.73
N GLU F 204 -9.60 23.68 -55.58
CA GLU F 204 -10.03 23.01 -56.80
C GLU F 204 -8.92 22.95 -57.85
N ILE F 205 -8.00 23.92 -57.84
CA ILE F 205 -6.93 23.77 -58.82
C ILE F 205 -5.96 22.68 -58.38
N LEU F 206 -5.90 22.39 -57.07
CA LEU F 206 -5.06 21.30 -56.61
C LEU F 206 -5.71 19.96 -56.89
N GLN F 207 -7.05 19.89 -56.79
CA GLN F 207 -7.68 18.63 -57.15
C GLN F 207 -7.70 18.40 -58.65
N ARG F 208 -7.71 19.47 -59.46
CA ARG F 208 -7.52 19.26 -60.88
C ARG F 208 -6.05 18.95 -61.19
N SER F 209 -5.16 19.35 -60.30
CA SER F 209 -3.75 19.04 -60.44
C SER F 209 -3.39 17.65 -59.96
N LYS F 210 -4.10 17.13 -58.96
CA LYS F 210 -3.99 15.75 -58.47
C LYS F 210 -2.65 15.36 -57.84
N LYS F 211 -1.69 16.28 -57.79
CA LYS F 211 -0.38 15.87 -57.32
C LYS F 211 -0.12 16.42 -55.92
N GLY F 212 1.03 16.04 -55.36
CA GLY F 212 1.25 16.12 -53.93
C GLY F 212 1.24 17.51 -53.31
N LYS F 213 2.22 18.32 -53.65
CA LYS F 213 2.33 19.67 -53.11
C LYS F 213 2.20 20.70 -54.22
N LEU F 214 2.20 21.97 -53.84
CA LEU F 214 2.16 22.99 -54.87
C LEU F 214 2.85 24.23 -54.35
N PRO F 215 4.14 24.39 -54.64
CA PRO F 215 4.83 25.65 -54.32
C PRO F 215 4.35 26.78 -55.21
N ILE F 216 3.86 27.86 -54.60
CA ILE F 216 3.43 29.03 -55.36
C ILE F 216 4.57 30.03 -55.45
N VAL F 217 4.71 30.68 -56.62
CA VAL F 217 5.79 31.60 -56.88
C VAL F 217 5.23 32.93 -57.38
N ASN F 218 6.13 33.89 -57.54
CA ASN F 218 5.87 35.23 -58.06
C ASN F 218 5.67 35.14 -59.57
N GLU F 219 5.29 36.25 -60.21
CA GLU F 219 5.22 36.31 -61.67
C GLU F 219 6.60 36.23 -62.32
N ASP F 220 7.66 36.59 -61.59
CA ASP F 220 9.03 36.41 -62.04
C ASP F 220 9.63 35.13 -61.48
N ASP F 221 8.75 34.17 -61.15
CA ASP F 221 9.10 32.81 -60.76
C ASP F 221 9.97 32.73 -59.52
N GLU F 222 9.83 33.67 -58.60
CA GLU F 222 10.55 33.64 -57.34
C GLU F 222 9.69 32.94 -56.31
N LEU F 223 10.25 31.93 -55.65
CA LEU F 223 9.49 31.12 -54.71
C LEU F 223 9.15 31.93 -53.46
N VAL F 224 7.90 31.82 -53.04
CA VAL F 224 7.44 32.46 -51.82
C VAL F 224 6.82 31.47 -50.84
N ALA F 225 5.93 30.60 -51.32
CA ALA F 225 5.26 29.71 -50.37
C ALA F 225 4.88 28.40 -51.06
N ILE F 226 4.15 27.56 -50.34
CA ILE F 226 3.96 26.14 -50.63
C ILE F 226 2.65 25.68 -49.98
N ILE F 227 2.04 24.66 -50.55
CA ILE F 227 0.85 24.04 -49.99
C ILE F 227 0.99 22.53 -49.96
N ALA F 228 0.62 21.92 -48.85
CA ALA F 228 0.51 20.48 -48.72
C ALA F 228 -0.94 20.06 -48.85
N ARG F 229 -1.17 18.99 -49.61
CA ARG F 229 -2.52 18.48 -49.81
C ARG F 229 -3.10 17.90 -48.53
N THR F 230 -2.25 17.28 -47.71
CA THR F 230 -2.71 16.61 -46.50
C THR F 230 -3.25 17.60 -45.48
N ASP F 231 -2.60 18.74 -45.33
CA ASP F 231 -3.11 19.73 -44.41
C ASP F 231 -4.17 20.63 -45.03
N LEU F 232 -4.40 20.54 -46.34
CA LEU F 232 -5.51 21.32 -46.88
C LEU F 232 -6.85 20.62 -46.62
N LYS F 233 -6.83 19.36 -46.20
CA LYS F 233 -8.03 18.81 -45.60
C LYS F 233 -8.22 19.34 -44.19
N LYS F 234 -7.14 19.77 -43.55
CA LYS F 234 -7.23 20.25 -42.18
C LYS F 234 -7.54 21.74 -42.07
N ASN F 235 -7.71 22.43 -43.18
CA ASN F 235 -8.00 23.85 -43.05
C ASN F 235 -9.48 24.03 -42.76
N ARG F 236 -9.85 23.89 -41.48
CA ARG F 236 -11.16 24.28 -41.06
C ARG F 236 -11.28 25.79 -41.15
N ASP F 237 -12.49 26.27 -41.44
CA ASP F 237 -12.72 27.70 -41.57
C ASP F 237 -12.63 28.34 -40.20
N TYR F 238 -12.00 29.51 -40.14
CA TYR F 238 -11.66 30.16 -38.88
C TYR F 238 -12.28 31.54 -38.88
N PRO F 239 -13.61 31.66 -38.71
CA PRO F 239 -14.26 32.95 -38.91
C PRO F 239 -13.95 33.95 -37.81
N LEU F 240 -13.92 33.49 -36.57
CA LEU F 240 -13.59 34.36 -35.46
C LEU F 240 -12.09 34.52 -35.47
N ALA F 241 -11.57 35.52 -36.18
CA ALA F 241 -10.20 35.43 -36.63
C ALA F 241 -9.27 36.52 -36.13
N SER F 242 -9.80 37.70 -35.75
CA SER F 242 -9.02 38.86 -35.32
C SER F 242 -8.04 39.32 -36.38
N LYS F 243 -8.56 39.90 -37.45
CA LYS F 243 -7.77 40.44 -38.54
C LYS F 243 -7.59 41.94 -38.40
N ASP F 244 -6.44 42.44 -38.84
CA ASP F 244 -6.21 43.88 -38.88
C ASP F 244 -6.63 44.47 -40.21
N ALA F 245 -6.21 45.71 -40.48
CA ALA F 245 -6.51 46.34 -41.76
C ALA F 245 -5.81 45.63 -42.90
N LYS F 246 -4.58 45.15 -42.66
CA LYS F 246 -3.84 44.51 -43.74
C LYS F 246 -4.06 43.01 -43.76
N LYS F 247 -5.12 42.56 -43.08
CA LYS F 247 -5.53 41.15 -43.02
C LYS F 247 -4.43 40.24 -42.50
N GLN F 248 -3.66 40.72 -41.53
CA GLN F 248 -2.64 39.94 -40.85
C GLN F 248 -3.21 39.39 -39.55
N LEU F 249 -2.53 38.38 -39.01
CA LEU F 249 -2.80 37.96 -37.65
C LEU F 249 -2.38 39.06 -36.69
N LEU F 250 -3.29 39.42 -35.78
CA LEU F 250 -2.96 40.34 -34.70
C LEU F 250 -1.88 39.76 -33.81
N CYS F 251 -0.93 40.58 -33.39
CA CYS F 251 0.09 40.09 -32.46
C CYS F 251 0.49 41.19 -31.50
N GLY F 252 0.83 40.80 -30.29
CA GLY F 252 1.25 41.74 -29.27
C GLY F 252 2.48 41.25 -28.55
N ALA F 253 3.07 42.08 -27.71
CA ALA F 253 4.33 41.69 -27.08
C ALA F 253 4.59 42.51 -25.83
N ALA F 254 5.20 41.87 -24.85
CA ALA F 254 5.59 42.59 -23.66
C ALA F 254 6.90 43.29 -23.90
N ILE F 255 7.17 44.27 -23.04
CA ILE F 255 8.45 44.96 -23.08
C ILE F 255 8.95 45.07 -21.67
N GLY F 256 10.07 45.76 -21.48
CA GLY F 256 10.67 45.83 -20.17
C GLY F 256 10.24 47.06 -19.42
N THR F 257 11.14 47.63 -18.62
CA THR F 257 10.84 48.90 -18.00
C THR F 257 12.04 49.82 -17.98
N HIS F 258 13.23 49.26 -18.12
CA HIS F 258 14.44 50.06 -17.97
C HIS F 258 14.70 50.85 -19.23
N GLU F 259 15.60 51.84 -19.13
CA GLU F 259 15.82 52.81 -20.19
C GLU F 259 16.49 52.15 -21.39
N ASP F 260 17.20 51.06 -21.16
CA ASP F 260 17.78 50.33 -22.27
C ASP F 260 16.75 49.53 -23.07
N ASP F 261 15.52 49.46 -22.60
CA ASP F 261 14.48 48.77 -23.33
C ASP F 261 13.69 49.68 -24.25
N LYS F 262 14.03 50.97 -24.29
CA LYS F 262 13.61 51.79 -25.40
C LYS F 262 14.17 51.25 -26.70
N TYR F 263 15.39 50.74 -26.66
CA TYR F 263 15.93 49.98 -27.77
C TYR F 263 15.17 48.69 -28.02
N ARG F 264 14.69 48.03 -26.97
CA ARG F 264 13.88 46.84 -27.16
C ARG F 264 12.53 47.14 -27.74
N LEU F 265 12.03 48.36 -27.57
CA LEU F 265 10.73 48.69 -28.12
C LEU F 265 10.85 49.04 -29.59
N ASP F 266 11.96 49.68 -29.96
CA ASP F 266 12.02 50.29 -31.28
C ASP F 266 12.09 49.28 -32.40
N LEU F 267 12.75 48.15 -32.20
CA LEU F 267 12.89 47.23 -33.31
C LEU F 267 11.59 46.50 -33.60
N LEU F 268 10.78 46.23 -32.59
CA LEU F 268 9.50 45.62 -32.94
C LEU F 268 8.46 46.68 -33.23
N ALA F 269 8.72 47.93 -32.88
CA ALA F 269 7.91 49.01 -33.44
C ALA F 269 8.13 49.09 -34.93
N GLN F 270 9.38 48.92 -35.36
CA GLN F 270 9.68 48.78 -36.78
C GLN F 270 9.11 47.50 -37.36
N ALA F 271 9.03 46.44 -36.57
CA ALA F 271 8.43 45.21 -37.06
C ALA F 271 6.91 45.28 -37.11
N GLY F 272 6.29 46.32 -36.56
CA GLY F 272 4.86 46.48 -36.74
C GLY F 272 4.00 45.73 -35.77
N VAL F 273 4.38 45.68 -34.49
CA VAL F 273 3.57 45.04 -33.48
C VAL F 273 2.32 45.90 -33.25
N ASP F 274 1.23 45.24 -32.87
CA ASP F 274 -0.05 45.92 -32.80
C ASP F 274 -0.30 46.60 -31.46
N VAL F 275 -0.12 45.91 -30.34
CA VAL F 275 -0.19 46.53 -29.01
C VAL F 275 0.95 45.97 -28.18
N VAL F 276 1.31 46.67 -27.12
CA VAL F 276 2.35 46.21 -26.21
C VAL F 276 1.91 46.35 -24.76
N VAL F 277 1.94 45.24 -24.04
CA VAL F 277 1.70 45.25 -22.61
C VAL F 277 3.00 45.65 -21.94
N LEU F 278 2.90 46.04 -20.68
CA LEU F 278 4.07 46.43 -19.92
C LEU F 278 4.12 45.52 -18.71
N ASP F 279 4.86 44.43 -18.84
CA ASP F 279 4.89 43.41 -17.82
C ASP F 279 5.72 43.93 -16.65
N SER F 280 5.03 44.29 -15.57
CA SER F 280 5.71 44.76 -14.38
C SER F 280 4.98 44.22 -13.16
N SER F 281 5.70 44.20 -12.04
CA SER F 281 5.11 43.71 -10.81
C SER F 281 4.03 44.63 -10.31
N GLN F 282 4.16 45.93 -10.56
CA GLN F 282 3.25 46.89 -9.96
C GLN F 282 3.24 48.09 -10.87
N GLY F 283 2.07 48.47 -11.36
CA GLY F 283 2.01 49.50 -12.38
C GLY F 283 1.77 50.89 -11.87
N ASN F 284 2.56 51.36 -10.92
CA ASN F 284 2.46 52.75 -10.49
C ASN F 284 3.85 53.34 -10.28
N SER F 285 4.85 52.77 -10.91
CA SER F 285 6.15 53.41 -10.87
C SER F 285 6.11 54.63 -11.78
N ILE F 286 6.94 55.63 -11.47
CA ILE F 286 7.09 56.70 -12.43
C ILE F 286 7.88 56.24 -13.64
N PHE F 287 8.56 55.10 -13.55
CA PHE F 287 9.19 54.50 -14.71
C PHE F 287 8.15 54.17 -15.76
N GLN F 288 7.01 53.63 -15.34
CA GLN F 288 6.00 53.24 -16.30
C GLN F 288 5.35 54.45 -16.93
N ILE F 289 5.06 55.47 -16.13
CA ILE F 289 4.56 56.74 -16.65
C ILE F 289 5.57 57.35 -17.62
N ASN F 290 6.85 57.23 -17.30
CA ASN F 290 7.89 57.77 -18.18
C ASN F 290 7.91 57.10 -19.53
N MET F 291 7.82 55.77 -19.62
CA MET F 291 7.91 55.27 -20.99
C MET F 291 6.56 55.24 -21.68
N ILE F 292 5.44 55.38 -20.96
CA ILE F 292 4.22 55.75 -21.66
C ILE F 292 4.38 57.11 -22.32
N LYS F 293 5.01 58.06 -21.64
CA LYS F 293 5.25 59.34 -22.30
C LYS F 293 6.29 59.23 -23.40
N TYR F 294 7.22 58.29 -23.29
CA TYR F 294 8.16 58.02 -24.37
C TYR F 294 7.50 57.34 -25.56
N ILE F 295 6.42 56.60 -25.36
CA ILE F 295 5.75 55.91 -26.44
C ILE F 295 4.79 56.82 -27.17
N LYS F 296 3.93 57.54 -26.45
CA LYS F 296 2.81 58.18 -27.13
C LYS F 296 3.19 59.43 -27.90
N ASP F 297 4.42 59.91 -27.78
CA ASP F 297 4.89 60.93 -28.70
C ASP F 297 5.61 60.37 -29.91
N LYS F 298 5.93 59.08 -29.92
CA LYS F 298 6.63 58.46 -31.04
C LYS F 298 5.71 57.63 -31.93
N TYR F 299 4.82 56.83 -31.36
CA TYR F 299 4.05 55.86 -32.13
C TYR F 299 2.57 56.03 -31.81
N PRO F 300 1.87 56.90 -32.53
CA PRO F 300 0.48 57.20 -32.17
C PRO F 300 -0.48 56.08 -32.50
N ASN F 301 -0.29 55.37 -33.60
CA ASN F 301 -1.21 54.28 -33.89
C ASN F 301 -0.94 53.07 -33.02
N LEU F 302 0.27 52.93 -32.52
CA LEU F 302 0.58 51.87 -31.57
C LEU F 302 -0.06 52.19 -30.23
N GLN F 303 -0.60 51.17 -29.57
CA GLN F 303 -1.39 51.35 -28.35
C GLN F 303 -0.83 50.54 -27.20
N VAL F 304 -0.93 51.10 -26.01
CA VAL F 304 -0.27 50.54 -24.85
C VAL F 304 -1.28 50.12 -23.80
N ILE F 305 -0.97 48.99 -23.18
CA ILE F 305 -1.84 48.32 -22.22
C ILE F 305 -1.01 48.14 -20.97
N GLY F 306 -1.34 48.90 -19.95
CA GLY F 306 -0.45 49.07 -18.82
C GLY F 306 -0.89 48.27 -17.63
N GLY F 307 0.00 48.22 -16.66
CA GLY F 307 -0.27 47.45 -15.45
C GLY F 307 1.03 47.07 -14.78
N ASN F 308 0.92 46.17 -13.80
CA ASN F 308 -0.35 45.63 -13.38
C ASN F 308 -0.90 46.39 -12.22
N VAL F 309 -2.22 46.51 -12.22
CA VAL F 309 -2.95 47.35 -11.30
C VAL F 309 -3.78 46.42 -10.44
N VAL F 310 -4.02 46.81 -9.21
CA VAL F 310 -5.05 46.12 -8.47
C VAL F 310 -6.08 47.09 -7.96
N THR F 311 -5.74 48.35 -7.86
CA THR F 311 -6.71 49.24 -7.27
C THR F 311 -6.80 50.56 -7.99
N ALA F 312 -7.87 51.28 -7.69
CA ALA F 312 -8.27 52.40 -8.52
C ALA F 312 -7.30 53.55 -8.41
N ALA F 313 -6.64 53.66 -7.25
CA ALA F 313 -5.71 54.74 -6.99
C ALA F 313 -4.52 54.74 -7.92
N GLN F 314 -4.11 53.59 -8.44
CA GLN F 314 -3.15 53.69 -9.53
C GLN F 314 -3.77 53.49 -10.88
N ALA F 315 -5.04 53.16 -10.95
CA ALA F 315 -5.68 53.19 -12.25
C ALA F 315 -5.78 54.61 -12.76
N LYS F 316 -6.02 55.57 -11.87
CA LYS F 316 -6.03 56.97 -12.27
C LYS F 316 -4.67 57.38 -12.81
N ASN F 317 -3.61 57.02 -12.12
CA ASN F 317 -2.29 57.47 -12.52
C ASN F 317 -1.80 56.78 -13.77
N LEU F 318 -2.51 55.78 -14.28
CA LEU F 318 -2.15 55.30 -15.60
C LEU F 318 -3.05 55.88 -16.69
N ILE F 319 -4.35 55.99 -16.46
CA ILE F 319 -5.19 56.44 -17.57
C ILE F 319 -5.04 57.94 -17.79
N ASP F 320 -4.81 58.70 -16.73
CA ASP F 320 -4.53 60.10 -16.98
C ASP F 320 -3.08 60.34 -17.34
N ALA F 321 -2.24 59.32 -17.24
CA ALA F 321 -0.98 59.37 -17.94
C ALA F 321 -1.14 59.15 -19.42
N GLY F 322 -2.18 58.44 -19.82
CA GLY F 322 -2.47 58.33 -21.23
C GLY F 322 -2.52 56.92 -21.73
N VAL F 323 -2.46 55.94 -20.82
CA VAL F 323 -2.44 54.55 -21.24
C VAL F 323 -3.81 54.18 -21.78
N ASP F 324 -3.85 53.12 -22.57
CA ASP F 324 -5.08 52.80 -23.28
C ASP F 324 -5.88 51.72 -22.58
N ALA F 325 -5.23 50.76 -21.95
CA ALA F 325 -6.00 49.75 -21.22
C ALA F 325 -5.16 49.24 -20.07
N LEU F 326 -5.80 48.47 -19.18
CA LEU F 326 -5.17 48.04 -17.95
C LEU F 326 -5.21 46.52 -17.85
N ARG F 327 -4.15 45.97 -17.30
CA ARG F 327 -4.02 44.53 -17.07
C ARG F 327 -4.03 44.35 -15.57
N VAL F 328 -5.14 43.89 -14.98
CA VAL F 328 -5.21 43.96 -13.53
C VAL F 328 -5.12 42.61 -12.87
N GLY F 329 -4.91 42.62 -11.56
CA GLY F 329 -4.70 41.42 -10.81
C GLY F 329 -3.23 41.25 -10.51
N MET F 330 -2.84 41.30 -9.25
CA MET F 330 -1.47 41.07 -8.87
C MET F 330 -1.43 40.26 -7.61
N GLY F 331 -0.78 39.12 -7.68
CA GLY F 331 -0.80 38.20 -6.59
C GLY F 331 -1.89 37.19 -6.66
N SER F 332 -2.59 37.07 -7.78
CA SER F 332 -3.60 36.05 -7.90
C SER F 332 -3.20 34.95 -8.84
N GLY F 333 -1.96 34.94 -9.29
CA GLY F 333 -1.57 33.99 -10.31
C GLY F 333 -1.44 32.59 -9.76
N SER F 334 -1.25 31.67 -10.70
CA SER F 334 -1.03 30.29 -10.29
C SER F 334 0.36 30.05 -9.81
N ILE F 335 1.25 31.01 -9.99
CA ILE F 335 2.67 30.80 -9.79
C ILE F 335 3.14 31.77 -8.73
N CYS F 336 2.40 32.85 -8.55
CA CYS F 336 2.82 33.97 -7.74
C CYS F 336 2.93 33.57 -6.29
N ILE F 337 3.97 34.05 -5.64
CA ILE F 337 4.05 33.85 -4.22
C ILE F 337 4.36 35.20 -3.64
N THR F 338 3.94 36.26 -4.33
CA THR F 338 4.22 37.59 -3.82
C THR F 338 3.46 37.86 -2.56
N GLN F 339 2.17 37.57 -2.54
CA GLN F 339 1.44 37.87 -1.31
C GLN F 339 1.66 36.81 -0.24
N GLU F 340 2.45 35.79 -0.53
CA GLU F 340 3.12 35.10 0.56
C GLU F 340 4.39 35.81 0.98
N VAL F 341 5.06 36.52 0.08
CA VAL F 341 6.39 37.02 0.37
C VAL F 341 6.46 38.54 0.45
N LEU F 342 5.87 39.21 -0.52
CA LEU F 342 5.96 40.65 -0.63
C LEU F 342 4.86 41.38 0.10
N ALA F 343 3.84 40.67 0.57
CA ALA F 343 2.73 41.20 1.34
C ALA F 343 1.96 42.28 0.62
N CYS F 344 1.91 42.22 -0.68
CA CYS F 344 1.14 43.20 -1.42
C CYS F 344 0.05 42.47 -2.19
N GLY F 345 -0.65 43.18 -3.07
CA GLY F 345 -1.71 42.53 -3.81
C GLY F 345 -3.08 42.72 -3.21
N ARG F 346 -4.06 42.16 -3.88
CA ARG F 346 -5.40 42.05 -3.35
C ARG F 346 -6.06 40.88 -4.05
N PRO F 347 -7.10 40.30 -3.47
CA PRO F 347 -7.76 39.18 -4.13
C PRO F 347 -8.41 39.61 -5.41
N GLN F 348 -8.55 38.65 -6.31
CA GLN F 348 -8.70 38.94 -7.72
C GLN F 348 -10.05 39.54 -8.06
N ALA F 349 -11.13 38.97 -7.55
CA ALA F 349 -12.44 39.42 -7.98
C ALA F 349 -12.79 40.78 -7.44
N THR F 350 -12.32 41.12 -6.25
CA THR F 350 -12.49 42.51 -5.87
C THR F 350 -11.56 43.41 -6.61
N ALA F 351 -10.51 42.88 -7.21
CA ALA F 351 -9.66 43.76 -7.99
C ALA F 351 -10.28 44.11 -9.32
N VAL F 352 -10.84 43.13 -10.03
CA VAL F 352 -11.39 43.47 -11.32
C VAL F 352 -12.62 44.33 -11.20
N TYR F 353 -13.38 44.20 -10.12
CA TYR F 353 -14.54 45.07 -10.01
C TYR F 353 -14.16 46.47 -9.63
N LYS F 354 -13.29 46.63 -8.65
CA LYS F 354 -12.95 47.99 -8.26
C LYS F 354 -12.01 48.65 -9.24
N VAL F 355 -11.41 47.90 -10.15
CA VAL F 355 -10.79 48.59 -11.26
C VAL F 355 -11.82 48.99 -12.27
N SER F 356 -12.62 48.03 -12.76
CA SER F 356 -13.45 48.30 -13.92
C SER F 356 -14.61 49.22 -13.61
N GLU F 357 -14.95 49.42 -12.34
CA GLU F 357 -15.93 50.45 -12.06
C GLU F 357 -15.27 51.82 -12.11
N TYR F 358 -13.95 51.87 -12.07
CA TYR F 358 -13.27 53.12 -12.31
C TYR F 358 -12.81 53.27 -13.75
N ALA F 359 -12.52 52.17 -14.42
CA ALA F 359 -11.94 52.26 -15.74
C ALA F 359 -13.00 52.63 -16.77
N ARG F 360 -14.24 52.25 -16.53
CA ARG F 360 -15.24 52.60 -17.53
C ARG F 360 -15.70 54.02 -17.38
N ARG F 361 -15.25 54.75 -16.36
CA ARG F 361 -15.47 56.18 -16.32
C ARG F 361 -14.77 56.88 -17.47
N PHE F 362 -13.71 56.28 -18.00
CA PHE F 362 -12.94 56.89 -19.06
C PHE F 362 -12.82 55.98 -20.25
N GLY F 363 -13.74 55.03 -20.41
CA GLY F 363 -13.86 54.22 -21.60
C GLY F 363 -12.65 53.34 -21.82
N VAL F 364 -12.25 52.64 -20.77
CA VAL F 364 -10.98 51.90 -20.77
C VAL F 364 -11.29 50.45 -20.43
N PRO F 365 -11.06 49.52 -21.34
CA PRO F 365 -11.25 48.12 -21.02
C PRO F 365 -10.14 47.64 -20.11
N VAL F 366 -10.35 46.46 -19.55
CA VAL F 366 -9.51 45.99 -18.47
C VAL F 366 -9.33 44.49 -18.59
N ILE F 367 -8.10 44.05 -18.45
CA ILE F 367 -7.80 42.63 -18.59
C ILE F 367 -7.56 42.07 -17.20
N ALA F 368 -8.13 40.90 -16.94
CA ALA F 368 -7.96 40.22 -15.67
C ALA F 368 -6.77 39.29 -15.78
N ASP F 369 -6.06 39.11 -14.68
CA ASP F 369 -4.95 38.17 -14.64
C ASP F 369 -5.14 37.15 -13.54
N GLY F 370 -4.99 35.89 -13.88
CA GLY F 370 -4.62 34.98 -12.83
C GLY F 370 -5.80 34.50 -12.02
N GLY F 371 -5.69 33.28 -11.52
CA GLY F 371 -6.75 32.72 -10.74
C GLY F 371 -7.74 32.01 -11.62
N ILE F 372 -7.60 32.22 -12.92
CA ILE F 372 -8.45 31.59 -13.90
C ILE F 372 -7.98 30.16 -14.00
N GLN F 373 -8.79 29.24 -13.50
CA GLN F 373 -8.46 27.83 -13.52
C GLN F 373 -9.36 27.05 -14.44
N ASN F 374 -10.64 27.39 -14.46
CA ASN F 374 -11.62 26.74 -15.29
C ASN F 374 -12.38 27.77 -16.09
N VAL F 375 -13.37 27.37 -16.86
CA VAL F 375 -14.10 28.31 -17.70
C VAL F 375 -15.06 29.19 -16.90
N GLY F 376 -15.51 28.74 -15.73
CA GLY F 376 -16.43 29.55 -14.95
C GLY F 376 -15.78 30.77 -14.36
N HIS F 377 -14.48 30.70 -14.06
CA HIS F 377 -13.79 31.89 -13.61
C HIS F 377 -13.75 32.94 -14.70
N ILE F 378 -13.69 32.53 -15.96
CA ILE F 378 -13.75 33.48 -17.06
C ILE F 378 -15.10 34.17 -17.08
N ALA F 379 -16.16 33.40 -16.88
CA ALA F 379 -17.50 33.96 -16.95
C ALA F 379 -17.73 34.93 -15.81
N LYS F 380 -17.22 34.61 -14.63
CA LYS F 380 -17.35 35.56 -13.55
C LYS F 380 -16.44 36.76 -13.74
N ALA F 381 -15.27 36.57 -14.34
CA ALA F 381 -14.31 37.66 -14.47
C ALA F 381 -14.81 38.71 -15.42
N LEU F 382 -15.20 38.31 -16.61
CA LEU F 382 -15.72 39.33 -17.50
C LEU F 382 -17.13 39.72 -17.12
N ALA F 383 -17.81 38.90 -16.33
CA ALA F 383 -19.07 39.35 -15.79
C ALA F 383 -18.90 40.44 -14.75
N LEU F 384 -17.76 40.52 -14.09
CA LEU F 384 -17.65 41.58 -13.10
C LEU F 384 -17.27 42.90 -13.69
N GLY F 385 -17.02 42.99 -14.99
CA GLY F 385 -16.62 44.23 -15.58
C GLY F 385 -15.35 44.19 -16.37
N ALA F 386 -14.65 43.06 -16.38
CA ALA F 386 -13.53 42.89 -17.28
C ALA F 386 -14.05 42.75 -18.69
N SER F 387 -13.17 42.93 -19.66
CA SER F 387 -13.55 42.70 -21.02
C SER F 387 -12.87 41.51 -21.64
N THR F 388 -11.58 41.39 -21.42
CA THR F 388 -10.83 40.23 -21.84
C THR F 388 -10.09 39.70 -20.64
N VAL F 389 -9.75 38.42 -20.66
CA VAL F 389 -9.19 37.76 -19.50
C VAL F 389 -8.08 36.85 -19.95
N MET F 390 -6.90 37.03 -19.39
CA MET F 390 -5.75 36.33 -19.93
C MET F 390 -5.33 35.21 -19.00
N MET F 391 -4.84 34.14 -19.59
CA MET F 391 -4.88 32.83 -18.98
C MET F 391 -3.47 32.29 -18.90
N GLY F 392 -2.99 32.03 -17.70
CA GLY F 392 -1.59 31.72 -17.56
C GLY F 392 -1.28 30.25 -17.40
N SER F 393 -2.06 29.54 -16.59
CA SER F 393 -1.72 28.14 -16.37
C SER F 393 -2.33 27.23 -17.42
N LEU F 394 -3.63 27.31 -17.61
CA LEU F 394 -4.30 26.30 -18.41
C LEU F 394 -4.15 26.54 -19.89
N LEU F 395 -3.57 27.65 -20.29
CA LEU F 395 -3.08 27.76 -21.66
C LEU F 395 -1.67 27.27 -21.78
N ALA F 396 -0.98 27.01 -20.68
CA ALA F 396 0.28 26.33 -20.79
C ALA F 396 0.04 24.83 -20.82
N ALA F 397 1.10 24.09 -21.08
CA ALA F 397 1.10 22.65 -21.29
C ALA F 397 0.10 22.24 -22.36
N THR F 398 0.31 22.80 -23.54
CA THR F 398 -0.47 22.47 -24.72
C THR F 398 0.46 21.93 -25.79
N THR F 399 -0.11 21.61 -26.94
CA THR F 399 0.71 21.34 -28.11
C THR F 399 1.46 22.58 -28.53
N GLU F 400 0.82 23.72 -28.40
CA GLU F 400 1.35 24.99 -28.87
C GLU F 400 2.16 25.70 -27.82
N ALA F 401 2.46 25.05 -26.75
CA ALA F 401 3.31 25.60 -25.73
C ALA F 401 4.76 25.29 -26.06
N PRO F 402 5.68 26.22 -25.74
CA PRO F 402 7.08 26.01 -26.08
C PRO F 402 7.73 24.97 -25.19
N GLY F 403 9.00 24.70 -25.48
CA GLY F 403 9.67 23.57 -24.89
C GLY F 403 9.10 22.29 -25.47
N GLU F 404 9.21 21.20 -24.70
CA GLU F 404 8.56 19.97 -25.09
C GLU F 404 8.25 19.17 -23.83
N TYR F 405 7.54 18.08 -24.02
CA TYR F 405 7.01 17.27 -22.93
C TYR F 405 8.09 16.47 -22.27
N PHE F 406 7.77 15.95 -21.10
CA PHE F 406 8.56 14.93 -20.43
C PHE F 406 7.64 14.24 -19.44
N PHE F 407 7.85 12.96 -19.26
CA PHE F 407 6.92 12.17 -18.46
C PHE F 407 7.35 12.15 -17.01
N SER F 408 6.35 11.98 -16.16
CA SER F 408 6.59 11.87 -14.72
C SER F 408 5.49 11.00 -14.18
N ASP F 409 5.87 9.83 -13.64
CA ASP F 409 4.96 8.85 -13.04
C ASP F 409 3.90 8.41 -14.04
N GLY F 410 4.27 8.37 -15.32
CA GLY F 410 3.29 8.05 -16.33
C GLY F 410 2.29 9.13 -16.59
N ILE F 411 2.63 10.38 -16.34
CA ILE F 411 1.78 11.51 -16.70
C ILE F 411 2.56 12.40 -17.65
N ARG F 412 1.98 12.70 -18.80
CA ARG F 412 2.63 13.60 -19.74
C ARG F 412 2.44 15.03 -19.26
N LEU F 413 3.52 15.74 -18.96
CA LEU F 413 3.44 17.06 -18.37
C LEU F 413 4.59 17.93 -18.82
N LYS F 414 4.44 19.23 -18.65
CA LYS F 414 5.33 20.22 -19.25
C LYS F 414 5.64 21.28 -18.22
N LYS F 415 6.87 21.79 -18.23
CA LYS F 415 7.23 22.78 -17.22
C LYS F 415 6.52 24.09 -17.48
N TYR F 416 6.15 24.75 -16.39
CA TYR F 416 5.50 26.06 -16.42
C TYR F 416 6.01 26.87 -15.25
N ARG F 417 6.60 28.00 -15.56
CA ARG F 417 7.47 28.72 -14.66
C ARG F 417 7.25 30.21 -14.81
N GLY F 418 7.04 30.89 -13.70
CA GLY F 418 6.67 32.27 -13.71
C GLY F 418 7.85 33.20 -13.86
N MET F 419 7.55 34.44 -14.16
CA MET F 419 8.59 35.41 -14.42
C MET F 419 9.36 35.77 -13.16
N GLY F 420 8.68 35.82 -12.02
CA GLY F 420 9.36 36.18 -10.79
C GLY F 420 10.18 35.06 -10.18
N SER F 421 10.16 33.87 -10.78
CA SER F 421 11.01 32.82 -10.29
C SER F 421 12.46 33.14 -10.55
N LEU F 422 13.32 32.67 -9.66
CA LEU F 422 14.74 32.88 -9.85
C LEU F 422 15.32 31.95 -10.89
N ASP F 423 14.53 31.02 -11.41
CA ASP F 423 14.92 30.28 -12.60
C ASP F 423 14.54 31.00 -13.87
N ALA F 424 14.11 32.26 -13.79
CA ALA F 424 13.98 33.10 -14.97
C ALA F 424 15.21 33.97 -15.18
N MET F 425 16.27 33.75 -14.42
CA MET F 425 17.50 34.52 -14.57
C MET F 425 18.69 33.62 -14.84
N ILE F 442 21.41 41.03 -4.55
CA ILE F 442 20.76 39.76 -4.21
C ILE F 442 19.31 39.81 -4.65
N LYS F 443 18.94 38.86 -5.50
CA LYS F 443 17.63 38.86 -6.11
C LYS F 443 16.66 38.03 -5.27
N VAL F 444 15.37 38.38 -5.38
CA VAL F 444 14.32 37.83 -4.55
C VAL F 444 13.44 36.98 -5.45
N ALA F 445 12.65 36.07 -4.88
CA ALA F 445 11.81 35.19 -5.65
C ALA F 445 10.40 35.71 -5.57
N GLN F 446 9.72 35.79 -6.71
CA GLN F 446 8.30 36.04 -6.73
C GLN F 446 7.55 35.06 -7.60
N GLY F 447 8.13 33.90 -7.85
CA GLY F 447 7.48 32.88 -8.65
C GLY F 447 8.18 31.56 -8.43
N VAL F 448 7.56 30.49 -8.90
CA VAL F 448 8.11 29.17 -8.72
C VAL F 448 8.12 28.46 -10.07
N SER F 449 8.74 27.29 -10.10
CA SER F 449 8.76 26.50 -11.32
C SER F 449 7.98 25.24 -11.09
N GLY F 450 7.03 24.96 -11.96
CA GLY F 450 6.19 23.81 -11.76
C GLY F 450 5.81 23.18 -13.07
N ALA F 451 5.06 22.11 -12.97
CA ALA F 451 4.64 21.41 -14.16
C ALA F 451 3.12 21.34 -14.21
N VAL F 452 2.59 21.21 -15.41
CA VAL F 452 1.15 21.20 -15.61
C VAL F 452 0.82 20.01 -16.48
N GLN F 453 -0.20 19.24 -16.07
CA GLN F 453 -0.70 18.15 -16.88
C GLN F 453 -1.22 18.67 -18.21
N ASP F 454 -0.92 17.93 -19.28
CA ASP F 454 -1.14 18.42 -20.63
C ASP F 454 -2.60 18.46 -21.00
N LYS F 455 -2.93 19.27 -22.00
CA LYS F 455 -4.26 19.32 -22.54
C LYS F 455 -4.30 19.30 -24.05
N GLY F 456 -3.30 18.73 -24.70
CA GLY F 456 -3.34 18.49 -26.13
C GLY F 456 -3.31 19.74 -26.97
N SER F 457 -4.13 19.78 -28.01
CA SER F 457 -4.17 20.95 -28.86
C SER F 457 -4.91 22.08 -28.19
N ILE F 458 -4.88 23.23 -28.86
CA ILE F 458 -5.63 24.38 -28.43
C ILE F 458 -6.81 24.64 -29.36
N HIS F 459 -6.76 24.09 -30.57
CA HIS F 459 -7.80 24.40 -31.53
C HIS F 459 -9.07 23.62 -31.26
N LYS F 460 -9.00 22.61 -30.40
CA LYS F 460 -10.23 22.13 -29.80
C LYS F 460 -10.41 22.62 -28.39
N PHE F 461 -9.38 23.21 -27.78
CA PHE F 461 -9.50 23.61 -26.39
C PHE F 461 -10.23 24.94 -26.26
N VAL F 462 -9.74 25.99 -26.90
CA VAL F 462 -10.45 27.26 -26.79
C VAL F 462 -11.84 27.28 -27.44
N PRO F 463 -12.22 26.41 -28.39
CA PRO F 463 -13.66 26.29 -28.64
C PRO F 463 -14.45 25.80 -27.46
N TYR F 464 -13.87 24.94 -26.62
CA TYR F 464 -14.55 24.57 -25.38
C TYR F 464 -14.74 25.77 -24.46
N LEU F 465 -13.80 26.68 -24.43
CA LEU F 465 -13.94 27.83 -23.55
C LEU F 465 -14.96 28.81 -24.09
N ILE F 466 -14.98 29.04 -25.41
CA ILE F 466 -15.96 29.97 -25.90
C ILE F 466 -17.34 29.35 -25.82
N ALA F 467 -17.44 28.03 -25.99
CA ALA F 467 -18.73 27.36 -25.80
C ALA F 467 -19.16 27.42 -24.36
N GLY F 468 -18.21 27.38 -23.44
CA GLY F 468 -18.53 27.57 -22.06
C GLY F 468 -19.06 28.92 -21.73
N ILE F 469 -18.43 29.99 -22.24
CA ILE F 469 -18.90 31.31 -21.86
C ILE F 469 -20.20 31.63 -22.58
N GLN F 470 -20.43 31.05 -23.76
CA GLN F 470 -21.74 31.29 -24.32
C GLN F 470 -22.81 30.49 -23.62
N HIS F 471 -22.50 29.31 -23.08
CA HIS F 471 -23.47 28.68 -22.19
C HIS F 471 -23.67 29.49 -20.93
N SER F 472 -22.64 30.20 -20.49
CA SER F 472 -22.77 30.99 -19.29
C SER F 472 -23.67 32.19 -19.52
N CYS F 473 -23.49 32.88 -20.63
CA CYS F 473 -24.36 34.00 -20.92
C CYS F 473 -25.76 33.52 -21.28
N GLN F 474 -25.85 32.31 -21.81
CA GLN F 474 -27.14 31.73 -22.13
C GLN F 474 -27.82 31.19 -20.88
N ASP F 475 -27.10 31.14 -19.77
CA ASP F 475 -27.77 30.98 -18.50
C ASP F 475 -28.03 32.30 -17.78
N ILE F 476 -27.22 33.32 -18.03
CA ILE F 476 -27.45 34.59 -17.36
C ILE F 476 -28.62 35.32 -18.00
N GLY F 477 -28.67 35.36 -19.32
CA GLY F 477 -29.72 36.11 -19.97
C GLY F 477 -29.18 37.28 -20.74
N ALA F 478 -28.05 37.10 -21.37
CA ALA F 478 -27.43 38.16 -22.14
C ALA F 478 -27.07 37.66 -23.53
N LYS F 479 -27.43 38.43 -24.54
CA LYS F 479 -27.09 38.11 -25.91
C LYS F 479 -25.68 38.54 -26.28
N SER F 480 -24.96 39.18 -25.37
CA SER F 480 -23.63 39.68 -25.64
C SER F 480 -22.94 39.95 -24.31
N LEU F 481 -21.61 39.98 -24.35
CA LEU F 481 -20.86 40.33 -23.15
C LEU F 481 -21.09 41.77 -22.79
N THR F 482 -21.32 42.60 -23.80
CA THR F 482 -21.77 43.96 -23.58
C THR F 482 -23.05 43.96 -22.77
N GLN F 483 -23.97 43.07 -23.11
CA GLN F 483 -25.21 43.05 -22.37
C GLN F 483 -25.02 42.50 -20.96
N VAL F 484 -24.08 41.57 -20.75
CA VAL F 484 -23.98 41.02 -19.40
C VAL F 484 -23.34 42.02 -18.47
N ARG F 485 -22.33 42.76 -18.92
CA ARG F 485 -21.79 43.68 -17.95
C ARG F 485 -22.60 44.96 -17.92
N ALA F 486 -23.40 45.24 -18.95
CA ALA F 486 -24.35 46.33 -18.85
C ALA F 486 -25.43 46.02 -17.83
N MET F 487 -25.93 44.79 -17.84
CA MET F 487 -26.88 44.35 -16.83
C MET F 487 -26.26 44.38 -15.45
N MET F 488 -24.94 44.17 -15.35
CA MET F 488 -24.31 44.26 -14.05
C MET F 488 -24.23 45.70 -13.57
N TYR F 489 -23.80 46.62 -14.43
CA TYR F 489 -23.65 47.98 -13.94
C TYR F 489 -24.99 48.67 -13.74
N SER F 490 -26.02 48.25 -14.45
CA SER F 490 -27.30 48.89 -14.22
C SER F 490 -28.00 48.38 -12.97
N GLY F 491 -27.50 47.31 -12.38
CA GLY F 491 -28.16 46.72 -11.24
C GLY F 491 -29.17 45.67 -11.60
N GLU F 492 -29.29 45.32 -12.87
CA GLU F 492 -30.27 44.31 -13.26
C GLU F 492 -29.76 42.92 -12.90
N LEU F 493 -28.61 42.55 -13.44
CA LEU F 493 -27.94 41.29 -13.12
C LEU F 493 -27.44 41.41 -11.70
N LYS F 494 -27.60 40.35 -10.92
CA LYS F 494 -27.19 40.39 -9.54
C LYS F 494 -26.57 39.08 -9.13
N PHE F 495 -25.75 39.14 -8.09
CA PHE F 495 -24.86 38.06 -7.70
C PHE F 495 -25.30 37.51 -6.36
N GLU F 496 -24.58 36.51 -5.87
CA GLU F 496 -24.80 36.10 -4.50
C GLU F 496 -23.52 35.51 -3.94
N LYS F 497 -23.30 35.80 -2.66
CA LYS F 497 -22.17 35.34 -1.88
C LYS F 497 -22.27 33.82 -1.73
N ARG F 498 -21.19 33.19 -1.29
CA ARG F 498 -21.14 31.75 -1.21
C ARG F 498 -20.22 31.38 -0.07
N THR F 499 -20.77 30.85 1.02
CA THR F 499 -19.92 30.66 2.19
C THR F 499 -19.06 29.44 2.03
N SER F 500 -18.16 29.25 2.99
CA SER F 500 -17.12 28.23 2.89
C SER F 500 -17.69 26.83 2.98
N SER F 501 -18.81 26.67 3.63
CA SER F 501 -19.48 25.39 3.64
C SER F 501 -20.16 25.12 2.31
N ALA F 502 -20.58 26.15 1.62
CA ALA F 502 -21.10 25.97 0.27
C ALA F 502 -20.02 25.99 -0.78
N GLN F 503 -18.76 26.10 -0.38
CA GLN F 503 -17.72 25.88 -1.36
C GLN F 503 -17.63 24.42 -1.72
N VAL F 504 -17.91 23.53 -0.78
CA VAL F 504 -17.67 22.13 -1.07
C VAL F 504 -18.81 21.53 -1.87
N GLU F 505 -20.05 21.90 -1.63
CA GLU F 505 -21.10 21.18 -2.29
C GLU F 505 -21.36 21.71 -3.68
N GLY F 506 -20.77 22.84 -4.03
CA GLY F 506 -20.81 23.19 -5.43
C GLY F 506 -19.98 22.28 -6.27
N GLY F 507 -18.93 21.71 -5.70
CA GLY F 507 -18.12 20.81 -6.47
C GLY F 507 -18.65 19.40 -6.35
N VAL F 508 -17.75 18.43 -6.45
CA VAL F 508 -18.11 17.03 -6.53
C VAL F 508 -17.96 16.45 -5.15
N HIS F 509 -18.97 15.72 -4.69
CA HIS F 509 -18.95 15.24 -3.32
C HIS F 509 -19.82 14.01 -3.19
N SER F 510 -19.68 13.34 -2.05
CA SER F 510 -20.54 12.25 -1.59
C SER F 510 -20.54 11.06 -2.53
N LEU F 511 -19.43 10.81 -3.20
CA LEU F 511 -19.32 9.64 -4.05
C LEU F 511 -17.89 9.15 -4.08
N HIS F 512 -17.74 7.86 -4.36
CA HIS F 512 -16.49 7.18 -4.06
C HIS F 512 -15.39 7.56 -5.02
N SER F 513 -15.64 7.49 -6.33
CA SER F 513 -14.57 7.73 -7.28
C SER F 513 -15.18 8.14 -8.60
N TYR F 514 -14.79 9.30 -9.11
CA TYR F 514 -15.33 9.87 -10.33
C TYR F 514 -14.23 10.13 -11.33
N GLU F 515 -14.62 10.49 -12.53
CA GLU F 515 -13.68 10.91 -13.55
C GLU F 515 -14.17 12.22 -14.14
N LYS F 516 -13.53 13.31 -13.77
CA LYS F 516 -13.92 14.63 -14.23
C LYS F 516 -13.35 14.84 -15.62
N ARG F 517 -14.21 14.79 -16.62
CA ARG F 517 -13.79 15.03 -17.99
C ARG F 517 -14.61 16.19 -18.51
N LEU F 518 -13.94 17.29 -18.80
CA LEU F 518 -14.65 18.54 -19.01
C LEU F 518 -15.32 18.63 -20.37
N PHE F 519 -14.79 17.94 -21.37
CA PHE F 519 -15.39 17.97 -22.70
C PHE F 519 -15.08 16.68 -23.45
N SER G 16 -4.90 65.22 -4.48
CA SER G 16 -5.50 64.83 -5.74
C SER G 16 -6.83 64.13 -5.51
N TYR G 17 -7.21 63.24 -6.43
CA TYR G 17 -8.51 62.59 -6.30
C TYR G 17 -8.42 61.46 -5.30
N VAL G 18 -7.63 60.44 -5.64
CA VAL G 18 -7.16 59.38 -4.74
C VAL G 18 -8.35 58.66 -4.10
N PRO G 19 -9.01 57.76 -4.83
CA PRO G 19 -10.34 57.26 -4.44
C PRO G 19 -10.43 56.44 -3.17
N ASP G 20 -11.64 55.96 -2.86
CA ASP G 20 -11.98 55.40 -1.57
C ASP G 20 -11.71 53.91 -1.47
N ASP G 21 -10.76 53.40 -2.22
CA ASP G 21 -10.60 51.98 -2.39
C ASP G 21 -9.98 51.27 -1.21
N GLY G 22 -10.76 50.48 -0.50
CA GLY G 22 -10.13 49.68 0.52
C GLY G 22 -10.42 50.20 1.89
N LEU G 23 -9.74 49.66 2.89
CA LEU G 23 -10.01 49.97 4.27
C LEU G 23 -8.76 50.49 4.92
N THR G 24 -8.89 51.55 5.70
CA THR G 24 -7.76 51.95 6.53
C THR G 24 -7.73 51.09 7.78
N ALA G 25 -6.66 51.23 8.56
CA ALA G 25 -6.38 50.25 9.59
C ALA G 25 -7.36 50.35 10.75
N GLN G 26 -7.68 51.57 11.17
CA GLN G 26 -8.55 51.72 12.32
C GLN G 26 -9.97 51.29 12.02
N GLN G 27 -10.36 51.24 10.75
CA GLN G 27 -11.64 50.63 10.44
C GLN G 27 -11.49 49.21 9.99
N LEU G 28 -10.27 48.74 9.80
CA LEU G 28 -10.09 47.32 9.60
C LEU G 28 -10.25 46.58 10.92
N PHE G 29 -9.40 46.88 11.89
CA PHE G 29 -9.35 46.01 13.05
C PHE G 29 -10.45 46.30 14.04
N ASN G 30 -11.16 47.39 13.91
CA ASN G 30 -12.32 47.58 14.75
C ASN G 30 -13.59 47.08 14.12
N CYS G 31 -13.50 46.10 13.23
CA CYS G 31 -14.69 45.36 12.85
C CYS G 31 -14.97 44.23 13.82
N GLY G 32 -14.01 43.88 14.65
CA GLY G 32 -14.20 42.84 15.62
C GLY G 32 -13.86 41.45 15.15
N ASP G 33 -13.56 41.26 13.87
CA ASP G 33 -13.09 39.95 13.44
C ASP G 33 -11.72 39.67 14.00
N GLY G 34 -11.45 38.41 14.27
CA GLY G 34 -10.17 38.07 14.84
C GLY G 34 -9.14 37.91 13.76
N LEU G 35 -8.63 39.00 13.22
CA LEU G 35 -7.71 38.94 12.10
C LEU G 35 -6.39 38.32 12.52
N THR G 36 -5.65 37.80 11.55
CA THR G 36 -4.29 37.31 11.75
C THR G 36 -3.43 37.99 10.69
N TYR G 37 -2.18 37.54 10.52
CA TYR G 37 -1.41 37.97 9.38
C TYR G 37 -2.06 37.50 8.09
N ASN G 38 -2.05 36.21 7.86
CA ASN G 38 -2.45 35.78 6.53
C ASN G 38 -3.96 35.66 6.39
N ASP G 39 -4.68 36.74 6.73
CA ASP G 39 -5.98 36.98 6.17
C ASP G 39 -6.25 38.45 5.88
N PHE G 40 -5.24 39.30 5.92
CA PHE G 40 -5.36 40.60 5.29
C PHE G 40 -4.05 40.83 4.55
N LEU G 41 -4.06 41.83 3.68
CA LEU G 41 -2.86 42.21 2.96
C LEU G 41 -2.99 43.63 2.48
N ILE G 42 -1.90 44.14 1.95
CA ILE G 42 -1.63 45.56 1.85
C ILE G 42 -1.75 46.02 0.41
N LEU G 43 -2.41 47.07 0.20
CA LEU G 43 -2.58 47.51 -1.17
C LEU G 43 -1.55 48.54 -1.55
N PRO G 44 -1.01 48.51 -2.75
CA PRO G 44 0.13 49.34 -3.11
C PRO G 44 -0.24 50.81 -3.31
N GLY G 45 0.73 51.58 -3.74
CA GLY G 45 0.56 53.00 -3.98
C GLY G 45 1.53 53.52 -5.00
N TYR G 46 1.97 54.74 -4.83
CA TYR G 46 2.77 55.44 -5.83
C TYR G 46 4.25 55.28 -5.53
N ILE G 47 5.07 55.23 -6.58
CA ILE G 47 6.48 54.93 -6.46
C ILE G 47 7.28 56.10 -7.03
N ASP G 48 8.29 56.54 -6.29
CA ASP G 48 9.18 57.59 -6.75
C ASP G 48 10.64 57.24 -6.61
N PHE G 49 10.95 55.95 -6.49
CA PHE G 49 12.27 55.56 -6.02
C PHE G 49 12.49 54.09 -6.35
N THR G 50 13.67 53.59 -6.04
CA THR G 50 14.02 52.22 -6.31
C THR G 50 14.23 51.47 -5.00
N ALA G 51 14.56 50.18 -5.14
CA ALA G 51 14.49 49.26 -4.00
C ALA G 51 15.57 49.51 -2.99
N ASP G 52 16.82 49.62 -3.43
CA ASP G 52 17.94 49.63 -2.50
C ASP G 52 18.06 50.92 -1.71
N GLN G 53 17.32 51.95 -2.06
CA GLN G 53 17.46 53.20 -1.31
C GLN G 53 16.36 53.34 -0.28
N VAL G 54 15.89 52.22 0.22
CA VAL G 54 15.07 52.17 1.43
C VAL G 54 16.02 52.06 2.62
N ASP G 55 15.95 53.03 3.51
CA ASP G 55 16.68 52.96 4.77
C ASP G 55 15.68 52.55 5.85
N LEU G 56 15.68 51.26 6.15
CA LEU G 56 14.82 50.73 7.19
C LEU G 56 15.45 50.79 8.57
N THR G 57 15.90 51.99 8.91
CA THR G 57 16.35 52.31 10.26
C THR G 57 15.16 52.25 11.18
N SER G 58 15.14 51.26 12.04
CA SER G 58 14.01 51.04 12.92
C SER G 58 14.43 51.25 14.36
N ALA G 59 13.44 51.45 15.22
CA ALA G 59 13.71 51.71 16.62
C ALA G 59 13.47 50.46 17.43
N LEU G 60 14.22 50.31 18.51
CA LEU G 60 14.04 49.15 19.36
C LEU G 60 13.50 49.51 20.73
N THR G 61 14.19 50.39 21.47
CA THR G 61 13.66 50.89 22.73
C THR G 61 13.64 52.39 22.67
N LYS G 62 13.39 53.04 23.80
CA LYS G 62 13.31 54.50 23.76
C LYS G 62 14.68 55.19 23.73
N LYS G 63 15.78 54.47 23.59
CA LYS G 63 17.03 55.19 23.48
C LYS G 63 17.99 54.63 22.44
N ILE G 64 17.83 53.40 21.98
CA ILE G 64 18.78 52.78 21.06
C ILE G 64 18.03 52.29 19.84
N THR G 65 18.66 52.41 18.67
CA THR G 65 18.05 52.01 17.42
C THR G 65 18.88 50.93 16.75
N LEU G 66 18.33 50.37 15.70
CA LEU G 66 18.98 49.35 14.88
C LEU G 66 18.88 49.75 13.43
N LYS G 67 19.84 49.31 12.63
CA LYS G 67 19.76 49.63 11.22
C LYS G 67 18.74 48.76 10.49
N THR G 68 18.38 47.62 11.04
CA THR G 68 17.36 46.79 10.40
C THR G 68 16.42 46.24 11.45
N PRO G 69 15.16 46.02 11.11
CA PRO G 69 14.21 45.58 12.13
C PRO G 69 14.18 44.11 12.41
N LEU G 70 15.16 43.35 11.96
CA LEU G 70 15.22 41.95 12.34
C LEU G 70 15.79 41.86 13.73
N VAL G 71 15.28 40.92 14.52
CA VAL G 71 15.65 40.74 15.93
C VAL G 71 15.20 39.35 16.33
N SER G 72 16.04 38.63 17.05
CA SER G 72 15.78 37.24 17.38
C SER G 72 15.10 37.07 18.72
N SER G 73 14.81 35.80 19.05
CA SER G 73 13.99 35.44 20.18
C SER G 73 14.84 34.83 21.28
N PRO G 74 14.59 35.12 22.51
CA PRO G 74 15.27 34.40 23.58
C PRO G 74 14.72 33.01 23.80
N MET G 75 14.99 32.07 22.89
CA MET G 75 14.84 30.68 23.24
C MET G 75 16.21 30.03 23.31
N ASP G 76 16.26 28.91 24.02
CA ASP G 76 17.53 28.21 24.19
C ASP G 76 17.95 27.51 22.92
N THR G 77 17.06 27.40 21.98
CA THR G 77 17.34 26.61 20.80
C THR G 77 17.64 27.48 19.61
N VAL G 78 17.51 28.79 19.75
CA VAL G 78 17.78 29.63 18.61
C VAL G 78 18.99 30.53 18.85
N THR G 79 19.06 31.24 19.97
CA THR G 79 20.16 32.17 20.11
C THR G 79 20.99 31.90 21.34
N GLU G 80 22.29 31.93 21.11
CA GLU G 80 23.34 31.93 22.08
C GLU G 80 24.34 32.87 21.44
N ALA G 81 25.61 32.75 21.78
CA ALA G 81 26.63 33.67 21.27
C ALA G 81 26.64 33.72 19.75
N GLY G 82 26.58 32.57 19.11
CA GLY G 82 26.70 32.47 17.66
C GLY G 82 25.59 33.10 16.86
N MET G 83 24.39 33.20 17.41
CA MET G 83 23.37 34.05 16.81
C MET G 83 23.51 35.50 17.17
N ALA G 84 23.92 35.77 18.40
CA ALA G 84 23.96 37.13 18.87
C ALA G 84 24.96 37.93 18.08
N ILE G 85 26.14 37.36 17.84
CA ILE G 85 27.11 37.97 16.95
C ILE G 85 26.55 38.15 15.55
N ALA G 86 25.77 37.19 15.09
CA ALA G 86 25.48 37.10 13.69
C ALA G 86 24.37 38.05 13.29
N MET G 87 23.31 38.11 14.08
CA MET G 87 22.35 39.16 13.85
C MET G 87 22.82 40.50 14.34
N ALA G 88 23.80 40.52 15.25
CA ALA G 88 24.31 41.80 15.70
C ALA G 88 25.01 42.53 14.58
N LEU G 89 25.94 41.85 13.91
CA LEU G 89 26.74 42.56 12.92
C LEU G 89 25.96 42.78 11.64
N THR G 90 24.88 42.03 11.41
CA THR G 90 24.06 42.26 10.23
C THR G 90 22.96 43.28 10.46
N GLY G 91 23.05 44.05 11.53
CA GLY G 91 22.17 45.18 11.73
C GLY G 91 21.08 44.97 12.74
N GLY G 92 20.79 43.74 13.11
CA GLY G 92 19.80 43.45 14.10
C GLY G 92 20.39 43.39 15.50
N ILE G 93 19.56 42.96 16.44
CA ILE G 93 19.97 42.72 17.80
C ILE G 93 19.63 41.27 18.11
N GLY G 94 20.42 40.66 18.97
CA GLY G 94 20.08 39.34 19.41
C GLY G 94 19.91 39.35 20.91
N PHE G 95 19.04 38.51 21.42
CA PHE G 95 18.96 38.34 22.85
C PHE G 95 19.55 36.99 23.21
N ILE G 96 19.90 36.80 24.47
CA ILE G 96 20.45 35.53 24.93
C ILE G 96 19.50 34.99 25.98
N HIS G 97 19.11 33.74 25.80
CA HIS G 97 18.11 33.09 26.61
C HIS G 97 18.59 32.95 28.05
N HIS G 98 17.64 32.65 28.93
CA HIS G 98 17.96 32.49 30.34
C HIS G 98 17.73 31.07 30.82
N ASN G 99 17.63 30.10 29.92
CA ASN G 99 17.37 28.75 30.36
C ASN G 99 18.66 27.99 30.64
N CYS G 100 19.51 28.58 31.48
CA CYS G 100 20.77 27.99 31.89
C CYS G 100 21.23 28.70 33.16
N THR G 101 22.31 28.18 33.75
CA THR G 101 22.87 28.77 34.95
C THR G 101 23.43 30.14 34.64
N PRO G 102 23.25 31.11 35.55
CA PRO G 102 23.52 32.52 35.20
C PRO G 102 24.95 32.84 34.85
N GLU G 103 25.91 32.11 35.43
CA GLU G 103 27.30 32.36 35.06
C GLU G 103 27.60 31.88 33.66
N PHE G 104 26.78 30.97 33.11
CA PHE G 104 27.02 30.54 31.74
C PHE G 104 26.75 31.64 30.72
N GLN G 105 25.54 32.23 30.75
CA GLN G 105 25.31 33.32 29.83
C GLN G 105 26.07 34.56 30.24
N ALA G 106 26.45 34.67 31.51
CA ALA G 106 27.38 35.71 31.92
C ALA G 106 28.74 35.52 31.27
N ASN G 107 29.14 34.29 31.01
CA ASN G 107 30.38 34.04 30.30
C ASN G 107 30.25 34.31 28.82
N GLU G 108 29.15 33.91 28.18
CA GLU G 108 29.16 34.15 26.74
C GLU G 108 28.64 35.55 26.38
N VAL G 109 28.16 36.32 27.35
CA VAL G 109 27.81 37.69 26.99
C VAL G 109 29.09 38.51 26.83
N ARG G 110 30.16 38.13 27.54
CA ARG G 110 31.47 38.68 27.25
C ARG G 110 31.97 38.21 25.90
N LYS G 111 31.63 37.00 25.50
CA LYS G 111 32.03 36.45 24.21
C LYS G 111 31.45 37.23 23.05
N VAL G 112 30.32 37.86 23.25
CA VAL G 112 29.67 38.58 22.17
C VAL G 112 29.83 40.06 22.44
N LYS G 113 30.36 40.42 23.60
CA LYS G 113 30.67 41.82 23.82
C LYS G 113 31.82 42.25 22.93
N LYS G 114 32.89 41.46 22.84
CA LYS G 114 34.03 41.97 22.10
C LYS G 114 34.02 41.63 20.61
N TYR G 115 34.52 40.45 20.28
CA TYR G 115 34.67 39.86 18.95
C TYR G 115 35.46 40.66 17.90
N GLU G 116 35.43 41.99 17.96
CA GLU G 116 36.17 43.00 17.18
C GLU G 116 36.40 42.68 15.71
N GLN G 117 35.49 41.96 15.03
CA GLN G 117 35.50 41.70 13.60
C GLN G 117 36.76 41.00 13.09
N GLY G 118 36.91 39.73 13.44
CA GLY G 118 37.96 38.96 12.80
C GLY G 118 38.94 38.31 13.74
N PHE G 119 39.16 38.95 14.88
CA PHE G 119 39.96 38.35 15.94
C PHE G 119 39.17 37.15 16.45
N ILE G 120 39.70 35.95 16.30
CA ILE G 120 38.97 34.80 16.83
C ILE G 120 39.06 34.83 18.35
N THR G 121 37.90 34.89 19.00
CA THR G 121 37.82 35.22 20.40
C THR G 121 38.16 33.95 21.17
N ASP G 122 38.52 34.09 22.46
CA ASP G 122 38.91 33.14 23.51
C ASP G 122 39.60 31.89 22.97
N PRO G 123 40.80 32.02 22.40
CA PRO G 123 41.47 30.87 21.77
C PRO G 123 41.96 29.89 22.84
N VAL G 124 42.11 28.64 22.41
CA VAL G 124 42.57 27.60 23.32
C VAL G 124 44.09 27.62 23.39
N VAL G 125 44.60 27.63 24.61
CA VAL G 125 46.04 27.58 24.91
C VAL G 125 46.22 26.68 26.13
N LEU G 126 47.08 25.67 26.01
CA LEU G 126 47.33 24.76 27.12
C LEU G 126 48.83 24.51 27.28
N SER G 127 49.18 23.84 28.39
CA SER G 127 50.56 23.71 28.80
C SER G 127 51.29 22.63 28.00
N PRO G 128 52.44 22.96 27.40
CA PRO G 128 53.08 22.05 26.44
C PRO G 128 53.91 20.92 27.04
N LYS G 129 53.80 20.64 28.33
CA LYS G 129 54.41 19.45 28.92
C LYS G 129 53.53 18.22 28.76
N ASP G 130 52.44 18.35 28.02
CA ASP G 130 51.40 17.37 27.81
C ASP G 130 51.81 16.32 26.79
N ARG G 131 50.81 15.55 26.37
CA ARG G 131 50.89 14.68 25.20
C ARG G 131 50.50 15.54 23.98
N VAL G 132 50.54 14.96 22.78
CA VAL G 132 49.99 15.55 21.57
C VAL G 132 48.58 15.01 21.39
N ARG G 133 48.25 13.93 22.09
CA ARG G 133 46.96 13.26 21.92
C ARG G 133 45.81 14.15 22.40
N ASP G 134 46.13 15.06 23.31
CA ASP G 134 45.13 15.99 23.81
C ASP G 134 44.68 16.97 22.74
N VAL G 135 45.59 17.41 21.86
CA VAL G 135 45.13 18.29 20.80
C VAL G 135 44.42 17.49 19.71
N PHE G 136 44.65 16.17 19.65
CA PHE G 136 43.83 15.32 18.80
C PHE G 136 42.39 15.26 19.28
N GLU G 137 42.17 15.05 20.58
CA GLU G 137 40.77 15.12 21.04
C GLU G 137 40.26 16.55 21.13
N ALA G 138 41.16 17.54 21.17
CA ALA G 138 40.72 18.92 21.05
C ALA G 138 40.20 19.21 19.67
N LYS G 139 40.77 18.56 18.64
CA LYS G 139 40.13 18.55 17.33
C LYS G 139 38.76 17.89 17.42
N ALA G 140 38.67 16.79 18.16
CA ALA G 140 37.36 16.20 18.40
C ALA G 140 36.50 17.04 19.32
N ARG G 141 37.13 17.83 20.21
CA ARG G 141 36.38 18.80 21.00
C ARG G 141 35.88 19.94 20.15
N HIS G 142 36.72 20.46 19.25
CA HIS G 142 36.43 21.70 18.57
C HIS G 142 36.23 21.45 17.09
N GLY G 143 37.23 20.96 16.38
CA GLY G 143 37.18 20.91 14.92
C GLY G 143 38.47 21.34 14.24
N PHE G 144 39.38 21.98 14.98
CA PHE G 144 40.60 22.50 14.40
C PHE G 144 41.83 21.87 15.02
N CYS G 145 42.99 22.23 14.46
CA CYS G 145 44.28 21.78 14.99
C CYS G 145 45.38 22.84 14.96
N GLY G 146 45.09 24.09 14.61
CA GLY G 146 46.13 25.12 14.62
C GLY G 146 46.10 26.00 15.84
N ILE G 147 47.02 25.79 16.79
CA ILE G 147 46.93 26.39 18.12
C ILE G 147 48.27 27.00 18.53
N PRO G 148 48.31 28.26 18.96
CA PRO G 148 49.50 28.77 19.66
C PRO G 148 49.50 28.40 21.13
N ILE G 149 50.69 28.21 21.68
CA ILE G 149 50.88 27.63 23.01
C ILE G 149 51.81 28.51 23.84
N THR G 150 51.37 28.82 25.05
CA THR G 150 52.28 29.26 26.11
C THR G 150 52.31 28.17 27.19
N ASP G 151 53.22 28.33 28.15
CA ASP G 151 53.35 27.41 29.27
C ASP G 151 52.17 27.49 30.22
N THR G 152 51.78 28.71 30.58
CA THR G 152 50.77 28.92 31.61
C THR G 152 49.37 28.57 31.16
N GLY G 153 49.14 28.35 29.87
CA GLY G 153 47.80 28.20 29.37
C GLY G 153 47.02 29.49 29.34
N ARG G 154 47.72 30.62 29.38
CA ARG G 154 47.11 31.93 29.49
C ARG G 154 47.34 32.69 28.20
N MET G 155 46.26 33.27 27.69
CA MET G 155 46.34 34.09 26.49
C MET G 155 47.15 35.35 26.74
N GLY G 156 47.11 35.86 27.97
CA GLY G 156 48.00 36.92 28.39
C GLY G 156 49.27 36.42 29.06
N SER G 157 50.18 35.84 28.28
CA SER G 157 51.46 35.41 28.81
C SER G 157 52.55 35.71 27.79
N ARG G 158 53.75 35.26 28.09
CA ARG G 158 54.84 35.31 27.15
C ARG G 158 54.66 34.14 26.19
N LEU G 159 54.97 34.38 24.91
CA LEU G 159 54.85 33.34 23.91
C LEU G 159 55.86 32.23 24.18
N VAL G 160 55.43 30.99 23.97
CA VAL G 160 56.31 29.85 24.10
C VAL G 160 56.45 29.18 22.73
N GLY G 161 55.33 28.94 22.06
CA GLY G 161 55.42 28.32 20.74
C GLY G 161 54.09 28.29 20.02
N ILE G 162 54.12 27.62 18.86
CA ILE G 162 53.04 27.60 17.88
C ILE G 162 53.02 26.25 17.15
N ILE G 163 51.93 25.52 17.25
CA ILE G 163 51.83 24.31 16.46
C ILE G 163 50.80 24.55 15.38
N SER G 164 50.63 23.58 14.50
CA SER G 164 49.59 23.65 13.48
C SER G 164 49.24 22.22 13.09
N SER G 165 48.18 22.09 12.28
CA SER G 165 47.67 20.79 11.87
C SER G 165 48.68 19.99 11.07
N ARG G 166 49.56 20.69 10.37
CA ARG G 166 50.55 20.09 9.51
C ARG G 166 51.83 19.76 10.25
N ASP G 167 51.79 19.70 11.58
CA ASP G 167 53.00 19.56 12.37
C ASP G 167 53.00 18.30 13.23
N ILE G 168 51.93 17.51 13.20
CA ILE G 168 51.88 16.33 14.04
C ILE G 168 51.64 15.16 13.10
N ASP G 169 52.24 15.22 11.92
CA ASP G 169 51.81 14.33 10.86
C ASP G 169 52.56 13.01 10.85
N PHE G 170 53.83 13.03 10.44
CA PHE G 170 54.55 11.83 10.07
C PHE G 170 55.40 11.41 11.27
N LEU G 171 54.75 10.81 12.26
CA LEU G 171 55.43 10.52 13.51
C LEU G 171 54.97 9.17 14.02
N LYS G 172 55.94 8.38 14.48
CA LYS G 172 55.71 6.97 14.84
C LYS G 172 55.47 6.78 16.33
N GLU G 173 55.75 7.80 17.14
CA GLU G 173 55.57 7.72 18.60
C GLU G 173 54.41 8.61 19.04
N GLU G 174 53.32 8.58 18.24
CA GLU G 174 52.18 9.50 18.36
C GLU G 174 51.38 9.36 19.67
N GLU G 175 51.68 8.37 20.51
CA GLU G 175 51.21 8.39 21.89
C GLU G 175 52.34 8.24 22.90
N HIS G 176 53.60 8.37 22.52
CA HIS G 176 54.70 7.97 23.40
C HIS G 176 55.38 9.15 24.09
N ASP G 177 54.63 10.23 24.35
CA ASP G 177 55.01 11.40 25.15
C ASP G 177 56.26 12.11 24.64
N CYS G 178 56.14 12.80 23.53
CA CYS G 178 57.12 13.78 23.12
C CYS G 178 56.74 15.12 23.73
N PHE G 179 57.74 15.98 23.95
CA PHE G 179 57.52 17.30 24.55
C PHE G 179 57.42 18.32 23.43
N LEU G 180 56.45 19.22 23.57
CA LEU G 180 55.95 20.00 22.45
C LEU G 180 56.82 21.20 22.09
N GLU G 181 57.82 21.52 22.93
CA GLU G 181 58.68 22.66 22.65
C GLU G 181 59.74 22.37 21.58
N GLU G 182 59.97 21.10 21.24
CA GLU G 182 61.09 20.72 20.40
C GLU G 182 60.63 20.02 19.13
N ILE G 183 59.36 20.20 18.76
CA ILE G 183 58.79 19.61 17.57
C ILE G 183 58.43 20.66 16.53
N MET G 184 58.10 21.87 16.97
CA MET G 184 57.83 23.00 16.12
C MET G 184 58.89 24.07 16.37
N THR G 185 58.77 25.20 15.69
CA THR G 185 59.71 26.31 15.85
C THR G 185 59.05 27.37 16.72
N LYS G 186 59.74 27.76 17.78
CA LYS G 186 59.19 28.60 18.83
C LYS G 186 59.14 30.08 18.44
N ARG G 187 60.25 30.64 17.95
CA ARG G 187 60.28 32.09 17.82
C ARG G 187 60.71 32.53 16.42
N GLU G 188 61.43 31.66 15.70
CA GLU G 188 62.03 32.07 14.43
C GLU G 188 60.98 32.26 13.34
N ASP G 189 60.02 31.34 13.25
CA ASP G 189 59.04 31.39 12.18
C ASP G 189 57.84 32.28 12.52
N LEU G 190 58.08 33.50 12.95
CA LEU G 190 56.99 34.33 13.39
C LEU G 190 56.66 35.41 12.39
N VAL G 191 55.37 35.71 12.29
CA VAL G 191 54.85 36.83 11.51
C VAL G 191 53.84 37.59 12.36
N VAL G 192 54.30 38.66 12.98
CA VAL G 192 53.55 39.39 13.99
C VAL G 192 53.61 40.87 13.70
N ALA G 193 52.43 41.54 13.72
CA ALA G 193 52.28 42.98 13.67
C ALA G 193 52.35 43.56 15.09
N PRO G 194 52.72 44.82 15.27
CA PRO G 194 52.60 45.43 16.60
C PRO G 194 51.14 45.66 16.94
N ALA G 195 50.85 45.60 18.23
CA ALA G 195 49.48 45.61 18.74
C ALA G 195 48.80 46.94 18.46
N GLY G 196 47.48 46.87 18.32
CA GLY G 196 46.73 48.00 17.83
C GLY G 196 46.74 48.00 16.32
N ILE G 197 46.39 46.86 15.74
CA ILE G 197 46.42 46.68 14.30
C ILE G 197 44.99 46.70 13.78
N THR G 198 44.81 47.11 12.53
CA THR G 198 43.50 46.94 11.92
C THR G 198 43.58 45.82 10.88
N LEU G 199 42.49 45.62 10.14
CA LEU G 199 42.28 44.41 9.35
C LEU G 199 42.96 44.47 7.99
N LYS G 200 43.04 45.64 7.37
CA LYS G 200 43.54 45.70 5.99
C LYS G 200 45.06 45.61 5.91
N GLU G 201 45.77 46.17 6.89
CA GLU G 201 47.22 45.96 6.89
C GLU G 201 47.53 44.57 7.43
N ALA G 202 46.62 44.00 8.23
CA ALA G 202 46.72 42.59 8.57
C ALA G 202 46.55 41.72 7.34
N ASN G 203 45.68 42.11 6.42
CA ASN G 203 45.58 41.46 5.11
C ASN G 203 46.88 41.56 4.35
N GLU G 204 47.49 42.75 4.35
CA GLU G 204 48.72 42.96 3.60
C GLU G 204 49.88 42.11 4.13
N ILE G 205 50.07 42.14 5.45
CA ILE G 205 51.07 41.30 6.11
C ILE G 205 50.75 39.82 5.90
N LEU G 206 49.48 39.47 5.80
CA LEU G 206 49.12 38.08 5.59
C LEU G 206 49.46 37.63 4.18
N GLN G 207 49.11 38.43 3.16
CA GLN G 207 49.39 37.95 1.80
C GLN G 207 50.84 38.11 1.40
N ARG G 208 51.62 38.94 2.07
CA ARG G 208 53.05 38.87 1.83
C ARG G 208 53.71 37.88 2.77
N SER G 209 52.96 37.42 3.77
CA SER G 209 53.45 36.46 4.74
C SER G 209 53.35 35.04 4.23
N LYS G 210 52.33 34.76 3.41
CA LYS G 210 52.13 33.48 2.72
C LYS G 210 51.98 32.34 3.72
N LYS G 211 51.42 32.65 4.88
CA LYS G 211 51.54 31.76 6.02
C LYS G 211 50.19 31.62 6.70
N GLY G 212 49.99 30.49 7.37
CA GLY G 212 48.65 30.09 7.73
C GLY G 212 48.03 30.69 8.96
N LYS G 213 48.69 31.60 9.66
CA LYS G 213 48.14 32.11 10.91
C LYS G 213 48.75 33.49 11.13
N LEU G 214 48.13 34.27 11.99
CA LEU G 214 48.67 35.60 12.23
C LEU G 214 48.49 35.97 13.68
N PRO G 215 49.55 35.97 14.48
CA PRO G 215 49.45 36.53 15.82
C PRO G 215 49.63 38.04 15.81
N ILE G 216 49.13 38.65 16.87
CA ILE G 216 49.20 40.10 17.06
C ILE G 216 49.53 40.36 18.53
N VAL G 217 50.73 40.90 18.76
CA VAL G 217 51.40 40.86 20.06
C VAL G 217 51.88 42.27 20.40
N ASN G 218 51.91 42.58 21.70
CA ASN G 218 52.57 43.75 22.27
C ASN G 218 54.09 43.64 22.06
N GLU G 219 54.78 44.76 22.29
CA GLU G 219 56.25 44.76 22.27
C GLU G 219 56.85 43.91 23.38
N ASP G 220 56.13 43.70 24.48
CA ASP G 220 56.63 42.96 25.64
C ASP G 220 56.20 41.50 25.61
N ASP G 221 55.97 40.96 24.41
CA ASP G 221 55.58 39.56 24.15
C ASP G 221 54.29 39.20 24.86
N GLU G 222 53.32 40.12 24.90
CA GLU G 222 51.99 39.81 25.38
C GLU G 222 51.03 39.91 24.20
N LEU G 223 50.60 38.75 23.71
CA LEU G 223 49.72 38.72 22.55
C LEU G 223 48.32 39.19 22.90
N VAL G 224 47.74 39.98 22.00
CA VAL G 224 46.53 40.74 22.29
C VAL G 224 45.32 40.20 21.54
N ALA G 225 45.54 39.43 20.47
CA ALA G 225 44.49 38.64 19.81
C ALA G 225 45.17 37.55 18.99
N ILE G 226 44.39 36.90 18.12
CA ILE G 226 44.90 35.91 17.18
C ILE G 226 43.94 35.85 16.00
N ILE G 227 44.50 35.77 14.80
CA ILE G 227 43.71 35.71 13.58
C ILE G 227 43.55 34.23 13.24
N ALA G 228 42.56 33.94 12.39
CA ALA G 228 42.53 32.70 11.63
C ALA G 228 42.62 33.11 10.17
N ARG G 229 43.39 32.37 9.39
CA ARG G 229 43.59 32.72 7.99
C ARG G 229 42.29 32.60 7.20
N THR G 230 41.57 31.51 7.36
CA THR G 230 40.35 31.34 6.61
C THR G 230 39.23 32.20 7.16
N ASP G 231 39.33 32.66 8.40
CA ASP G 231 38.33 33.61 8.88
C ASP G 231 38.64 35.02 8.42
N LEU G 232 39.85 35.28 7.96
CA LEU G 232 40.13 36.56 7.34
C LEU G 232 39.85 36.52 5.85
N LYS G 233 39.70 35.34 5.29
CA LYS G 233 39.24 35.20 3.92
C LYS G 233 37.78 35.56 3.76
N LYS G 234 36.99 35.43 4.82
CA LYS G 234 35.55 35.53 4.72
C LYS G 234 34.99 36.88 5.09
N ASN G 235 35.85 37.83 5.48
CA ASN G 235 35.38 39.07 6.11
C ASN G 235 34.71 39.95 5.07
N ARG G 236 33.39 39.98 5.13
CA ARG G 236 32.66 40.93 4.29
C ARG G 236 32.68 42.29 4.97
N ASP G 237 32.28 43.32 4.24
CA ASP G 237 32.01 44.59 4.86
C ASP G 237 30.63 44.50 5.48
N TYR G 238 30.45 45.16 6.60
CA TYR G 238 29.16 45.17 7.29
C TYR G 238 28.79 46.63 7.47
N PRO G 239 28.26 47.26 6.42
CA PRO G 239 28.10 48.72 6.43
C PRO G 239 27.03 49.18 7.37
N LEU G 240 26.04 48.33 7.62
CA LEU G 240 25.07 48.53 8.69
C LEU G 240 25.36 47.40 9.66
N ALA G 241 25.74 47.78 10.88
CA ALA G 241 26.26 46.79 11.80
C ALA G 241 25.79 46.97 13.24
N SER G 242 25.12 48.07 13.56
CA SER G 242 24.42 48.30 14.83
C SER G 242 25.35 48.18 16.04
N LYS G 243 26.32 49.09 16.09
CA LYS G 243 27.27 49.11 17.19
C LYS G 243 27.08 50.35 18.05
N ASP G 244 27.56 50.27 19.29
CA ASP G 244 27.28 51.28 20.30
C ASP G 244 28.21 52.50 20.20
N ALA G 245 28.22 53.32 21.25
CA ALA G 245 29.09 54.49 21.31
C ALA G 245 30.56 54.10 21.34
N LYS G 246 30.89 53.02 22.05
CA LYS G 246 32.27 52.54 22.09
C LYS G 246 32.55 51.53 21.00
N LYS G 247 31.67 51.45 20.01
CA LYS G 247 31.81 50.64 18.81
C LYS G 247 32.02 49.15 19.08
N GLN G 248 31.43 48.63 20.14
CA GLN G 248 31.28 47.18 20.26
C GLN G 248 29.90 46.78 19.79
N LEU G 249 29.69 45.47 19.66
CA LEU G 249 28.44 44.97 19.13
C LEU G 249 27.32 45.16 20.15
N LEU G 250 26.12 45.41 19.62
CA LEU G 250 24.92 45.50 20.45
C LEU G 250 24.52 44.10 20.88
N CYS G 251 24.22 43.93 22.15
CA CYS G 251 23.83 42.63 22.69
C CYS G 251 22.75 42.76 23.74
N GLY G 252 21.80 41.84 23.71
CA GLY G 252 20.77 41.82 24.73
C GLY G 252 20.62 40.47 25.37
N ALA G 253 19.79 40.36 26.40
CA ALA G 253 19.55 39.09 27.06
C ALA G 253 18.18 39.15 27.70
N ALA G 254 17.87 38.14 28.48
CA ALA G 254 16.59 38.07 29.14
C ALA G 254 16.76 37.58 30.56
N ILE G 255 15.81 37.93 31.41
CA ILE G 255 15.88 37.45 32.78
C ILE G 255 14.64 36.59 32.97
N GLY G 256 14.44 36.06 34.16
CA GLY G 256 13.15 35.53 34.53
C GLY G 256 12.42 36.58 35.33
N THR G 257 11.58 36.18 36.26
CA THR G 257 10.99 37.14 37.16
C THR G 257 11.02 36.68 38.60
N HIS G 258 11.18 35.37 38.84
CA HIS G 258 11.31 34.85 40.19
C HIS G 258 12.57 35.37 40.87
N GLU G 259 12.47 35.58 42.19
CA GLU G 259 13.35 36.39 43.02
C GLU G 259 14.84 36.10 42.88
N ASP G 260 15.18 34.85 42.56
CA ASP G 260 16.58 34.43 42.52
C ASP G 260 17.35 34.96 41.32
N ASP G 261 16.74 35.76 40.46
CA ASP G 261 17.49 36.36 39.36
C ASP G 261 18.05 37.73 39.71
N LYS G 262 17.83 38.20 40.93
CA LYS G 262 18.53 39.39 41.38
C LYS G 262 20.01 39.10 41.56
N TYR G 263 20.37 37.84 41.79
CA TYR G 263 21.76 37.45 41.59
C TYR G 263 22.15 37.47 40.12
N ARG G 264 21.22 37.13 39.23
CA ARG G 264 21.55 36.99 37.82
C ARG G 264 21.83 38.31 37.13
N LEU G 265 21.03 39.34 37.38
CA LEU G 265 21.14 40.54 36.55
C LEU G 265 22.38 41.35 36.92
N ASP G 266 22.93 41.12 38.10
CA ASP G 266 24.16 41.79 38.48
C ASP G 266 25.33 41.25 37.68
N LEU G 267 25.29 39.98 37.31
CA LEU G 267 26.24 39.42 36.37
C LEU G 267 26.12 40.05 34.99
N LEU G 268 24.91 40.44 34.61
CA LEU G 268 24.70 41.15 33.35
C LEU G 268 25.22 42.58 33.42
N ALA G 269 25.02 43.22 34.57
CA ALA G 269 25.48 44.59 34.74
C ALA G 269 27.00 44.66 34.78
N GLN G 270 27.64 43.71 35.46
CA GLN G 270 29.09 43.68 35.53
C GLN G 270 29.72 43.19 34.24
N ALA G 271 28.94 42.66 33.30
CA ALA G 271 29.46 42.29 32.00
C ALA G 271 29.09 43.27 30.91
N GLY G 272 28.07 44.10 31.12
CA GLY G 272 27.82 45.21 30.22
C GLY G 272 26.80 44.93 29.13
N VAL G 273 25.67 44.35 29.49
CA VAL G 273 24.60 44.14 28.52
C VAL G 273 23.95 45.49 28.21
N ASP G 274 23.34 45.57 27.03
CA ASP G 274 22.82 46.83 26.52
C ASP G 274 21.35 47.04 26.80
N VAL G 275 20.54 45.99 26.70
CA VAL G 275 19.12 46.08 26.98
C VAL G 275 18.67 44.66 27.30
N VAL G 276 17.54 44.54 28.00
CA VAL G 276 17.19 43.25 28.54
C VAL G 276 15.68 43.03 28.46
N VAL G 277 15.28 41.76 28.54
CA VAL G 277 13.93 41.29 28.25
C VAL G 277 13.34 40.72 29.52
N LEU G 278 12.14 41.14 29.85
CA LEU G 278 11.43 40.47 30.93
C LEU G 278 10.59 39.38 30.31
N ASP G 279 11.18 38.21 30.14
CA ASP G 279 10.49 37.10 29.48
C ASP G 279 9.51 36.48 30.45
N SER G 280 8.23 36.59 30.15
CA SER G 280 7.22 35.89 30.91
C SER G 280 6.01 35.70 30.02
N SER G 281 5.16 34.74 30.42
CA SER G 281 4.03 34.36 29.57
C SER G 281 2.98 35.47 29.52
N GLN G 282 2.84 36.21 30.60
CA GLN G 282 1.86 37.28 30.63
C GLN G 282 2.47 38.41 31.44
N GLY G 283 2.64 39.55 30.80
CA GLY G 283 3.40 40.64 31.34
C GLY G 283 2.72 41.55 32.31
N ASN G 284 1.51 41.26 32.73
CA ASN G 284 0.78 42.16 33.60
C ASN G 284 0.80 41.63 35.03
N SER G 285 1.98 41.53 35.62
CA SER G 285 2.07 41.01 36.96
C SER G 285 2.54 42.09 37.92
N ILE G 286 2.17 41.90 39.18
CA ILE G 286 2.83 42.65 40.24
C ILE G 286 4.30 42.31 40.32
N PHE G 287 4.65 41.06 39.97
CA PHE G 287 6.04 40.63 39.98
C PHE G 287 6.85 41.42 38.98
N GLN G 288 6.33 41.58 37.77
CA GLN G 288 7.11 42.24 36.75
C GLN G 288 7.16 43.74 36.94
N ILE G 289 6.08 44.36 37.45
CA ILE G 289 6.15 45.80 37.63
C ILE G 289 7.04 46.13 38.83
N ASN G 290 7.04 45.28 39.85
CA ASN G 290 8.02 45.44 40.92
C ASN G 290 9.42 45.17 40.42
N MET G 291 9.59 44.30 39.44
CA MET G 291 10.90 44.05 38.86
C MET G 291 11.42 45.24 38.07
N ILE G 292 10.56 45.86 37.26
CA ILE G 292 10.94 47.06 36.52
C ILE G 292 11.28 48.20 37.47
N LYS G 293 10.47 48.39 38.53
CA LYS G 293 10.81 49.44 39.47
C LYS G 293 12.04 49.08 40.30
N TYR G 294 12.34 47.80 40.45
CA TYR G 294 13.59 47.38 41.07
C TYR G 294 14.79 47.66 40.20
N ILE G 295 14.63 47.54 38.89
CA ILE G 295 15.73 47.74 37.97
C ILE G 295 16.00 49.22 37.72
N LYS G 296 14.94 50.02 37.60
CA LYS G 296 15.10 51.37 37.08
C LYS G 296 15.81 52.29 38.04
N ASP G 297 15.49 52.23 39.33
CA ASP G 297 16.25 53.04 40.29
C ASP G 297 17.67 52.52 40.45
N LYS G 298 17.89 51.22 40.24
CA LYS G 298 19.24 50.68 40.31
C LYS G 298 20.03 51.03 39.06
N TYR G 299 19.44 50.86 37.89
CA TYR G 299 20.19 51.05 36.65
C TYR G 299 19.46 52.05 35.78
N PRO G 300 19.83 53.32 35.83
CA PRO G 300 19.09 54.33 35.08
C PRO G 300 19.38 54.29 33.58
N ASN G 301 20.63 54.06 33.21
CA ASN G 301 20.96 54.05 31.79
C ASN G 301 20.54 52.75 31.12
N LEU G 302 20.54 51.65 31.86
CA LEU G 302 20.12 50.38 31.30
C LEU G 302 18.62 50.39 31.09
N GLN G 303 18.19 49.69 30.05
CA GLN G 303 16.79 49.68 29.65
C GLN G 303 16.24 48.27 29.62
N VAL G 304 14.93 48.17 29.81
CA VAL G 304 14.23 46.89 29.87
C VAL G 304 13.14 46.91 28.81
N ILE G 305 12.75 45.73 28.37
CA ILE G 305 11.57 45.61 27.53
C ILE G 305 10.61 44.67 28.24
N GLY G 306 9.33 45.00 28.23
CA GLY G 306 8.35 44.31 29.03
C GLY G 306 7.46 43.45 28.15
N GLY G 307 6.96 42.37 28.73
CA GLY G 307 6.16 41.45 27.95
C GLY G 307 5.72 40.27 28.78
N ASN G 308 4.69 39.58 28.28
CA ASN G 308 4.06 39.91 27.02
C ASN G 308 2.73 40.56 27.17
N VAL G 309 2.46 41.48 26.27
CA VAL G 309 1.21 42.22 26.27
C VAL G 309 0.46 41.84 25.02
N VAL G 310 -0.86 41.79 25.11
CA VAL G 310 -1.65 41.61 23.90
C VAL G 310 -2.77 42.60 23.84
N THR G 311 -3.11 43.22 24.96
CA THR G 311 -4.12 44.25 24.92
C THR G 311 -3.61 45.53 25.54
N ALA G 312 -4.32 46.61 25.25
CA ALA G 312 -3.86 47.93 25.64
C ALA G 312 -3.93 48.16 27.12
N ALA G 313 -4.72 47.36 27.84
CA ALA G 313 -4.78 47.47 29.29
C ALA G 313 -3.45 47.15 29.93
N GLN G 314 -2.87 46.00 29.62
CA GLN G 314 -1.59 45.70 30.22
C GLN G 314 -0.48 46.49 29.55
N ALA G 315 -0.73 47.02 28.36
CA ALA G 315 0.19 48.00 27.80
C ALA G 315 0.31 49.22 28.68
N LYS G 316 -0.82 49.77 29.14
CA LYS G 316 -0.70 50.94 30.01
C LYS G 316 -0.16 50.52 31.36
N ASN G 317 -0.45 49.31 31.78
CA ASN G 317 0.00 49.04 33.12
C ASN G 317 1.44 48.54 33.14
N LEU G 318 2.07 48.39 31.97
CA LEU G 318 3.51 48.29 32.00
C LEU G 318 4.20 49.61 31.73
N ILE G 319 3.68 50.45 30.83
CA ILE G 319 4.46 51.66 30.58
C ILE G 319 4.23 52.70 31.67
N ASP G 320 3.16 52.56 32.47
CA ASP G 320 3.04 53.42 33.64
C ASP G 320 4.05 53.04 34.70
N ALA G 321 4.51 51.79 34.69
CA ALA G 321 5.66 51.45 35.47
C ALA G 321 6.92 52.11 34.93
N GLY G 322 6.99 52.30 33.63
CA GLY G 322 8.12 53.00 33.05
C GLY G 322 8.94 52.14 32.13
N VAL G 323 8.32 51.07 31.63
CA VAL G 323 9.02 50.12 30.79
C VAL G 323 9.34 50.78 29.45
N ASP G 324 10.29 50.20 28.73
CA ASP G 324 10.84 50.94 27.62
C ASP G 324 10.57 50.31 26.26
N ALA G 325 10.01 49.11 26.21
CA ALA G 325 9.40 48.56 25.00
C ALA G 325 8.50 47.40 25.39
N LEU G 326 7.47 47.17 24.59
CA LEU G 326 6.50 46.14 24.86
C LEU G 326 6.71 44.97 23.92
N ARG G 327 6.57 43.76 24.45
CA ARG G 327 6.93 42.56 23.71
C ARG G 327 5.65 41.80 23.42
N VAL G 328 5.01 42.16 22.31
CA VAL G 328 3.62 41.86 22.08
C VAL G 328 3.46 40.45 21.55
N GLY G 329 2.30 39.85 21.76
CA GLY G 329 2.02 38.58 21.14
C GLY G 329 2.04 37.46 22.14
N MET G 330 0.92 36.79 22.29
CA MET G 330 0.86 35.61 23.13
C MET G 330 0.06 34.56 22.40
N GLY G 331 0.59 33.35 22.40
CA GLY G 331 -0.14 32.24 21.87
C GLY G 331 -0.19 32.19 20.37
N SER G 332 0.63 32.95 19.69
CA SER G 332 0.66 32.82 18.25
C SER G 332 1.96 32.24 17.76
N GLY G 333 2.71 31.59 18.61
CA GLY G 333 3.97 31.05 18.17
C GLY G 333 3.77 29.83 17.30
N SER G 334 4.87 29.31 16.80
CA SER G 334 4.79 28.01 16.19
C SER G 334 4.94 26.91 17.21
N ILE G 335 5.18 27.25 18.46
CA ILE G 335 5.58 26.29 19.48
C ILE G 335 4.54 26.33 20.58
N CYS G 336 3.75 27.39 20.61
CA CYS G 336 2.78 27.63 21.66
C CYS G 336 1.65 26.61 21.58
N ILE G 337 1.12 26.24 22.73
CA ILE G 337 -0.12 25.48 22.76
C ILE G 337 -1.04 26.26 23.68
N THR G 338 -0.62 27.48 24.04
CA THR G 338 -1.27 28.20 25.13
C THR G 338 -2.68 28.61 24.78
N GLN G 339 -2.99 28.75 23.50
CA GLN G 339 -4.36 29.07 23.16
C GLN G 339 -5.28 27.88 23.34
N GLU G 340 -4.79 26.67 23.19
CA GLU G 340 -5.66 25.57 23.52
C GLU G 340 -5.31 24.92 24.85
N VAL G 341 -4.36 25.46 25.59
CA VAL G 341 -4.12 24.96 26.93
C VAL G 341 -4.48 26.00 27.97
N LEU G 342 -3.88 27.16 27.89
CA LEU G 342 -4.25 28.18 28.85
C LEU G 342 -5.51 28.94 28.47
N ALA G 343 -6.03 28.72 27.26
CA ALA G 343 -7.21 29.37 26.68
C ALA G 343 -7.07 30.88 26.55
N CYS G 344 -5.87 31.41 26.73
CA CYS G 344 -5.62 32.82 26.80
C CYS G 344 -5.02 33.27 25.48
N GLY G 345 -4.52 34.48 25.44
CA GLY G 345 -3.90 34.99 24.23
C GLY G 345 -4.93 35.45 23.23
N ARG G 346 -4.43 36.02 22.14
CA ARG G 346 -5.30 36.55 21.10
C ARG G 346 -4.50 36.53 19.81
N PRO G 347 -5.17 36.56 18.66
CA PRO G 347 -4.44 36.51 17.40
C PRO G 347 -3.57 37.73 17.21
N GLN G 348 -2.55 37.57 16.41
CA GLN G 348 -1.37 38.36 16.70
C GLN G 348 -1.28 39.61 15.86
N ALA G 349 -1.93 39.64 14.70
CA ALA G 349 -1.97 40.91 13.97
C ALA G 349 -2.87 41.90 14.66
N THR G 350 -4.00 41.43 15.16
CA THR G 350 -4.82 42.35 15.93
C THR G 350 -4.29 42.56 17.33
N ALA G 351 -3.25 41.85 17.71
CA ALA G 351 -2.48 42.25 18.86
C ALA G 351 -1.53 43.38 18.54
N VAL G 352 -0.75 43.23 17.46
CA VAL G 352 0.24 44.25 17.17
C VAL G 352 -0.38 45.53 16.68
N TYR G 353 -1.63 45.51 16.21
CA TYR G 353 -2.18 46.80 15.87
C TYR G 353 -2.58 47.57 17.11
N LYS G 354 -3.30 46.94 18.01
CA LYS G 354 -3.82 47.71 19.12
C LYS G 354 -2.75 48.02 20.15
N VAL G 355 -1.76 47.15 20.31
CA VAL G 355 -0.70 47.50 21.24
C VAL G 355 0.18 48.58 20.68
N SER G 356 0.42 48.58 19.37
CA SER G 356 1.18 49.68 18.79
C SER G 356 0.34 50.94 18.68
N GLU G 357 -0.98 50.82 18.69
CA GLU G 357 -1.81 52.01 18.69
C GLU G 357 -1.77 52.68 20.05
N TYR G 358 -1.88 51.91 21.11
CA TYR G 358 -1.81 52.53 22.41
C TYR G 358 -0.41 52.94 22.77
N ALA G 359 0.59 52.17 22.38
CA ALA G 359 1.95 52.44 22.78
C ALA G 359 2.49 53.69 22.12
N ARG G 360 2.04 54.00 20.91
CA ARG G 360 2.60 55.19 20.29
C ARG G 360 2.01 56.47 20.84
N ARG G 361 0.94 56.40 21.64
CA ARG G 361 0.45 57.60 22.30
C ARG G 361 1.45 58.08 23.33
N PHE G 362 2.27 57.19 23.85
CA PHE G 362 3.26 57.53 24.85
C PHE G 362 4.66 57.47 24.29
N GLY G 363 4.83 57.12 23.03
CA GLY G 363 6.13 57.13 22.42
C GLY G 363 7.00 56.00 22.92
N VAL G 364 6.60 54.77 22.67
CA VAL G 364 7.38 53.60 23.06
C VAL G 364 7.23 52.53 22.00
N PRO G 365 8.32 51.93 21.52
CA PRO G 365 8.21 50.96 20.44
C PRO G 365 7.64 49.65 20.94
N VAL G 366 7.33 48.79 19.99
CA VAL G 366 6.78 47.48 20.28
C VAL G 366 7.53 46.47 19.42
N ILE G 367 7.73 45.27 19.98
CA ILE G 367 8.53 44.24 19.34
C ILE G 367 7.61 43.06 19.05
N ALA G 368 7.24 42.90 17.78
CA ALA G 368 6.24 41.92 17.39
C ALA G 368 6.80 40.52 17.44
N ASP G 369 5.97 39.56 17.79
CA ASP G 369 6.46 38.23 18.10
C ASP G 369 5.53 37.15 17.61
N GLY G 370 6.12 36.07 17.12
CA GLY G 370 5.41 34.83 16.89
C GLY G 370 4.61 34.84 15.61
N GLY G 371 4.47 33.65 15.03
CA GLY G 371 3.62 33.51 13.88
C GLY G 371 4.31 33.78 12.57
N ILE G 372 5.57 34.18 12.63
CA ILE G 372 6.26 34.59 11.42
C ILE G 372 6.71 33.35 10.66
N GLN G 373 6.28 33.22 9.41
CA GLN G 373 6.62 32.04 8.62
C GLN G 373 7.30 32.38 7.31
N ASN G 374 7.38 33.65 6.96
CA ASN G 374 7.88 34.05 5.65
C ASN G 374 8.35 35.49 5.74
N VAL G 375 8.53 36.11 4.59
CA VAL G 375 8.84 37.54 4.51
C VAL G 375 7.60 38.39 4.57
N GLY G 376 6.46 37.88 4.10
CA GLY G 376 5.27 38.70 4.06
C GLY G 376 4.71 39.01 5.42
N HIS G 377 4.91 38.12 6.38
CA HIS G 377 4.41 38.38 7.71
C HIS G 377 5.13 39.53 8.36
N ILE G 378 6.42 39.68 8.11
CA ILE G 378 7.11 40.73 8.84
C ILE G 378 6.94 42.06 8.15
N ALA G 379 6.70 42.06 6.85
CA ALA G 379 6.27 43.30 6.22
C ALA G 379 4.89 43.70 6.68
N LYS G 380 4.01 42.72 6.90
CA LYS G 380 2.69 43.06 7.42
C LYS G 380 2.76 43.50 8.87
N ALA G 381 3.69 42.97 9.64
CA ALA G 381 3.78 43.38 11.03
C ALA G 381 4.33 44.78 11.14
N LEU G 382 5.39 45.08 10.37
CA LEU G 382 5.94 46.41 10.35
C LEU G 382 4.94 47.41 9.81
N ALA G 383 4.13 47.01 8.86
CA ALA G 383 3.12 47.93 8.39
C ALA G 383 1.97 48.09 9.37
N LEU G 384 1.86 47.25 10.39
CA LEU G 384 0.81 47.48 11.35
C LEU G 384 1.24 48.30 12.53
N GLY G 385 2.49 48.76 12.56
CA GLY G 385 2.88 49.64 13.63
C GLY G 385 3.88 48.99 14.54
N ALA G 386 4.26 47.77 14.24
CA ALA G 386 5.36 47.19 14.97
C ALA G 386 6.64 47.87 14.57
N SER G 387 7.57 47.92 15.50
CA SER G 387 8.85 48.55 15.27
C SER G 387 9.88 47.57 14.77
N THR G 388 9.97 46.42 15.43
CA THR G 388 10.89 45.34 15.12
C THR G 388 10.18 44.02 15.36
N VAL G 389 10.58 42.97 14.63
CA VAL G 389 9.83 41.72 14.62
C VAL G 389 10.70 40.57 15.09
N MET G 390 10.22 39.83 16.06
CA MET G 390 11.05 38.89 16.79
C MET G 390 10.95 37.53 16.12
N MET G 391 12.08 36.99 15.68
CA MET G 391 12.10 35.75 14.92
C MET G 391 12.35 34.57 15.84
N GLY G 392 11.39 33.65 15.90
CA GLY G 392 11.65 32.43 16.63
C GLY G 392 11.81 31.16 15.82
N SER G 393 10.87 30.90 14.93
CA SER G 393 10.97 29.66 14.18
C SER G 393 11.58 29.90 12.82
N LEU G 394 11.53 31.13 12.34
CA LEU G 394 12.11 31.41 11.06
C LEU G 394 13.63 31.36 11.13
N LEU G 395 14.21 31.78 12.24
CA LEU G 395 15.65 31.69 12.35
C LEU G 395 16.11 30.55 13.22
N ALA G 396 15.24 29.62 13.56
CA ALA G 396 15.68 28.35 14.10
C ALA G 396 16.37 27.59 12.98
N ALA G 397 17.25 26.67 13.36
CA ALA G 397 17.95 25.77 12.47
C ALA G 397 18.76 26.51 11.41
N THR G 398 19.83 27.17 11.83
CA THR G 398 20.82 27.63 10.89
C THR G 398 22.13 26.91 11.23
N THR G 399 23.18 27.23 10.49
CA THR G 399 24.49 26.65 10.79
C THR G 399 25.02 27.16 12.12
N GLU G 400 24.70 28.39 12.46
CA GLU G 400 25.13 28.99 13.70
C GLU G 400 24.08 28.90 14.81
N ALA G 401 22.98 28.21 14.55
CA ALA G 401 22.05 27.86 15.61
C ALA G 401 22.71 26.89 16.57
N PRO G 402 22.33 26.88 17.83
CA PRO G 402 22.94 25.94 18.77
C PRO G 402 22.56 24.49 18.53
N GLY G 403 23.12 23.61 19.33
CA GLY G 403 22.76 22.21 19.20
C GLY G 403 23.51 21.53 18.07
N GLU G 404 22.98 20.38 17.68
CA GLU G 404 23.69 19.47 16.79
C GLU G 404 22.80 19.13 15.62
N TYR G 405 23.40 18.99 14.45
CA TYR G 405 22.70 18.51 13.28
C TYR G 405 22.48 17.01 13.37
N PHE G 406 21.41 16.56 12.73
CA PHE G 406 21.11 15.15 12.55
C PHE G 406 20.12 15.04 11.42
N PHE G 407 20.03 13.85 10.86
CA PHE G 407 19.11 13.62 9.76
C PHE G 407 17.93 12.81 10.28
N SER G 408 16.78 13.03 9.64
CA SER G 408 15.62 12.20 9.90
C SER G 408 14.92 12.04 8.56
N ASP G 409 14.91 10.80 8.07
CA ASP G 409 14.46 10.43 6.74
C ASP G 409 15.13 11.27 5.67
N GLY G 410 16.41 11.56 5.81
CA GLY G 410 17.14 12.22 4.76
C GLY G 410 16.90 13.70 4.65
N ILE G 411 16.36 14.31 5.69
CA ILE G 411 16.22 15.76 5.73
C ILE G 411 17.14 16.30 6.80
N ARG G 412 17.99 17.25 6.42
CA ARG G 412 18.87 17.87 7.39
C ARG G 412 18.09 18.85 8.25
N LEU G 413 18.15 18.66 9.56
CA LEU G 413 17.34 19.45 10.49
C LEU G 413 17.92 19.32 11.89
N LYS G 414 17.32 20.03 12.84
CA LYS G 414 17.82 20.04 14.21
C LYS G 414 16.70 20.39 15.16
N LYS G 415 16.86 20.05 16.45
CA LYS G 415 15.82 20.22 17.45
C LYS G 415 15.46 21.68 17.64
N TYR G 416 14.23 21.88 18.14
CA TYR G 416 13.70 23.21 18.39
C TYR G 416 12.50 23.07 19.32
N ARG G 417 12.58 23.75 20.45
CA ARG G 417 11.55 23.67 21.47
C ARG G 417 11.50 24.99 22.22
N GLY G 418 10.31 25.34 22.68
CA GLY G 418 10.10 26.54 23.42
C GLY G 418 10.24 26.30 24.91
N MET G 419 10.15 27.38 25.67
CA MET G 419 10.30 27.28 27.10
C MET G 419 9.20 26.50 27.76
N GLY G 420 8.00 26.51 27.20
CA GLY G 420 6.88 25.94 27.90
C GLY G 420 6.75 24.44 27.76
N SER G 421 7.73 23.76 27.20
CA SER G 421 7.64 22.32 27.13
C SER G 421 7.83 21.71 28.50
N LEU G 422 7.63 20.39 28.58
CA LEU G 422 8.04 19.70 29.78
C LEU G 422 9.55 19.46 29.82
N ASP G 423 10.28 19.93 28.82
CA ASP G 423 11.72 19.98 28.82
C ASP G 423 12.23 21.33 29.29
N ALA G 424 11.60 21.90 30.31
CA ALA G 424 12.09 23.13 30.92
C ALA G 424 13.48 22.92 31.54
N MET G 425 13.61 21.93 32.43
CA MET G 425 14.92 21.41 32.81
C MET G 425 14.93 19.90 32.69
N ILE G 442 4.88 19.08 39.45
CA ILE G 442 3.56 18.81 38.90
C ILE G 442 3.24 20.00 38.00
N LYS G 443 3.75 19.95 36.79
CA LYS G 443 3.78 21.13 35.96
C LYS G 443 2.80 20.99 34.81
N VAL G 444 2.50 22.11 34.19
CA VAL G 444 1.61 22.14 33.04
C VAL G 444 2.50 22.49 31.85
N ALA G 445 2.14 22.05 30.66
CA ALA G 445 3.01 22.22 29.52
C ALA G 445 2.35 23.15 28.55
N GLN G 446 3.15 24.05 28.00
CA GLN G 446 2.68 24.95 26.96
C GLN G 446 3.74 25.22 25.91
N GLY G 447 4.56 24.22 25.59
CA GLY G 447 5.48 24.29 24.47
C GLY G 447 5.61 22.90 23.89
N VAL G 448 6.09 22.83 22.66
CA VAL G 448 6.34 21.55 22.04
C VAL G 448 7.82 21.43 21.76
N SER G 449 8.23 20.23 21.36
CA SER G 449 9.61 19.94 21.04
C SER G 449 9.63 19.29 19.66
N GLY G 450 10.22 19.99 18.71
CA GLY G 450 10.22 19.49 17.35
C GLY G 450 11.45 19.89 16.60
N ALA G 451 11.37 19.86 15.28
CA ALA G 451 12.53 20.16 14.47
C ALA G 451 12.12 20.91 13.23
N VAL G 452 13.10 21.46 12.54
CA VAL G 452 12.84 22.30 11.39
C VAL G 452 14.03 22.23 10.43
N GLN G 453 13.73 22.11 9.13
CA GLN G 453 14.74 22.00 8.10
C GLN G 453 15.57 23.28 8.02
N ASP G 454 16.89 23.11 7.93
CA ASP G 454 17.77 24.26 8.10
C ASP G 454 17.81 25.12 6.84
N LYS G 455 18.39 26.30 7.00
CA LYS G 455 18.42 27.28 5.92
C LYS G 455 19.78 27.95 5.81
N GLY G 456 20.87 27.19 5.95
CA GLY G 456 22.19 27.76 5.75
C GLY G 456 22.64 28.61 6.93
N SER G 457 23.40 29.65 6.63
CA SER G 457 23.77 30.65 7.63
C SER G 457 22.90 31.88 7.51
N ILE G 458 22.80 32.63 8.60
CA ILE G 458 21.96 33.81 8.54
C ILE G 458 22.67 34.90 7.75
N HIS G 459 23.99 34.81 7.60
CA HIS G 459 24.71 35.76 6.78
C HIS G 459 24.32 35.66 5.31
N LYS G 460 23.76 34.53 4.90
CA LYS G 460 23.10 34.43 3.62
C LYS G 460 21.60 34.60 3.75
N PHE G 461 21.03 34.42 4.93
CA PHE G 461 19.59 34.34 5.07
C PHE G 461 18.93 35.68 5.39
N VAL G 462 19.38 36.37 6.42
CA VAL G 462 18.82 37.70 6.69
C VAL G 462 19.09 38.76 5.61
N PRO G 463 20.05 38.66 4.68
CA PRO G 463 19.97 39.57 3.54
C PRO G 463 18.74 39.33 2.69
N TYR G 464 18.30 38.09 2.57
CA TYR G 464 17.04 37.82 1.88
C TYR G 464 15.87 38.46 2.58
N LEU G 465 15.85 38.44 3.91
CA LEU G 465 14.75 39.05 4.63
C LEU G 465 14.78 40.56 4.49
N ILE G 466 15.97 41.17 4.53
CA ILE G 466 15.97 42.61 4.41
C ILE G 466 15.68 43.03 2.98
N ALA G 467 16.08 42.23 2.01
CA ALA G 467 15.73 42.51 0.63
C ALA G 467 14.24 42.40 0.40
N GLY G 468 13.61 41.44 1.05
CA GLY G 468 12.17 41.34 0.98
C GLY G 468 11.46 42.48 1.64
N ILE G 469 12.00 42.97 2.77
CA ILE G 469 11.39 44.13 3.40
C ILE G 469 11.47 45.34 2.54
N GLN G 470 12.64 45.65 1.98
CA GLN G 470 12.70 46.85 1.17
C GLN G 470 11.95 46.68 -0.14
N HIS G 471 11.82 45.45 -0.64
CA HIS G 471 10.98 45.28 -1.81
C HIS G 471 9.51 45.47 -1.48
N SER G 472 9.07 45.05 -0.31
CA SER G 472 7.68 45.27 0.07
C SER G 472 7.40 46.75 0.28
N CYS G 473 8.33 47.44 0.95
CA CYS G 473 8.11 48.85 1.19
C CYS G 473 8.22 49.68 -0.07
N GLN G 474 9.06 49.27 -1.00
CA GLN G 474 9.09 49.90 -2.30
C GLN G 474 7.83 49.58 -3.08
N ASP G 475 7.23 48.44 -2.79
CA ASP G 475 6.11 48.00 -3.58
C ASP G 475 4.79 48.50 -3.05
N ILE G 476 4.75 49.01 -1.83
CA ILE G 476 3.50 49.60 -1.36
C ILE G 476 3.50 51.10 -1.57
N GLY G 477 4.69 51.70 -1.59
CA GLY G 477 4.75 53.11 -1.89
C GLY G 477 5.36 53.97 -0.82
N ALA G 478 6.29 53.44 -0.05
CA ALA G 478 6.90 54.20 1.02
C ALA G 478 8.40 53.97 1.05
N LYS G 479 9.15 55.08 1.15
CA LYS G 479 10.61 55.06 1.18
C LYS G 479 11.17 54.41 2.43
N SER G 480 10.57 54.62 3.59
CA SER G 480 11.16 54.11 4.83
C SER G 480 10.09 53.75 5.84
N LEU G 481 10.50 52.91 6.80
CA LEU G 481 9.57 52.27 7.71
C LEU G 481 8.86 53.25 8.62
N THR G 482 9.57 54.32 9.00
CA THR G 482 8.94 55.35 9.81
C THR G 482 7.77 55.96 9.08
N GLN G 483 7.89 56.21 7.79
CA GLN G 483 6.73 56.79 7.19
C GLN G 483 5.86 55.77 6.48
N VAL G 484 6.21 54.48 6.43
CA VAL G 484 5.15 53.53 6.07
C VAL G 484 4.14 53.45 7.19
N ARG G 485 4.60 53.39 8.44
CA ARG G 485 3.56 53.31 9.43
C ARG G 485 2.98 54.67 9.73
N ALA G 486 3.68 55.75 9.35
CA ALA G 486 3.01 57.04 9.39
C ALA G 486 1.93 57.14 8.34
N MET G 487 2.14 56.54 7.17
CA MET G 487 1.06 56.46 6.19
C MET G 487 -0.10 55.60 6.68
N MET G 488 0.16 54.61 7.52
CA MET G 488 -0.97 53.80 7.95
C MET G 488 -1.70 54.43 9.11
N TYR G 489 -1.01 55.13 10.00
CA TYR G 489 -1.73 55.84 11.04
C TYR G 489 -2.46 57.05 10.48
N SER G 490 -1.88 57.70 9.48
CA SER G 490 -2.59 58.80 8.85
C SER G 490 -3.68 58.32 7.93
N GLY G 491 -3.60 57.08 7.47
CA GLY G 491 -4.66 56.47 6.70
C GLY G 491 -4.42 56.44 5.22
N GLU G 492 -3.17 56.56 4.78
CA GLU G 492 -2.96 56.62 3.34
C GLU G 492 -2.96 55.23 2.72
N LEU G 493 -2.05 54.36 3.11
CA LEU G 493 -2.04 53.03 2.51
C LEU G 493 -3.12 52.22 3.18
N LYS G 494 -3.87 51.49 2.38
CA LYS G 494 -5.10 50.92 2.85
C LYS G 494 -5.00 49.41 2.76
N PHE G 495 -5.55 48.73 3.74
CA PHE G 495 -5.48 47.29 3.73
C PHE G 495 -6.73 46.73 3.04
N GLU G 496 -6.83 45.42 2.94
CA GLU G 496 -8.08 44.81 2.54
C GLU G 496 -8.15 43.44 3.17
N LYS G 497 -9.33 43.07 3.61
CA LYS G 497 -9.63 41.76 4.15
C LYS G 497 -9.37 40.71 3.10
N ARG G 498 -9.13 39.49 3.55
CA ARG G 498 -8.98 38.36 2.65
C ARG G 498 -9.75 37.20 3.27
N THR G 499 -10.33 36.34 2.42
CA THR G 499 -11.16 35.27 2.94
C THR G 499 -10.48 33.93 2.78
N SER G 500 -11.21 32.85 3.04
CA SER G 500 -10.61 31.53 3.09
C SER G 500 -10.19 31.05 1.71
N SER G 501 -11.13 31.02 0.77
CA SER G 501 -10.78 30.61 -0.57
C SER G 501 -9.91 31.64 -1.26
N ALA G 502 -10.03 32.90 -0.89
CA ALA G 502 -9.08 33.87 -1.38
C ALA G 502 -7.69 33.64 -0.85
N GLN G 503 -7.55 33.04 0.32
CA GLN G 503 -6.22 32.73 0.81
C GLN G 503 -5.66 31.50 0.11
N VAL G 504 -6.48 30.48 -0.11
CA VAL G 504 -5.96 29.28 -0.76
C VAL G 504 -5.74 29.52 -2.24
N GLU G 505 -6.40 30.51 -2.81
CA GLU G 505 -6.07 31.00 -4.13
C GLU G 505 -4.89 31.94 -4.10
N GLY G 506 -4.56 32.50 -2.96
CA GLY G 506 -3.45 33.43 -2.91
C GLY G 506 -2.09 32.79 -3.04
N GLY G 507 -1.94 31.56 -2.56
CA GLY G 507 -0.66 30.90 -2.64
C GLY G 507 -0.45 30.27 -3.99
N VAL G 508 0.03 29.04 -4.03
CA VAL G 508 0.18 28.31 -5.27
C VAL G 508 -1.03 27.42 -5.42
N HIS G 509 -1.37 27.12 -6.67
CA HIS G 509 -2.55 26.30 -6.94
C HIS G 509 -2.50 25.83 -8.39
N SER G 510 -3.36 24.87 -8.69
CA SER G 510 -3.75 24.46 -10.04
C SER G 510 -2.57 24.01 -10.89
N LEU G 511 -1.53 23.48 -10.30
CA LEU G 511 -0.48 22.86 -11.05
C LEU G 511 -0.16 21.52 -10.43
N HIS G 512 0.60 20.70 -11.16
CA HIS G 512 0.84 19.34 -10.71
C HIS G 512 1.83 19.30 -9.56
N SER G 513 3.03 19.81 -9.75
CA SER G 513 4.07 19.68 -8.75
C SER G 513 5.10 20.74 -9.01
N TYR G 514 5.78 21.19 -7.95
CA TYR G 514 6.67 22.32 -8.10
C TYR G 514 7.77 22.25 -7.06
N GLU G 515 8.79 23.06 -7.28
CA GLU G 515 9.81 23.33 -6.30
C GLU G 515 9.75 24.81 -5.93
N LYS G 516 10.06 25.11 -4.68
CA LYS G 516 9.87 26.46 -4.17
C LYS G 516 11.19 26.94 -3.59
N ARG G 517 11.92 27.73 -4.36
CA ARG G 517 13.21 28.26 -3.93
C ARG G 517 13.04 29.75 -3.72
N LEU G 518 13.68 30.28 -2.68
CA LEU G 518 13.37 31.62 -2.21
C LEU G 518 14.52 32.60 -2.31
N PHE G 519 15.62 32.31 -1.63
CA PHE G 519 16.73 33.23 -1.51
C PHE G 519 17.53 33.29 -2.80
N SER H 16 -9.10 52.17 37.15
CA SER H 16 -8.82 53.55 36.77
C SER H 16 -9.14 53.82 35.31
N TYR H 17 -8.13 53.80 34.45
CA TYR H 17 -8.38 54.14 33.06
C TYR H 17 -8.97 52.96 32.33
N VAL H 18 -8.17 51.89 32.21
CA VAL H 18 -8.55 50.57 31.69
C VAL H 18 -9.18 50.68 30.31
N PRO H 19 -8.39 50.84 29.25
CA PRO H 19 -8.95 51.03 27.91
C PRO H 19 -9.80 49.84 27.46
N ASP H 20 -10.81 50.13 26.66
CA ASP H 20 -11.83 49.15 26.34
C ASP H 20 -11.44 48.27 25.15
N ASP H 21 -10.32 47.60 25.27
CA ASP H 21 -9.89 46.70 24.20
C ASP H 21 -10.70 45.42 24.26
N GLY H 22 -11.21 45.01 23.12
CA GLY H 22 -11.88 43.73 22.98
C GLY H 22 -13.39 43.89 23.01
N LEU H 23 -14.04 42.74 23.10
CA LEU H 23 -15.49 42.65 23.09
C LEU H 23 -15.94 42.01 24.38
N THR H 24 -17.04 42.49 24.96
CA THR H 24 -17.56 41.85 26.15
C THR H 24 -18.40 40.67 25.73
N ALA H 25 -19.00 39.97 26.69
CA ALA H 25 -19.61 38.69 26.39
C ALA H 25 -20.87 38.84 25.56
N GLN H 26 -21.84 39.64 26.03
CA GLN H 26 -23.04 39.83 25.23
C GLN H 26 -22.77 40.66 24.00
N GLN H 27 -21.65 41.38 23.95
CA GLN H 27 -21.21 41.98 22.72
C GLN H 27 -20.63 40.98 21.75
N LEU H 28 -20.44 39.73 22.17
CA LEU H 28 -19.92 38.73 21.27
C LEU H 28 -20.99 37.75 20.85
N PHE H 29 -21.81 37.27 21.77
CA PHE H 29 -22.74 36.23 21.37
C PHE H 29 -24.01 36.76 20.75
N ASN H 30 -24.27 38.05 20.82
CA ASN H 30 -25.41 38.59 20.09
C ASN H 30 -25.06 39.04 18.72
N CYS H 31 -23.91 38.62 18.20
CA CYS H 31 -23.58 38.89 16.81
C CYS H 31 -24.11 37.81 15.88
N GLY H 32 -24.85 36.85 16.41
CA GLY H 32 -25.53 35.88 15.59
C GLY H 32 -24.66 34.78 15.02
N ASP H 33 -23.34 34.90 15.10
CA ASP H 33 -22.48 33.85 14.61
C ASP H 33 -22.59 32.63 15.50
N GLY H 34 -22.61 31.47 14.90
CA GLY H 34 -22.74 30.29 15.70
C GLY H 34 -21.41 29.87 16.25
N LEU H 35 -20.93 30.51 17.30
CA LEU H 35 -19.61 30.19 17.78
C LEU H 35 -19.63 28.89 18.57
N THR H 36 -18.56 28.14 18.43
CA THR H 36 -18.34 26.96 19.25
C THR H 36 -17.12 27.26 20.08
N TYR H 37 -16.55 26.27 20.74
CA TYR H 37 -15.37 26.52 21.57
C TYR H 37 -14.20 27.02 20.77
N ASN H 38 -13.85 26.31 19.73
CA ASN H 38 -12.52 26.47 19.20
C ASN H 38 -12.43 27.62 18.22
N ASP H 39 -13.05 28.77 18.51
CA ASP H 39 -12.82 29.97 17.72
C ASP H 39 -12.98 31.29 18.45
N PHE H 40 -13.03 31.30 19.78
CA PHE H 40 -12.96 32.56 20.50
C PHE H 40 -11.98 32.36 21.64
N LEU H 41 -11.46 33.47 22.16
CA LEU H 41 -10.46 33.38 23.22
C LEU H 41 -10.85 34.33 24.33
N ILE H 42 -10.22 34.16 25.48
CA ILE H 42 -10.30 35.12 26.56
C ILE H 42 -8.95 35.82 26.64
N LEU H 43 -8.98 37.09 26.79
CA LEU H 43 -7.68 37.74 26.78
C LEU H 43 -7.32 38.20 28.18
N PRO H 44 -6.05 38.22 28.56
CA PRO H 44 -5.70 38.28 29.98
C PRO H 44 -5.98 39.64 30.58
N GLY H 45 -5.90 39.68 31.91
CA GLY H 45 -6.17 40.89 32.63
C GLY H 45 -5.00 41.34 33.45
N TYR H 46 -5.14 41.32 34.76
CA TYR H 46 -4.12 41.82 35.67
C TYR H 46 -3.82 40.78 36.73
N ILE H 47 -2.53 40.55 36.97
CA ILE H 47 -2.10 39.58 37.95
C ILE H 47 -1.77 40.35 39.22
N ASP H 48 -2.23 39.85 40.36
CA ASP H 48 -1.67 40.33 41.61
C ASP H 48 -1.56 39.22 42.64
N PHE H 49 -1.39 37.98 42.20
CA PHE H 49 -1.37 36.85 43.12
C PHE H 49 -0.74 35.66 42.42
N THR H 50 -0.34 34.68 43.20
CA THR H 50 0.40 33.54 42.69
C THR H 50 -0.55 32.51 42.10
N ALA H 51 0.03 31.46 41.53
CA ALA H 51 -0.74 30.57 40.66
C ALA H 51 -1.63 29.60 41.42
N ASP H 52 -1.12 29.01 42.48
CA ASP H 52 -1.86 27.94 43.13
C ASP H 52 -2.93 28.43 44.09
N GLN H 53 -2.94 29.72 44.41
CA GLN H 53 -3.74 30.24 45.50
C GLN H 53 -5.21 30.39 45.13
N VAL H 54 -5.56 30.14 43.89
CA VAL H 54 -6.88 30.41 43.34
C VAL H 54 -7.92 29.44 43.92
N ASP H 55 -9.04 30.00 44.37
CA ASP H 55 -10.06 29.27 45.11
C ASP H 55 -11.00 28.64 44.10
N LEU H 56 -10.83 27.34 43.90
CA LEU H 56 -11.41 26.66 42.75
C LEU H 56 -12.65 25.88 43.12
N THR H 57 -13.57 26.46 43.88
CA THR H 57 -14.78 25.78 44.28
C THR H 57 -15.95 26.21 43.40
N SER H 58 -16.70 25.25 42.90
CA SER H 58 -17.82 25.54 42.02
C SER H 58 -19.05 24.75 42.42
N ALA H 59 -20.20 25.38 42.29
CA ALA H 59 -21.46 24.77 42.66
C ALA H 59 -21.89 23.80 41.58
N LEU H 60 -22.67 22.79 41.96
CA LEU H 60 -23.21 21.83 41.02
C LEU H 60 -24.71 21.95 40.89
N THR H 61 -25.42 21.97 42.01
CA THR H 61 -26.87 22.18 42.00
C THR H 61 -27.18 23.40 42.83
N LYS H 62 -28.46 23.67 43.10
CA LYS H 62 -28.77 24.81 43.95
C LYS H 62 -28.52 24.55 45.41
N LYS H 63 -28.10 23.37 45.83
CA LYS H 63 -27.84 23.24 47.26
C LYS H 63 -26.53 22.53 47.58
N ILE H 64 -26.10 21.59 46.76
CA ILE H 64 -24.88 20.85 47.10
C ILE H 64 -23.72 21.44 46.32
N THR H 65 -22.62 21.69 47.02
CA THR H 65 -21.53 22.46 46.47
C THR H 65 -20.34 21.56 46.35
N LEU H 66 -19.48 21.88 45.42
CA LEU H 66 -18.38 21.02 45.06
C LEU H 66 -17.13 21.88 45.10
N LYS H 67 -15.96 21.27 45.20
CA LYS H 67 -14.77 22.10 45.17
C LYS H 67 -13.80 21.76 44.06
N THR H 68 -14.27 21.18 42.96
CA THR H 68 -13.58 21.18 41.68
C THR H 68 -14.65 21.34 40.62
N PRO H 69 -14.31 21.72 39.41
CA PRO H 69 -15.36 21.81 38.41
C PRO H 69 -15.48 20.62 37.50
N LEU H 70 -14.86 19.49 37.79
CA LEU H 70 -14.90 18.39 36.85
C LEU H 70 -15.96 17.40 37.31
N VAL H 71 -16.93 17.13 36.46
CA VAL H 71 -17.92 16.09 36.73
C VAL H 71 -17.93 15.21 35.48
N SER H 72 -18.49 14.01 35.59
CA SER H 72 -18.31 13.06 34.52
C SER H 72 -19.64 12.50 34.02
N SER H 73 -19.63 12.03 32.77
CA SER H 73 -20.87 11.84 32.03
C SER H 73 -21.37 10.43 32.18
N PRO H 74 -22.64 10.22 32.28
CA PRO H 74 -23.16 8.85 32.28
C PRO H 74 -23.18 8.22 30.89
N MET H 75 -22.20 7.37 30.61
CA MET H 75 -22.34 6.43 29.51
C MET H 75 -21.91 5.07 30.02
N ASP H 76 -22.32 4.03 29.31
CA ASP H 76 -21.99 2.69 29.78
C ASP H 76 -20.54 2.33 29.55
N THR H 77 -19.78 3.16 28.87
CA THR H 77 -18.39 2.88 28.62
C THR H 77 -17.45 3.81 29.36
N VAL H 78 -17.96 4.71 30.18
CA VAL H 78 -17.04 5.59 30.88
C VAL H 78 -17.18 5.48 32.38
N THR H 79 -18.39 5.56 32.93
CA THR H 79 -18.53 5.67 34.37
C THR H 79 -19.35 4.56 34.98
N GLU H 80 -18.74 3.88 35.94
CA GLU H 80 -19.40 3.02 36.91
C GLU H 80 -18.70 3.24 38.22
N ALA H 81 -18.72 2.20 39.04
CA ALA H 81 -18.12 2.17 40.36
C ALA H 81 -16.67 2.65 40.38
N GLY H 82 -15.92 2.41 39.31
CA GLY H 82 -14.56 2.92 39.25
C GLY H 82 -14.48 4.42 39.17
N MET H 83 -15.09 5.01 38.15
CA MET H 83 -15.14 6.45 38.04
C MET H 83 -15.88 7.13 39.17
N ALA H 84 -16.91 6.48 39.69
CA ALA H 84 -17.71 7.15 40.69
C ALA H 84 -17.00 7.23 42.03
N ILE H 85 -16.10 6.31 42.33
CA ILE H 85 -15.24 6.56 43.46
C ILE H 85 -14.11 7.49 43.04
N ALA H 86 -13.68 7.40 41.77
CA ALA H 86 -12.43 8.04 41.39
C ALA H 86 -12.53 9.54 41.38
N MET H 87 -13.44 10.10 40.57
CA MET H 87 -13.52 11.55 40.50
C MET H 87 -14.14 12.17 41.72
N ALA H 88 -14.94 11.41 42.46
CA ALA H 88 -15.37 11.91 43.75
C ALA H 88 -14.20 12.02 44.70
N LEU H 89 -13.30 11.05 44.63
CA LEU H 89 -12.15 11.02 45.52
C LEU H 89 -11.17 12.10 45.14
N THR H 90 -11.06 12.43 43.86
CA THR H 90 -10.17 13.50 43.46
C THR H 90 -10.89 14.82 43.32
N GLY H 91 -12.15 14.89 43.70
CA GLY H 91 -12.82 16.15 43.68
C GLY H 91 -14.24 16.15 43.20
N GLY H 92 -14.55 15.57 42.05
CA GLY H 92 -15.86 15.80 41.45
C GLY H 92 -16.99 14.88 41.86
N ILE H 93 -17.86 14.58 40.91
CA ILE H 93 -18.82 13.50 41.01
C ILE H 93 -18.71 12.72 39.71
N GLY H 94 -18.97 11.43 39.77
CA GLY H 94 -19.30 10.74 38.56
C GLY H 94 -20.73 10.29 38.68
N PHE H 95 -21.44 10.21 37.59
CA PHE H 95 -22.77 9.63 37.59
C PHE H 95 -22.66 8.18 37.15
N ILE H 96 -23.74 7.43 37.25
CA ILE H 96 -23.71 6.04 36.84
C ILE H 96 -24.82 5.82 35.83
N HIS H 97 -24.45 5.24 34.69
CA HIS H 97 -25.27 5.22 33.50
C HIS H 97 -26.52 4.38 33.69
N HIS H 98 -27.56 4.75 32.97
CA HIS H 98 -28.83 4.06 33.11
C HIS H 98 -28.99 2.97 32.08
N ASN H 99 -27.95 2.63 31.35
CA ASN H 99 -28.05 1.56 30.37
C ASN H 99 -27.76 0.20 30.97
N CYS H 100 -28.52 -0.22 31.96
CA CYS H 100 -28.31 -1.48 32.65
C CYS H 100 -29.59 -1.85 33.40
N THR H 101 -29.58 -3.01 34.02
CA THR H 101 -30.66 -3.38 34.90
C THR H 101 -30.61 -2.54 36.17
N PRO H 102 -31.75 -2.26 36.79
CA PRO H 102 -31.75 -1.33 37.92
C PRO H 102 -31.02 -1.85 39.15
N GLU H 103 -31.06 -3.16 39.40
CA GLU H 103 -30.37 -3.71 40.56
C GLU H 103 -28.86 -3.61 40.39
N PHE H 104 -28.40 -3.69 39.14
CA PHE H 104 -26.99 -3.47 38.83
C PHE H 104 -26.55 -2.08 39.22
N GLN H 105 -27.31 -1.07 38.83
CA GLN H 105 -26.98 0.31 39.15
C GLN H 105 -27.09 0.58 40.64
N ALA H 106 -28.06 -0.05 41.30
CA ALA H 106 -28.15 0.06 42.75
C ALA H 106 -26.92 -0.55 43.42
N ASN H 107 -26.43 -1.66 42.87
CA ASN H 107 -25.19 -2.25 43.36
C ASN H 107 -24.01 -1.33 43.14
N GLU H 108 -23.94 -0.62 42.01
CA GLU H 108 -22.79 0.26 41.84
C GLU H 108 -22.88 1.50 42.69
N VAL H 109 -24.08 1.98 42.98
CA VAL H 109 -24.12 3.16 43.83
C VAL H 109 -23.86 2.80 45.28
N ARG H 110 -24.30 1.61 45.74
CA ARG H 110 -23.91 1.22 47.08
C ARG H 110 -22.44 0.83 47.15
N LYS H 111 -21.86 0.36 46.05
CA LYS H 111 -20.44 0.07 46.03
C LYS H 111 -19.60 1.32 46.15
N VAL H 112 -20.16 2.48 45.83
CA VAL H 112 -19.43 3.72 45.83
C VAL H 112 -19.66 4.52 47.09
N LYS H 113 -20.92 4.66 47.51
CA LYS H 113 -21.24 5.65 48.52
C LYS H 113 -20.68 5.25 49.89
N LYS H 114 -20.39 3.98 50.11
CA LYS H 114 -19.73 3.71 51.38
C LYS H 114 -18.23 3.96 51.29
N TYR H 115 -17.48 2.98 50.77
CA TYR H 115 -16.05 3.00 50.42
C TYR H 115 -15.06 3.39 51.52
N GLU H 116 -15.48 4.21 52.50
CA GLU H 116 -14.84 4.59 53.77
C GLU H 116 -13.33 4.89 53.68
N GLN H 117 -12.81 5.23 52.49
CA GLN H 117 -11.42 5.61 52.23
C GLN H 117 -10.42 4.58 52.74
N GLY H 118 -10.43 3.39 52.17
CA GLY H 118 -9.41 2.42 52.53
C GLY H 118 -9.95 1.06 52.91
N PHE H 119 -11.08 1.05 53.62
CA PHE H 119 -11.77 -0.20 53.92
C PHE H 119 -12.26 -0.81 52.64
N ILE H 120 -11.80 -2.02 52.32
CA ILE H 120 -12.21 -2.60 51.05
C ILE H 120 -13.65 -3.10 51.15
N THR H 121 -14.54 -2.38 50.49
CA THR H 121 -15.97 -2.54 50.74
C THR H 121 -16.58 -3.52 49.75
N ASP H 122 -17.76 -4.01 50.10
CA ASP H 122 -18.50 -5.18 49.62
C ASP H 122 -17.56 -6.31 49.20
N PRO H 123 -16.83 -6.92 50.11
CA PRO H 123 -15.93 -8.00 49.73
C PRO H 123 -16.69 -9.29 49.47
N VAL H 124 -16.13 -10.11 48.59
CA VAL H 124 -16.65 -11.46 48.43
C VAL H 124 -16.28 -12.28 49.67
N VAL H 125 -17.16 -13.20 50.04
CA VAL H 125 -17.02 -14.03 51.24
C VAL H 125 -17.89 -15.26 51.04
N LEU H 126 -17.58 -16.34 51.75
CA LEU H 126 -18.27 -17.59 51.49
C LEU H 126 -18.52 -18.39 52.76
N SER H 127 -19.22 -19.51 52.58
CA SER H 127 -19.68 -20.38 53.66
C SER H 127 -18.74 -21.56 53.82
N PRO H 128 -18.55 -22.07 55.05
CA PRO H 128 -17.52 -23.08 55.27
C PRO H 128 -17.88 -24.47 54.77
N LYS H 129 -19.16 -24.70 54.49
CA LYS H 129 -19.58 -25.97 53.92
C LYS H 129 -19.32 -26.05 52.43
N ASP H 130 -19.09 -24.91 51.78
CA ASP H 130 -18.78 -24.84 50.36
C ASP H 130 -17.40 -25.45 50.09
N ARG H 131 -17.15 -25.82 48.84
CA ARG H 131 -15.94 -26.50 48.43
C ARG H 131 -14.84 -25.50 48.11
N VAL H 132 -13.75 -26.01 47.52
CA VAL H 132 -12.53 -25.22 47.41
C VAL H 132 -12.23 -24.85 45.96
N ARG H 133 -12.80 -25.58 44.98
CA ARG H 133 -12.48 -25.30 43.59
C ARG H 133 -13.01 -23.94 43.15
N ASP H 134 -14.11 -23.49 43.72
CA ASP H 134 -14.54 -22.14 43.40
C ASP H 134 -13.68 -21.08 44.08
N VAL H 135 -13.00 -21.39 45.19
CA VAL H 135 -12.07 -20.39 45.68
C VAL H 135 -10.81 -20.41 44.82
N PHE H 136 -10.49 -21.56 44.22
CA PHE H 136 -9.36 -21.61 43.29
C PHE H 136 -9.64 -20.82 42.04
N GLU H 137 -10.87 -20.88 41.53
CA GLU H 137 -11.20 -20.04 40.38
C GLU H 137 -11.56 -18.64 40.84
N ALA H 138 -11.76 -18.43 42.15
CA ALA H 138 -11.88 -17.07 42.66
C ALA H 138 -10.55 -16.37 42.69
N LYS H 139 -9.45 -17.13 42.76
CA LYS H 139 -8.16 -16.58 42.34
C LYS H 139 -8.20 -16.14 40.89
N ALA H 140 -8.84 -16.93 40.04
CA ALA H 140 -8.96 -16.55 38.63
C ALA H 140 -10.12 -15.60 38.39
N ARG H 141 -11.12 -15.55 39.27
CA ARG H 141 -12.23 -14.61 39.09
C ARG H 141 -11.78 -13.18 39.31
N HIS H 142 -11.28 -12.88 40.50
CA HIS H 142 -10.91 -11.52 40.82
C HIS H 142 -9.43 -11.28 40.56
N GLY H 143 -8.58 -12.04 41.24
CA GLY H 143 -7.15 -11.90 41.00
C GLY H 143 -6.33 -11.97 42.27
N PHE H 144 -7.00 -12.07 43.41
CA PHE H 144 -6.31 -12.16 44.68
C PHE H 144 -6.47 -13.55 45.26
N CYS H 145 -5.96 -13.72 46.48
CA CYS H 145 -5.83 -15.06 47.03
C CYS H 145 -6.39 -15.21 48.45
N GLY H 146 -6.54 -14.15 49.22
CA GLY H 146 -6.93 -14.29 50.61
C GLY H 146 -8.35 -13.85 50.89
N ILE H 147 -9.13 -14.69 51.57
CA ILE H 147 -10.55 -14.44 51.67
C ILE H 147 -11.04 -14.72 53.09
N PRO H 148 -12.00 -13.97 53.60
CA PRO H 148 -12.66 -14.36 54.85
C PRO H 148 -13.73 -15.40 54.59
N ILE H 149 -14.26 -15.96 55.67
CA ILE H 149 -15.37 -16.91 55.62
C ILE H 149 -16.40 -16.52 56.66
N THR H 150 -17.66 -16.81 56.36
CA THR H 150 -18.78 -16.52 57.25
C THR H 150 -19.84 -17.61 57.14
N ASP H 151 -20.92 -17.44 57.90
CA ASP H 151 -21.96 -18.47 57.99
C ASP H 151 -22.72 -18.66 56.68
N THR H 152 -23.37 -17.61 56.20
CA THR H 152 -24.28 -17.73 55.08
C THR H 152 -23.72 -17.20 53.78
N GLY H 153 -22.43 -16.86 53.75
CA GLY H 153 -21.82 -16.49 52.50
C GLY H 153 -22.03 -15.06 52.06
N ARG H 154 -22.65 -14.22 52.88
CA ARG H 154 -22.66 -12.79 52.60
C ARG H 154 -22.28 -12.01 53.85
N MET H 155 -22.27 -10.69 53.70
CA MET H 155 -21.72 -9.81 54.73
C MET H 155 -22.57 -9.82 55.99
N GLY H 156 -23.89 -9.77 55.85
CA GLY H 156 -24.77 -9.76 56.99
C GLY H 156 -24.89 -11.12 57.65
N SER H 157 -23.79 -11.60 58.21
CA SER H 157 -23.77 -12.89 58.88
C SER H 157 -22.67 -12.85 59.92
N ARG H 158 -22.67 -13.83 60.81
CA ARG H 158 -21.66 -13.92 61.84
C ARG H 158 -20.41 -14.58 61.28
N LEU H 159 -19.26 -14.02 61.62
CA LEU H 159 -18.02 -14.61 61.14
C LEU H 159 -17.69 -15.88 61.92
N VAL H 160 -16.91 -16.73 61.30
CA VAL H 160 -16.33 -17.88 61.98
C VAL H 160 -14.82 -17.73 62.00
N GLY H 161 -14.25 -17.18 60.93
CA GLY H 161 -12.81 -17.04 60.84
C GLY H 161 -12.42 -16.54 59.48
N ILE H 162 -11.18 -16.86 59.08
CA ILE H 162 -10.68 -16.54 57.74
C ILE H 162 -9.93 -17.74 57.20
N ILE H 163 -9.74 -17.78 55.90
CA ILE H 163 -8.76 -18.64 55.27
C ILE H 163 -7.79 -17.71 54.55
N SER H 164 -6.71 -18.25 54.01
CA SER H 164 -5.75 -17.38 53.34
C SER H 164 -5.19 -18.09 52.12
N SER H 165 -4.22 -17.44 51.49
CA SER H 165 -3.43 -18.09 50.45
C SER H 165 -2.55 -19.18 51.02
N ARG H 166 -2.14 -19.01 52.27
CA ARG H 166 -1.10 -19.85 52.86
C ARG H 166 -1.69 -21.10 53.48
N ASP H 167 -2.96 -21.37 53.23
CA ASP H 167 -3.63 -22.51 53.81
C ASP H 167 -4.24 -23.43 52.78
N ILE H 168 -4.21 -23.08 51.50
CA ILE H 168 -4.94 -23.80 50.47
C ILE H 168 -3.95 -24.48 49.56
N ASP H 169 -2.74 -24.69 50.08
CA ASP H 169 -1.63 -24.84 49.17
C ASP H 169 -1.36 -26.28 48.75
N PHE H 170 -1.25 -27.22 49.67
CA PHE H 170 -0.58 -28.46 49.34
C PHE H 170 -1.44 -29.70 49.42
N LEU H 171 -2.69 -29.59 49.84
CA LEU H 171 -3.47 -30.76 50.19
C LEU H 171 -3.91 -31.51 48.93
N LYS H 172 -3.89 -32.84 48.98
CA LYS H 172 -4.07 -33.70 47.81
C LYS H 172 -5.50 -34.20 47.66
N GLU H 173 -6.45 -33.54 48.29
CA GLU H 173 -7.87 -33.85 48.31
C GLU H 173 -8.62 -32.53 48.20
N GLU H 174 -8.00 -31.59 47.49
CA GLU H 174 -8.25 -30.17 47.68
C GLU H 174 -9.58 -29.71 47.11
N GLU H 175 -9.87 -29.99 45.84
CA GLU H 175 -11.16 -29.61 45.30
C GLU H 175 -12.25 -30.60 45.67
N HIS H 176 -11.90 -31.70 46.33
CA HIS H 176 -12.72 -32.91 46.35
C HIS H 176 -13.65 -32.91 47.56
N ASP H 177 -14.39 -31.80 47.70
CA ASP H 177 -15.38 -31.55 48.74
C ASP H 177 -14.80 -31.79 50.13
N CYS H 178 -13.76 -31.05 50.48
CA CYS H 178 -13.32 -31.05 51.86
C CYS H 178 -13.99 -29.89 52.58
N PHE H 179 -14.12 -30.04 53.89
CA PHE H 179 -14.90 -29.12 54.71
C PHE H 179 -13.95 -28.15 55.38
N LEU H 180 -14.26 -26.87 55.25
CA LEU H 180 -13.29 -25.83 55.58
C LEU H 180 -13.12 -25.64 57.09
N GLU H 181 -13.96 -26.26 57.91
CA GLU H 181 -13.88 -26.05 59.36
C GLU H 181 -12.63 -26.66 59.97
N GLU H 182 -11.96 -27.55 59.27
CA GLU H 182 -10.72 -28.17 59.71
C GLU H 182 -9.55 -27.40 59.12
N ILE H 183 -9.86 -26.34 58.37
CA ILE H 183 -8.85 -25.67 57.55
C ILE H 183 -8.60 -24.27 58.09
N MET H 184 -9.66 -23.62 58.57
CA MET H 184 -9.60 -22.24 59.05
C MET H 184 -9.09 -22.18 60.49
N THR H 185 -9.21 -21.01 61.11
CA THR H 185 -8.88 -20.83 62.53
C THR H 185 -10.06 -20.15 63.24
N LYS H 186 -10.40 -20.65 64.42
CA LYS H 186 -11.70 -20.32 65.00
C LYS H 186 -11.72 -18.97 65.71
N ARG H 187 -11.06 -18.88 66.86
CA ARG H 187 -10.96 -17.64 67.63
C ARG H 187 -9.60 -17.45 68.28
N GLU H 188 -8.67 -18.37 68.09
CA GLU H 188 -7.55 -18.51 69.01
C GLU H 188 -6.53 -17.39 68.83
N ASP H 189 -6.19 -17.08 67.58
CA ASP H 189 -5.32 -15.96 67.27
C ASP H 189 -5.96 -15.01 66.26
N LEU H 190 -7.22 -14.67 66.45
CA LEU H 190 -7.94 -13.84 65.49
C LEU H 190 -8.07 -12.43 66.06
N VAL H 191 -7.57 -11.45 65.32
CA VAL H 191 -7.60 -10.06 65.75
C VAL H 191 -8.72 -9.35 65.01
N VAL H 192 -9.52 -8.60 65.77
CA VAL H 192 -10.70 -7.90 65.26
C VAL H 192 -10.80 -6.57 65.98
N ALA H 193 -10.95 -5.48 65.22
CA ALA H 193 -11.09 -4.15 65.79
C ALA H 193 -12.49 -3.95 66.38
N PRO H 194 -12.63 -3.04 67.35
CA PRO H 194 -13.97 -2.61 67.75
C PRO H 194 -14.58 -1.69 66.70
N ALA H 195 -15.91 -1.65 66.69
CA ALA H 195 -16.67 -1.17 65.55
C ALA H 195 -16.49 0.33 65.33
N GLY H 196 -16.72 0.73 64.09
CA GLY H 196 -16.70 2.13 63.68
C GLY H 196 -15.35 2.79 63.85
N ILE H 197 -14.28 2.02 63.69
CA ILE H 197 -12.96 2.52 64.00
C ILE H 197 -12.39 3.16 62.75
N THR H 198 -11.51 4.13 62.94
CA THR H 198 -10.87 4.80 61.83
C THR H 198 -9.59 4.06 61.49
N LEU H 199 -8.77 4.64 60.61
CA LEU H 199 -7.66 3.92 60.02
C LEU H 199 -6.47 3.78 60.96
N LYS H 200 -6.12 4.83 61.70
CA LYS H 200 -4.89 4.82 62.48
C LYS H 200 -4.98 3.89 63.69
N GLU H 201 -6.17 3.70 64.25
CA GLU H 201 -6.29 2.78 65.38
C GLU H 201 -6.28 1.33 64.92
N ALA H 202 -6.87 1.06 63.76
CA ALA H 202 -6.68 -0.23 63.10
C ALA H 202 -5.22 -0.46 62.76
N ASN H 203 -4.50 0.60 62.41
CA ASN H 203 -3.08 0.50 62.16
C ASN H 203 -2.29 0.18 63.42
N GLU H 204 -2.64 0.77 64.57
CA GLU H 204 -1.84 0.47 65.76
C GLU H 204 -2.15 -0.92 66.30
N ILE H 205 -3.40 -1.38 66.20
CA ILE H 205 -3.63 -2.77 66.60
C ILE H 205 -3.08 -3.71 65.54
N LEU H 206 -2.89 -3.24 64.31
CA LEU H 206 -2.17 -4.01 63.30
C LEU H 206 -0.70 -4.14 63.67
N GLN H 207 -0.09 -3.04 64.10
CA GLN H 207 1.29 -3.06 64.56
C GLN H 207 1.48 -3.93 65.78
N ARG H 208 0.48 -3.99 66.66
CA ARG H 208 0.52 -5.00 67.71
C ARG H 208 0.27 -6.39 67.14
N SER H 209 -0.39 -6.48 65.99
CA SER H 209 -0.77 -7.77 65.44
C SER H 209 0.25 -8.32 64.44
N LYS H 210 0.60 -7.53 63.43
CA LYS H 210 1.57 -7.89 62.38
C LYS H 210 1.13 -9.16 61.64
N LYS H 211 -0.05 -9.10 61.04
CA LYS H 211 -0.65 -10.23 60.38
C LYS H 211 -1.40 -9.72 59.14
N GLY H 212 -1.91 -10.62 58.30
CA GLY H 212 -2.33 -10.28 56.95
C GLY H 212 -3.56 -9.42 56.76
N LYS H 213 -4.72 -9.79 57.29
CA LYS H 213 -5.91 -8.98 57.10
C LYS H 213 -6.66 -8.90 58.41
N LEU H 214 -7.29 -7.75 58.64
CA LEU H 214 -7.86 -7.42 59.94
C LEU H 214 -9.35 -7.17 59.76
N PRO H 215 -10.18 -8.14 60.12
CA PRO H 215 -11.62 -7.95 60.01
C PRO H 215 -12.12 -6.99 61.06
N ILE H 216 -13.27 -6.40 60.76
CA ILE H 216 -13.92 -5.43 61.63
C ILE H 216 -15.40 -5.74 61.69
N VAL H 217 -15.94 -5.84 62.90
CA VAL H 217 -17.27 -6.39 63.11
C VAL H 217 -18.18 -5.37 63.75
N ASN H 218 -19.48 -5.68 63.71
CA ASN H 218 -20.42 -5.09 64.64
C ASN H 218 -20.20 -5.71 66.01
N GLU H 219 -20.51 -4.95 67.06
CA GLU H 219 -20.17 -5.30 68.44
C GLU H 219 -20.82 -6.57 68.96
N ASP H 220 -21.76 -7.14 68.20
CA ASP H 220 -22.28 -8.49 68.45
C ASP H 220 -21.70 -9.49 67.46
N ASP H 221 -20.45 -9.26 67.06
CA ASP H 221 -19.63 -10.13 66.20
C ASP H 221 -20.23 -10.32 64.81
N GLU H 222 -20.95 -9.31 64.31
CA GLU H 222 -21.44 -9.32 62.94
C GLU H 222 -20.41 -8.62 62.06
N LEU H 223 -19.79 -9.38 61.16
CA LEU H 223 -18.75 -8.84 60.31
C LEU H 223 -19.34 -7.85 59.31
N VAL H 224 -18.71 -6.69 59.22
CA VAL H 224 -19.25 -5.63 58.36
C VAL H 224 -18.27 -5.25 57.27
N ALA H 225 -16.97 -5.34 57.55
CA ALA H 225 -15.98 -4.91 56.57
C ALA H 225 -14.68 -5.66 56.84
N ILE H 226 -13.61 -5.21 56.18
CA ILE H 226 -12.32 -5.87 56.19
C ILE H 226 -11.32 -4.86 55.68
N ILE H 227 -10.15 -4.85 56.26
CA ILE H 227 -9.05 -4.08 55.73
C ILE H 227 -8.09 -5.08 55.09
N ALA H 228 -7.36 -4.61 54.09
CA ALA H 228 -6.29 -5.39 53.48
C ALA H 228 -5.02 -4.61 53.68
N ARG H 229 -3.97 -5.29 54.11
CA ARG H 229 -2.77 -4.57 54.47
C ARG H 229 -1.95 -4.18 53.25
N THR H 230 -2.35 -4.64 52.07
CA THR H 230 -1.66 -4.38 50.82
C THR H 230 -1.63 -2.89 50.50
N ASP H 231 -2.80 -2.31 50.31
CA ASP H 231 -2.82 -0.96 49.78
C ASP H 231 -2.70 0.10 50.87
N LEU H 232 -2.77 -0.28 52.14
CA LEU H 232 -2.77 0.73 53.19
C LEU H 232 -1.42 1.43 53.34
N LYS H 233 -0.35 0.85 52.83
CA LYS H 233 0.90 1.59 52.73
C LYS H 233 0.79 2.73 51.73
N LYS H 234 -0.04 2.55 50.70
CA LYS H 234 -0.25 3.57 49.69
C LYS H 234 -1.67 4.14 49.76
N ASN H 235 -2.22 4.22 50.96
CA ASN H 235 -3.46 4.99 51.17
C ASN H 235 -3.10 6.47 51.31
N ARG H 236 -3.04 7.13 50.17
CA ARG H 236 -2.77 8.55 50.14
C ARG H 236 -3.93 9.33 50.74
N ASP H 237 -3.61 10.51 51.25
CA ASP H 237 -4.64 11.40 51.77
C ASP H 237 -5.12 12.26 50.62
N TYR H 238 -6.42 12.44 50.54
CA TYR H 238 -7.00 13.21 49.46
C TYR H 238 -7.72 14.41 50.04
N PRO H 239 -7.11 15.58 50.05
CA PRO H 239 -7.74 16.75 50.67
C PRO H 239 -9.00 17.21 49.94
N LEU H 240 -8.90 17.46 48.65
CA LEU H 240 -10.03 17.95 47.88
C LEU H 240 -10.92 16.75 47.59
N ALA H 241 -11.91 16.50 48.43
CA ALA H 241 -12.37 15.13 48.60
C ALA H 241 -13.85 14.90 48.34
N SER H 242 -14.66 15.95 48.22
CA SER H 242 -16.10 15.89 47.94
C SER H 242 -16.89 14.98 48.88
N LYS H 243 -16.97 15.32 50.14
CA LYS H 243 -17.67 14.50 51.10
C LYS H 243 -18.87 15.25 51.66
N ASP H 244 -19.98 14.54 51.84
CA ASP H 244 -21.23 15.18 52.21
C ASP H 244 -21.37 15.35 53.72
N ALA H 245 -22.60 15.58 54.18
CA ALA H 245 -22.87 15.77 55.60
C ALA H 245 -22.56 14.54 56.45
N LYS H 246 -22.65 13.34 55.87
CA LYS H 246 -22.24 12.13 56.58
C LYS H 246 -20.84 11.68 56.19
N LYS H 247 -20.04 12.62 55.67
CA LYS H 247 -18.63 12.44 55.29
C LYS H 247 -18.45 11.29 54.31
N GLN H 248 -19.41 11.11 53.41
CA GLN H 248 -19.34 10.09 52.38
C GLN H 248 -19.25 10.75 51.03
N LEU H 249 -18.78 9.98 50.06
CA LEU H 249 -18.51 10.50 48.72
C LEU H 249 -19.78 10.93 48.04
N LEU H 250 -19.76 12.14 47.50
CA LEU H 250 -20.87 12.60 46.67
C LEU H 250 -20.90 11.78 45.40
N CYS H 251 -22.04 11.16 45.12
CA CYS H 251 -22.08 10.27 43.97
C CYS H 251 -23.48 10.09 43.46
N GLY H 252 -23.76 10.65 42.29
CA GLY H 252 -25.09 10.57 41.73
C GLY H 252 -25.22 9.49 40.68
N ALA H 253 -26.40 9.39 40.09
CA ALA H 253 -26.63 8.35 39.11
C ALA H 253 -27.62 8.86 38.08
N ALA H 254 -27.76 8.12 37.00
CA ALA H 254 -28.60 8.53 35.89
C ALA H 254 -29.79 7.61 35.80
N ILE H 255 -30.95 8.18 35.52
CA ILE H 255 -32.12 7.41 35.15
C ILE H 255 -32.75 8.05 33.93
N GLY H 256 -33.42 7.23 33.14
CA GLY H 256 -34.00 7.72 31.91
C GLY H 256 -35.31 8.43 32.15
N THR H 257 -36.17 8.43 31.14
CA THR H 257 -37.43 9.14 31.26
C THR H 257 -38.59 8.34 30.71
N HIS H 258 -38.33 7.15 30.20
CA HIS H 258 -39.43 6.21 29.98
C HIS H 258 -40.03 5.84 31.33
N GLU H 259 -41.33 5.56 31.33
CA GLU H 259 -42.14 5.58 32.56
C GLU H 259 -41.71 4.53 33.57
N ASP H 260 -41.10 3.44 33.12
CA ASP H 260 -40.73 2.38 34.04
C ASP H 260 -39.43 2.65 34.80
N ASP H 261 -38.92 3.87 34.74
CA ASP H 261 -37.71 4.24 35.46
C ASP H 261 -37.98 4.73 36.86
N LYS H 262 -39.24 4.83 37.26
CA LYS H 262 -39.53 5.07 38.67
C LYS H 262 -39.09 3.88 39.53
N TYR H 263 -39.18 2.68 38.98
CA TYR H 263 -38.56 1.53 39.60
C TYR H 263 -37.04 1.59 39.52
N ARG H 264 -36.45 2.38 38.63
CA ARG H 264 -35.01 2.61 38.73
C ARG H 264 -34.67 3.65 39.78
N LEU H 265 -35.57 4.57 40.04
CA LEU H 265 -35.26 5.67 40.94
C LEU H 265 -35.48 5.31 42.39
N ASP H 266 -36.53 4.55 42.70
CA ASP H 266 -36.81 4.23 44.09
C ASP H 266 -35.75 3.30 44.67
N LEU H 267 -35.12 2.48 43.82
CA LEU H 267 -33.98 1.68 44.25
C LEU H 267 -32.80 2.56 44.63
N LEU H 268 -32.61 3.67 43.92
CA LEU H 268 -31.59 4.63 44.30
C LEU H 268 -31.94 5.36 45.56
N ALA H 269 -33.23 5.63 45.78
CA ALA H 269 -33.67 6.24 47.02
C ALA H 269 -33.46 5.32 48.21
N GLN H 270 -33.68 4.03 48.01
CA GLN H 270 -33.33 3.05 49.03
C GLN H 270 -31.83 2.89 49.18
N ALA H 271 -31.07 3.18 48.12
CA ALA H 271 -29.63 3.22 48.22
C ALA H 271 -29.12 4.61 48.58
N GLY H 272 -30.00 5.60 48.61
CA GLY H 272 -29.64 6.91 49.13
C GLY H 272 -28.80 7.78 48.22
N VAL H 273 -29.18 7.89 46.95
CA VAL H 273 -28.41 8.72 46.02
C VAL H 273 -28.66 10.20 46.35
N ASP H 274 -27.73 11.04 45.91
CA ASP H 274 -27.72 12.45 46.25
C ASP H 274 -28.20 13.36 45.13
N VAL H 275 -27.77 13.13 43.89
CA VAL H 275 -28.25 13.89 42.74
C VAL H 275 -28.59 12.90 41.64
N VAL H 276 -29.39 13.34 40.69
CA VAL H 276 -29.79 12.46 39.60
C VAL H 276 -30.04 13.26 38.33
N VAL H 277 -29.56 12.72 37.21
CA VAL H 277 -29.64 13.39 35.91
C VAL H 277 -30.68 12.70 35.04
N LEU H 278 -31.31 13.49 34.17
CA LEU H 278 -32.28 12.97 33.23
C LEU H 278 -31.64 12.94 31.85
N ASP H 279 -30.84 11.91 31.64
CA ASP H 279 -29.96 11.85 30.47
C ASP H 279 -30.78 11.51 29.25
N SER H 280 -31.46 12.51 28.69
CA SER H 280 -32.20 12.30 27.46
C SER H 280 -31.76 13.33 26.45
N SER H 281 -32.18 13.11 25.20
CA SER H 281 -31.67 13.90 24.09
C SER H 281 -32.16 15.32 24.11
N GLN H 282 -33.40 15.53 24.51
CA GLN H 282 -34.00 16.84 24.38
C GLN H 282 -34.80 17.06 25.65
N GLY H 283 -34.42 18.04 26.43
CA GLY H 283 -34.96 18.12 27.76
C GLY H 283 -36.19 18.97 27.91
N ASN H 284 -37.16 18.80 27.03
CA ASN H 284 -38.32 19.65 27.17
C ASN H 284 -39.59 18.82 27.02
N SER H 285 -39.48 17.52 27.21
CA SER H 285 -40.60 16.63 26.99
C SER H 285 -41.60 16.73 28.13
N ILE H 286 -42.82 16.33 27.84
CA ILE H 286 -43.78 16.09 28.89
C ILE H 286 -43.35 14.94 29.78
N PHE H 287 -42.59 13.99 29.24
CA PHE H 287 -42.10 12.90 30.06
C PHE H 287 -41.14 13.41 31.13
N GLN H 288 -40.23 14.29 30.73
CA GLN H 288 -39.24 14.77 31.68
C GLN H 288 -39.85 15.73 32.67
N ILE H 289 -40.71 16.64 32.22
CA ILE H 289 -41.28 17.58 33.17
C ILE H 289 -42.29 16.88 34.09
N ASN H 290 -42.96 15.82 33.60
CA ASN H 290 -43.81 15.05 34.48
C ASN H 290 -43.02 14.30 35.52
N MET H 291 -41.83 13.79 35.18
CA MET H 291 -41.13 13.14 36.28
C MET H 291 -40.32 14.11 37.15
N ILE H 292 -40.06 15.34 36.69
CA ILE H 292 -39.62 16.34 37.66
C ILE H 292 -40.71 16.63 38.67
N LYS H 293 -41.95 16.77 38.21
CA LYS H 293 -43.02 16.94 39.18
C LYS H 293 -43.27 15.69 40.01
N TYR H 294 -42.97 14.52 39.48
CA TYR H 294 -43.06 13.30 40.26
C TYR H 294 -41.98 13.21 41.33
N ILE H 295 -40.80 13.74 41.06
CA ILE H 295 -39.73 13.70 42.04
C ILE H 295 -39.89 14.77 43.10
N LYS H 296 -40.13 16.01 42.69
CA LYS H 296 -40.01 17.17 43.54
C LYS H 296 -41.01 17.20 44.70
N ASP H 297 -42.11 16.48 44.60
CA ASP H 297 -42.98 16.32 45.76
C ASP H 297 -42.65 15.11 46.60
N LYS H 298 -42.05 14.07 46.04
CA LYS H 298 -41.78 12.86 46.81
C LYS H 298 -40.50 12.92 47.61
N TYR H 299 -39.41 13.38 47.01
CA TYR H 299 -38.10 13.31 47.64
C TYR H 299 -37.53 14.72 47.70
N PRO H 300 -37.90 15.50 48.68
CA PRO H 300 -37.47 16.90 48.71
C PRO H 300 -36.00 17.07 49.06
N ASN H 301 -35.42 16.05 49.70
CA ASN H 301 -34.00 16.13 49.99
C ASN H 301 -33.16 15.67 48.81
N LEU H 302 -33.73 14.88 47.91
CA LEU H 302 -33.06 14.49 46.68
C LEU H 302 -33.22 15.60 45.66
N GLN H 303 -32.17 15.83 44.88
CA GLN H 303 -32.19 16.93 43.92
C GLN H 303 -31.85 16.44 42.53
N VAL H 304 -32.36 17.17 41.54
CA VAL H 304 -32.34 16.75 40.14
C VAL H 304 -31.54 17.75 39.33
N ILE H 305 -30.94 17.24 38.27
CA ILE H 305 -30.16 18.01 37.31
C ILE H 305 -30.64 17.60 35.94
N GLY H 306 -31.26 18.53 35.23
CA GLY H 306 -32.04 18.22 34.07
C GLY H 306 -31.35 18.61 32.77
N GLY H 307 -31.87 18.09 31.68
CA GLY H 307 -31.24 18.29 30.38
C GLY H 307 -31.83 17.33 29.37
N ASN H 308 -31.36 17.43 28.13
CA ASN H 308 -30.39 18.43 27.69
C ASN H 308 -31.15 19.64 27.23
N VAL H 309 -30.77 20.75 27.77
CA VAL H 309 -31.39 22.02 27.45
C VAL H 309 -30.38 22.81 26.65
N VAL H 310 -30.81 23.36 25.53
CA VAL H 310 -29.87 24.00 24.63
C VAL H 310 -30.24 25.42 24.28
N THR H 311 -31.48 25.79 24.27
CA THR H 311 -31.82 27.19 24.20
C THR H 311 -32.42 27.65 25.51
N ALA H 312 -32.65 28.94 25.57
CA ALA H 312 -33.25 29.52 26.75
C ALA H 312 -34.71 29.18 26.88
N ALA H 313 -35.34 28.69 25.82
CA ALA H 313 -36.75 28.34 25.90
C ALA H 313 -36.95 27.15 26.83
N GLN H 314 -36.24 26.05 26.58
CA GLN H 314 -36.43 24.94 27.49
C GLN H 314 -35.70 25.17 28.80
N ALA H 315 -34.80 26.14 28.86
CA ALA H 315 -34.32 26.58 30.16
C ALA H 315 -35.44 27.16 30.99
N LYS H 316 -36.27 28.03 30.40
CA LYS H 316 -37.40 28.57 31.14
C LYS H 316 -38.37 27.47 31.49
N ASN H 317 -38.57 26.54 30.56
CA ASN H 317 -39.60 25.54 30.82
C ASN H 317 -39.10 24.45 31.74
N LEU H 318 -37.82 24.42 32.07
CA LEU H 318 -37.41 23.51 33.14
C LEU H 318 -37.24 24.19 34.49
N ILE H 319 -36.76 25.43 34.52
CA ILE H 319 -36.53 26.06 35.82
C ILE H 319 -37.83 26.32 36.56
N ASP H 320 -38.87 26.78 35.86
CA ASP H 320 -40.12 26.99 36.57
C ASP H 320 -40.80 25.68 36.92
N ALA H 321 -40.48 24.63 36.18
CA ALA H 321 -40.92 23.29 36.52
C ALA H 321 -40.33 22.82 37.84
N GLY H 322 -39.17 23.33 38.22
CA GLY H 322 -38.66 22.97 39.51
C GLY H 322 -37.46 22.08 39.41
N VAL H 323 -36.76 22.15 38.30
CA VAL H 323 -35.46 21.49 38.19
C VAL H 323 -34.49 22.21 39.10
N ASP H 324 -33.39 21.56 39.45
CA ASP H 324 -32.46 22.21 40.35
C ASP H 324 -31.15 22.60 39.67
N ALA H 325 -30.82 22.02 38.52
CA ALA H 325 -29.66 22.41 37.74
C ALA H 325 -29.85 21.93 36.31
N LEU H 326 -29.13 22.55 35.37
CA LEU H 326 -29.28 22.24 33.96
C LEU H 326 -28.01 21.63 33.37
N ARG H 327 -28.20 20.82 32.33
CA ARG H 327 -27.12 20.05 31.75
C ARG H 327 -27.15 20.28 30.23
N VAL H 328 -26.27 21.14 29.74
CA VAL H 328 -26.48 21.84 28.49
C VAL H 328 -25.58 21.28 27.39
N GLY H 329 -26.15 21.13 26.20
CA GLY H 329 -25.37 20.96 25.00
C GLY H 329 -25.70 19.67 24.32
N MET H 330 -26.54 19.71 23.30
CA MET H 330 -26.79 18.53 22.52
C MET H 330 -26.07 18.73 21.21
N GLY H 331 -25.68 17.66 20.58
CA GLY H 331 -25.06 17.76 19.30
C GLY H 331 -23.65 18.23 19.32
N SER H 332 -22.99 18.21 20.45
CA SER H 332 -21.60 18.61 20.45
C SER H 332 -20.70 17.55 21.05
N GLY H 333 -21.12 16.32 21.09
CA GLY H 333 -20.31 15.30 21.70
C GLY H 333 -19.13 14.94 20.84
N SER H 334 -18.24 14.13 21.40
CA SER H 334 -17.21 13.54 20.59
C SER H 334 -17.80 12.53 19.64
N ILE H 335 -18.86 11.88 20.06
CA ILE H 335 -19.46 10.80 19.28
C ILE H 335 -20.87 11.13 18.85
N CYS H 336 -21.27 12.38 18.96
CA CYS H 336 -22.59 12.80 18.53
C CYS H 336 -22.64 12.84 17.01
N ILE H 337 -23.76 12.42 16.45
CA ILE H 337 -23.99 12.64 15.05
C ILE H 337 -25.38 13.22 14.94
N THR H 338 -25.94 13.64 16.06
CA THR H 338 -27.31 14.11 16.04
C THR H 338 -27.45 15.50 15.44
N GLN H 339 -26.34 16.14 15.07
CA GLN H 339 -26.49 17.30 14.20
C GLN H 339 -26.52 16.92 12.74
N GLU H 340 -25.78 15.89 12.35
CA GLU H 340 -25.83 15.53 10.95
C GLU H 340 -26.93 14.52 10.68
N VAL H 341 -27.65 14.10 11.71
CA VAL H 341 -28.73 13.14 11.50
C VAL H 341 -30.08 13.76 11.81
N LEU H 342 -30.22 14.39 12.96
CA LEU H 342 -31.51 14.97 13.29
C LEU H 342 -31.61 16.45 13.00
N ALA H 343 -30.49 17.11 12.68
CA ALA H 343 -30.43 18.52 12.30
C ALA H 343 -30.97 19.43 13.38
N CYS H 344 -30.83 19.03 14.62
CA CYS H 344 -31.19 19.83 15.77
C CYS H 344 -29.92 20.35 16.44
N GLY H 345 -30.05 20.89 17.63
CA GLY H 345 -28.87 21.30 18.38
C GLY H 345 -28.44 22.70 18.01
N ARG H 346 -27.39 23.16 18.69
CA ARG H 346 -26.74 24.40 18.31
C ARG H 346 -25.29 24.28 18.72
N PRO H 347 -24.40 25.13 18.21
CA PRO H 347 -23.01 25.09 18.66
C PRO H 347 -22.89 25.38 20.13
N GLN H 348 -21.90 24.77 20.76
CA GLN H 348 -22.04 24.51 22.17
C GLN H 348 -21.62 25.71 23.01
N ALA H 349 -20.69 26.51 22.53
CA ALA H 349 -20.25 27.63 23.34
C ALA H 349 -21.26 28.74 23.34
N THR H 350 -21.98 28.92 22.25
CA THR H 350 -23.12 29.80 22.29
C THR H 350 -24.19 29.24 23.19
N ALA H 351 -24.29 27.92 23.29
CA ALA H 351 -25.29 27.31 24.13
C ALA H 351 -25.04 27.54 25.61
N VAL H 352 -23.80 27.38 26.06
CA VAL H 352 -23.57 27.52 27.49
C VAL H 352 -23.71 28.97 27.92
N TYR H 353 -23.37 29.92 27.06
CA TYR H 353 -23.60 31.30 27.44
C TYR H 353 -25.06 31.62 27.43
N LYS H 354 -25.78 31.24 26.39
CA LYS H 354 -27.15 31.68 26.36
C LYS H 354 -28.06 30.82 27.19
N VAL H 355 -27.55 29.78 27.84
CA VAL H 355 -28.36 29.16 28.87
C VAL H 355 -27.91 29.60 30.26
N SER H 356 -26.65 29.99 30.45
CA SER H 356 -26.26 30.41 31.78
C SER H 356 -26.72 31.81 32.06
N GLU H 357 -26.73 32.67 31.03
CA GLU H 357 -27.27 34.00 31.19
C GLU H 357 -28.75 33.95 31.49
N TYR H 358 -29.44 32.91 31.04
CA TYR H 358 -30.80 32.79 31.51
C TYR H 358 -30.87 32.18 32.89
N ALA H 359 -30.06 31.17 33.16
CA ALA H 359 -30.28 30.37 34.35
C ALA H 359 -29.84 31.10 35.60
N ARG H 360 -28.93 32.06 35.47
CA ARG H 360 -28.60 32.74 36.70
C ARG H 360 -29.64 33.78 37.08
N ARG H 361 -30.61 34.06 36.21
CA ARG H 361 -31.72 34.91 36.61
C ARG H 361 -32.58 34.25 37.67
N PHE H 362 -32.51 32.93 37.76
CA PHE H 362 -33.19 32.19 38.81
C PHE H 362 -32.22 31.53 39.76
N GLY H 363 -30.94 31.80 39.60
CA GLY H 363 -29.92 31.26 40.49
C GLY H 363 -29.82 29.76 40.38
N VAL H 364 -29.64 29.27 39.16
CA VAL H 364 -29.58 27.84 38.92
C VAL H 364 -28.32 27.54 38.13
N PRO H 365 -27.49 26.60 38.53
CA PRO H 365 -26.27 26.31 37.78
C PRO H 365 -26.59 25.61 36.47
N VAL H 366 -25.64 25.68 35.55
CA VAL H 366 -25.68 24.91 34.32
C VAL H 366 -24.38 24.15 34.21
N ILE H 367 -24.46 22.94 33.69
CA ILE H 367 -23.27 22.11 33.56
C ILE H 367 -23.14 21.71 32.11
N ALA H 368 -21.93 21.82 31.58
CA ALA H 368 -21.74 21.82 30.13
C ALA H 368 -21.37 20.43 29.63
N ASP H 369 -21.79 20.13 28.40
CA ASP H 369 -21.44 18.87 27.76
C ASP H 369 -20.70 19.08 26.46
N GLY H 370 -19.86 18.13 26.16
CA GLY H 370 -19.44 17.89 24.79
C GLY H 370 -18.40 18.83 24.26
N GLY H 371 -17.60 18.33 23.34
CA GLY H 371 -16.63 19.14 22.65
C GLY H 371 -15.36 19.37 23.40
N ILE H 372 -15.31 19.02 24.68
CA ILE H 372 -14.12 19.24 25.48
C ILE H 372 -13.09 18.20 25.10
N GLN H 373 -11.91 18.63 24.67
CA GLN H 373 -10.84 17.68 24.48
C GLN H 373 -9.62 17.97 25.32
N ASN H 374 -9.39 19.22 25.66
CA ASN H 374 -8.19 19.65 26.35
C ASN H 374 -8.55 20.84 27.21
N VAL H 375 -7.65 21.20 28.13
CA VAL H 375 -8.02 22.03 29.28
C VAL H 375 -8.44 23.43 28.90
N GLY H 376 -8.03 23.92 27.74
CA GLY H 376 -8.41 25.26 27.35
C GLY H 376 -9.90 25.40 27.12
N HIS H 377 -10.51 24.35 26.60
CA HIS H 377 -11.95 24.37 26.47
C HIS H 377 -12.63 24.36 27.82
N ILE H 378 -12.01 23.79 28.85
CA ILE H 378 -12.63 23.79 30.17
C ILE H 378 -12.66 25.21 30.73
N ALA H 379 -11.58 25.95 30.52
CA ALA H 379 -11.59 27.34 30.97
C ALA H 379 -12.53 28.18 30.14
N LYS H 380 -12.63 27.92 28.85
CA LYS H 380 -13.57 28.68 28.05
C LYS H 380 -15.01 28.33 28.41
N ALA H 381 -15.24 27.10 28.84
CA ALA H 381 -16.59 26.76 29.26
C ALA H 381 -16.93 27.42 30.58
N LEU H 382 -15.99 27.42 31.52
CA LEU H 382 -16.28 28.03 32.80
C LEU H 382 -16.38 29.53 32.70
N ALA H 383 -15.61 30.14 31.82
CA ALA H 383 -15.66 31.57 31.69
C ALA H 383 -16.90 32.04 30.98
N LEU H 384 -17.55 31.20 30.19
CA LEU H 384 -18.77 31.67 29.58
C LEU H 384 -19.96 31.60 30.51
N GLY H 385 -19.81 31.04 31.68
CA GLY H 385 -20.94 31.10 32.58
C GLY H 385 -21.34 29.73 33.04
N ALA H 386 -20.74 28.70 32.47
CA ALA H 386 -21.00 27.39 32.99
C ALA H 386 -20.31 27.25 34.34
N SER H 387 -20.87 26.41 35.18
CA SER H 387 -20.43 26.31 36.55
C SER H 387 -19.49 25.15 36.76
N THR H 388 -19.79 24.00 36.16
CA THR H 388 -18.89 22.85 36.15
C THR H 388 -19.09 22.06 34.88
N VAL H 389 -18.03 21.47 34.35
CA VAL H 389 -18.09 20.87 33.02
C VAL H 389 -18.19 19.36 33.15
N MET H 390 -18.81 18.73 32.18
CA MET H 390 -19.03 17.29 32.18
C MET H 390 -18.32 16.70 30.98
N MET H 391 -17.27 15.94 31.23
CA MET H 391 -16.41 15.48 30.16
C MET H 391 -16.79 14.06 29.81
N GLY H 392 -16.77 13.75 28.53
CA GLY H 392 -17.07 12.39 28.13
C GLY H 392 -15.98 11.69 27.38
N SER H 393 -15.26 12.38 26.52
CA SER H 393 -14.29 11.68 25.71
C SER H 393 -12.97 11.50 26.41
N LEU H 394 -12.42 12.56 26.97
CA LEU H 394 -11.09 12.46 27.52
C LEU H 394 -11.04 11.69 28.81
N LEU H 395 -12.16 11.55 29.51
CA LEU H 395 -12.15 10.74 30.71
C LEU H 395 -12.23 9.27 30.43
N ALA H 396 -12.72 8.87 29.28
CA ALA H 396 -12.71 7.45 28.98
C ALA H 396 -11.31 7.06 28.54
N ALA H 397 -11.14 5.75 28.38
CA ALA H 397 -9.85 5.13 28.12
C ALA H 397 -8.80 5.58 29.13
N THR H 398 -9.10 5.27 30.39
CA THR H 398 -8.12 5.35 31.43
C THR H 398 -7.93 3.95 31.99
N THR H 399 -7.17 3.84 33.08
CA THR H 399 -7.11 2.59 33.79
C THR H 399 -8.43 2.32 34.51
N GLU H 400 -9.15 3.38 34.82
CA GLU H 400 -10.35 3.31 35.64
C GLU H 400 -11.61 3.01 34.84
N ALA H 401 -11.54 3.11 33.53
CA ALA H 401 -12.66 2.93 32.63
C ALA H 401 -13.16 1.49 32.64
N PRO H 402 -14.43 1.25 32.36
CA PRO H 402 -14.94 -0.13 32.33
C PRO H 402 -14.46 -0.89 31.11
N GLY H 403 -14.93 -2.13 31.02
CA GLY H 403 -14.40 -3.06 30.05
C GLY H 403 -12.95 -3.34 30.40
N GLU H 404 -12.11 -3.53 29.39
CA GLU H 404 -10.67 -3.53 29.58
C GLU H 404 -10.03 -3.13 28.27
N TYR H 405 -8.71 -3.06 28.29
CA TYR H 405 -7.93 -2.60 27.16
C TYR H 405 -7.98 -3.59 26.02
N PHE H 406 -7.52 -3.13 24.86
CA PHE H 406 -7.10 -4.03 23.80
C PHE H 406 -6.15 -3.27 22.92
N PHE H 407 -5.24 -4.00 22.31
CA PHE H 407 -4.30 -3.38 21.41
C PHE H 407 -4.88 -3.37 20.02
N SER H 408 -4.49 -2.37 19.25
CA SER H 408 -4.79 -2.34 17.82
C SER H 408 -3.68 -1.55 17.16
N ASP H 409 -2.90 -2.22 16.32
CA ASP H 409 -1.88 -1.62 15.47
C ASP H 409 -0.82 -0.93 16.32
N GLY H 410 -0.60 -1.46 17.52
CA GLY H 410 0.48 -1.02 18.37
C GLY H 410 0.17 0.15 19.27
N ILE H 411 -1.06 0.61 19.34
CA ILE H 411 -1.41 1.71 20.20
C ILE H 411 -2.47 1.21 21.16
N ARG H 412 -2.23 1.38 22.44
CA ARG H 412 -3.11 0.85 23.46
C ARG H 412 -4.35 1.74 23.62
N LEU H 413 -5.53 1.15 23.50
CA LEU H 413 -6.76 1.94 23.48
C LEU H 413 -7.92 1.06 23.91
N LYS H 414 -9.11 1.65 24.07
CA LYS H 414 -10.28 0.88 24.44
C LYS H 414 -11.55 1.55 23.98
N LYS H 415 -12.65 0.81 24.05
CA LYS H 415 -13.86 1.19 23.34
C LYS H 415 -14.58 2.31 24.07
N TYR H 416 -15.29 3.12 23.28
CA TYR H 416 -16.00 4.29 23.78
C TYR H 416 -17.24 4.48 22.93
N ARG H 417 -18.35 3.94 23.39
CA ARG H 417 -19.59 4.01 22.65
C ARG H 417 -20.45 5.11 23.24
N GLY H 418 -21.41 5.57 22.47
CA GLY H 418 -22.34 6.53 22.99
C GLY H 418 -23.74 5.96 23.04
N MET H 419 -24.60 6.54 23.87
CA MET H 419 -25.96 6.06 24.01
C MET H 419 -26.77 6.13 22.73
N GLY H 420 -26.39 6.98 21.80
CA GLY H 420 -27.07 7.01 20.53
C GLY H 420 -26.59 5.97 19.55
N SER H 421 -25.59 5.19 19.92
CA SER H 421 -25.15 4.15 19.00
C SER H 421 -26.13 3.00 19.02
N LEU H 422 -26.35 2.42 17.85
CA LEU H 422 -27.21 1.25 17.80
C LEU H 422 -26.50 0.04 18.37
N ASP H 423 -25.18 0.06 18.47
CA ASP H 423 -24.49 -0.95 19.25
C ASP H 423 -24.78 -0.83 20.73
N ALA H 424 -25.16 0.35 21.21
CA ALA H 424 -25.51 0.49 22.62
C ALA H 424 -26.92 0.06 22.92
N MET H 425 -27.73 -0.21 21.91
CA MET H 425 -29.09 -0.66 22.15
C MET H 425 -29.36 -1.98 21.43
N ILE H 442 -37.90 0.53 12.94
CA ILE H 442 -36.45 0.40 13.07
C ILE H 442 -35.99 1.68 13.72
N LYS H 443 -34.87 1.62 14.43
CA LYS H 443 -34.44 2.75 15.21
C LYS H 443 -33.33 3.49 14.49
N VAL H 444 -33.15 4.76 14.84
CA VAL H 444 -32.19 5.63 14.20
C VAL H 444 -31.02 5.80 15.14
N ALA H 445 -29.82 5.90 14.61
CA ALA H 445 -28.63 5.91 15.44
C ALA H 445 -28.23 7.34 15.66
N GLN H 446 -28.13 7.76 16.90
CA GLN H 446 -27.70 9.12 17.18
C GLN H 446 -26.28 9.16 17.70
N GLY H 447 -25.49 8.15 17.43
CA GLY H 447 -24.11 8.16 17.92
C GLY H 447 -23.32 7.06 17.27
N VAL H 448 -22.01 7.20 17.34
CA VAL H 448 -21.14 6.18 16.80
C VAL H 448 -20.23 5.68 17.90
N SER H 449 -19.82 4.43 17.79
CA SER H 449 -19.01 3.78 18.79
C SER H 449 -17.60 3.67 18.24
N GLY H 450 -16.63 4.02 19.05
CA GLY H 450 -15.25 3.97 18.60
C GLY H 450 -14.29 3.76 19.75
N ALA H 451 -13.06 4.20 19.53
CA ALA H 451 -12.01 3.96 20.49
C ALA H 451 -11.15 5.21 20.58
N VAL H 452 -10.36 5.27 21.65
CA VAL H 452 -9.57 6.45 21.97
C VAL H 452 -8.40 5.98 22.81
N GLN H 453 -7.23 6.63 22.62
CA GLN H 453 -6.00 6.18 23.26
C GLN H 453 -6.07 6.26 24.77
N ASP H 454 -5.22 5.46 25.41
CA ASP H 454 -5.11 5.44 26.86
C ASP H 454 -4.65 6.81 27.37
N LYS H 455 -5.13 7.14 28.55
CA LYS H 455 -4.70 8.34 29.23
C LYS H 455 -4.11 7.98 30.58
N GLY H 456 -3.69 6.73 30.73
CA GLY H 456 -3.07 6.33 31.98
C GLY H 456 -4.10 6.17 33.09
N SER H 457 -3.76 6.66 34.26
CA SER H 457 -4.69 6.61 35.38
C SER H 457 -5.20 8.00 35.67
N ILE H 458 -6.39 8.05 36.25
CA ILE H 458 -7.07 9.33 36.40
C ILE H 458 -6.42 10.16 37.49
N HIS H 459 -5.74 9.51 38.44
CA HIS H 459 -5.08 10.25 39.49
C HIS H 459 -3.82 10.92 39.01
N LYS H 460 -3.36 10.60 37.82
CA LYS H 460 -2.37 11.40 37.14
C LYS H 460 -2.98 12.41 36.18
N PHE H 461 -4.29 12.35 35.94
CA PHE H 461 -4.86 13.10 34.83
C PHE H 461 -5.70 14.27 35.31
N VAL H 462 -6.66 14.02 36.21
CA VAL H 462 -7.39 15.16 36.77
C VAL H 462 -6.56 16.09 37.65
N PRO H 463 -5.41 15.72 38.25
CA PRO H 463 -4.56 16.81 38.76
C PRO H 463 -3.99 17.68 37.66
N TYR H 464 -3.68 17.12 36.50
CA TYR H 464 -3.28 17.94 35.37
C TYR H 464 -4.38 18.88 34.93
N LEU H 465 -5.61 18.40 34.90
CA LEU H 465 -6.70 19.25 34.47
C LEU H 465 -7.00 20.34 35.48
N ILE H 466 -6.88 20.04 36.78
CA ILE H 466 -7.11 21.12 37.70
C ILE H 466 -5.94 22.08 37.69
N ALA H 467 -4.73 21.60 37.42
CA ALA H 467 -3.60 22.52 37.33
C ALA H 467 -3.73 23.43 36.12
N GLY H 468 -4.25 22.90 35.03
CA GLY H 468 -4.52 23.75 33.90
C GLY H 468 -5.62 24.74 34.13
N ILE H 469 -6.70 24.34 34.79
CA ILE H 469 -7.78 25.30 35.03
C ILE H 469 -7.33 26.37 36.01
N GLN H 470 -6.43 26.03 36.93
CA GLN H 470 -5.94 27.09 37.78
C GLN H 470 -4.89 27.95 37.11
N HIS H 471 -4.10 27.41 36.18
CA HIS H 471 -3.21 28.29 35.43
C HIS H 471 -3.99 29.24 34.54
N SER H 472 -5.09 28.79 33.97
CA SER H 472 -5.86 29.69 33.13
C SER H 472 -6.56 30.75 33.96
N CYS H 473 -7.12 30.38 35.11
CA CYS H 473 -7.79 31.39 35.91
C CYS H 473 -6.78 32.29 36.60
N GLN H 474 -5.57 31.77 36.83
CA GLN H 474 -4.44 32.61 37.14
C GLN H 474 -4.19 33.61 36.04
N ASP H 475 -4.24 33.16 34.80
CA ASP H 475 -3.72 34.00 33.75
C ASP H 475 -4.76 34.94 33.21
N ILE H 476 -6.02 34.73 33.52
CA ILE H 476 -7.04 35.68 33.13
C ILE H 476 -7.05 36.88 34.06
N GLY H 477 -6.65 36.69 35.32
CA GLY H 477 -6.68 37.76 36.29
C GLY H 477 -7.70 37.59 37.39
N ALA H 478 -8.14 36.39 37.72
CA ALA H 478 -9.16 36.24 38.74
C ALA H 478 -8.81 35.15 39.74
N LYS H 479 -9.15 35.43 41.01
CA LYS H 479 -8.77 34.54 42.10
C LYS H 479 -9.73 33.39 42.26
N SER H 480 -10.87 33.43 41.58
CA SER H 480 -11.86 32.37 41.74
C SER H 480 -12.76 32.33 40.52
N LEU H 481 -13.25 31.11 40.24
CA LEU H 481 -14.20 30.92 39.16
C LEU H 481 -15.46 31.71 39.36
N THR H 482 -15.87 31.86 40.62
CA THR H 482 -16.96 32.75 40.96
C THR H 482 -16.68 34.16 40.51
N GLN H 483 -15.46 34.66 40.73
CA GLN H 483 -15.28 36.01 40.23
C GLN H 483 -14.81 36.03 38.79
N VAL H 484 -14.48 34.88 38.20
CA VAL H 484 -14.39 34.82 36.75
C VAL H 484 -15.74 35.15 36.13
N ARG H 485 -16.77 34.46 36.59
CA ARG H 485 -18.10 34.72 36.08
C ARG H 485 -18.62 36.08 36.51
N ALA H 486 -18.18 36.58 37.67
CA ALA H 486 -18.58 37.91 38.08
C ALA H 486 -17.96 38.97 37.19
N MET H 487 -16.68 38.82 36.85
CA MET H 487 -16.04 39.72 35.91
C MET H 487 -16.66 39.61 34.54
N MET H 488 -17.19 38.45 34.18
CA MET H 488 -17.79 38.31 32.86
C MET H 488 -19.12 39.02 32.79
N TYR H 489 -20.04 38.71 33.71
CA TYR H 489 -21.35 39.35 33.63
C TYR H 489 -21.28 40.83 33.98
N SER H 490 -20.25 41.26 34.70
CA SER H 490 -20.03 42.68 34.83
C SER H 490 -19.47 43.27 33.56
N GLY H 491 -18.57 42.57 32.90
CA GLY H 491 -17.98 43.02 31.66
C GLY H 491 -16.50 43.27 31.75
N GLU H 492 -15.82 42.84 32.81
CA GLU H 492 -14.44 43.25 32.96
C GLU H 492 -13.49 42.40 32.12
N LEU H 493 -13.65 41.09 32.08
CA LEU H 493 -12.88 40.30 31.12
C LEU H 493 -13.56 40.48 29.78
N LYS H 494 -12.77 40.62 28.74
CA LYS H 494 -13.31 40.82 27.43
C LYS H 494 -12.82 39.71 26.53
N PHE H 495 -13.69 39.21 25.68
CA PHE H 495 -13.31 38.13 24.78
C PHE H 495 -12.82 38.79 23.50
N GLU H 496 -12.38 37.98 22.54
CA GLU H 496 -12.51 38.40 21.15
C GLU H 496 -12.58 37.18 20.24
N LYS H 497 -13.18 37.40 19.09
CA LYS H 497 -13.39 36.45 18.03
C LYS H 497 -12.05 35.96 17.52
N ARG H 498 -12.03 34.78 16.94
CA ARG H 498 -10.82 34.27 16.33
C ARG H 498 -11.17 33.55 15.05
N THR H 499 -10.54 33.94 13.95
CA THR H 499 -11.04 33.61 12.64
C THR H 499 -10.67 32.18 12.25
N SER H 500 -11.17 31.76 11.08
CA SER H 500 -10.94 30.40 10.63
C SER H 500 -9.50 30.19 10.21
N SER H 501 -8.81 31.26 9.85
CA SER H 501 -7.40 31.13 9.50
C SER H 501 -6.50 31.45 10.67
N ALA H 502 -7.00 31.41 11.89
CA ALA H 502 -6.14 31.64 13.05
C ALA H 502 -6.03 30.43 13.94
N GLN H 503 -6.90 29.43 13.81
CA GLN H 503 -6.65 28.17 14.49
C GLN H 503 -5.49 27.42 13.88
N VAL H 504 -5.03 27.82 12.70
CA VAL H 504 -3.87 27.18 12.12
C VAL H 504 -2.60 27.53 12.88
N GLU H 505 -2.53 28.69 13.52
CA GLU H 505 -1.35 28.99 14.34
C GLU H 505 -1.67 28.98 15.82
N GLY H 506 -2.94 28.94 16.17
CA GLY H 506 -3.24 28.59 17.54
C GLY H 506 -2.80 27.20 17.94
N GLY H 507 -2.66 26.30 16.98
CA GLY H 507 -2.08 25.03 17.27
C GLY H 507 -0.61 25.05 16.99
N VAL H 508 -0.10 23.97 16.41
CA VAL H 508 1.32 23.79 16.17
C VAL H 508 1.51 23.76 14.67
N HIS H 509 2.44 24.56 14.17
CA HIS H 509 2.58 24.72 12.73
C HIS H 509 4.01 25.08 12.40
N SER H 510 4.25 25.20 11.09
CA SER H 510 5.53 25.61 10.51
C SER H 510 6.68 24.73 10.96
N LEU H 511 6.43 23.45 11.18
CA LEU H 511 7.47 22.52 11.58
C LEU H 511 7.49 21.34 10.65
N HIS H 512 8.68 20.76 10.50
CA HIS H 512 8.81 19.51 9.76
C HIS H 512 8.13 18.39 10.52
N SER H 513 8.39 18.29 11.82
CA SER H 513 7.70 17.37 12.68
C SER H 513 7.85 17.88 14.10
N TYR H 514 6.90 17.48 14.95
CA TYR H 514 6.96 17.84 16.35
C TYR H 514 6.52 16.64 17.16
N GLU H 515 6.73 16.72 18.46
CA GLU H 515 6.26 15.70 19.37
C GLU H 515 5.58 16.39 20.54
N LYS H 516 4.27 16.23 20.63
CA LYS H 516 3.44 16.98 21.55
C LYS H 516 3.20 16.15 22.79
N ARG H 517 3.57 16.69 23.94
CA ARG H 517 3.29 16.04 25.20
C ARG H 517 2.59 17.03 26.11
N LEU H 518 1.63 16.54 26.88
CA LEU H 518 0.90 17.40 27.79
C LEU H 518 1.46 17.34 29.21
N PHE H 519 1.78 16.15 29.70
CA PHE H 519 2.39 15.98 31.02
C PHE H 519 3.05 14.60 31.07
N MET I 6 -19.77 -59.35 -7.60
CA MET I 6 -19.34 -58.02 -7.99
C MET I 6 -18.59 -57.36 -6.84
N ALA I 7 -18.00 -58.17 -5.96
CA ALA I 7 -17.37 -57.63 -4.74
C ALA I 7 -15.84 -57.77 -4.74
N ASP I 8 -15.36 -58.99 -4.94
CA ASP I 8 -13.92 -59.25 -4.92
C ASP I 8 -13.33 -59.01 -6.30
N TYR I 9 -14.20 -58.98 -7.31
CA TYR I 9 -13.80 -59.00 -8.70
C TYR I 9 -13.20 -57.70 -9.18
N LEU I 10 -13.69 -56.57 -8.69
CA LEU I 10 -13.50 -55.30 -9.35
C LEU I 10 -12.30 -54.52 -8.82
N ILE I 11 -11.39 -55.17 -8.12
CA ILE I 11 -10.19 -54.50 -7.65
C ILE I 11 -9.02 -55.09 -8.42
N SER I 12 -8.95 -56.41 -8.45
CA SER I 12 -7.89 -57.09 -9.21
C SER I 12 -8.34 -57.24 -10.66
N GLY I 13 -9.47 -57.87 -10.87
CA GLY I 13 -9.87 -58.34 -12.17
C GLY I 13 -9.54 -59.79 -12.40
N GLY I 14 -8.85 -60.43 -11.47
CA GLY I 14 -8.65 -61.86 -11.52
C GLY I 14 -7.28 -62.34 -11.11
N THR I 15 -6.31 -61.42 -11.02
CA THR I 15 -4.94 -61.86 -10.85
C THR I 15 -4.57 -62.08 -9.40
N SER I 16 -4.64 -61.03 -8.57
CA SER I 16 -4.74 -61.07 -7.12
C SER I 16 -3.54 -61.65 -6.39
N TYR I 17 -2.52 -62.09 -7.08
CA TYR I 17 -1.65 -63.07 -6.46
C TYR I 17 -0.28 -62.91 -7.10
N VAL I 18 0.52 -63.96 -7.11
CA VAL I 18 1.83 -64.11 -7.75
C VAL I 18 2.79 -62.96 -7.41
N PRO I 19 3.43 -63.01 -6.25
CA PRO I 19 4.50 -62.05 -5.95
C PRO I 19 5.74 -62.25 -6.81
N MET J 6 20.72 -42.34 33.79
CA MET J 6 22.12 -42.33 33.34
C MET J 6 22.22 -42.43 31.83
N ALA J 7 23.19 -41.71 31.26
CA ALA J 7 23.21 -41.46 29.83
C ALA J 7 23.48 -42.72 29.03
N ASP J 8 24.30 -43.62 29.57
CA ASP J 8 24.69 -44.83 28.87
C ASP J 8 23.52 -45.75 28.58
N TYR J 9 22.45 -45.66 29.37
CA TYR J 9 21.19 -46.28 29.02
C TYR J 9 20.27 -45.35 28.26
N LEU J 10 20.35 -44.05 28.52
CA LEU J 10 19.41 -43.10 27.96
C LEU J 10 19.65 -42.80 26.49
N ILE J 11 20.80 -43.18 25.93
CA ILE J 11 20.98 -42.97 24.51
C ILE J 11 20.19 -44.01 23.74
N SER J 12 20.58 -45.27 23.88
CA SER J 12 19.85 -46.33 23.20
C SER J 12 19.32 -47.36 24.18
N GLY J 13 20.16 -47.84 25.08
CA GLY J 13 19.76 -48.88 25.99
C GLY J 13 19.82 -50.27 25.38
N GLY J 14 20.31 -51.23 26.14
CA GLY J 14 20.30 -52.62 25.72
C GLY J 14 21.54 -53.10 24.99
N THR J 15 21.39 -53.45 23.72
CA THR J 15 22.48 -54.10 22.98
C THR J 15 23.54 -53.08 22.54
N SER J 16 23.09 -51.94 22.05
CA SER J 16 23.76 -50.65 22.07
C SER J 16 24.90 -50.44 21.07
N TYR J 17 25.54 -51.47 20.48
CA TYR J 17 26.12 -51.12 19.19
C TYR J 17 25.93 -52.08 18.02
N VAL J 18 26.58 -53.25 18.05
CA VAL J 18 26.55 -54.26 16.99
C VAL J 18 26.85 -53.69 15.60
N PRO J 19 28.13 -53.50 15.20
CA PRO J 19 28.62 -52.87 13.96
C PRO J 19 27.89 -53.22 12.67
N MET K 6 55.73 -21.17 -8.87
CA MET K 6 55.92 -21.98 -10.07
C MET K 6 54.86 -23.08 -10.15
N ALA K 7 54.14 -23.11 -11.27
CA ALA K 7 52.83 -23.75 -11.34
C ALA K 7 52.89 -25.24 -11.15
N ASP K 8 54.02 -25.86 -11.48
CA ASP K 8 54.15 -27.30 -11.36
C ASP K 8 54.15 -27.77 -9.91
N TYR K 9 54.37 -26.88 -8.96
CA TYR K 9 54.27 -27.21 -7.56
C TYR K 9 52.96 -26.82 -6.93
N LEU K 10 52.47 -25.61 -7.18
CA LEU K 10 51.42 -25.13 -6.30
C LEU K 10 50.03 -25.44 -6.81
N ILE K 11 49.91 -26.14 -7.93
CA ILE K 11 48.58 -26.58 -8.32
C ILE K 11 48.19 -27.78 -7.46
N SER K 12 49.09 -28.75 -7.30
CA SER K 12 48.90 -29.84 -6.36
C SER K 12 50.10 -30.02 -5.45
N GLY K 13 51.29 -30.24 -6.01
CA GLY K 13 52.41 -30.70 -5.25
C GLY K 13 52.39 -32.22 -5.19
N GLY K 14 53.46 -32.86 -5.67
CA GLY K 14 53.59 -34.29 -5.49
C GLY K 14 53.09 -35.21 -6.59
N THR K 15 51.88 -35.75 -6.41
CA THR K 15 51.43 -36.88 -7.21
C THR K 15 51.24 -36.51 -8.68
N SER K 16 50.24 -35.66 -8.96
CA SER K 16 49.99 -35.01 -10.25
C SER K 16 49.69 -36.00 -11.37
N TYR K 17 49.32 -37.22 -11.03
CA TYR K 17 49.42 -38.34 -11.94
C TYR K 17 48.49 -39.38 -11.35
N VAL K 18 48.76 -40.66 -11.61
CA VAL K 18 48.16 -41.86 -11.00
C VAL K 18 46.65 -41.87 -11.09
N PRO K 19 46.09 -42.26 -12.23
CA PRO K 19 44.65 -42.51 -12.37
C PRO K 19 44.14 -43.59 -11.40
N MET L 6 16.68 -35.95 -50.18
CA MET L 6 15.85 -37.14 -49.99
C MET L 6 15.01 -36.96 -48.73
N ALA L 7 14.61 -38.06 -48.09
CA ALA L 7 13.92 -37.97 -46.81
C ALA L 7 14.56 -38.79 -45.70
N ASP L 8 14.97 -40.02 -45.99
CA ASP L 8 15.50 -40.87 -44.94
C ASP L 8 16.97 -40.58 -44.68
N TYR L 9 17.66 -40.01 -45.65
CA TYR L 9 19.05 -39.64 -45.47
C TYR L 9 19.25 -38.56 -44.43
N LEU L 10 18.47 -37.49 -44.49
CA LEU L 10 18.78 -36.33 -43.69
C LEU L 10 18.18 -36.38 -42.29
N ILE L 11 17.59 -37.50 -41.88
CA ILE L 11 17.28 -37.62 -40.46
C ILE L 11 18.58 -37.90 -39.73
N SER L 12 19.25 -38.99 -40.09
CA SER L 12 20.51 -39.35 -39.45
C SER L 12 21.64 -39.44 -40.46
N GLY L 13 21.50 -40.26 -41.50
CA GLY L 13 22.58 -40.49 -42.43
C GLY L 13 23.31 -41.79 -42.19
N GLY L 14 22.95 -42.82 -42.95
CA GLY L 14 23.67 -44.07 -42.90
C GLY L 14 23.34 -45.01 -41.76
N THR L 15 23.37 -44.50 -40.52
CA THR L 15 23.41 -45.35 -39.33
C THR L 15 22.11 -46.16 -39.17
N SER L 16 21.01 -45.48 -38.81
CA SER L 16 19.63 -45.94 -38.96
C SER L 16 19.23 -47.22 -38.22
N TYR L 17 20.13 -47.84 -37.48
CA TYR L 17 19.97 -49.26 -37.21
C TYR L 17 20.80 -49.57 -35.99
N VAL L 18 21.22 -50.82 -35.83
CA VAL L 18 22.21 -51.36 -34.89
C VAL L 18 21.95 -51.00 -33.43
N PRO L 19 21.02 -51.70 -32.76
CA PRO L 19 20.86 -51.60 -31.31
C PRO L 19 22.10 -52.06 -30.53
N MET M 6 -21.14 27.76 50.01
CA MET M 6 -22.46 28.30 49.79
C MET M 6 -22.89 28.12 48.33
N ALA M 7 -24.18 28.16 48.06
CA ALA M 7 -24.69 27.64 46.79
C ALA M 7 -24.87 28.66 45.67
N ASP M 8 -25.76 29.63 45.85
CA ASP M 8 -26.05 30.55 44.76
C ASP M 8 -25.08 31.70 44.73
N TYR M 9 -24.17 31.75 45.70
CA TYR M 9 -23.11 32.73 45.70
C TYR M 9 -22.05 32.46 44.63
N LEU M 10 -21.93 31.21 44.19
CA LEU M 10 -20.80 30.82 43.36
C LEU M 10 -20.99 31.13 41.89
N ILE M 11 -22.11 31.72 41.53
CA ILE M 11 -22.41 31.96 40.12
C ILE M 11 -22.38 33.44 39.86
N SER M 12 -23.15 34.19 40.64
CA SER M 12 -23.12 35.64 40.53
C SER M 12 -21.89 36.22 41.20
N GLY M 13 -21.78 36.02 42.50
CA GLY M 13 -20.90 36.82 43.33
C GLY M 13 -21.58 38.05 43.88
N GLY M 14 -22.81 38.31 43.48
CA GLY M 14 -23.61 39.34 44.10
C GLY M 14 -24.51 40.12 43.15
N THR M 15 -24.19 40.10 41.86
CA THR M 15 -24.84 41.00 40.93
C THR M 15 -26.21 40.49 40.48
N SER M 16 -26.21 39.37 39.76
CA SER M 16 -27.37 38.49 39.56
C SER M 16 -28.56 39.08 38.80
N TYR M 17 -28.47 40.32 38.35
CA TYR M 17 -29.71 41.03 38.08
C TYR M 17 -29.40 42.08 37.03
N VAL M 18 -30.19 43.15 37.00
CA VAL M 18 -30.06 44.36 36.17
C VAL M 18 -29.87 44.05 34.69
N PRO M 19 -30.93 43.73 33.96
CA PRO M 19 -30.83 43.62 32.51
C PRO M 19 -30.57 44.95 31.81
N MET N 6 -55.08 18.45 0.48
CA MET N 6 -54.93 19.48 -0.54
C MET N 6 -53.80 20.43 -0.20
N ALA N 7 -53.08 20.87 -1.23
CA ALA N 7 -51.79 21.52 -1.04
C ALA N 7 -51.93 22.89 -0.39
N ASP N 8 -53.05 23.56 -0.65
CA ASP N 8 -53.25 24.93 -0.16
C ASP N 8 -53.29 24.98 1.36
N TYR N 9 -53.70 23.89 2.00
CA TYR N 9 -53.51 23.73 3.43
C TYR N 9 -52.18 23.09 3.77
N LEU N 10 -51.66 22.23 2.89
CA LEU N 10 -50.50 21.44 3.23
C LEU N 10 -49.19 22.20 3.16
N ILE N 11 -49.17 23.40 2.59
CA ILE N 11 -47.94 24.17 2.62
C ILE N 11 -47.78 24.80 3.98
N SER N 12 -48.68 25.71 4.33
CA SER N 12 -48.62 26.33 5.64
C SER N 12 -49.89 26.09 6.44
N GLY N 13 -51.04 26.38 5.85
CA GLY N 13 -52.29 26.26 6.57
C GLY N 13 -52.59 27.47 7.42
N GLY N 14 -53.79 28.02 7.26
CA GLY N 14 -54.27 29.09 8.11
C GLY N 14 -54.11 30.50 7.57
N THR N 15 -53.15 31.24 8.13
CA THR N 15 -53.07 32.67 7.84
C THR N 15 -52.36 32.93 6.50
N SER N 16 -51.26 32.23 6.27
CA SER N 16 -50.73 31.83 4.98
C SER N 16 -50.04 32.91 4.15
N TYR N 17 -50.28 34.21 4.36
CA TYR N 17 -49.18 35.08 3.95
C TYR N 17 -48.76 36.20 4.89
N VAL N 18 -49.56 37.24 5.05
CA VAL N 18 -49.26 38.43 5.86
C VAL N 18 -47.89 39.04 5.56
N PRO N 19 -47.71 39.89 4.53
CA PRO N 19 -46.47 40.51 4.01
C PRO N 19 -45.39 40.91 5.03
N MET O 6 -15.74 49.16 -31.17
CA MET O 6 -15.27 50.41 -30.60
C MET O 6 -15.60 50.48 -29.12
N ALA O 7 -14.56 50.64 -28.29
CA ALA O 7 -14.62 50.27 -26.88
C ALA O 7 -15.58 51.12 -26.09
N ASP O 8 -15.80 52.35 -26.51
CA ASP O 8 -16.73 53.23 -25.81
C ASP O 8 -18.18 52.79 -25.92
N TYR O 9 -18.48 51.85 -26.81
CA TYR O 9 -19.79 51.24 -26.86
C TYR O 9 -19.86 49.90 -26.19
N LEU O 10 -18.89 49.03 -26.40
CA LEU O 10 -19.16 47.64 -26.03
C LEU O 10 -18.65 47.30 -24.65
N ILE O 11 -18.10 48.26 -23.91
CA ILE O 11 -17.99 48.03 -22.48
C ILE O 11 -19.38 48.10 -21.88
N SER O 12 -20.02 49.25 -21.96
CA SER O 12 -21.30 49.41 -21.26
C SER O 12 -22.46 49.65 -22.21
N GLY O 13 -22.32 50.56 -23.17
CA GLY O 13 -23.45 50.90 -24.01
C GLY O 13 -24.01 52.26 -23.67
N GLY O 14 -23.68 53.25 -24.48
CA GLY O 14 -24.19 54.60 -24.32
C GLY O 14 -23.48 55.42 -23.26
N THR O 15 -24.22 56.26 -22.53
CA THR O 15 -23.60 57.14 -21.54
C THR O 15 -23.15 56.33 -20.32
N SER O 16 -24.11 55.76 -19.61
CA SER O 16 -24.02 54.61 -18.75
C SER O 16 -23.08 54.77 -17.57
N TYR O 17 -22.73 55.99 -17.15
CA TYR O 17 -21.94 56.00 -15.93
C TYR O 17 -22.77 56.37 -14.70
N VAL O 18 -23.27 57.60 -14.63
CA VAL O 18 -24.32 58.06 -13.71
C VAL O 18 -24.01 57.73 -12.25
N PRO O 19 -23.18 58.51 -11.55
CA PRO O 19 -22.82 58.32 -10.13
C PRO O 19 -23.99 58.12 -9.17
N MET P 6 16.68 59.39 16.38
CA MET P 6 16.27 59.52 17.77
C MET P 6 15.58 58.26 18.21
N ALA P 7 14.48 58.37 18.98
CA ALA P 7 13.63 57.22 19.27
C ALA P 7 12.15 57.45 18.98
N ASP P 8 11.62 58.61 19.32
CA ASP P 8 10.19 58.84 19.13
C ASP P 8 9.87 59.34 17.74
N TYR P 9 10.82 59.99 17.07
CA TYR P 9 10.60 60.41 15.70
C TYR P 9 10.43 59.26 14.74
N LEU P 10 11.25 58.23 14.84
CA LEU P 10 11.21 57.21 13.80
C LEU P 10 10.20 56.11 14.06
N ILE P 11 9.33 56.26 15.05
CA ILE P 11 8.17 55.38 15.03
C ILE P 11 7.26 55.91 13.94
N SER P 12 6.73 57.11 14.09
CA SER P 12 5.86 57.64 13.06
C SER P 12 6.33 59.00 12.56
N GLY P 13 6.58 59.92 13.48
CA GLY P 13 7.02 61.25 13.10
C GLY P 13 5.93 62.28 13.11
N GLY P 14 5.95 63.17 14.10
CA GLY P 14 5.04 64.28 14.14
C GLY P 14 3.67 64.00 14.72
N THR P 15 2.96 63.00 14.16
CA THR P 15 1.52 62.87 14.38
C THR P 15 1.18 62.55 15.83
N SER P 16 1.45 61.31 16.26
CA SER P 16 1.56 60.91 17.67
C SER P 16 0.32 61.05 18.54
N TYR P 17 -0.77 61.59 18.02
CA TYR P 17 -1.76 62.18 18.89
C TYR P 17 -3.09 62.08 18.17
N VAL P 18 -4.01 63.00 18.46
CA VAL P 18 -5.26 63.31 17.75
C VAL P 18 -6.16 62.11 17.48
N PRO P 19 -6.92 61.65 18.48
CA PRO P 19 -7.97 60.66 18.26
C PRO P 19 -9.10 61.18 17.37
P IMP Q . 18.45 -21.37 15.20
O1P IMP Q . 18.31 -19.98 15.71
O2P IMP Q . 17.79 -22.31 16.16
O3P IMP Q . 18.06 -21.42 13.76
O5' IMP Q . 19.99 -21.68 15.35
C5' IMP Q . 20.65 -21.41 16.56
C4' IMP Q . 22.09 -21.85 16.49
O4' IMP Q . 22.76 -21.03 15.53
C3' IMP Q . 22.90 -21.66 17.74
O3' IMP Q . 22.74 -22.73 18.65
C2' IMP Q . 24.32 -21.58 17.21
O2' IMP Q . 24.83 -22.87 17.04
C1' IMP Q . 24.12 -20.96 15.84
N9 IMP Q . 24.50 -19.56 15.80
C8 IMP Q . 24.29 -18.67 16.76
N7 IMP Q . 24.77 -17.49 16.33
C5 IMP Q . 25.23 -17.68 15.12
C6 IMP Q . 25.87 -16.73 14.14
O6 IMP Q . 26.01 -15.62 14.45
N1 IMP Q . 26.30 -17.18 12.86
C2 IMP Q . 26.10 -18.54 12.51
N3 IMP Q . 25.51 -19.43 13.47
C4 IMP Q . 25.06 -18.95 14.77
PA NAD R . 35.31 -18.46 17.15
O1A NAD R . 34.30 -19.51 17.52
O2A NAD R . 35.16 -17.25 18.03
O5B NAD R . 36.83 -19.02 17.29
C5B NAD R . 37.84 -18.07 17.46
C4B NAD R . 38.58 -17.78 16.17
O4B NAD R . 40.16 -17.64 16.43
C3B NAD R . 38.48 -18.76 15.33
O3B NAD R . 38.83 -18.24 13.98
C2B NAD R . 39.58 -19.73 15.77
O2B NAD R . 40.03 -20.38 14.68
C1B NAD R . 40.67 -18.84 16.37
N9A NAD R . 40.98 -19.29 17.72
C8A NAD R . 40.48 -20.07 18.68
N7A NAD R . 41.32 -20.01 19.71
C5A NAD R . 42.32 -19.21 19.38
C6A NAD R . 43.41 -18.79 20.07
N6A NAD R . 44.00 -19.04 21.36
N1A NAD R . 44.28 -17.97 19.50
C2A NAD R . 44.07 -17.51 18.26
N3A NAD R . 42.96 -17.90 17.58
C4A NAD R . 42.11 -18.75 18.15
O3 NAD R . 35.04 -18.03 15.60
PN NAD R . 33.73 -17.10 15.30
O1N NAD R . 33.45 -17.06 13.83
O2N NAD R . 33.99 -15.73 15.82
O5D NAD R . 32.45 -17.76 16.10
C5D NAD R . 31.97 -17.07 17.22
C4D NAD R . 30.60 -17.59 17.58
O4D NAD R . 29.66 -17.53 16.28
C3D NAD R . 30.65 -18.84 17.86
O3D NAD R . 31.02 -18.97 19.30
C2D NAD R . 29.20 -19.28 17.63
O2D NAD R . 28.45 -18.90 18.68
C1D NAD R . 28.75 -18.45 16.42
N1N NAD R . 28.70 -19.27 15.21
C2N NAD R . 28.07 -20.45 15.22
C3N NAD R . 28.07 -21.18 14.05
C7N NAD R . 27.37 -22.51 14.00
O7N NAD R . 27.82 -23.47 14.50
N7N NAD R . 26.12 -22.57 13.28
C4N NAD R . 28.67 -20.74 12.94
C5N NAD R . 29.30 -19.55 12.94
C6N NAD R . 29.31 -18.81 14.10
PG ATP S . 5.50 -12.11 52.65
O1G ATP S . 6.00 -13.36 51.92
O2G ATP S . 5.17 -11.05 51.63
O3G ATP S . 4.24 -12.51 53.38
PB ATP S . 7.66 -12.40 54.59
O1B ATP S . 9.01 -11.72 54.69
O2B ATP S . 7.82 -13.78 54.06
O3B ATP S . 6.67 -11.51 53.63
PA ATP S . 6.23 -13.89 56.54
O1A ATP S . 7.21 -15.02 56.75
O2A ATP S . 5.28 -14.27 55.41
O3A ATP S . 7.04 -12.53 56.10
O5' ATP S . 5.36 -13.53 57.97
C5' ATP S . 5.36 -14.48 59.08
C4' ATP S . 5.31 -13.78 60.31
O4' ATP S . 5.76 -14.66 61.43
C3' ATP S . 6.39 -12.59 60.32
O3' ATP S . 6.02 -11.59 61.36
C2' ATP S . 7.45 -13.14 60.65
O2' ATP S . 8.29 -12.17 61.39
C1' ATP S . 7.04 -14.39 61.63
N9 ATP S . 7.79 -15.49 61.22
C8 ATP S . 8.53 -15.87 60.19
N7 ATP S . 8.95 -17.11 60.50
C5 ATP S . 8.46 -17.45 61.69
C6 ATP S . 8.58 -18.58 62.45
N6 ATP S . 9.19 -19.88 62.47
N1 ATP S . 7.98 -18.66 63.61
C2 ATP S . 7.24 -17.63 64.08
N3 ATP S . 7.10 -16.51 63.34
C4 ATP S . 7.73 -16.44 62.15
PG ATP T . 11.07 -10.24 49.88
O1G ATP T . 11.87 -10.02 48.61
O2G ATP T . 10.37 -8.97 50.28
O3G ATP T . 11.98 -10.69 51.01
PB ATP T . 8.88 -11.94 50.68
O1B ATP T . 8.06 -10.77 51.19
O2B ATP T . 8.01 -12.97 50.01
O3B ATP T . 9.98 -11.43 49.60
PA ATP T . 10.78 -13.82 51.83
O1A ATP T . 10.17 -15.18 52.03
O2A ATP T . 11.79 -13.52 52.93
O3A ATP T . 9.62 -12.64 51.97
O5' ATP T . 11.53 -13.77 50.30
C5' ATP T . 11.66 -14.99 49.51
C4' ATP T . 12.58 -14.77 48.47
O4' ATP T . 13.73 -13.97 49.01
C3' ATP T . 13.30 -16.10 47.95
O3' ATP T . 13.96 -15.80 46.64
C2' ATP T . 14.19 -16.33 48.80
O2' ATP T . 15.32 -17.07 48.21
C1' ATP T . 14.69 -14.83 49.26
N9 ATP T . 14.97 -14.85 50.64
C8 ATP T . 14.36 -14.74 51.80
N7 ATP T . 15.30 -14.90 52.74
C5 ATP T . 16.47 -15.12 52.11
C6 ATP T . 17.72 -15.34 52.59
N6 ATP T . 18.43 -15.45 53.81
N1 ATP T . 18.72 -15.52 51.75
C2 ATP T . 18.50 -15.51 50.41
N3 ATP T . 17.27 -15.28 49.94
C4 ATP T . 16.27 -15.09 50.80
PG ATP U . 45.90 24.33 1.20
O1G ATP U . 46.06 22.81 1.16
O2G ATP U . 44.54 24.73 0.70
O3G ATP U . 46.17 24.86 2.59
PB ATP U . 48.51 24.24 0.27
O1B ATP U . 48.53 22.96 -0.52
O2B ATP U . 48.82 23.95 1.70
O3B ATP U . 47.05 24.93 0.21
PA ATP U . 51.23 25.08 -0.24
O1A ATP U . 51.59 23.85 -1.04
O2A ATP U . 51.64 24.86 1.21
O3A ATP U . 49.60 25.31 -0.32
O5' ATP U . 51.96 26.47 -0.88
C5' ATP U . 52.47 27.45 0.04
C4' ATP U . 53.44 28.25 -0.59
O4' ATP U . 54.75 27.51 -0.68
C3' ATP U . 53.00 28.56 -2.10
O3' ATP U . 52.45 29.96 -2.19
C2' ATP U . 54.06 28.48 -2.77
O2' ATP U . 54.69 29.82 -2.87
C1' ATP U . 55.06 27.44 -1.95
N9 ATP U . 54.90 26.12 -2.39
C8 ATP U . 53.99 25.28 -2.83
N7 ATP U . 54.61 24.11 -3.04
C5 ATP U . 55.90 24.27 -2.73
C6 ATP U . 56.95 23.40 -2.73
N6 ATP U . 57.30 22.05 -3.06
N1 ATP U . 58.14 23.80 -2.35
C2 ATP U . 58.34 25.07 -1.93
N3 ATP U . 57.30 25.93 -1.91
C4 ATP U . 56.08 25.52 -2.31
PG ATP V . 44.91 22.25 -2.12
O1G ATP V . 44.04 22.14 -0.86
O2G ATP V . 46.04 23.20 -1.88
O3G ATP V . 44.07 22.74 -3.28
PB ATP V . 45.89 19.70 -1.33
O1B ATP V . 46.47 18.42 -1.93
O2B ATP V . 46.85 20.35 -0.39
O3B ATP V . 45.51 20.76 -2.50
PA ATP V . 43.22 18.65 -1.35
O1A ATP V . 42.25 19.78 -1.61
O2A ATP V . 42.56 17.58 -0.49
O3A ATP V . 44.51 19.27 -0.53
O5' ATP V . 43.75 17.97 -2.84
C5' ATP V . 43.63 16.53 -3.06
C4' ATP V . 42.99 16.27 -4.28
O4' ATP V . 43.71 16.97 -5.40
C3' ATP V . 43.07 14.72 -4.70
O3' ATP V . 41.94 14.38 -5.62
C2' ATP V . 44.15 14.62 -5.33
O2' ATP V . 44.06 13.51 -6.32
C1' ATP V . 44.31 16.05 -6.12
N9 ATP V . 45.65 16.44 -6.20
C8 ATP V . 46.60 16.90 -5.41
N7 ATP V . 47.68 17.06 -6.19
C5 ATP V . 47.36 16.70 -7.43
C6 ATP V . 48.09 16.68 -8.61
N6 ATP V . 49.39 16.97 -9.10
N1 ATP V . 47.54 16.28 -9.73
C2 ATP V . 46.24 15.88 -9.75
N3 ATP V . 45.51 15.90 -8.60
C4 ATP V . 46.09 16.32 -7.46
P IMP W . 29.58 -12.84 -13.61
O1P IMP W . 29.09 -11.43 -13.53
O2P IMP W . 28.63 -13.96 -13.35
O3P IMP W . 30.70 -12.99 -12.64
O5' IMP W . 30.13 -13.06 -15.09
C5' IMP W . 31.52 -13.16 -15.32
C4' IMP W . 31.84 -13.84 -16.62
O4' IMP W . 30.74 -13.69 -17.52
C3' IMP W . 33.01 -13.26 -17.39
O3' IMP W . 34.25 -13.79 -16.98
C2' IMP W . 32.67 -13.58 -18.85
O2' IMP W . 33.39 -14.73 -19.28
C1' IMP W . 31.18 -13.92 -18.81
N9 IMP W . 30.44 -13.03 -19.68
C8 IMP W . 30.68 -11.73 -19.65
N7 IMP W . 29.86 -11.19 -20.55
C5 IMP W . 29.15 -12.14 -21.09
C6 IMP W . 28.09 -12.07 -22.14
O6 IMP W . 27.81 -11.01 -22.59
N1 IMP W . 27.45 -13.25 -22.58
C2 IMP W . 27.84 -14.49 -22.00
N3 IMP W . 28.86 -14.56 -20.97
C4 IMP W . 29.52 -13.31 -20.55
PA NAD X . 31.48 -14.00 -32.33
O1A NAD X . 31.62 -12.51 -32.20
O2A NAD X . 30.23 -14.50 -31.66
O5B NAD X . 31.48 -14.44 -33.91
C5B NAD X . 30.71 -15.55 -34.25
C4B NAD X . 31.66 -16.64 -34.68
O4B NAD X . 32.99 -16.01 -35.33
C3B NAD X . 32.03 -17.33 -33.65
O3B NAD X . 31.64 -18.75 -33.85
C2B NAD X . 33.57 -17.21 -33.62
O2B NAD X . 34.11 -18.36 -33.20
C1B NAD X . 33.85 -16.96 -35.10
N9A NAD X . 35.25 -16.54 -35.33
C8A NAD X . 36.37 -16.30 -34.65
N7A NAD X . 37.30 -15.96 -35.55
C5A NAD X . 36.74 -16.00 -36.76
C6A NAD X . 37.24 -15.73 -38.00
N6A NAD X . 38.49 -15.33 -38.59
N1A NAD X . 36.46 -15.85 -39.06
C2A NAD X . 35.17 -16.22 -38.92
N3A NAD X . 34.68 -16.48 -37.70
C4A NAD X . 35.47 -16.36 -36.63
O3 NAD X . 32.76 -14.74 -31.63
PN NAD X . 33.29 -14.32 -30.14
O1N NAD X . 33.63 -12.86 -30.15
O2N NAD X . 34.50 -15.13 -29.82
O5D NAD X . 32.12 -14.60 -29.01
C5D NAD X . 31.24 -13.55 -28.67
C4D NAD X . 31.64 -12.80 -27.41
O4D NAD X . 30.41 -12.73 -26.36
C3D NAD X . 32.59 -13.40 -26.74
O3D NAD X . 33.91 -12.98 -27.27
C2D NAD X . 32.42 -12.82 -25.34
O2D NAD X . 32.90 -11.56 -25.33
C1D NAD X . 30.89 -12.84 -25.16
N1N NAD X . 30.55 -14.15 -24.61
C2N NAD X . 31.18 -14.59 -23.50
C3N NAD X . 30.86 -15.84 -23.01
C7N NAD X . 31.55 -16.32 -21.76
O7N NAD X . 32.49 -15.74 -21.35
N7N NAD X . 31.04 -17.48 -21.08
C4N NAD X . 29.93 -16.62 -23.59
C5N NAD X . 29.30 -16.16 -24.68
C6N NAD X . 29.62 -14.92 -25.20
PG ATP Y . -1.85 8.02 -51.55
O1G ATP Y . -1.69 7.84 -50.03
O2G ATP Y . -2.06 9.47 -51.87
O3G ATP Y . -0.61 7.53 -52.25
PB ATP Y . -3.50 7.08 -53.65
O1B ATP Y . -4.86 7.70 -53.91
O2B ATP Y . -3.52 5.65 -54.05
O3B ATP Y . -3.14 7.19 -52.07
PA ATP Y . -1.42 6.94 -55.61
O1A ATP Y . -0.74 5.86 -54.80
O2A ATP Y . -0.39 7.80 -56.31
O3A ATP Y . -2.35 7.82 -54.57
O5' ATP Y . -2.40 6.21 -56.81
C5' ATP Y . -3.56 6.94 -57.26
C4' ATP Y . -3.18 7.85 -58.24
O4' ATP Y . -2.17 7.21 -59.14
C3' ATP Y . -4.43 8.18 -59.18
O3' ATP Y . -4.40 9.61 -59.62
C2' ATP Y . -4.36 7.42 -60.17
O2' ATP Y . -4.58 8.20 -61.39
C1' ATP Y . -2.79 6.91 -60.26
N9 ATP Y . -2.63 5.53 -60.51
C8 ATP Y . -2.59 4.38 -59.88
N7 ATP Y . -2.32 3.45 -60.81
C5 ATP Y . -2.16 4.05 -62.00
C6 ATP Y . -1.89 3.57 -63.26
N6 ATP Y . -1.63 2.36 -63.99
N1 ATP Y . -1.82 4.41 -64.27
C2 ATP Y . -2.01 5.72 -64.05
N3 ATP Y . -2.30 6.20 -62.84
C4 ATP Y . -2.38 5.35 -61.81
PG ATP Z . -3.51 5.38 -48.81
O1G ATP Z . -3.05 5.74 -47.39
O2G ATP Z . -4.20 6.56 -49.45
O3G ATP Z . -4.47 4.21 -48.74
PB ATP Z . -2.32 4.19 -51.13
O1B ATP Z . -3.78 4.25 -51.55
O2B ATP Z . -1.47 4.83 -52.17
O3B ATP Z . -2.20 4.98 -49.71
PA ATP Z . -2.86 1.41 -50.58
O1A ATP Z . -4.00 1.40 -51.57
O2A ATP Z . -3.39 1.62 -49.17
O3A ATP Z . -1.81 2.64 -50.93
O5' ATP Z . -2.02 -0.08 -50.62
C5' ATP Z . -1.25 -0.49 -49.46
C4' ATP Z . -1.76 -1.65 -48.88
O4' ATP Z . -3.23 -1.79 -49.18
C3' ATP Z . -1.09 -2.98 -49.46
O3' ATP Z . -0.83 -3.98 -48.36
C2' ATP Z . -1.92 -3.45 -50.27
O2' ATP Z . -1.88 -4.94 -50.26
C1' ATP Z . -3.40 -2.94 -49.79
N9 ATP Z . -4.19 -2.68 -50.90
C8 ATP Z . -4.48 -1.68 -51.71
N7 ATP Z . -5.36 -2.15 -52.60
C5 ATP Z . -5.61 -3.44 -52.30
C6 ATP Z . -6.43 -4.37 -52.89
N6 ATP Z . -7.36 -4.52 -53.96
N1 ATP Z . -6.50 -5.58 -52.40
C2 ATP Z . -5.75 -5.94 -51.32
N3 ATP Z . -4.94 -5.01 -50.74
C4 ATP Z . -4.88 -3.77 -51.24
P IMP AA . 2.86 -23.99 -27.23
O1P IMP AA . 1.83 -22.99 -27.62
O2P IMP AA . 3.09 -24.22 -25.76
O3P IMP AA . 4.16 -23.58 -27.86
O5' IMP AA . 2.43 -25.36 -27.92
C5' IMP AA . 1.31 -25.40 -28.78
C4' IMP AA . 0.83 -26.80 -28.99
O4' IMP AA . -0.11 -27.15 -27.98
C3' IMP AA . 0.06 -27.03 -30.27
O3' IMP AA . 0.92 -27.26 -31.36
C2' IMP AA . -0.80 -28.24 -29.95
O2' IMP AA . -0.10 -29.43 -30.26
C1' IMP AA . -0.93 -28.17 -28.44
N9 IMP AA . -2.29 -27.83 -28.05
C8 IMP AA . -3.16 -27.11 -28.75
N7 IMP AA . -4.27 -27.05 -27.99
C5 IMP AA . -4.03 -27.71 -26.88
C6 IMP AA . -4.85 -28.00 -25.65
O6 IMP AA . -5.94 -27.57 -25.59
N1 IMP AA . -4.32 -28.74 -24.58
C2 IMP AA . -2.98 -29.25 -24.65
N3 IMP AA . -2.20 -28.97 -25.83
C4 IMP AA . -2.80 -28.19 -26.93
PA NAD BA . -10.49 -35.06 -29.61
O1A NAD BA . -9.43 -35.78 -28.83
O2A NAD BA . -9.96 -34.69 -30.98
O5B NAD BA . -11.80 -36.05 -29.73
C5B NAD BA . -12.77 -35.94 -28.75
C4B NAD BA . -12.99 -37.25 -28.00
O4B NAD BA . -14.01 -38.19 -28.81
C3B NAD BA . -11.88 -37.90 -27.83
O3B NAD BA . -11.47 -37.81 -26.40
C2B NAD BA . -12.20 -39.36 -28.11
O2B NAD BA . -12.54 -39.97 -26.95
C1B NAD BA . -13.41 -39.32 -29.06
N9A NAD BA . -12.96 -39.30 -30.46
C8A NAD BA . -11.91 -38.90 -31.17
N7A NAD BA . -12.20 -39.19 -32.43
C5A NAD BA . -13.41 -39.76 -32.47
C6A NAD BA . -14.15 -40.22 -33.50
N6A NAD BA . -14.00 -40.34 -34.93
N1A NAD BA . -15.34 -40.75 -33.28
C2A NAD BA . -15.83 -40.81 -32.03
N3A NAD BA . -15.08 -40.34 -31.00
C4A NAD BA . -13.88 -39.82 -31.24
O3 NAD BA . -10.94 -33.70 -28.83
PN NAD BA . -9.86 -32.59 -28.29
O1N NAD BA . -8.48 -33.17 -28.35
O2N NAD BA . -10.18 -32.18 -26.88
O5D NAD BA . -9.89 -31.24 -29.25
C5D NAD BA . -9.60 -31.40 -30.61
C4D NAD BA . -8.23 -30.81 -30.85
O4D NAD BA . -7.62 -30.24 -29.48
C3D NAD BA . -7.38 -31.75 -31.13
O3D NAD BA . -7.49 -32.17 -32.55
C2D NAD BA . -6.04 -31.04 -30.89
O2D NAD BA . -5.71 -30.30 -31.97
C1D NAD BA . -6.34 -30.14 -29.67
N1N NAD BA . -5.65 -30.71 -28.52
C2N NAD BA . -4.33 -30.95 -28.59
C3N NAD BA . -3.71 -31.50 -27.50
C7N NAD BA . -2.23 -31.76 -27.60
O7N NAD BA . -1.75 -31.88 -28.66
N7N NAD BA . -1.42 -31.86 -26.40
C4N NAD BA . -4.40 -31.81 -26.39
C5N NAD BA . -5.72 -31.56 -26.32
C6N NAD BA . -6.35 -31.01 -27.41
PG ATP CA . -50.00 -19.91 -3.37
O1G ATP CA . -49.94 -18.40 -3.60
O2G ATP CA . -51.27 -20.47 -3.96
O3G ATP CA . -48.83 -20.57 -4.05
PB ATP CA . -50.13 -21.70 -1.14
O1B ATP CA . -50.22 -21.57 0.37
O2B ATP CA . -48.96 -22.56 -1.50
O3B ATP CA . -49.92 -20.22 -1.76
PA ATP CA . -52.03 -23.88 -1.51
O1A ATP CA . -50.84 -24.79 -1.36
O2A ATP CA . -52.88 -24.33 -2.69
O3A ATP CA . -51.50 -22.34 -1.78
O5' ATP CA . -53.01 -23.89 -0.12
C5' ATP CA . -54.10 -22.93 -0.11
C4' ATP CA . -55.37 -23.50 0.04
O4' ATP CA . -55.45 -24.81 -0.70
C3' ATP CA . -55.65 -23.85 1.59
O3' ATP CA . -57.06 -23.48 1.93
C2' ATP CA . -55.50 -25.09 1.69
O2' ATP CA . -56.46 -25.66 2.67
C1' ATP CA . -55.80 -25.71 0.18
N9 ATP CA . -55.00 -26.84 -0.01
C8 ATP CA . -53.81 -27.15 -0.47
N7 ATP CA . -53.72 -28.49 -0.36
C5 ATP CA . -54.86 -28.93 0.18
C6 ATP CA . -55.28 -30.19 0.51
N6 ATP CA . -54.85 -31.56 0.50
N1 ATP CA . -56.47 -30.37 1.04
C2 ATP CA . -57.29 -29.32 1.26
N3 ATP CA . -56.88 -28.09 0.93
C4 ATP CA . -55.66 -27.91 0.40
PG ATP DA . -46.56 -20.22 -1.34
O1G ATP DA . -47.31 -19.00 -1.88
O2G ATP DA . -47.25 -20.73 -0.10
O3G ATP DA . -45.15 -19.81 -0.99
PB ATP DA . -45.60 -22.72 -2.44
O1B ATP DA . -46.44 -23.90 -1.99
O2B ATP DA . -45.04 -23.01 -3.80
O3B ATP DA . -46.54 -21.39 -2.51
PA ATP DA . -44.42 -23.09 0.16
O1A ATP DA . -45.84 -23.10 0.68
O2A ATP DA . -43.56 -22.22 1.06
O3A ATP DA . -44.38 -22.49 -1.38
O5' ATP DA . -43.81 -24.68 0.09
C5' ATP DA . -43.03 -25.01 -1.10
C4' ATP DA . -41.67 -25.05 -0.77
O4' ATP DA . -41.48 -24.90 0.71
C3' ATP DA . -41.07 -26.49 -1.12
O3' ATP DA . -40.18 -26.35 -2.33
C2' ATP DA . -40.37 -26.84 -0.15
O2' ATP DA . -38.96 -26.45 -0.37
C1' ATP DA . -40.91 -26.00 1.16
N9 ATP DA . -41.83 -26.71 1.95
C8 ATP DA . -43.08 -27.16 1.92
N7 ATP DA . -43.30 -27.75 3.10
C5 ATP DA . -42.19 -27.65 3.83
C6 ATP DA . -41.90 -28.08 5.11
N6 ATP DA . -42.45 -28.76 6.23
N1 ATP DA . -40.70 -27.83 5.60
C2 ATP DA . -39.77 -27.16 4.89
N3 ATP DA . -40.07 -26.74 3.64
C4 ATP DA . -41.28 -26.97 3.13
P IMP EA . -8.19 -32.78 1.18
O1P IMP EA . -9.52 -32.33 0.66
O2P IMP EA . -7.33 -33.24 0.03
O3P IMP EA . -7.68 -31.72 2.08
O5' IMP EA . -8.44 -34.04 2.10
C5' IMP EA . -9.15 -33.91 3.31
C4' IMP EA . -8.79 -35.00 4.28
O4' IMP EA . -7.94 -34.46 5.28
C3' IMP EA . -9.96 -35.57 5.05
O3' IMP EA . -10.58 -36.60 4.34
C2' IMP EA . -9.33 -36.05 6.35
O2' IMP EA . -8.96 -37.41 6.26
C1' IMP EA . -8.05 -35.23 6.45
N9 IMP EA . -8.11 -34.29 7.54
C8 IMP EA . -9.23 -33.72 7.95
N7 IMP EA . -8.88 -32.91 8.94
C5 IMP EA . -7.57 -32.98 9.09
C6 IMP EA . -6.64 -32.29 10.04
O6 IMP EA . -7.10 -31.54 10.80
N1 IMP EA . -5.25 -32.55 10.01
C2 IMP EA . -4.75 -33.48 9.06
N3 IMP EA . -5.65 -34.13 8.14
C4 IMP EA . -7.09 -33.85 8.21
PA NAD FA . -8.07 -38.22 18.89
O1A NAD FA . -8.23 -39.62 18.34
O2A NAD FA . -9.40 -37.50 18.83
O5B NAD FA . -7.51 -38.23 20.44
C5B NAD FA . -6.19 -37.83 20.64
C4B NAD FA . -5.41 -39.01 21.15
O4B NAD FA . -6.40 -39.96 21.99
C3B NAD FA . -4.95 -39.71 20.15
O3B NAD FA . -3.52 -40.06 20.37
C2B NAD FA . -5.78 -41.00 20.13
O2B NAD FA . -4.98 -42.00 19.70
C1B NAD FA . -6.12 -41.17 21.61
N9A NAD FA . -7.29 -42.02 21.76
C8A NAD FA . -8.24 -42.57 21.01
N7A NAD FA . -9.03 -43.26 21.85
C5A NAD FA . -8.54 -43.12 23.08
C6A NAD FA . -8.96 -43.58 24.28
N6A NAD FA . -10.03 -44.43 24.77
N1A NAD FA . -8.29 -43.30 25.37
C2A NAD FA . -7.20 -42.51 25.31
N3A NAD FA . -6.79 -42.04 24.12
C4A NAD FA . -7.46 -42.34 23.02
O3 NAD FA . -6.99 -37.47 17.93
PN NAD FA . -7.18 -37.61 16.32
O1N NAD FA . -6.82 -38.98 15.86
O2N NAD FA . -6.36 -36.56 15.64
O5D NAD FA . -8.75 -37.33 16.00
C5D NAD FA . -9.11 -35.99 15.87
C4D NAD FA . -9.51 -35.69 14.44
O4D NAD FA . -8.22 -35.28 13.57
C3D NAD FA . -10.05 -36.73 13.85
O3D NAD FA . -11.48 -36.43 13.58
C2D NAD FA . -9.29 -36.93 12.53
O2D NAD FA . -10.17 -37.08 11.53
C1D NAD FA . -8.50 -35.64 12.35
N1N NAD FA . -7.25 -35.97 11.68
C2N NAD FA . -7.26 -36.45 10.43
C3N NAD FA . -6.06 -36.76 9.85
C7N NAD FA . -6.04 -37.29 8.45
O7N NAD FA . -6.95 -37.92 8.04
N7N NAD FA . -4.89 -37.00 7.63
C4N NAD FA . -4.90 -36.60 10.49
C5N NAD FA . -4.90 -36.11 11.73
C6N NAD FA . -6.10 -35.81 12.34
P IMP GA . -27.63 14.69 -5.64
O1P IMP GA . -26.75 15.83 -5.25
O2P IMP GA . -28.17 13.78 -4.59
O3P IMP GA . -26.91 13.82 -6.61
O5' IMP GA . -28.86 15.32 -6.41
C5' IMP GA . -29.02 15.08 -7.79
C4' IMP GA . -29.71 16.21 -8.49
O4' IMP GA . -28.75 16.86 -9.33
C3' IMP GA . -30.82 15.79 -9.42
O3' IMP GA . -32.07 15.71 -8.78
C2' IMP GA . -30.81 16.87 -10.49
O2' IMP GA . -31.62 17.94 -10.05
C1' IMP GA . -29.37 17.32 -10.49
N9 IMP GA . -28.61 16.78 -11.63
C8 IMP GA . -28.77 15.55 -12.12
N7 IMP GA . -27.90 15.39 -13.10
C5 IMP GA . -27.20 16.50 -13.19
C6 IMP GA . -26.10 16.84 -14.13
O6 IMP GA . -25.77 16.04 -14.91
N1 IMP GA . -25.46 18.10 -14.07
C2 IMP GA . -25.89 19.02 -13.09
N3 IMP GA . -26.99 18.70 -12.18
C4 IMP GA . -27.63 17.37 -12.27
PA NAD HA . -31.07 21.42 -21.19
O1A NAD HA . -31.46 21.61 -19.76
O2A NAD HA . -31.43 20.05 -21.67
O5B NAD HA . -31.83 22.52 -22.14
C5B NAD HA . -31.65 22.38 -23.52
C4B NAD HA . -30.57 23.32 -24.04
O4B NAD HA . -30.99 23.98 -25.46
C3B NAD HA . -30.40 24.35 -23.28
O3B NAD HA . -29.08 24.95 -23.59
C2B NAD HA . -31.49 25.34 -23.70
O2B NAD HA . -31.02 26.58 -23.53
C1B NAD HA . -31.69 25.04 -25.20
N9A NAD HA . -33.12 24.74 -25.45
C8A NAD HA . -34.22 24.45 -24.77
N7A NAD HA . -35.19 24.28 -25.66
C5A NAD HA . -34.67 24.47 -26.87
C6A NAD HA . -35.21 24.41 -28.11
N6A NAD HA . -36.52 24.15 -28.67
N1A NAD HA . -34.48 24.64 -29.18
C2A NAD HA . -33.17 24.93 -29.04
N3A NAD HA . -32.61 24.99 -27.81
C4A NAD HA . -33.38 24.76 -26.74
O3 NAD HA . -29.47 21.66 -21.35
PN NAD HA . -28.48 20.45 -20.88
O1N NAD HA . -27.27 21.03 -20.20
O2N NAD HA . -28.07 19.63 -22.08
O5D NAD HA . -29.32 19.55 -19.81
C5D NAD HA . -29.07 19.78 -18.46
C4D NAD HA . -29.32 18.52 -17.67
O4D NAD HA . -28.50 18.63 -16.29
C3D NAD HA . -30.59 18.44 -17.40
O3D NAD HA . -31.13 17.22 -18.07
C2D NAD HA . -30.71 18.26 -15.89
O2D NAD HA . -31.18 17.02 -15.66
C1D NAD HA . -29.31 18.40 -15.29
N1N NAD HA . -29.23 19.54 -14.37
C2N NAD HA . -30.02 19.61 -13.28
C3N NAD HA . -29.94 20.69 -12.43
C7N NAD HA . -30.88 20.75 -11.22
O7N NAD HA . -31.73 19.94 -11.17
N7N NAD HA . -30.87 21.77 -10.18
C4N NAD HA . -29.05 21.68 -12.69
C5N NAD HA . -28.24 21.61 -13.77
C6N NAD HA . -28.37 20.53 -14.63
PG ATP IA . -49.65 -19.02 -7.63
O1G ATP IA . -50.09 -17.58 -7.32
O2G ATP IA . -48.15 -19.12 -7.54
O3G ATP IA . -50.27 -19.98 -6.64
PB ATP IA . -51.70 -19.31 -9.55
O1B ATP IA . -51.97 -20.29 -10.67
O2B ATP IA . -52.05 -17.93 -10.00
O3B ATP IA . -50.13 -19.38 -9.15
PA ATP IA . -54.28 -19.54 -8.25
O1A ATP IA . -54.72 -18.59 -9.33
O2A ATP IA . -54.67 -18.96 -6.89
O3A ATP IA . -52.64 -19.72 -8.27
O5' ATP IA . -55.02 -21.04 -8.50
C5' ATP IA . -56.35 -21.25 -7.93
C4' ATP IA . -56.94 -22.44 -8.39
O4' ATP IA . -58.45 -22.36 -8.29
C3' ATP IA . -56.68 -22.64 -9.96
O3' ATP IA . -56.85 -24.09 -10.30
C2' ATP IA . -57.58 -22.00 -10.52
O2' ATP IA . -57.94 -22.65 -11.80
C1' ATP IA . -58.87 -22.01 -9.48
N9 ATP IA . -59.36 -20.70 -9.41
C8 ATP IA . -58.96 -19.46 -9.59
N7 ATP IA . -60.01 -18.68 -9.30
C5 ATP IA . -61.02 -19.48 -8.92
C6 ATP IA . -62.30 -19.21 -8.51
N6 ATP IA . -63.21 -18.13 -8.27
N1 ATP IA . -63.10 -20.20 -8.18
C2 ATP IA . -62.69 -21.48 -8.26
N3 ATP IA . -61.42 -21.75 -8.66
C4 ATP IA . -60.61 -20.74 -8.97
PG ATP JA . -47.96 -15.58 -13.00
O1G ATP JA . -46.98 -14.51 -13.49
O2G ATP JA . -47.29 -16.92 -13.08
O3G ATP JA . -49.22 -15.59 -13.82
PB ATP JA . -49.21 -16.27 -10.52
O1B ATP JA . -49.62 -17.46 -11.37
O2B ATP JA . -48.32 -16.72 -9.41
O3B ATP JA . -48.37 -15.23 -11.45
PA ATP JA . -51.32 -14.30 -10.71
O1A ATP JA . -52.43 -13.74 -9.84
O2A ATP JA . -51.89 -14.88 -12.00
O3A ATP JA . -50.53 -15.51 -9.89
O5' ATP JA . -50.23 -13.04 -11.09
C5' ATP JA . -50.43 -11.73 -10.50
C4' ATP JA . -49.78 -10.76 -11.27
O4' ATP JA . -50.09 -10.98 -12.73
C3' ATP JA . -50.34 -9.29 -11.01
O3' ATP JA . -49.34 -8.30 -11.53
C2' ATP JA . -51.37 -9.22 -11.71
O2' ATP JA . -51.61 -7.82 -12.13
C1' ATP JA . -51.03 -10.13 -13.05
N9 ATP JA . -52.19 -10.84 -13.42
C8 ATP JA . -52.77 -12.00 -13.20
N7 ATP JA . -53.91 -12.00 -13.91
C5 ATP JA . -54.00 -10.82 -14.55
C6 ATP JA . -54.94 -10.31 -15.42
N6 ATP JA . -56.18 -10.63 -16.04
N1 ATP JA . -54.80 -9.11 -15.94
C2 ATP JA . -53.71 -8.36 -15.62
N3 ATP JA . -52.77 -8.87 -14.78
C4 ATP JA . -52.93 -10.10 -14.26
PG ATP KA . 2.83 9.44 -51.91
O1G ATP KA . 1.58 10.11 -52.48
O2G ATP KA . 2.68 9.26 -50.42
O3G ATP KA . 3.03 8.10 -52.58
PB ATP KA . 3.91 11.97 -52.44
O1B ATP KA . 5.21 12.68 -52.11
O2B ATP KA . 2.87 12.47 -51.50
O3B ATP KA . 4.13 10.39 -52.19
PA ATP KA . 3.92 13.44 -54.97
O1A ATP KA . 4.32 14.59 -54.09
O2A ATP KA . 2.73 13.88 -55.82
O3A ATP KA . 3.45 12.18 -54.01
O5' ATP KA . 5.19 13.02 -56.04
C5' ATP KA . 4.84 12.77 -57.43
C4' ATP KA . 5.86 13.10 -58.35
O4' ATP KA . 5.49 14.27 -59.23
C3' ATP KA . 7.24 13.52 -57.64
O3' ATP KA . 8.30 12.50 -57.96
C2' ATP KA . 7.57 14.63 -58.13
O2' ATP KA . 8.60 14.44 -59.18
C1' ATP KA . 6.23 15.29 -58.84
N9 ATP KA . 5.45 16.08 -57.96
C8 ATP KA . 5.12 16.16 -56.69
N7 ATP KA . 4.27 17.19 -56.59
C5 ATP KA . 4.11 17.71 -57.80
C6 ATP KA . 3.36 18.77 -58.24
N6 ATP KA . 2.46 19.78 -57.78
N1 ATP KA . 3.37 19.10 -59.51
C2 ATP KA . 4.12 18.39 -60.39
N3 ATP KA . 4.86 17.36 -59.96
C4 ATP KA . 4.84 17.03 -58.66
PG ATP LA . 4.45 11.19 -48.19
O1G ATP LA . 2.96 11.51 -48.30
O2G ATP LA . 5.02 11.00 -49.57
O3G ATP LA . 4.70 9.96 -47.36
PB ATP LA . 4.82 13.98 -48.04
O1B ATP LA . 6.05 14.86 -47.92
O2B ATP LA . 4.43 13.86 -49.49
O3B ATP LA . 5.20 12.48 -47.53
PA ATP LA . 3.26 14.40 -45.56
O1A ATP LA . 3.75 13.04 -45.12
O2A ATP LA . 1.75 14.42 -45.31
O3A ATP LA . 3.55 14.63 -47.18
O5' ATP LA . 3.96 15.65 -44.61
C5' ATP LA . 3.18 16.26 -43.55
C4' ATP LA . 3.99 16.69 -42.47
O4' ATP LA . 5.31 17.21 -42.94
C3' ATP LA . 3.37 17.98 -41.73
O3' ATP LA . 3.98 18.10 -40.37
C2' ATP LA . 3.74 18.95 -42.44
O2' ATP LA . 3.88 20.16 -41.58
C1' ATP LA . 5.21 18.52 -43.04
N9 ATP LA . 5.36 18.86 -44.40
C8 ATP LA . 4.96 18.45 -45.59
N7 ATP LA . 5.53 19.26 -46.48
C5 ATP LA . 6.29 20.15 -45.82
C6 ATP LA . 7.10 21.17 -46.25
N6 ATP LA . 7.53 21.82 -47.45
N1 ATP LA . 7.76 21.91 -45.39
C2 ATP LA . 7.66 21.67 -44.05
N3 ATP LA . 6.88 20.66 -43.63
C4 ATP LA . 6.21 19.90 -44.52
P IMP MA . -2.17 32.12 -13.87
O1P IMP MA . -3.08 32.72 -14.89
O2P IMP MA . -2.95 31.97 -12.60
O3P IMP MA . -1.57 30.88 -14.41
O5' IMP MA . -0.96 33.11 -13.56
C5' IMP MA . -0.37 33.86 -14.60
C4' IMP MA . -0.56 35.33 -14.37
O4' IMP MA . 0.28 35.79 -13.29
C3' IMP MA . -0.25 36.26 -15.52
O3' IMP MA . -1.10 37.38 -15.55
C2' IMP MA . 1.19 36.66 -15.28
O2' IMP MA . 1.40 38.00 -15.70
C1' IMP MA . 1.27 36.64 -13.77
N9 IMP MA . 2.55 36.08 -13.35
C8 IMP MA . 3.24 35.26 -14.12
N7 IMP MA . 4.35 34.95 -13.46
C5 IMP MA . 4.30 35.58 -12.31
C6 IMP MA . 5.28 35.59 -11.17
O6 IMP MA . 6.26 34.94 -11.28
N1 IMP MA . 5.01 36.35 -10.02
C2 IMP MA . 3.80 37.10 -9.97
N3 IMP MA . 2.85 37.10 -11.06
C4 IMP MA . 3.17 36.30 -12.24
PA NAD NA . 11.88 44.63 -12.49
O1A NAD NA . 11.23 45.88 -13.02
O2A NAD NA . 12.72 43.98 -13.56
O5B NAD NA . 12.80 45.01 -11.18
C5B NAD NA . 12.12 45.13 -9.97
C4B NAD NA . 12.12 46.58 -9.55
O4B NAD NA . 12.72 47.51 -10.72
C3B NAD NA . 10.90 46.96 -9.36
O3B NAD NA . 10.83 47.71 -8.08
C2B NAD NA . 10.61 47.91 -10.52
O2B NAD NA . 9.68 48.82 -10.19
C1B NAD NA . 11.98 48.57 -10.65
N9A NAD NA . 12.03 49.39 -11.86
C8A NAD NA . 11.20 49.76 -12.85
N7A NAD NA . 11.91 50.54 -13.66
C5A NAD NA . 13.14 50.66 -13.17
C6A NAD NA . 14.24 51.34 -13.61
N6A NAD NA . 14.58 52.20 -14.71
N1A NAD NA . 15.36 51.29 -12.93
C2A NAD NA . 15.44 50.56 -11.80
N3A NAD NA . 14.36 49.89 -11.36
C4A NAD NA . 13.22 49.95 -12.05
O3 NAD NA . 10.71 43.60 -12.01
PN NAD NA . 9.14 43.88 -12.40
O1N NAD NA . 9.03 44.20 -13.87
O2N NAD NA . 8.66 45.05 -11.59
O5D NAD NA . 8.31 42.52 -12.06
C5D NAD NA . 9.07 41.37 -11.94
C4D NAD NA . 8.63 40.28 -12.91
O4D NAD NA . 7.66 39.23 -12.15
C3D NAD NA . 7.99 40.75 -13.94
O3D NAD NA . 8.59 40.17 -15.16
C2D NAD NA . 6.55 40.26 -13.86
O2D NAD NA . 6.30 39.57 -14.98
C1D NAD NA . 6.48 39.25 -12.71
N1N NAD NA . 5.49 39.68 -11.73
C2N NAD NA . 4.20 39.87 -12.09
C3N NAD NA . 3.30 40.28 -11.12
C7N NAD NA . 1.85 40.50 -11.46
O7N NAD NA . 1.52 41.47 -12.03
N7N NAD NA . 0.88 39.50 -11.05
C4N NAD NA . 3.69 40.50 -9.85
C5N NAD NA . 4.97 40.29 -9.51
C6N NAD NA . 5.87 39.89 -10.46
PG ATP OA . 45.71 22.98 6.70
O1G ATP OA . 45.51 24.48 6.44
O2G ATP OA . 44.39 22.28 6.89
O3G ATP OA . 46.47 22.36 5.56
PB ATP OA . 47.22 24.10 8.79
O1B ATP OA . 48.17 23.55 9.83
O2B ATP OA . 46.16 24.94 9.40
O3B ATP OA . 46.57 22.81 8.06
PA ATP OA . 49.00 26.27 8.30
O1A ATP OA . 48.15 27.19 9.15
O2A ATP OA . 49.67 27.04 7.18
O3A ATP OA . 48.05 25.05 7.73
O5' ATP OA . 50.21 25.60 9.27
C5' ATP OA . 51.40 25.18 8.57
C4' ATP OA . 52.45 26.02 8.95
O4' ATP OA . 51.86 27.12 9.79
C3' ATP OA . 53.41 25.28 9.98
O3' ATP OA . 54.55 24.62 9.26
C2' ATP OA . 53.85 26.17 10.74
O2' ATP OA . 55.23 26.54 10.36
C1' ATP OA . 52.89 27.50 10.49
N9 ATP OA . 52.51 28.02 11.71
C8 ATP OA . 51.93 27.65 12.84
N7 ATP OA . 51.88 28.75 13.59
C5 ATP OA . 52.42 29.76 12.89
C6 ATP OA . 52.61 31.09 13.20
N6 ATP OA . 52.39 32.04 14.24
N1 ATP OA . 53.19 31.90 12.33
C2 ATP OA . 53.60 31.42 11.14
N3 ATP OA . 53.40 30.12 10.82
C4 ATP OA . 52.82 29.30 11.72
PG ATP PA . 41.98 21.17 9.98
O1G ATP PA . 40.73 20.36 9.60
O2G ATP PA . 43.21 20.33 9.79
O3G ATP PA . 41.86 21.60 11.43
PB ATP PA . 42.98 23.77 9.58
O1B ATP PA . 44.13 23.23 10.40
O2B ATP PA . 43.46 24.58 8.43
O3B ATP PA . 42.10 22.51 9.05
PA ATP PA . 42.72 26.03 11.29
O1A ATP PA . 43.83 26.59 10.42
O2A ATP PA . 43.32 25.62 12.63
O3A ATP PA . 42.06 24.70 10.57
O5' ATP PA . 41.51 27.21 11.51
C5' ATP PA . 40.24 27.05 10.81
C4' ATP PA . 39.15 27.20 11.68
O4' ATP PA . 39.47 26.70 13.05
C3' ATP PA . 38.72 28.74 11.90
O3' ATP PA . 37.22 28.84 11.96
C2' ATP PA . 39.20 29.06 13.00
O2' ATP PA . 38.31 30.03 13.68
C1' ATP PA . 39.29 27.68 13.89
N9 ATP PA . 40.43 27.72 14.69
C8 ATP PA . 41.71 27.40 14.63
N7 ATP PA . 42.23 27.72 15.82
C5 ATP PA . 41.26 28.23 16.58
C6 ATP PA . 41.27 28.72 17.87
N6 ATP PA . 42.12 28.93 19.00
N1 ATP PA . 40.15 29.18 18.41
C2 ATP PA . 39.00 29.18 17.68
N3 ATP PA . 38.99 28.71 16.42
C4 ATP PA . 40.13 28.25 15.88
P IMP QA . 7.86 31.55 16.45
O1P IMP QA . 8.37 32.32 15.27
O2P IMP QA . 6.51 31.00 16.13
O3P IMP QA . 8.93 30.60 16.85
O5' IMP QA . 7.75 32.57 17.64
C5' IMP QA . 8.67 32.53 18.71
C4' IMP QA . 8.09 33.16 19.94
O4' IMP QA . 7.34 32.18 20.67
C3' IMP QA . 9.10 33.64 20.95
O3' IMP QA . 9.64 34.90 20.63
C2' IMP QA . 8.31 33.65 22.24
O2' IMP QA . 7.61 34.86 22.40
C1' IMP QA . 7.29 32.55 22.02
N9 IMP QA . 7.59 31.36 22.80
C8 IMP QA . 8.81 30.91 23.02
N7 IMP QA . 8.69 29.81 23.77
C5 IMP QA . 7.41 29.62 23.95
C6 IMP QA . 6.68 28.53 24.71
O6 IMP QA . 7.32 27.70 25.22
N1 IMP QA . 5.26 28.53 24.77
C2 IMP QA . 4.53 29.58 24.12
N3 IMP QA . 5.24 30.62 23.39
C4 IMP QA . 6.71 30.59 23.35
PA NAD RA . 6.80 31.58 35.23
O1A NAD RA . 6.22 32.96 35.24
O2A NAD RA . 8.30 31.60 35.31
O5B NAD RA . 6.10 30.70 36.43
C5B NAD RA . 4.80 30.29 36.20
C4B NAD RA . 3.86 31.08 37.08
O4B NAD RA . 4.72 31.88 38.18
C3B NAD RA . 3.24 31.96 36.34
O3B NAD RA . 1.80 31.59 36.27
C2B NAD RA . 3.32 33.29 37.09
O2B NAD RA . 2.05 33.62 37.43
C1B NAD RA . 4.14 33.01 38.36
N9A NAD RA . 5.21 34.01 38.50
C8A NAD RA . 5.89 34.85 37.75
N7A NAD RA . 6.76 35.44 38.58
C5A NAD RA . 6.59 34.93 39.80
C6A NAD RA . 7.21 35.18 40.98
N6A NAD RA . 8.27 36.04 41.45
N1A NAD RA . 6.85 34.53 42.08
C2A NAD RA . 5.85 33.62 42.01
N3A NAD RA . 5.25 33.38 40.84
C4A NAD RA . 5.63 34.04 39.74
O3 NAD RA . 6.41 30.86 33.81
PN NAD RA . 5.90 31.80 32.60
O1N NAD RA . 6.82 32.97 32.46
O2N NAD RA . 4.51 32.24 32.97
O5D NAD RA . 5.94 30.90 31.23
C5D NAD RA . 6.90 29.88 31.25
C4D NAD RA . 7.86 30.01 30.10
O4D NAD RA . 7.05 29.88 28.71
C3D NAD RA . 8.48 31.17 30.10
O3D NAD RA . 9.94 30.94 30.15
C2D NAD RA . 8.11 31.88 28.78
O2D NAD RA . 9.24 32.31 28.17
C1D NAD RA . 7.44 30.82 27.91
N1N NAD RA . 6.24 31.37 27.25
C2N NAD RA . 6.35 32.30 26.30
C3N NAD RA . 5.20 32.77 25.73
C7N NAD RA . 5.25 33.81 24.64
O7N NAD RA . 6.06 34.66 24.71
N7N NAD RA . 4.30 33.76 23.55
C4N NAD RA . 3.99 32.33 26.11
C5N NAD RA . 3.90 31.39 27.07
C6N NAD RA . 5.04 30.91 27.65
PG ATP SA . 1.02 -13.96 51.76
O1G ATP SA . 1.74 -12.99 50.82
O2G ATP SA . 1.14 -15.36 51.26
O3G ATP SA . 1.63 -13.87 53.14
PB ATP SA . -1.63 -14.07 52.93
O1B ATP SA . -2.00 -15.52 52.68
O2B ATP SA . -2.86 -13.25 52.86
O3B ATP SA . -0.57 -13.55 51.81
PA ATP SA . -1.78 -14.01 55.84
O1A ATP SA . -3.12 -13.34 55.67
O2A ATP SA . -1.01 -13.25 56.91
O3A ATP SA . -0.94 -13.92 54.42
O5' ATP SA . -1.97 -15.62 56.33
C5' ATP SA . -1.14 -16.05 57.46
C4' ATP SA . -1.84 -16.86 58.36
O4' ATP SA . -2.13 -16.10 59.63
C3' ATP SA . -3.28 -17.31 57.80
O3' ATP SA . -3.15 -18.67 57.20
C2' ATP SA . -4.01 -17.34 58.81
O2' ATP SA . -3.88 -18.65 59.49
C1' ATP SA . -3.44 -16.15 59.81
N9 ATP SA . -3.99 -14.91 59.47
C8 ATP SA . -3.87 -13.95 58.57
N7 ATP SA . -4.78 -13.02 58.89
C5 ATP SA . -5.44 -13.44 59.97
C6 ATP SA . -6.45 -12.88 60.69
N6 ATP SA . -7.29 -11.71 60.74
N1 ATP SA . -6.94 -13.51 61.74
C2 ATP SA . -6.46 -14.71 62.10
N3 ATP SA . -5.45 -15.27 61.40
C4 ATP SA . -4.96 -14.62 60.33
PG ATP TA . -0.65 -12.73 48.42
O1G ATP TA . 0.69 -12.70 47.68
O2G ATP TA . -0.88 -14.09 49.03
O3G ATP TA . -1.78 -12.38 47.49
PB ATP TA . -2.06 -11.20 50.27
O1B ATP TA . -2.96 -12.41 50.15
O2B ATP TA . -1.85 -10.83 51.70
O3B ATP TA . -0.63 -11.59 49.61
PA ATP TA . -4.33 -10.11 49.02
O1A ATP TA . -5.14 -10.57 50.21
O2A ATP TA . -4.40 -11.17 47.93
O3A ATP TA . -2.75 -9.95 49.45
O5' ATP TA . -4.93 -8.62 48.45
C5' ATP TA . -4.75 -8.32 47.05
C4' ATP TA . -5.69 -7.35 46.63
O4' ATP TA . -7.01 -8.00 46.29
C3' ATP TA . -6.03 -6.34 47.81
O3' ATP TA . -5.11 -5.16 47.73
C2' ATP TA . -7.20 -6.02 47.55
O2' ATP TA . -7.18 -5.01 46.47
C1' ATP TA . -7.95 -7.39 46.97
N9 ATP TA . -8.44 -8.19 48.02
C8 ATP TA . -8.02 -8.88 49.08
N7 ATP TA . -9.11 -9.41 49.65
C5 ATP TA . -10.17 -9.05 48.94
C6 ATP TA . -11.51 -9.31 49.11
N6 ATP TA . -12.41 -10.02 49.95
N1 ATP TA . -12.38 -8.84 48.25
C2 ATP TA . -11.97 -8.06 47.22
N3 ATP TA . -10.66 -7.81 47.04
C4 ATP TA . -9.78 -8.29 47.92
P IMP UA . -17.65 14.38 24.73
O1P IMP UA . -17.08 15.14 25.88
O2P IMP UA . -17.42 15.17 23.48
O3P IMP UA . -17.20 12.96 24.83
O5' IMP UA . -19.20 14.34 24.92
C5' IMP UA . -19.76 13.92 26.15
C4' IMP UA . -21.23 14.22 26.18
O4' IMP UA . -21.83 13.67 25.02
C3' IMP UA . -21.99 13.57 27.32
O3' IMP UA . -21.90 14.32 28.51
C2' IMP UA . -23.41 13.50 26.78
O2' IMP UA . -24.12 14.67 27.09
C1' IMP UA . -23.19 13.47 25.26
N9 IMP UA . -23.55 12.18 24.70
C8 IMP UA . -23.38 11.05 25.36
N7 IMP UA . -23.79 10.08 24.56
C5 IMP UA . -24.19 10.63 23.43
C6 IMP UA . -24.74 9.99 22.19
O6 IMP UA . -24.85 8.82 22.18
N1 IMP UA . -25.10 10.79 21.08
C2 IMP UA . -24.95 12.20 21.18
N3 IMP UA . -24.40 12.81 22.38
C4 IMP UA . -24.03 11.94 23.51
PA NAD VA . -35.14 7.95 24.36
O1A NAD VA . -35.42 8.91 25.49
O2A NAD VA . -34.34 6.78 24.87
O5B NAD VA . -36.51 7.44 23.63
C5B NAD VA . -36.67 7.79 22.29
C4B NAD VA . -37.82 8.75 22.14
O4B NAD VA . -38.94 8.37 23.23
C3B NAD VA . -37.46 9.98 22.37
O3B NAD VA . -38.06 10.89 21.36
C2B NAD VA . -38.03 10.34 23.73
O2B NAD VA . -38.36 11.65 23.72
C1B NAD VA . -39.30 9.48 23.79
N9A NAD VA . -39.61 9.20 25.19
C8A NAD VA . -39.09 9.41 26.38
N7A NAD VA . -39.90 8.85 27.27
C5A NAD VA . -40.91 8.29 26.60
C6A NAD VA . -41.98 7.58 27.02
N6A NAD VA . -42.54 7.15 28.29
N1A NAD VA . -42.86 7.13 26.15
C2A NAD VA . -42.67 7.34 24.83
N3A NAD VA . -41.60 8.04 24.41
C4A NAD VA . -40.73 8.50 25.31
O3 NAD VA . -34.27 8.76 23.25
PN NAD VA . -33.05 9.69 23.80
O1N NAD VA . -33.58 10.92 24.47
O2N NAD VA . -32.12 10.00 22.67
O5D NAD VA . -32.24 8.81 24.89
C5D NAD VA . -31.27 7.97 24.35
C4D NAD VA . -29.89 8.49 24.69
O4D NAD VA . -29.35 9.51 23.57
C3D NAD VA . -29.86 9.16 25.81
O3D NAD VA . -29.35 8.27 26.89
C2D NAD VA . -28.88 10.32 25.57
O2D NAD VA . -27.84 10.21 26.45
C1D NAD VA . -28.36 10.11 24.16
N1N NAD VA . -28.16 11.41 23.55
C2N NAD VA . -27.39 12.32 24.14
C3N NAD VA . -27.24 13.54 23.54
C7N NAD VA . -26.37 14.58 24.17
O7N NAD VA . -26.29 14.65 25.34
N7N NAD VA . -25.63 15.47 23.30
C4N NAD VA . -27.86 13.83 22.39
C5N NAD VA . -28.64 12.92 21.81
C6N NAD VA . -28.79 11.70 22.40
#